data_2ONK
#
_entry.id   2ONK
#
_cell.length_a   93.032
_cell.length_b   171.203
_cell.length_c   158.470
_cell.angle_alpha   90.00
_cell.angle_beta   98.79
_cell.angle_gamma   90.00
#
_symmetry.space_group_name_H-M   'P 1 21 1'
#
loop_
_entity.id
_entity.type
_entity.pdbx_description
1 polymer 'Molybdate/tungstate ABC transporter, ATP-binding protein'
2 polymer 'Molybdate/tungstate ABC transporter, permease protein'
3 polymer 'Molybdate/tungstate binding protein'
4 non-polymer 'PHOSPHATE ION'
5 non-polymer 'MAGNESIUM ION'
6 non-polymer TUNGSTATE(VI)ION
#
loop_
_entity_poly.entity_id
_entity_poly.type
_entity_poly.pdbx_seq_one_letter_code
_entity_poly.pdbx_strand_id
1 'polypeptide(L)'
;MFLKVRAEKRLGNFRLNVDFEMGRDYCVLLGPTGAGKSVFLELIAGIVKPDRGEVRLNGADITPLPPERRGIGFVPQDYA
LFPHLSVYRNIAYGLRNVERVERDRRVREMAEKLGIAHLLDRKPARLSGGERQRVALARALVIQPRLLLLDEPLSAVDLK
TKGVLMEELRFVQREFDVPILHVTHDLIEAAMLADEVAVMLNGRIVEKGKLKELFSAKNGEVAEFLSARNLLLKVSKILD
;
A,B,F,G
2 'polypeptide(L)'
;MGHHHHHHHHHHSSGENLYFQGHMRLLFSALLALLSSIILLFVLLPVAATVTLQLFNFDEFLKAASDPAVWKVVLTTYYA
ALISTLIAVIFGTPLAYILARKSFPGKSVVEGIVDLPVVIPHTVAGIALLVVFGSSGLIGSFSPLKFVDALPGIVVAMLF
VSVPIYINQAKEGFASVDVRLEHVARTLGSSPLRVFFTVSLPLSVRHIVAGAIMSWARGISEFGAVVVIAYYPMIAPTLI
YERYLSEGLSAAMPVAAILILLSLAVFVALRIIVGREDVSEGQG
;
C,D,H,I
3 'polypeptide(L)'
;GHMNVKLKVFHAGSLTEPMKAFKRAFEEKHPNVEVQTEAAGSAATIRKVTELGRKADVIATADYTLIQKMMYPEFANWTI
MFAKNQIVLAYRNDSRYADEINSQNWYEILKRPDVRFGFSNPNDDPCGYRSLMAIQLAELYYNDPTIFDELVAKNSNLRF
SEDNGSYVLRMPSSERIEINKSKIMIRSMEMELIHLVESGELDYFFIYKSVAKQHGFNFVELPVEIDLSSPDYAELYSKV
KVVLANGKEVTGKPIVYGITIPKNAENRELAVEFVKLVISEEGQEILRELGQEPLVPPRADTAVPSLKAMVEVS
;
E,J
#
loop_
_chem_comp.id
_chem_comp.type
_chem_comp.name
_chem_comp.formula
MG non-polymer 'MAGNESIUM ION' 'Mg 2'
PO4 non-polymer 'PHOSPHATE ION' 'O4 P -3'
WO4 non-polymer TUNGSTATE(VI)ION 'O4 W -2'
#
# COMPACT_ATOMS: atom_id res chain seq x y z
N MET A 1 -60.90 97.06 -1.60
CA MET A 1 -60.63 95.71 -2.16
C MET A 1 -59.99 94.78 -1.14
N PHE A 2 -60.81 93.87 -0.62
CA PHE A 2 -60.39 92.89 0.37
C PHE A 2 -59.19 92.04 -0.08
N LEU A 3 -59.26 91.53 -1.31
CA LEU A 3 -58.19 90.71 -1.84
C LEU A 3 -57.67 91.28 -3.15
N LYS A 4 -56.38 91.56 -3.18
CA LYS A 4 -55.75 92.07 -4.39
C LYS A 4 -54.70 91.06 -4.80
N VAL A 5 -54.61 90.79 -6.10
CA VAL A 5 -53.64 89.82 -6.59
C VAL A 5 -53.08 90.23 -7.93
N ARG A 6 -51.80 90.59 -7.91
CA ARG A 6 -51.08 90.99 -9.11
C ARG A 6 -49.86 90.10 -9.08
N ALA A 7 -49.80 89.13 -9.99
CA ALA A 7 -48.66 88.22 -10.00
C ALA A 7 -48.55 87.41 -11.27
N GLU A 8 -47.31 86.98 -11.55
CA GLU A 8 -47.01 86.18 -12.73
C GLU A 8 -46.49 84.81 -12.29
N LYS A 9 -46.80 83.80 -13.08
CA LYS A 9 -46.36 82.45 -12.76
C LYS A 9 -46.19 81.69 -14.06
N ARG A 10 -45.05 81.01 -14.18
CA ARG A 10 -44.73 80.24 -15.36
C ARG A 10 -44.78 78.78 -14.98
N LEU A 11 -45.44 77.99 -15.83
CA LEU A 11 -45.57 76.56 -15.62
C LEU A 11 -45.66 75.89 -16.99
N GLY A 12 -44.51 75.50 -17.53
CA GLY A 12 -44.49 74.89 -18.84
C GLY A 12 -44.74 75.95 -19.88
N ASN A 13 -45.62 75.66 -20.83
CA ASN A 13 -45.94 76.62 -21.86
C ASN A 13 -47.07 77.50 -21.37
N PHE A 14 -47.34 77.40 -20.07
CA PHE A 14 -48.41 78.16 -19.45
C PHE A 14 -47.90 79.34 -18.62
N ARG A 15 -48.53 80.49 -18.83
CA ARG A 15 -48.17 81.70 -18.12
C ARG A 15 -49.39 82.31 -17.45
N LEU A 16 -49.27 82.54 -16.16
CA LEU A 16 -50.35 83.09 -15.37
C LEU A 16 -49.97 84.48 -14.88
N ASN A 17 -50.44 85.53 -15.55
CA ASN A 17 -50.15 86.90 -15.10
C ASN A 17 -51.50 87.55 -14.84
N VAL A 18 -51.81 87.73 -13.56
CA VAL A 18 -53.09 88.32 -13.20
C VAL A 18 -53.04 89.64 -12.46
N ASP A 19 -54.14 90.39 -12.61
CA ASP A 19 -54.36 91.66 -11.95
C ASP A 19 -55.79 91.47 -11.51
N PHE A 20 -55.99 91.18 -10.23
CA PHE A 20 -57.32 90.89 -9.73
C PHE A 20 -57.63 91.55 -8.40
N GLU A 21 -58.69 92.34 -8.39
CA GLU A 21 -59.14 93.00 -7.18
C GLU A 21 -60.40 92.23 -6.85
N MET A 22 -60.73 92.13 -5.58
CA MET A 22 -61.92 91.39 -5.19
C MET A 22 -62.61 92.00 -3.98
N GLY A 23 -63.94 91.93 -3.98
CA GLY A 23 -64.71 92.47 -2.89
C GLY A 23 -64.63 91.64 -1.62
N ARG A 24 -65.65 91.78 -0.79
CA ARG A 24 -65.76 91.08 0.48
C ARG A 24 -67.05 90.29 0.40
N ASP A 25 -67.47 90.07 -0.86
CA ASP A 25 -68.68 89.35 -1.19
C ASP A 25 -68.45 88.05 -1.97
N TYR A 26 -69.40 87.70 -2.84
CA TYR A 26 -69.34 86.49 -3.65
C TYR A 26 -68.81 86.73 -5.05
N CYS A 27 -67.50 86.56 -5.25
CA CYS A 27 -66.91 86.73 -6.55
C CYS A 27 -66.99 85.38 -7.24
N VAL A 28 -66.93 85.38 -8.55
CA VAL A 28 -67.01 84.15 -9.32
C VAL A 28 -66.27 84.37 -10.61
N LEU A 29 -65.17 83.64 -10.84
CA LEU A 29 -64.48 83.82 -12.10
C LEU A 29 -64.74 82.69 -13.05
N LEU A 30 -65.23 83.09 -14.23
CA LEU A 30 -65.56 82.21 -15.31
C LEU A 30 -64.32 81.99 -16.14
N GLY A 31 -64.23 80.81 -16.72
CA GLY A 31 -63.09 80.50 -17.56
C GLY A 31 -63.18 79.09 -18.08
N PRO A 32 -62.82 78.87 -19.35
CA PRO A 32 -62.89 77.51 -19.90
C PRO A 32 -61.97 76.60 -19.10
N THR A 33 -62.03 75.32 -19.40
CA THR A 33 -61.15 74.39 -18.71
C THR A 33 -59.75 74.69 -19.22
N GLY A 34 -58.81 74.83 -18.30
CA GLY A 34 -57.44 75.09 -18.69
C GLY A 34 -57.14 76.56 -18.85
N ALA A 35 -57.85 77.39 -18.10
CA ALA A 35 -57.65 78.82 -18.19
C ALA A 35 -56.69 79.27 -17.11
N GLY A 36 -56.45 78.39 -16.14
CA GLY A 36 -55.54 78.73 -15.06
C GLY A 36 -56.23 79.01 -13.74
N LYS A 37 -57.53 78.74 -13.72
CA LYS A 37 -58.34 78.94 -12.52
C LYS A 37 -57.84 78.21 -11.27
N SER A 38 -57.51 76.93 -11.42
CA SER A 38 -57.05 76.17 -10.29
C SER A 38 -55.71 76.62 -9.73
N VAL A 39 -54.76 76.98 -10.59
CA VAL A 39 -53.47 77.47 -10.07
C VAL A 39 -53.70 78.81 -9.43
N PHE A 40 -54.55 79.63 -10.06
CA PHE A 40 -54.86 80.94 -9.54
C PHE A 40 -55.23 80.79 -8.07
N LEU A 41 -56.14 79.87 -7.80
CA LEU A 41 -56.57 79.62 -6.42
C LEU A 41 -55.45 79.10 -5.52
N GLU A 42 -54.60 78.23 -6.06
CA GLU A 42 -53.49 77.68 -5.29
C GLU A 42 -52.52 78.80 -4.95
N LEU A 43 -52.54 79.84 -5.79
CA LEU A 43 -51.70 81.01 -5.62
C LEU A 43 -52.22 81.75 -4.40
N ILE A 44 -53.51 82.12 -4.45
CA ILE A 44 -54.13 82.83 -3.33
C ILE A 44 -53.88 81.97 -2.11
N ALA A 45 -54.22 80.69 -2.25
CA ALA A 45 -54.08 79.68 -1.19
C ALA A 45 -52.71 79.67 -0.54
N GLY A 46 -51.67 79.91 -1.34
CA GLY A 46 -50.33 79.91 -0.79
C GLY A 46 -49.73 78.52 -0.91
N ILE A 47 -50.14 77.86 -1.98
CA ILE A 47 -49.70 76.52 -2.25
C ILE A 47 -48.87 76.59 -3.49
N VAL A 48 -48.53 77.81 -3.86
CA VAL A 48 -47.72 78.06 -5.03
C VAL A 48 -47.23 79.47 -4.88
N LYS A 49 -45.92 79.66 -4.80
CA LYS A 49 -45.36 81.00 -4.69
C LYS A 49 -45.29 81.51 -6.12
N PRO A 50 -45.58 82.81 -6.33
CA PRO A 50 -45.52 83.35 -7.69
C PRO A 50 -44.11 83.68 -8.07
N ASP A 51 -43.82 83.69 -9.37
CA ASP A 51 -42.49 84.05 -9.82
C ASP A 51 -42.29 85.52 -9.44
N ARG A 52 -43.25 86.35 -9.85
CA ARG A 52 -43.19 87.78 -9.55
C ARG A 52 -44.55 88.26 -9.05
N GLY A 53 -44.54 89.35 -8.27
CA GLY A 53 -45.77 89.92 -7.76
C GLY A 53 -46.11 89.51 -6.35
N GLU A 54 -47.27 89.93 -5.88
CA GLU A 54 -47.71 89.59 -4.53
C GLU A 54 -49.21 89.40 -4.39
N VAL A 55 -49.59 88.86 -3.25
CA VAL A 55 -50.97 88.58 -2.92
C VAL A 55 -51.36 89.29 -1.63
N ARG A 56 -52.11 90.38 -1.76
CA ARG A 56 -52.54 91.15 -0.61
C ARG A 56 -53.93 90.74 -0.14
N LEU A 57 -54.05 90.52 1.16
CA LEU A 57 -55.31 90.15 1.76
C LEU A 57 -55.52 91.07 2.96
N ASN A 58 -56.48 91.97 2.81
CA ASN A 58 -56.84 92.94 3.85
C ASN A 58 -55.81 94.06 3.86
N GLY A 59 -55.24 94.35 2.70
CA GLY A 59 -54.25 95.41 2.60
C GLY A 59 -52.87 94.91 2.97
N ALA A 60 -52.84 93.83 3.74
CA ALA A 60 -51.58 93.23 4.19
C ALA A 60 -50.99 92.26 3.17
N ASP A 61 -49.68 92.36 2.93
CA ASP A 61 -49.00 91.47 2.00
C ASP A 61 -48.96 90.07 2.60
N ILE A 62 -49.50 89.10 1.87
CA ILE A 62 -49.56 87.73 2.35
C ILE A 62 -48.56 86.79 1.68
N THR A 63 -48.09 87.16 0.50
CA THR A 63 -47.16 86.33 -0.25
C THR A 63 -46.10 85.54 0.55
N PRO A 64 -45.33 86.23 1.40
CA PRO A 64 -44.33 85.49 2.18
C PRO A 64 -44.92 84.46 3.14
N LEU A 65 -46.21 84.57 3.43
CA LEU A 65 -46.86 83.64 4.34
C LEU A 65 -47.15 82.27 3.74
N PRO A 66 -47.24 81.24 4.60
CA PRO A 66 -47.50 79.84 4.24
C PRO A 66 -49.00 79.60 4.21
N PRO A 67 -49.44 78.61 3.44
CA PRO A 67 -50.88 78.33 3.35
C PRO A 67 -51.45 78.12 4.74
N GLU A 68 -50.58 77.84 5.69
CA GLU A 68 -50.99 77.60 7.07
C GLU A 68 -51.20 78.85 7.89
N ARG A 69 -50.42 79.89 7.63
CA ARG A 69 -50.58 81.13 8.39
C ARG A 69 -51.54 82.11 7.73
N ARG A 70 -52.01 81.79 6.53
CA ARG A 70 -52.96 82.63 5.83
C ARG A 70 -54.27 82.12 6.42
N GLY A 71 -55.31 82.94 6.41
CA GLY A 71 -56.55 82.45 7.00
C GLY A 71 -57.49 81.72 6.07
N ILE A 72 -57.21 81.80 4.77
CA ILE A 72 -58.02 81.20 3.71
C ILE A 72 -58.54 79.78 3.88
N GLY A 73 -59.78 79.57 3.45
CA GLY A 73 -60.39 78.26 3.49
C GLY A 73 -60.33 77.76 2.06
N PHE A 74 -59.61 76.66 1.88
CA PHE A 74 -59.44 76.09 0.54
C PHE A 74 -60.25 74.84 0.31
N VAL A 75 -60.77 74.73 -0.90
CA VAL A 75 -61.50 73.55 -1.33
C VAL A 75 -61.25 73.25 -2.81
N PRO A 76 -60.53 72.16 -3.10
CA PRO A 76 -60.13 71.63 -4.40
C PRO A 76 -61.17 70.70 -5.06
N GLN A 77 -61.30 70.84 -6.39
CA GLN A 77 -62.20 70.11 -7.30
C GLN A 77 -62.45 68.74 -6.78
N ASP A 78 -63.71 68.38 -6.56
CA ASP A 78 -63.94 67.05 -6.02
C ASP A 78 -63.18 67.09 -4.72
N TYR A 79 -63.79 67.68 -3.71
CA TYR A 79 -63.19 67.92 -2.40
C TYR A 79 -62.19 66.94 -1.82
N ALA A 80 -61.25 67.54 -1.10
CA ALA A 80 -60.18 66.78 -0.51
C ALA A 80 -60.54 66.29 0.88
N LEU A 81 -61.58 65.47 0.99
CA LEU A 81 -61.94 64.98 2.30
C LEU A 81 -60.96 63.91 2.71
N PHE A 82 -60.40 64.05 3.90
CA PHE A 82 -59.48 63.07 4.44
C PHE A 82 -60.23 61.74 4.57
N PRO A 83 -59.98 60.80 3.65
CA PRO A 83 -60.62 59.46 3.61
C PRO A 83 -60.39 58.56 4.81
N HIS A 84 -59.33 58.84 5.54
CA HIS A 84 -58.98 58.07 6.71
C HIS A 84 -59.55 58.70 7.96
N LEU A 85 -60.41 59.69 7.80
CA LEU A 85 -60.98 60.37 8.94
C LEU A 85 -62.50 60.52 8.91
N SER A 86 -63.11 60.38 10.08
CA SER A 86 -64.56 60.49 10.20
C SER A 86 -64.95 61.93 9.97
N VAL A 87 -66.21 62.12 9.56
CA VAL A 87 -66.73 63.45 9.31
C VAL A 87 -66.27 64.36 10.44
N TYR A 88 -66.49 63.92 11.66
CA TYR A 88 -66.09 64.71 12.83
C TYR A 88 -64.62 65.11 12.78
N ARG A 89 -63.73 64.10 12.77
CA ARG A 89 -62.29 64.34 12.75
C ARG A 89 -61.86 65.17 11.56
N ASN A 90 -62.62 65.06 10.47
CA ASN A 90 -62.35 65.83 9.28
C ASN A 90 -62.60 67.30 9.63
N ILE A 91 -63.80 67.59 10.13
CA ILE A 91 -64.14 68.94 10.49
C ILE A 91 -63.18 69.49 11.54
N ALA A 92 -62.86 68.64 12.51
CA ALA A 92 -61.98 69.02 13.60
C ALA A 92 -60.57 69.38 13.16
N TYR A 93 -60.09 68.74 12.10
CA TYR A 93 -58.76 69.02 11.57
C TYR A 93 -58.78 70.52 11.26
N GLY A 94 -57.78 71.24 11.71
CA GLY A 94 -57.76 72.67 11.43
C GLY A 94 -58.04 73.43 12.68
N LEU A 95 -58.32 72.67 13.73
CA LEU A 95 -58.61 73.29 15.00
C LEU A 95 -57.65 72.83 16.09
N ARG A 96 -56.62 72.09 15.70
CA ARG A 96 -55.63 71.59 16.66
C ARG A 96 -55.05 72.73 17.48
N ASN A 97 -55.32 73.96 17.05
CA ASN A 97 -54.83 75.15 17.70
C ASN A 97 -55.86 75.68 18.72
N VAL A 98 -56.94 74.93 18.92
CA VAL A 98 -58.01 75.34 19.83
C VAL A 98 -58.16 74.39 21.01
N GLU A 99 -58.62 74.92 22.14
CA GLU A 99 -58.84 74.12 23.34
C GLU A 99 -59.74 72.95 22.96
N ARG A 100 -59.57 71.82 23.65
CA ARG A 100 -60.35 70.61 23.35
C ARG A 100 -61.88 70.74 23.34
N VAL A 101 -62.47 70.92 24.52
CA VAL A 101 -63.92 71.06 24.63
C VAL A 101 -64.46 72.15 23.71
N GLU A 102 -63.70 73.24 23.58
CA GLU A 102 -64.07 74.34 22.71
C GLU A 102 -64.13 73.83 21.26
N ARG A 103 -63.11 73.04 20.89
CA ARG A 103 -63.05 72.45 19.56
C ARG A 103 -64.28 71.61 19.30
N ASP A 104 -64.58 70.70 20.23
CA ASP A 104 -65.73 69.83 20.11
C ASP A 104 -66.99 70.66 19.96
N ARG A 105 -67.05 71.78 20.70
CA ARG A 105 -68.20 72.65 20.62
C ARG A 105 -68.29 73.11 19.17
N ARG A 106 -67.31 73.92 18.75
CA ARG A 106 -67.26 74.46 17.39
C ARG A 106 -67.59 73.42 16.31
N VAL A 107 -67.05 72.22 16.48
CA VAL A 107 -67.29 71.16 15.53
C VAL A 107 -68.75 70.81 15.44
N ARG A 108 -69.32 70.34 16.55
CA ARG A 108 -70.73 69.97 16.57
C ARG A 108 -71.62 71.15 16.22
N GLU A 109 -71.19 72.34 16.61
CA GLU A 109 -71.93 73.55 16.32
C GLU A 109 -72.08 73.66 14.81
N MET A 110 -70.96 73.56 14.10
CA MET A 110 -70.94 73.65 12.64
C MET A 110 -71.57 72.43 12.00
N ALA A 111 -71.44 71.29 12.66
CA ALA A 111 -72.00 70.05 12.15
C ALA A 111 -73.51 70.19 12.11
N GLU A 112 -74.02 70.98 13.05
CA GLU A 112 -75.46 71.22 13.13
C GLU A 112 -75.86 72.33 12.18
N LYS A 113 -75.05 73.39 12.13
CA LYS A 113 -75.31 74.50 11.24
C LYS A 113 -75.34 74.05 9.79
N LEU A 114 -74.98 72.80 9.53
CA LEU A 114 -74.97 72.29 8.15
C LEU A 114 -75.73 70.98 7.99
N GLY A 115 -76.43 70.59 9.05
CA GLY A 115 -77.23 69.38 9.01
C GLY A 115 -76.48 68.11 8.67
N ILE A 116 -75.41 67.85 9.41
CA ILE A 116 -74.60 66.66 9.20
C ILE A 116 -74.19 66.07 10.53
N ALA A 117 -74.56 66.76 11.61
CA ALA A 117 -74.24 66.33 12.98
C ALA A 117 -74.55 64.86 13.27
N HIS A 118 -75.23 64.20 12.36
CA HIS A 118 -75.59 62.79 12.53
C HIS A 118 -74.58 61.89 11.81
N LEU A 119 -73.85 62.47 10.86
CA LEU A 119 -72.86 61.74 10.09
C LEU A 119 -71.50 61.84 10.76
N LEU A 120 -71.45 62.54 11.88
CA LEU A 120 -70.22 62.74 12.63
C LEU A 120 -69.30 61.52 12.75
N ASP A 121 -69.87 60.32 12.68
CA ASP A 121 -69.05 59.12 12.80
C ASP A 121 -68.69 58.42 11.50
N ARG A 122 -69.44 58.65 10.43
CA ARG A 122 -69.13 58.00 9.16
C ARG A 122 -67.84 58.56 8.55
N LYS A 123 -67.36 57.89 7.52
CA LYS A 123 -66.15 58.30 6.82
C LYS A 123 -66.53 58.61 5.38
N PRO A 124 -65.84 59.58 4.76
CA PRO A 124 -66.10 59.99 3.38
C PRO A 124 -66.85 59.08 2.41
N ALA A 125 -66.48 57.81 2.29
CA ALA A 125 -67.17 56.92 1.36
C ALA A 125 -68.68 56.76 1.59
N ARG A 126 -69.06 56.60 2.86
CA ARG A 126 -70.47 56.44 3.23
C ARG A 126 -71.30 57.68 2.89
N LEU A 127 -70.61 58.76 2.52
CA LEU A 127 -71.26 60.02 2.20
C LEU A 127 -71.75 60.16 0.77
N SER A 128 -72.87 60.83 0.61
CA SER A 128 -73.48 61.08 -0.68
C SER A 128 -72.77 62.31 -1.22
N GLY A 129 -72.89 62.52 -2.52
CA GLY A 129 -72.26 63.69 -3.11
C GLY A 129 -72.52 64.86 -2.21
N GLY A 130 -73.81 65.11 -1.94
CA GLY A 130 -74.21 66.23 -1.10
C GLY A 130 -73.61 66.24 0.29
N GLU A 131 -73.53 65.06 0.91
CA GLU A 131 -72.98 64.94 2.25
C GLU A 131 -71.52 65.39 2.27
N ARG A 132 -70.79 65.05 1.20
CA ARG A 132 -69.39 65.45 1.08
C ARG A 132 -69.30 66.97 1.09
N GLN A 133 -70.00 67.56 0.12
CA GLN A 133 -70.07 69.00 -0.05
C GLN A 133 -70.25 69.69 1.30
N ARG A 134 -71.13 69.13 2.13
CA ARG A 134 -71.37 69.71 3.44
C ARG A 134 -70.18 69.58 4.36
N VAL A 135 -69.71 68.34 4.51
CA VAL A 135 -68.55 68.07 5.37
C VAL A 135 -67.42 69.00 4.93
N ALA A 136 -67.23 69.05 3.60
CA ALA A 136 -66.21 69.89 2.99
C ALA A 136 -66.34 71.30 3.53
N LEU A 137 -67.50 71.90 3.31
CA LEU A 137 -67.80 73.25 3.77
C LEU A 137 -67.62 73.35 5.27
N ALA A 138 -68.22 72.42 6.00
CA ALA A 138 -68.11 72.40 7.45
C ALA A 138 -66.65 72.62 7.85
N ARG A 139 -65.78 71.71 7.41
CA ARG A 139 -64.37 71.78 7.75
C ARG A 139 -63.70 73.06 7.29
N ALA A 140 -64.18 73.62 6.19
CA ALA A 140 -63.59 74.86 5.69
C ALA A 140 -63.98 76.09 6.50
N LEU A 141 -65.17 76.06 7.08
CA LEU A 141 -65.69 77.19 7.84
C LEU A 141 -65.31 77.29 9.33
N VAL A 142 -65.27 76.17 10.03
CA VAL A 142 -64.93 76.17 11.45
C VAL A 142 -63.65 76.94 11.77
N ILE A 143 -62.87 77.21 10.74
CA ILE A 143 -61.62 77.93 10.91
C ILE A 143 -61.85 79.43 10.91
N GLN A 144 -63.09 79.84 10.67
CA GLN A 144 -63.43 81.26 10.60
C GLN A 144 -62.48 81.84 9.56
N PRO A 145 -62.58 81.35 8.32
CA PRO A 145 -61.78 81.75 7.16
C PRO A 145 -61.84 83.22 6.76
N ARG A 146 -60.69 83.81 6.48
CA ARG A 146 -60.64 85.20 6.05
C ARG A 146 -61.32 85.28 4.69
N LEU A 147 -61.16 84.22 3.91
CA LEU A 147 -61.68 84.13 2.56
C LEU A 147 -62.16 82.70 2.39
N LEU A 148 -62.69 82.37 1.22
CA LEU A 148 -63.16 81.03 0.96
C LEU A 148 -63.02 80.74 -0.53
N LEU A 149 -62.06 79.88 -0.86
CA LEU A 149 -61.78 79.50 -2.23
C LEU A 149 -62.49 78.18 -2.56
N LEU A 150 -63.05 78.10 -3.76
CA LEU A 150 -63.74 76.91 -4.22
C LEU A 150 -63.54 76.76 -5.72
N ASP A 151 -63.48 75.54 -6.24
CA ASP A 151 -63.42 75.44 -7.70
C ASP A 151 -64.15 74.21 -8.18
N GLU A 152 -65.01 74.43 -9.17
CA GLU A 152 -65.85 73.40 -9.72
C GLU A 152 -66.49 72.69 -8.51
N PRO A 153 -66.84 73.44 -7.44
CA PRO A 153 -67.45 72.71 -6.33
C PRO A 153 -68.83 72.15 -6.72
N LEU A 154 -69.28 72.53 -7.90
CA LEU A 154 -70.57 72.11 -8.41
C LEU A 154 -70.52 71.29 -9.69
N SER A 155 -69.32 70.94 -10.14
CA SER A 155 -69.17 70.13 -11.35
C SER A 155 -69.63 68.72 -11.03
N ALA A 156 -69.94 67.94 -12.06
CA ALA A 156 -70.38 66.57 -11.83
C ALA A 156 -71.61 66.56 -10.94
N VAL A 157 -72.59 67.40 -11.28
CA VAL A 157 -73.82 67.48 -10.53
C VAL A 157 -74.96 67.85 -11.45
N ASP A 158 -76.03 67.06 -11.39
CA ASP A 158 -77.23 67.27 -12.20
C ASP A 158 -77.82 68.66 -12.00
N LEU A 159 -78.22 69.30 -13.11
CA LEU A 159 -78.83 70.63 -13.06
C LEU A 159 -79.80 70.75 -11.89
N LYS A 160 -80.76 69.85 -11.83
CA LYS A 160 -81.74 69.85 -10.75
C LYS A 160 -81.08 70.12 -9.41
N THR A 161 -80.12 69.27 -9.05
CA THR A 161 -79.42 69.40 -7.79
C THR A 161 -78.65 70.71 -7.67
N LYS A 162 -77.98 71.07 -8.75
CA LYS A 162 -77.18 72.31 -8.78
C LYS A 162 -77.94 73.47 -8.14
N GLY A 163 -79.07 73.82 -8.75
CA GLY A 163 -79.88 74.92 -8.24
C GLY A 163 -80.02 74.91 -6.74
N VAL A 164 -80.52 73.82 -6.20
CA VAL A 164 -80.70 73.74 -4.76
C VAL A 164 -79.39 74.06 -4.06
N LEU A 165 -78.31 73.45 -4.54
CA LEU A 165 -77.00 73.68 -3.97
C LEU A 165 -76.55 75.14 -4.04
N MET A 166 -76.76 75.78 -5.18
CA MET A 166 -76.37 77.17 -5.33
C MET A 166 -77.04 78.01 -4.27
N GLU A 167 -78.34 77.81 -4.10
CA GLU A 167 -79.09 78.55 -3.11
C GLU A 167 -78.45 78.36 -1.73
N GLU A 168 -77.93 77.16 -1.49
CA GLU A 168 -77.27 76.87 -0.22
C GLU A 168 -75.97 77.68 -0.09
N LEU A 169 -75.28 77.88 -1.21
CA LEU A 169 -74.04 78.65 -1.18
C LEU A 169 -74.37 80.10 -0.83
N ARG A 170 -75.34 80.66 -1.55
CA ARG A 170 -75.79 82.04 -1.32
C ARG A 170 -75.99 82.16 0.17
N PHE A 171 -76.86 81.29 0.68
CA PHE A 171 -77.17 81.28 2.10
C PHE A 171 -75.92 81.24 2.98
N VAL A 172 -75.09 80.21 2.78
CA VAL A 172 -73.88 80.06 3.55
C VAL A 172 -73.07 81.34 3.55
N GLN A 173 -73.04 82.03 2.41
CA GLN A 173 -72.28 83.25 2.38
C GLN A 173 -72.91 84.39 3.15
N ARG A 174 -74.23 84.53 3.02
CA ARG A 174 -74.97 85.57 3.74
C ARG A 174 -74.96 85.24 5.23
N GLU A 175 -75.00 83.94 5.53
CA GLU A 175 -75.02 83.44 6.90
C GLU A 175 -73.73 83.60 7.66
N PHE A 176 -72.60 83.38 7.00
CA PHE A 176 -71.30 83.47 7.68
C PHE A 176 -70.52 84.69 7.26
N ASP A 177 -71.13 85.54 6.46
CA ASP A 177 -70.47 86.73 5.92
C ASP A 177 -69.01 86.35 5.60
N VAL A 178 -68.85 85.33 4.77
CA VAL A 178 -67.53 84.92 4.36
C VAL A 178 -67.38 85.16 2.88
N PRO A 179 -66.51 86.11 2.51
CA PRO A 179 -66.35 86.32 1.08
C PRO A 179 -66.02 84.98 0.40
N ILE A 180 -66.43 84.82 -0.85
CA ILE A 180 -66.16 83.58 -1.55
C ILE A 180 -65.64 83.79 -2.96
N LEU A 181 -64.56 83.09 -3.30
CA LEU A 181 -64.01 83.15 -4.66
C LEU A 181 -64.31 81.76 -5.20
N HIS A 182 -65.32 81.73 -6.05
CA HIS A 182 -65.87 80.53 -6.65
C HIS A 182 -65.37 80.44 -8.09
N VAL A 183 -64.76 79.32 -8.45
CA VAL A 183 -64.24 79.17 -9.80
C VAL A 183 -64.93 78.11 -10.63
N THR A 184 -65.43 78.50 -11.82
CA THR A 184 -66.13 77.58 -12.75
C THR A 184 -66.01 77.97 -14.20
N HIS A 185 -66.61 77.16 -15.05
CA HIS A 185 -66.64 77.37 -16.48
C HIS A 185 -68.10 77.45 -16.88
N ASP A 186 -68.99 77.40 -15.90
CA ASP A 186 -70.42 77.44 -16.16
C ASP A 186 -71.11 78.76 -15.86
N LEU A 187 -71.70 79.36 -16.90
CA LEU A 187 -72.39 80.63 -16.78
C LEU A 187 -73.48 80.53 -15.73
N ILE A 188 -74.33 79.52 -15.88
CA ILE A 188 -75.43 79.31 -14.95
C ILE A 188 -75.03 79.57 -13.51
N GLU A 189 -73.82 79.21 -13.15
CA GLU A 189 -73.34 79.38 -11.78
C GLU A 189 -72.97 80.83 -11.53
N ALA A 190 -72.32 81.43 -12.50
CA ALA A 190 -71.92 82.82 -12.39
C ALA A 190 -73.19 83.63 -12.22
N ALA A 191 -74.10 83.45 -13.17
CA ALA A 191 -75.37 84.15 -13.18
C ALA A 191 -76.20 83.97 -11.92
N MET A 192 -76.12 82.80 -11.31
CA MET A 192 -76.90 82.52 -10.12
C MET A 192 -76.30 82.95 -8.79
N LEU A 193 -74.99 83.16 -8.71
CA LEU A 193 -74.38 83.45 -7.42
C LEU A 193 -73.56 84.73 -7.29
N ALA A 194 -72.79 85.02 -8.33
CA ALA A 194 -71.88 86.16 -8.32
C ALA A 194 -72.44 87.54 -8.07
N ASP A 195 -71.69 88.33 -7.32
CA ASP A 195 -72.03 89.71 -7.03
C ASP A 195 -71.12 90.44 -8.01
N GLU A 196 -70.04 89.75 -8.37
CA GLU A 196 -69.07 90.24 -9.33
C GLU A 196 -68.65 89.02 -10.12
N VAL A 197 -68.17 89.23 -11.34
CA VAL A 197 -67.74 88.13 -12.15
C VAL A 197 -66.45 88.46 -12.87
N ALA A 198 -65.47 87.58 -12.76
CA ALA A 198 -64.21 87.76 -13.45
C ALA A 198 -64.27 86.78 -14.60
N VAL A 199 -63.34 86.91 -15.53
CA VAL A 199 -63.32 86.01 -16.67
C VAL A 199 -61.88 85.75 -17.05
N MET A 200 -61.42 84.52 -16.82
CA MET A 200 -60.04 84.13 -17.12
C MET A 200 -59.94 83.44 -18.47
N LEU A 201 -58.87 83.73 -19.19
CA LEU A 201 -58.63 83.13 -20.50
C LEU A 201 -57.14 83.08 -20.73
N ASN A 202 -56.58 81.89 -20.63
CA ASN A 202 -55.14 81.69 -20.82
C ASN A 202 -54.29 82.30 -19.74
N GLY A 203 -54.65 82.06 -18.50
CA GLY A 203 -53.86 82.58 -17.40
C GLY A 203 -54.08 84.05 -17.10
N ARG A 204 -54.69 84.77 -18.03
CA ARG A 204 -54.93 86.18 -17.80
C ARG A 204 -56.41 86.41 -17.47
N ILE A 205 -56.66 87.25 -16.48
CA ILE A 205 -58.03 87.59 -16.09
C ILE A 205 -58.44 88.80 -16.91
N VAL A 206 -58.94 88.53 -18.11
CA VAL A 206 -59.36 89.55 -19.05
C VAL A 206 -60.22 90.67 -18.49
N GLU A 207 -61.38 90.34 -17.93
CA GLU A 207 -62.24 91.36 -17.36
C GLU A 207 -63.11 90.93 -16.20
N LYS A 208 -63.35 91.87 -15.29
CA LYS A 208 -64.18 91.62 -14.13
C LYS A 208 -65.27 92.69 -14.04
N GLY A 209 -66.36 92.36 -13.37
CA GLY A 209 -67.45 93.30 -13.22
C GLY A 209 -68.73 92.54 -12.94
N LYS A 210 -69.81 92.93 -13.61
CA LYS A 210 -71.09 92.27 -13.43
C LYS A 210 -71.50 91.69 -14.76
N LEU A 211 -72.12 90.53 -14.75
CA LEU A 211 -72.51 89.90 -15.99
C LEU A 211 -73.11 90.83 -17.02
N LYS A 212 -74.22 91.47 -16.69
CA LYS A 212 -74.86 92.38 -17.64
C LYS A 212 -73.83 93.27 -18.32
N GLU A 213 -73.01 93.94 -17.52
CA GLU A 213 -71.96 94.81 -18.06
C GLU A 213 -71.04 94.04 -19.01
N LEU A 214 -70.63 92.85 -18.59
CA LEU A 214 -69.73 92.03 -19.38
C LEU A 214 -70.25 91.66 -20.77
N PHE A 215 -71.57 91.55 -20.91
CA PHE A 215 -72.13 91.20 -22.22
C PHE A 215 -72.05 92.41 -23.12
N SER A 216 -72.91 93.40 -22.88
CA SER A 216 -72.95 94.62 -23.66
C SER A 216 -71.56 95.07 -24.13
N ALA A 217 -70.66 95.28 -23.19
CA ALA A 217 -69.30 95.71 -23.51
C ALA A 217 -68.55 94.54 -24.15
N LYS A 218 -69.04 94.12 -25.32
CA LYS A 218 -68.44 93.03 -26.08
C LYS A 218 -67.06 93.36 -26.68
N ASN A 219 -66.02 92.64 -26.25
CA ASN A 219 -64.67 92.84 -26.73
C ASN A 219 -64.21 91.64 -27.58
N GLY A 220 -65.17 90.90 -28.11
CA GLY A 220 -64.87 89.76 -28.96
C GLY A 220 -64.11 88.58 -28.37
N GLU A 221 -63.77 88.64 -27.08
CA GLU A 221 -63.09 87.51 -26.46
C GLU A 221 -63.97 87.03 -25.33
N VAL A 222 -64.24 87.94 -24.39
CA VAL A 222 -65.12 87.65 -23.28
C VAL A 222 -66.52 87.60 -23.86
N ALA A 223 -66.70 88.36 -24.93
CA ALA A 223 -67.97 88.43 -25.63
C ALA A 223 -68.25 87.04 -26.18
N GLU A 224 -67.24 86.48 -26.84
CA GLU A 224 -67.39 85.15 -27.42
C GLU A 224 -67.77 84.16 -26.33
N PHE A 225 -66.98 84.12 -25.26
CA PHE A 225 -67.22 83.19 -24.16
C PHE A 225 -68.62 83.32 -23.55
N LEU A 226 -69.01 84.55 -23.21
CA LEU A 226 -70.32 84.78 -22.60
C LEU A 226 -71.46 84.69 -23.59
N SER A 227 -71.14 84.36 -24.84
CA SER A 227 -72.17 84.26 -25.88
C SER A 227 -73.05 83.03 -25.65
N ALA A 228 -72.66 82.19 -24.71
CA ALA A 228 -73.41 80.98 -24.43
C ALA A 228 -74.81 81.32 -23.93
N ARG A 229 -75.06 82.59 -23.64
CA ARG A 229 -76.37 82.99 -23.16
C ARG A 229 -77.45 82.57 -24.15
N ASN A 230 -77.12 82.64 -25.44
CA ASN A 230 -78.06 82.27 -26.49
C ASN A 230 -78.59 80.85 -26.31
N LEU A 231 -77.67 79.91 -26.11
CA LEU A 231 -78.04 78.52 -25.91
C LEU A 231 -78.92 78.40 -24.67
N LEU A 232 -78.59 79.17 -23.64
CA LEU A 232 -79.38 79.14 -22.42
C LEU A 232 -80.74 79.72 -22.71
N LEU A 233 -80.78 80.72 -23.59
CA LEU A 233 -82.03 81.36 -23.94
C LEU A 233 -82.86 80.47 -24.87
N LYS A 234 -82.21 79.86 -25.86
CA LYS A 234 -82.91 78.98 -26.80
C LYS A 234 -83.52 77.81 -26.03
N VAL A 235 -82.79 77.31 -25.04
CA VAL A 235 -83.26 76.19 -24.24
C VAL A 235 -84.48 76.55 -23.42
N SER A 236 -84.44 77.73 -22.82
CA SER A 236 -85.55 78.19 -21.99
C SER A 236 -86.77 78.30 -22.87
N LYS A 237 -86.56 78.66 -24.13
CA LYS A 237 -87.68 78.78 -25.04
C LYS A 237 -88.26 77.41 -25.30
N ILE A 238 -87.41 76.49 -25.72
CA ILE A 238 -87.87 75.14 -26.03
C ILE A 238 -88.52 74.41 -24.84
N LEU A 239 -88.30 74.87 -23.63
CA LEU A 239 -88.89 74.25 -22.46
C LEU A 239 -89.81 75.16 -21.73
N ASP A 240 -90.91 74.60 -21.25
CA ASP A 240 -91.85 75.34 -20.45
C ASP A 240 -91.87 76.84 -20.76
N MET B 1 -89.91 49.68 -33.31
CA MET B 1 -88.82 49.91 -32.32
C MET B 1 -87.53 49.22 -32.72
N PHE B 2 -86.60 50.02 -33.23
CA PHE B 2 -85.29 49.56 -33.69
C PHE B 2 -84.52 48.79 -32.62
N LEU B 3 -84.46 49.35 -31.43
CA LEU B 3 -83.75 48.70 -30.32
C LEU B 3 -84.66 48.49 -29.13
N LYS B 4 -84.79 47.24 -28.71
CA LYS B 4 -85.60 46.90 -27.55
C LYS B 4 -84.68 46.29 -26.52
N VAL B 5 -84.85 46.67 -25.27
CA VAL B 5 -84.00 46.14 -24.21
C VAL B 5 -84.78 45.92 -22.93
N ARG B 6 -84.95 44.65 -22.59
CA ARG B 6 -85.64 44.27 -21.37
C ARG B 6 -84.64 43.33 -20.71
N ALA B 7 -84.05 43.76 -19.61
CA ALA B 7 -83.08 42.92 -18.93
C ALA B 7 -82.73 43.39 -17.53
N GLU B 8 -82.28 42.44 -16.72
CA GLU B 8 -81.90 42.70 -15.34
C GLU B 8 -80.41 42.41 -15.17
N LYS B 9 -79.76 43.16 -14.29
CA LYS B 9 -78.36 42.97 -14.04
C LYS B 9 -78.06 43.37 -12.61
N ARG B 10 -77.34 42.50 -11.92
CA ARG B 10 -76.99 42.74 -10.52
C ARG B 10 -75.49 43.01 -10.46
N LEU B 11 -75.13 44.06 -9.74
CA LEU B 11 -73.73 44.44 -9.57
C LEU B 11 -73.59 45.08 -8.20
N GLY B 12 -73.28 44.28 -7.20
CA GLY B 12 -73.14 44.80 -5.85
C GLY B 12 -74.52 45.10 -5.30
N ASN B 13 -74.68 46.27 -4.70
CA ASN B 13 -75.97 46.66 -4.16
C ASN B 13 -76.74 47.36 -5.25
N PHE B 14 -76.25 47.24 -6.49
CA PHE B 14 -76.88 47.86 -7.63
C PHE B 14 -77.63 46.87 -8.51
N ARG B 15 -78.85 47.26 -8.88
CA ARG B 15 -79.70 46.42 -9.71
C ARG B 15 -80.17 47.22 -10.91
N LEU B 16 -79.94 46.65 -12.09
CA LEU B 16 -80.32 47.28 -13.33
C LEU B 16 -81.40 46.47 -14.02
N ASN B 17 -82.66 46.86 -13.89
CA ASN B 17 -83.75 46.15 -14.56
C ASN B 17 -84.44 47.17 -15.46
N VAL B 18 -84.20 47.04 -16.76
CA VAL B 18 -84.78 47.97 -17.72
C VAL B 18 -85.76 47.41 -18.72
N ASP B 19 -86.63 48.29 -19.19
CA ASP B 19 -87.62 48.00 -20.22
C ASP B 19 -87.47 49.24 -21.06
N PHE B 20 -86.79 49.10 -22.18
CA PHE B 20 -86.50 50.24 -23.03
C PHE B 20 -86.70 49.97 -24.51
N GLU B 21 -87.57 50.77 -25.13
CA GLU B 21 -87.82 50.68 -26.55
C GLU B 21 -87.13 51.91 -27.08
N MET B 22 -86.66 51.86 -28.31
CA MET B 22 -85.97 53.01 -28.89
C MET B 22 -86.21 53.15 -30.38
N GLY B 23 -86.30 54.39 -30.83
CA GLY B 23 -86.53 54.65 -32.23
C GLY B 23 -85.32 54.37 -33.10
N ARG B 24 -85.29 55.03 -34.25
CA ARG B 24 -84.21 54.91 -35.22
C ARG B 24 -83.66 56.33 -35.38
N ASP B 25 -83.92 57.14 -34.37
CA ASP B 25 -83.51 58.53 -34.32
C ASP B 25 -82.54 58.84 -33.18
N TYR B 26 -82.63 60.06 -32.64
CA TYR B 26 -81.76 60.51 -31.56
C TYR B 26 -82.40 60.40 -30.19
N CYS B 27 -82.15 59.29 -29.51
CA CYS B 27 -82.69 59.11 -28.17
C CYS B 27 -81.67 59.71 -27.23
N VAL B 28 -82.11 60.05 -26.02
CA VAL B 28 -81.23 60.63 -25.02
C VAL B 28 -81.78 60.28 -23.66
N LEU B 29 -81.05 59.51 -22.87
CA LEU B 29 -81.58 59.20 -21.55
C LEU B 29 -80.88 59.99 -20.47
N LEU B 30 -81.71 60.71 -19.72
CA LEU B 30 -81.29 61.55 -18.63
C LEU B 30 -81.22 60.70 -17.38
N GLY B 31 -80.30 61.05 -16.50
CA GLY B 31 -80.17 60.33 -15.25
C GLY B 31 -79.03 60.91 -14.43
N PRO B 32 -79.20 61.00 -13.11
CA PRO B 32 -78.14 61.55 -12.27
C PRO B 32 -76.91 60.66 -12.39
N THR B 33 -75.82 61.09 -11.79
CA THR B 33 -74.62 60.29 -11.83
C THR B 33 -74.91 59.08 -10.96
N GLY B 34 -74.60 57.90 -11.47
CA GLY B 34 -74.83 56.69 -10.71
C GLY B 34 -76.22 56.13 -10.87
N ALA B 35 -76.83 56.38 -12.02
CA ALA B 35 -78.16 55.87 -12.27
C ALA B 35 -78.09 54.56 -13.02
N GLY B 36 -76.91 54.24 -13.54
CA GLY B 36 -76.75 52.99 -14.27
C GLY B 36 -76.63 53.16 -15.77
N LYS B 37 -76.54 54.43 -16.20
CA LYS B 37 -76.43 54.77 -17.60
C LYS B 37 -75.27 54.09 -18.32
N SER B 38 -74.09 54.12 -17.71
CA SER B 38 -72.93 53.53 -18.34
C SER B 38 -73.00 52.01 -18.48
N VAL B 39 -73.53 51.31 -17.48
CA VAL B 39 -73.64 49.86 -17.61
C VAL B 39 -74.71 49.56 -18.64
N PHE B 40 -75.78 50.35 -18.61
CA PHE B 40 -76.88 50.19 -19.55
C PHE B 40 -76.28 50.11 -20.95
N LEU B 41 -75.43 51.08 -21.27
CA LEU B 41 -74.78 51.13 -22.59
C LEU B 41 -73.85 49.94 -22.83
N GLU B 42 -73.12 49.52 -21.80
CA GLU B 42 -72.21 48.38 -21.94
C GLU B 42 -73.03 47.13 -22.20
N LEU B 43 -74.28 47.16 -21.74
CA LEU B 43 -75.22 46.07 -21.92
C LEU B 43 -75.56 46.01 -23.40
N ILE B 44 -76.07 47.12 -23.93
CA ILE B 44 -76.42 47.20 -25.34
C ILE B 44 -75.17 46.81 -26.10
N ALA B 45 -74.06 47.46 -25.75
CA ALA B 45 -72.76 47.23 -26.36
C ALA B 45 -72.37 45.77 -26.43
N GLY B 46 -72.74 45.00 -25.41
CA GLY B 46 -72.39 43.59 -25.39
C GLY B 46 -71.05 43.40 -24.70
N ILE B 47 -70.76 44.28 -23.76
CA ILE B 47 -69.53 44.26 -23.01
C ILE B 47 -69.89 43.86 -21.62
N VAL B 48 -71.11 43.38 -21.48
CA VAL B 48 -71.63 42.94 -20.20
C VAL B 48 -72.85 42.10 -20.53
N LYS B 49 -72.82 40.83 -20.17
CA LYS B 49 -73.98 39.98 -20.43
C LYS B 49 -74.92 40.24 -19.25
N PRO B 50 -76.22 40.25 -19.52
CA PRO B 50 -77.17 40.50 -18.42
C PRO B 50 -77.43 39.24 -17.64
N ASP B 51 -77.84 39.39 -16.38
CA ASP B 51 -78.15 38.21 -15.59
C ASP B 51 -79.37 37.57 -16.25
N ARG B 52 -80.41 38.38 -16.44
CA ARG B 52 -81.64 37.91 -17.07
C ARG B 52 -82.10 38.89 -18.14
N GLY B 53 -82.87 38.39 -19.10
CA GLY B 53 -83.38 39.24 -20.17
C GLY B 53 -82.58 39.20 -21.44
N GLU B 54 -82.96 40.04 -22.40
CA GLU B 54 -82.26 40.10 -23.68
C GLU B 54 -82.23 41.48 -24.30
N VAL B 55 -81.40 41.60 -25.32
CA VAL B 55 -81.20 42.84 -26.05
C VAL B 55 -81.49 42.62 -27.53
N ARG B 56 -82.65 43.10 -27.97
CA ARG B 56 -83.05 42.96 -29.36
C ARG B 56 -82.68 44.19 -30.17
N LEU B 57 -82.06 43.94 -31.33
CA LEU B 57 -81.68 45.01 -32.23
C LEU B 57 -82.17 44.63 -33.61
N ASN B 58 -83.18 45.35 -34.08
CA ASN B 58 -83.78 45.13 -35.37
C ASN B 58 -84.72 43.92 -35.31
N GLY B 59 -85.30 43.70 -34.14
CA GLY B 59 -86.20 42.57 -33.96
C GLY B 59 -85.43 41.30 -33.65
N ALA B 60 -84.16 41.27 -34.04
CA ALA B 60 -83.29 40.11 -33.84
C ALA B 60 -82.65 40.11 -32.45
N ASP B 61 -82.66 38.95 -31.79
CA ASP B 61 -82.04 38.84 -30.47
C ASP B 61 -80.52 38.93 -30.62
N ILE B 62 -79.93 39.88 -29.92
CA ILE B 62 -78.51 40.10 -30.00
C ILE B 62 -77.71 39.61 -28.80
N THR B 63 -78.38 39.45 -27.66
CA THR B 63 -77.72 39.02 -26.42
C THR B 63 -76.59 37.99 -26.57
N PRO B 64 -76.85 36.84 -27.20
CA PRO B 64 -75.79 35.84 -27.35
C PRO B 64 -74.58 36.34 -28.14
N LEU B 65 -74.76 37.40 -28.91
CA LEU B 65 -73.67 37.93 -29.71
C LEU B 65 -72.62 38.71 -28.92
N PRO B 66 -71.38 38.76 -29.45
CA PRO B 66 -70.22 39.44 -28.87
C PRO B 66 -70.20 40.89 -29.33
N PRO B 67 -69.58 41.77 -28.53
CA PRO B 67 -69.52 43.18 -28.91
C PRO B 67 -68.92 43.35 -30.29
N GLU B 68 -68.05 42.41 -30.64
CA GLU B 68 -67.38 42.44 -31.95
C GLU B 68 -68.30 42.07 -33.11
N ARG B 69 -69.24 41.18 -32.88
CA ARG B 69 -70.14 40.80 -33.95
C ARG B 69 -71.41 41.62 -34.00
N ARG B 70 -71.58 42.50 -33.01
CA ARG B 70 -72.73 43.39 -32.99
C ARG B 70 -72.23 44.54 -33.86
N GLY B 71 -73.13 45.30 -34.46
CA GLY B 71 -72.65 46.39 -35.30
C GLY B 71 -72.43 47.72 -34.62
N ILE B 72 -72.91 47.82 -33.39
CA ILE B 72 -72.83 49.04 -32.57
C ILE B 72 -71.51 49.82 -32.51
N GLY B 73 -71.64 51.14 -32.53
CA GLY B 73 -70.48 52.01 -32.42
C GLY B 73 -70.51 52.51 -30.99
N PHE B 74 -69.46 52.16 -30.25
CA PHE B 74 -69.38 52.55 -28.85
C PHE B 74 -68.41 53.69 -28.59
N VAL B 75 -68.79 54.55 -27.67
CA VAL B 75 -67.93 55.64 -27.23
C VAL B 75 -68.17 55.95 -25.74
N PRO B 76 -67.15 55.64 -24.92
CA PRO B 76 -67.07 55.80 -23.46
C PRO B 76 -66.54 57.19 -23.01
N GLN B 77 -67.17 57.68 -21.93
CA GLN B 77 -66.93 58.97 -21.24
C GLN B 77 -65.51 59.37 -21.40
N ASP B 78 -65.27 60.56 -21.96
CA ASP B 78 -63.87 60.93 -22.16
C ASP B 78 -63.36 59.82 -23.04
N TYR B 79 -63.65 59.93 -24.33
CA TYR B 79 -63.32 58.92 -25.33
C TYR B 79 -62.08 58.06 -25.19
N ALA B 80 -62.25 56.83 -25.65
CA ALA B 80 -61.19 55.87 -25.57
C ALA B 80 -60.31 55.89 -26.80
N LEU B 81 -59.65 57.02 -27.06
CA LEU B 81 -58.79 57.07 -28.22
C LEU B 81 -57.52 56.31 -27.93
N PHE B 82 -57.15 55.40 -28.82
CA PHE B 82 -55.93 54.61 -28.67
C PHE B 82 -54.77 55.59 -28.69
N PRO B 83 -54.17 55.88 -27.52
CA PRO B 83 -53.05 56.82 -27.35
C PRO B 83 -51.76 56.44 -28.08
N HIS B 84 -51.62 55.18 -28.41
CA HIS B 84 -50.43 54.70 -29.10
C HIS B 84 -50.66 54.68 -30.60
N LEU B 85 -51.75 55.29 -31.05
CA LEU B 85 -52.05 55.31 -32.47
C LEU B 85 -52.40 56.67 -33.02
N SER B 86 -51.96 56.91 -34.25
CA SER B 86 -52.21 58.17 -34.93
C SER B 86 -53.69 58.25 -35.27
N VAL B 87 -54.17 59.48 -35.42
CA VAL B 87 -55.56 59.71 -35.77
C VAL B 87 -55.96 58.72 -36.86
N TYR B 88 -55.15 58.67 -37.91
CA TYR B 88 -55.42 57.76 -39.01
C TYR B 88 -55.62 56.32 -38.53
N ARG B 89 -54.57 55.74 -37.92
CA ARG B 89 -54.61 54.37 -37.43
C ARG B 89 -55.74 54.14 -36.45
N ASN B 90 -56.12 55.20 -35.75
CA ASN B 90 -57.21 55.12 -34.80
C ASN B 90 -58.48 54.86 -35.61
N ILE B 91 -58.74 55.75 -36.57
CA ILE B 91 -59.92 55.63 -37.41
C ILE B 91 -59.93 54.29 -38.14
N ALA B 92 -58.76 53.92 -38.64
CA ALA B 92 -58.60 52.68 -39.39
C ALA B 92 -58.90 51.42 -38.57
N TYR B 93 -58.62 51.46 -37.28
CA TYR B 93 -58.89 50.32 -36.40
C TYR B 93 -60.39 50.07 -36.54
N GLY B 94 -60.76 48.83 -36.78
CA GLY B 94 -62.17 48.52 -36.94
C GLY B 94 -62.50 48.24 -38.40
N LEU B 95 -61.54 48.52 -39.30
CA LEU B 95 -61.71 48.28 -40.73
C LEU B 95 -60.74 47.21 -41.23
N ARG B 96 -60.05 46.56 -40.31
CA ARG B 96 -59.09 45.52 -40.66
C ARG B 96 -59.76 44.44 -41.51
N ASN B 97 -61.08 44.49 -41.57
CA ASN B 97 -61.87 43.53 -42.34
C ASN B 97 -62.15 44.05 -43.75
N VAL B 98 -61.56 45.20 -44.10
CA VAL B 98 -61.76 45.81 -45.41
C VAL B 98 -60.48 45.86 -46.24
N GLU B 99 -60.63 45.82 -47.56
CA GLU B 99 -59.49 45.90 -48.48
C GLU B 99 -58.69 47.15 -48.12
N ARG B 100 -57.38 47.10 -48.35
CA ARG B 100 -56.49 48.22 -48.01
C ARG B 100 -56.84 49.58 -48.58
N VAL B 101 -56.69 49.75 -49.89
CA VAL B 101 -56.98 51.02 -50.55
C VAL B 101 -58.41 51.48 -50.24
N GLU B 102 -59.33 50.54 -50.16
CA GLU B 102 -60.72 50.83 -49.85
C GLU B 102 -60.79 51.44 -48.44
N ARG B 103 -60.04 50.82 -47.53
CA ARG B 103 -59.97 51.30 -46.15
C ARG B 103 -59.48 52.73 -46.12
N ASP B 104 -58.35 52.97 -46.78
CA ASP B 104 -57.76 54.29 -46.83
C ASP B 104 -58.78 55.29 -47.40
N ARG B 105 -59.54 54.83 -48.38
CA ARG B 105 -60.54 55.68 -48.98
C ARG B 105 -61.52 56.07 -47.87
N ARG B 106 -62.25 55.07 -47.37
CA ARG B 106 -63.23 55.27 -46.30
C ARG B 106 -62.73 56.14 -45.17
N VAL B 107 -61.47 55.92 -44.77
CA VAL B 107 -60.87 56.69 -43.70
C VAL B 107 -60.80 58.16 -44.05
N ARG B 108 -60.06 58.49 -45.10
CA ARG B 108 -59.93 59.87 -45.51
C ARG B 108 -61.27 60.49 -45.87
N GLU B 109 -62.16 59.66 -46.40
CA GLU B 109 -63.49 60.11 -46.77
C GLU B 109 -64.12 60.66 -45.50
N MET B 110 -63.95 59.91 -44.41
CA MET B 110 -64.49 60.31 -43.12
C MET B 110 -63.68 61.39 -42.43
N ALA B 111 -62.37 61.35 -42.66
CA ALA B 111 -61.47 62.34 -42.06
C ALA B 111 -61.83 63.70 -42.62
N GLU B 112 -62.30 63.70 -43.86
CA GLU B 112 -62.68 64.94 -44.51
C GLU B 112 -64.11 65.31 -44.12
N LYS B 113 -64.99 64.31 -44.07
CA LYS B 113 -66.37 64.55 -43.69
C LYS B 113 -66.47 65.11 -42.28
N LEU B 114 -65.34 65.16 -41.57
CA LEU B 114 -65.34 65.69 -40.21
C LEU B 114 -64.29 66.77 -39.97
N GLY B 115 -63.65 67.21 -41.06
CA GLY B 115 -62.65 68.25 -40.97
C GLY B 115 -61.49 67.97 -40.05
N ILE B 116 -60.84 66.83 -40.25
CA ILE B 116 -59.70 66.43 -39.43
C ILE B 116 -58.63 65.81 -40.32
N ALA B 117 -58.95 65.66 -41.60
CA ALA B 117 -58.04 65.06 -42.57
C ALA B 117 -56.62 65.62 -42.54
N HIS B 118 -56.41 66.70 -41.78
CA HIS B 118 -55.10 67.33 -41.67
C HIS B 118 -54.37 66.83 -40.43
N LEU B 119 -55.14 66.31 -39.49
CA LEU B 119 -54.59 65.79 -38.24
C LEU B 119 -54.26 64.32 -38.36
N LEU B 120 -54.52 63.76 -39.54
CA LEU B 120 -54.27 62.35 -39.81
C LEU B 120 -52.98 61.78 -39.25
N ASP B 121 -51.97 62.61 -39.07
CA ASP B 121 -50.69 62.13 -38.53
C ASP B 121 -50.44 62.35 -37.06
N ARG B 122 -51.12 63.31 -36.45
CA ARG B 122 -50.92 63.56 -35.02
C ARG B 122 -51.47 62.41 -34.18
N LYS B 123 -51.14 62.43 -32.89
CA LYS B 123 -51.60 61.43 -31.95
C LYS B 123 -52.43 62.12 -30.89
N PRO B 124 -53.45 61.44 -30.36
CA PRO B 124 -54.35 61.98 -29.34
C PRO B 124 -53.96 63.19 -28.49
N ALA B 125 -52.76 63.20 -27.90
CA ALA B 125 -52.36 64.33 -27.06
C ALA B 125 -52.33 65.69 -27.78
N ARG B 126 -51.80 65.71 -29.00
CA ARG B 126 -51.72 66.94 -29.80
C ARG B 126 -53.10 67.49 -30.13
N LEU B 127 -54.13 66.70 -29.85
CA LEU B 127 -55.50 67.08 -30.16
C LEU B 127 -56.19 67.92 -29.08
N SER B 128 -57.02 68.84 -29.55
CA SER B 128 -57.79 69.72 -28.68
C SER B 128 -59.02 68.92 -28.29
N GLY B 129 -59.69 69.36 -27.22
CA GLY B 129 -60.89 68.66 -26.80
C GLY B 129 -61.70 68.35 -28.03
N GLY B 130 -62.02 69.39 -28.80
CA GLY B 130 -62.81 69.23 -30.01
C GLY B 130 -62.26 68.27 -31.03
N GLU B 131 -60.94 68.31 -31.23
CA GLU B 131 -60.29 67.43 -32.19
C GLU B 131 -60.50 65.97 -31.79
N ARG B 132 -60.44 65.69 -30.50
CA ARG B 132 -60.66 64.33 -30.01
C ARG B 132 -62.06 63.88 -30.41
N GLN B 133 -63.04 64.66 -29.96
CA GLN B 133 -64.44 64.41 -30.23
C GLN B 133 -64.64 64.00 -31.68
N ARG B 134 -63.97 64.71 -32.59
CA ARG B 134 -64.09 64.41 -34.02
C ARG B 134 -63.47 63.07 -34.36
N VAL B 135 -62.21 62.89 -33.98
CA VAL B 135 -61.51 61.64 -34.25
C VAL B 135 -62.37 60.51 -33.70
N ALA B 136 -62.84 60.71 -32.48
CA ALA B 136 -63.69 59.75 -31.78
C ALA B 136 -64.82 59.34 -32.71
N LEU B 137 -65.62 60.34 -33.10
CA LEU B 137 -66.75 60.13 -33.99
C LEU B 137 -66.30 59.50 -35.29
N ALA B 138 -65.26 60.07 -35.89
CA ALA B 138 -64.73 59.55 -37.13
C ALA B 138 -64.59 58.03 -37.03
N ARG B 139 -63.77 57.59 -36.08
CA ARG B 139 -63.53 56.16 -35.88
C ARG B 139 -64.79 55.36 -35.60
N ALA B 140 -65.77 55.99 -34.96
CA ALA B 140 -67.01 55.29 -34.63
C ALA B 140 -67.92 55.10 -35.83
N LEU B 141 -67.85 56.04 -36.77
CA LEU B 141 -68.71 56.01 -37.95
C LEU B 141 -68.24 55.20 -39.16
N VAL B 142 -66.95 55.23 -39.46
CA VAL B 142 -66.41 54.50 -40.60
C VAL B 142 -66.82 53.03 -40.64
N ILE B 143 -67.33 52.54 -39.52
CA ILE B 143 -67.77 51.16 -39.42
C ILE B 143 -69.20 51.00 -39.91
N GLN B 144 -69.83 52.13 -40.26
CA GLN B 144 -71.21 52.11 -40.72
C GLN B 144 -71.99 51.39 -39.62
N PRO B 145 -71.97 51.97 -38.41
CA PRO B 145 -72.63 51.47 -37.21
C PRO B 145 -74.14 51.30 -37.28
N ARG B 146 -74.62 50.16 -36.79
CA ARG B 146 -76.06 49.90 -36.76
C ARG B 146 -76.71 50.91 -35.82
N LEU B 147 -75.97 51.24 -34.77
CA LEU B 147 -76.42 52.15 -33.73
C LEU B 147 -75.22 53.00 -33.36
N LEU B 148 -75.41 53.91 -32.42
CA LEU B 148 -74.31 54.76 -31.97
C LEU B 148 -74.53 55.14 -30.53
N LEU B 149 -73.71 54.55 -29.66
CA LEU B 149 -73.80 54.82 -28.23
C LEU B 149 -72.78 55.91 -27.82
N LEU B 150 -73.21 56.80 -26.93
CA LEU B 150 -72.35 57.86 -26.42
C LEU B 150 -72.70 58.15 -24.98
N ASP B 151 -71.74 58.58 -24.16
CA ASP B 151 -72.16 58.96 -22.81
C ASP B 151 -71.28 60.08 -22.31
N GLU B 152 -71.95 61.11 -21.81
CA GLU B 152 -71.29 62.30 -21.32
C GLU B 152 -70.31 62.72 -22.42
N PRO B 153 -70.68 62.52 -23.71
CA PRO B 153 -69.70 62.94 -24.74
C PRO B 153 -69.50 64.45 -24.73
N LEU B 154 -70.34 65.14 -23.96
CA LEU B 154 -70.31 66.60 -23.84
C LEU B 154 -69.98 67.12 -22.44
N SER B 155 -69.64 66.24 -21.51
CA SER B 155 -69.29 66.65 -20.16
C SER B 155 -67.94 67.34 -20.21
N ALA B 156 -67.61 68.12 -19.20
CA ALA B 156 -66.33 68.79 -19.18
C ALA B 156 -66.18 69.67 -20.41
N VAL B 157 -67.20 70.46 -20.69
CA VAL B 157 -67.19 71.36 -21.83
C VAL B 157 -68.02 72.60 -21.53
N ASP B 158 -67.40 73.76 -21.75
CA ASP B 158 -68.04 75.04 -21.51
C ASP B 158 -69.35 75.19 -22.29
N LEU B 159 -70.37 75.74 -21.63
CA LEU B 159 -71.67 75.95 -22.26
C LEU B 159 -71.52 76.46 -23.68
N LYS B 160 -70.80 77.56 -23.84
CA LYS B 160 -70.57 78.15 -25.16
C LYS B 160 -70.25 77.07 -26.18
N THR B 161 -69.20 76.30 -25.92
CA THR B 161 -68.79 75.24 -26.81
C THR B 161 -69.85 74.17 -27.01
N LYS B 162 -70.49 73.77 -25.91
CA LYS B 162 -71.53 72.74 -25.95
C LYS B 162 -72.49 72.98 -27.10
N GLY B 163 -73.19 74.10 -27.06
CA GLY B 163 -74.14 74.43 -28.11
C GLY B 163 -73.65 74.12 -29.51
N VAL B 164 -72.51 74.70 -29.88
CA VAL B 164 -71.97 74.46 -31.20
C VAL B 164 -71.84 72.96 -31.43
N LEU B 165 -71.29 72.26 -30.44
CA LEU B 165 -71.11 70.82 -30.55
C LEU B 165 -72.42 70.07 -30.74
N MET B 166 -73.44 70.44 -29.98
CA MET B 166 -74.73 69.76 -30.07
C MET B 166 -75.24 69.87 -31.49
N GLU B 167 -75.18 71.06 -32.05
CA GLU B 167 -75.63 71.28 -33.42
C GLU B 167 -74.89 70.32 -34.36
N GLU B 168 -73.62 70.06 -34.05
CA GLU B 168 -72.82 69.16 -34.86
C GLU B 168 -73.34 67.73 -34.74
N LEU B 169 -73.81 67.37 -33.56
CA LEU B 169 -74.34 66.02 -33.34
C LEU B 169 -75.61 65.87 -34.16
N ARG B 170 -76.52 66.83 -34.04
CA ARG B 170 -77.77 66.81 -34.79
C ARG B 170 -77.41 66.54 -36.23
N PHE B 171 -76.55 67.41 -36.76
CA PHE B 171 -76.08 67.29 -38.13
C PHE B 171 -75.56 65.89 -38.44
N VAL B 172 -74.58 65.44 -37.68
CA VAL B 172 -73.99 64.13 -37.90
C VAL B 172 -75.07 63.06 -37.96
N GLN B 173 -76.10 63.19 -37.14
CA GLN B 173 -77.14 62.18 -37.16
C GLN B 173 -78.00 62.27 -38.40
N ARG B 174 -78.37 63.49 -38.79
CA ARG B 174 -79.19 63.69 -39.99
C ARG B 174 -78.37 63.32 -41.21
N GLU B 175 -77.07 63.60 -41.13
CA GLU B 175 -76.15 63.35 -42.22
C GLU B 175 -75.84 61.88 -42.49
N PHE B 176 -75.71 61.10 -41.42
CA PHE B 176 -75.37 59.68 -41.58
C PHE B 176 -76.54 58.76 -41.26
N ASP B 177 -77.70 59.38 -41.00
CA ASP B 177 -78.90 58.63 -40.61
C ASP B 177 -78.46 57.47 -39.69
N VAL B 178 -77.76 57.84 -38.62
CA VAL B 178 -77.35 56.82 -37.67
C VAL B 178 -78.06 57.06 -36.37
N PRO B 179 -78.94 56.14 -35.99
CA PRO B 179 -79.63 56.36 -34.71
C PRO B 179 -78.56 56.56 -33.60
N ILE B 180 -78.91 57.37 -32.61
CA ILE B 180 -77.95 57.64 -31.54
C ILE B 180 -78.57 57.51 -30.14
N LEU B 181 -77.88 56.79 -29.26
CA LEU B 181 -78.34 56.68 -27.90
C LEU B 181 -77.28 57.48 -27.13
N HIS B 182 -77.67 58.66 -26.74
CA HIS B 182 -76.85 59.63 -26.05
C HIS B 182 -77.20 59.64 -24.56
N VAL B 183 -76.19 59.45 -23.71
CA VAL B 183 -76.45 59.41 -22.27
C VAL B 183 -75.84 60.55 -21.48
N THR B 184 -76.68 61.27 -20.72
CA THR B 184 -76.26 62.41 -19.90
C THR B 184 -77.11 62.63 -18.66
N HIS B 185 -76.74 63.65 -17.90
CA HIS B 185 -77.44 64.03 -16.69
C HIS B 185 -77.87 65.49 -16.88
N ASP B 186 -77.60 66.03 -18.07
CA ASP B 186 -77.90 67.42 -18.36
C ASP B 186 -79.13 67.64 -19.24
N LEU B 187 -80.13 68.33 -18.69
CA LEU B 187 -81.35 68.63 -19.40
C LEU B 187 -81.05 69.35 -20.70
N ILE B 188 -80.28 70.43 -20.60
CA ILE B 188 -79.92 71.22 -21.76
C ILE B 188 -79.59 70.37 -22.98
N GLU B 189 -78.97 69.21 -22.75
CA GLU B 189 -78.60 68.34 -23.85
C GLU B 189 -79.81 67.56 -24.34
N ALA B 190 -80.62 67.09 -23.40
CA ALA B 190 -81.80 66.34 -23.75
C ALA B 190 -82.67 67.26 -24.59
N ALA B 191 -82.97 68.42 -24.02
CA ALA B 191 -83.79 69.43 -24.65
C ALA B 191 -83.30 69.86 -26.03
N MET B 192 -81.99 69.91 -26.22
CA MET B 192 -81.42 70.34 -27.49
C MET B 192 -81.26 69.29 -28.58
N LEU B 193 -81.26 68.01 -28.22
CA LEU B 193 -81.02 66.99 -29.23
C LEU B 193 -82.03 65.87 -29.41
N ALA B 194 -82.56 65.39 -28.29
CA ALA B 194 -83.49 64.28 -28.29
C ALA B 194 -84.77 64.38 -29.10
N ASP B 195 -85.13 63.26 -29.71
CA ASP B 195 -86.36 63.16 -30.48
C ASP B 195 -87.25 62.42 -29.49
N GLU B 196 -86.58 61.71 -28.59
CA GLU B 196 -87.23 60.97 -27.52
C GLU B 196 -86.31 61.12 -26.33
N VAL B 197 -86.86 60.98 -25.13
CA VAL B 197 -86.06 61.10 -23.93
C VAL B 197 -86.44 60.05 -22.92
N ALA B 198 -85.44 59.33 -22.44
CA ALA B 198 -85.67 58.32 -21.42
C ALA B 198 -85.18 58.96 -20.13
N VAL B 199 -85.48 58.35 -19.00
CA VAL B 199 -85.04 58.89 -17.73
C VAL B 199 -84.74 57.73 -16.79
N MET B 200 -83.45 57.55 -16.50
CA MET B 200 -83.00 56.47 -15.63
C MET B 200 -82.83 56.95 -14.20
N LEU B 201 -83.20 56.10 -13.25
CA LEU B 201 -83.07 56.41 -11.83
C LEU B 201 -82.89 55.12 -11.08
N ASN B 202 -81.67 54.85 -10.63
CA ASN B 202 -81.36 53.65 -9.89
C ASN B 202 -81.44 52.38 -10.71
N GLY B 203 -80.82 52.40 -11.88
CA GLY B 203 -80.81 51.23 -12.72
C GLY B 203 -82.11 50.98 -13.47
N ARG B 204 -83.18 51.65 -13.07
CA ARG B 204 -84.44 51.45 -13.75
C ARG B 204 -84.75 52.65 -14.64
N ILE B 205 -85.22 52.37 -15.85
CA ILE B 205 -85.59 53.45 -16.78
C ILE B 205 -87.05 53.76 -16.54
N VAL B 206 -87.29 54.65 -15.57
CA VAL B 206 -88.62 55.08 -15.17
C VAL B 206 -89.58 55.40 -16.30
N GLU B 207 -89.24 56.39 -17.12
CA GLU B 207 -90.11 56.77 -18.23
C GLU B 207 -89.44 57.33 -19.45
N LYS B 208 -90.03 57.06 -20.61
CA LYS B 208 -89.51 57.54 -21.86
C LYS B 208 -90.61 58.25 -22.63
N GLY B 209 -90.23 59.13 -23.54
CA GLY B 209 -91.20 59.87 -24.33
C GLY B 209 -90.57 61.16 -24.82
N LYS B 210 -91.31 62.25 -24.73
CA LYS B 210 -90.81 63.55 -25.16
C LYS B 210 -90.80 64.46 -23.96
N LEU B 211 -89.80 65.32 -23.87
CA LEU B 211 -89.71 66.20 -22.73
C LEU B 211 -91.01 66.83 -22.30
N LYS B 212 -91.64 67.60 -23.17
CA LYS B 212 -92.90 68.24 -22.81
C LYS B 212 -93.82 67.26 -22.07
N GLU B 213 -94.04 66.10 -22.67
CA GLU B 213 -94.90 65.09 -22.06
C GLU B 213 -94.39 64.72 -20.68
N LEU B 214 -93.08 64.50 -20.57
CA LEU B 214 -92.47 64.11 -19.31
C LEU B 214 -92.68 65.09 -18.15
N PHE B 215 -92.80 66.38 -18.47
CA PHE B 215 -93.02 67.37 -17.42
C PHE B 215 -94.45 67.26 -16.91
N SER B 216 -95.39 67.74 -17.72
CA SER B 216 -96.81 67.71 -17.37
C SER B 216 -97.20 66.46 -16.59
N ALA B 217 -96.93 65.29 -17.16
CA ALA B 217 -97.25 64.02 -16.51
C ALA B 217 -96.29 63.81 -15.34
N LYS B 218 -96.38 64.70 -14.36
CA LYS B 218 -95.53 64.65 -13.15
C LYS B 218 -95.86 63.48 -12.21
N ASN B 219 -94.90 62.58 -12.05
CA ASN B 219 -95.07 61.40 -11.18
C ASN B 219 -94.19 61.53 -9.90
N GLY B 220 -93.81 62.77 -9.58
CA GLY B 220 -93.01 63.03 -8.39
C GLY B 220 -91.61 62.44 -8.32
N GLU B 221 -91.16 61.75 -9.36
CA GLU B 221 -89.80 61.21 -9.35
C GLU B 221 -89.10 61.81 -10.55
N VAL B 222 -89.66 61.56 -11.73
CA VAL B 222 -89.12 62.11 -12.96
C VAL B 222 -89.47 63.57 -12.93
N ALA B 223 -90.57 63.88 -12.26
CA ALA B 223 -91.05 65.23 -12.12
C ALA B 223 -89.99 66.00 -11.34
N GLU B 224 -89.57 65.43 -10.21
CA GLU B 224 -88.55 66.06 -9.39
C GLU B 224 -87.31 66.32 -10.22
N PHE B 225 -86.78 65.28 -10.88
CA PHE B 225 -85.58 65.41 -11.69
C PHE B 225 -85.68 66.48 -12.78
N LEU B 226 -86.75 66.44 -13.55
CA LEU B 226 -86.95 67.40 -14.63
C LEU B 226 -87.37 68.77 -14.13
N SER B 227 -87.45 68.93 -12.81
CA SER B 227 -87.85 70.21 -12.24
C SER B 227 -86.76 71.26 -12.41
N ALA B 228 -85.59 70.83 -12.89
CA ALA B 228 -84.48 71.75 -13.07
C ALA B 228 -84.80 72.81 -14.11
N ARG B 229 -85.92 72.64 -14.81
CA ARG B 229 -86.32 73.60 -15.82
C ARG B 229 -86.42 74.99 -15.21
N ASN B 230 -86.89 75.06 -13.97
CA ASN B 230 -87.03 76.33 -13.27
C ASN B 230 -85.73 77.11 -13.22
N LEU B 231 -84.65 76.44 -12.82
CA LEU B 231 -83.35 77.07 -12.73
C LEU B 231 -82.93 77.55 -14.11
N LEU B 232 -83.25 76.75 -15.12
CA LEU B 232 -82.90 77.12 -16.49
C LEU B 232 -83.73 78.31 -16.89
N LEU B 233 -84.96 78.35 -16.40
CA LEU B 233 -85.85 79.45 -16.72
C LEU B 233 -85.46 80.71 -15.94
N LYS B 234 -85.16 80.56 -14.65
CA LYS B 234 -84.75 81.70 -13.83
C LYS B 234 -83.49 82.33 -14.39
N VAL B 235 -82.58 81.48 -14.87
CA VAL B 235 -81.33 81.96 -15.44
C VAL B 235 -81.55 82.75 -16.71
N SER B 236 -82.43 82.23 -17.58
CA SER B 236 -82.73 82.91 -18.83
C SER B 236 -83.30 84.27 -18.53
N LYS B 237 -84.04 84.36 -17.42
CA LYS B 237 -84.62 85.63 -17.05
C LYS B 237 -83.52 86.58 -16.65
N ILE B 238 -82.69 86.14 -15.71
CA ILE B 238 -81.61 87.00 -15.23
C ILE B 238 -80.61 87.44 -16.32
N LEU B 239 -80.59 86.76 -17.44
CA LEU B 239 -79.70 87.10 -18.52
C LEU B 239 -80.42 87.52 -19.76
N ASP B 240 -79.87 88.53 -20.42
CA ASP B 240 -80.42 88.98 -21.69
C ASP B 240 -81.92 88.72 -21.83
N MET C 1 90.14 -68.71 13.00
CA MET C 1 88.66 -68.54 13.04
C MET C 1 88.21 -67.39 12.16
N PHE C 2 87.66 -67.75 11.01
CA PHE C 2 87.18 -66.79 10.01
C PHE C 2 86.14 -65.81 10.57
N LEU C 3 85.16 -66.35 11.29
CA LEU C 3 84.11 -65.53 11.88
C LEU C 3 84.03 -65.72 13.37
N LYS C 4 84.19 -64.63 14.12
CA LYS C 4 84.10 -64.68 15.57
C LYS C 4 82.94 -63.79 15.97
N VAL C 5 82.14 -64.26 16.92
CA VAL C 5 80.99 -63.48 17.36
C VAL C 5 80.75 -63.62 18.85
N ARG C 6 81.00 -62.54 19.57
CA ARG C 6 80.80 -62.49 21.00
C ARG C 6 79.93 -61.27 21.17
N ALA C 7 78.67 -61.47 21.53
CA ALA C 7 77.76 -60.34 21.69
C ALA C 7 76.47 -60.69 22.41
N GLU C 8 75.88 -59.68 23.03
CA GLU C 8 74.63 -59.81 23.77
C GLU C 8 73.56 -58.96 23.11
N LYS C 9 72.33 -59.43 23.17
CA LYS C 9 71.22 -58.71 22.57
C LYS C 9 69.97 -59.01 23.37
N ARG C 10 69.24 -57.96 23.71
CA ARG C 10 68.01 -58.09 24.48
C ARG C 10 66.85 -57.76 23.56
N LEU C 11 65.83 -58.61 23.60
CA LEU C 11 64.64 -58.43 22.81
C LEU C 11 63.47 -59.02 23.57
N GLY C 12 62.81 -58.19 24.36
CA GLY C 12 61.69 -58.66 25.16
C GLY C 12 62.22 -59.50 26.31
N ASN C 13 61.61 -60.66 26.53
CA ASN C 13 62.06 -61.54 27.59
C ASN C 13 63.14 -62.45 27.02
N PHE C 14 63.63 -62.09 25.83
CA PHE C 14 64.65 -62.88 25.16
C PHE C 14 66.02 -62.23 25.23
N ARG C 15 67.02 -63.04 25.57
CA ARG C 15 68.39 -62.58 25.67
C ARG C 15 69.29 -63.45 24.83
N LEU C 16 70.06 -62.80 23.95
CA LEU C 16 70.97 -63.48 23.06
C LEU C 16 72.40 -63.12 23.42
N ASN C 17 73.09 -63.99 24.16
CA ASN C 17 74.49 -63.73 24.49
C ASN C 17 75.28 -64.91 23.94
N VAL C 18 76.01 -64.65 22.85
CA VAL C 18 76.79 -65.70 22.21
C VAL C 18 78.29 -65.53 22.19
N ASP C 19 78.97 -66.66 22.11
CA ASP C 19 80.42 -66.74 22.01
C ASP C 19 80.53 -67.81 20.92
N PHE C 20 80.81 -67.37 19.70
CA PHE C 20 80.86 -68.28 18.58
C PHE C 20 82.05 -68.05 17.66
N GLU C 21 82.84 -69.11 17.49
CA GLU C 21 83.98 -69.06 16.59
C GLU C 21 83.50 -69.91 15.43
N MET C 22 83.99 -69.64 14.23
CA MET C 22 83.57 -70.41 13.08
C MET C 22 84.68 -70.56 12.06
N GLY C 23 84.70 -71.73 11.41
CA GLY C 23 85.71 -72.01 10.42
C GLY C 23 85.49 -71.26 9.12
N ARG C 24 86.05 -71.81 8.05
CA ARG C 24 85.96 -71.25 6.70
C ARG C 24 85.29 -72.32 5.85
N ASP C 25 84.58 -73.20 6.56
CA ASP C 25 83.88 -74.33 5.97
C ASP C 25 82.36 -74.27 6.15
N TYR C 26 81.75 -75.45 6.27
CA TYR C 26 80.30 -75.57 6.44
C TYR C 26 79.88 -75.77 7.90
N CYS C 27 79.55 -74.67 8.57
CA CYS C 27 79.10 -74.75 9.95
C CYS C 27 77.61 -74.95 9.90
N VAL C 28 77.04 -75.46 10.98
CA VAL C 28 75.62 -75.70 11.05
C VAL C 28 75.22 -75.66 12.50
N LEU C 29 74.40 -74.68 12.89
CA LEU C 29 73.98 -74.65 14.28
C LEU C 29 72.56 -75.14 14.45
N LEU C 30 72.45 -76.15 15.30
CA LEU C 30 71.21 -76.80 15.64
C LEU C 30 70.58 -76.04 16.78
N GLY C 31 69.25 -76.04 16.80
CA GLY C 31 68.54 -75.36 17.87
C GLY C 31 67.05 -75.48 17.66
N PRO C 32 66.28 -75.69 18.73
CA PRO C 32 64.83 -75.80 18.58
C PRO C 32 64.30 -74.50 18.00
N THR C 33 63.01 -74.49 17.69
CA THR C 33 62.41 -73.27 17.18
C THR C 33 62.37 -72.31 18.34
N GLY C 34 62.81 -71.09 18.11
CA GLY C 34 62.80 -70.09 19.16
C GLY C 34 64.04 -70.11 20.01
N ALA C 35 65.15 -70.52 19.43
CA ALA C 35 66.39 -70.58 20.18
C ALA C 35 67.19 -69.31 19.95
N GLY C 36 66.80 -68.55 18.94
CA GLY C 36 67.51 -67.30 18.66
C GLY C 36 68.36 -67.37 17.40
N LYS C 37 68.23 -68.48 16.68
CA LYS C 37 68.97 -68.70 15.45
C LYS C 37 68.82 -67.59 14.41
N SER C 38 67.58 -67.19 14.15
CA SER C 38 67.34 -66.17 13.15
C SER C 38 67.89 -64.80 13.51
N VAL C 39 67.81 -64.40 14.77
CA VAL C 39 68.35 -63.09 15.15
C VAL C 39 69.85 -63.20 15.09
N PHE C 40 70.38 -64.34 15.53
CA PHE C 40 71.82 -64.58 15.52
C PHE C 40 72.33 -64.23 14.12
N LEU C 41 71.67 -64.78 13.10
CA LEU C 41 72.06 -64.52 11.72
C LEU C 41 71.89 -63.07 11.30
N GLU C 42 70.83 -62.42 11.79
CA GLU C 42 70.58 -61.02 11.45
C GLU C 42 71.68 -60.18 12.10
N LEU C 43 72.25 -60.72 13.17
CA LEU C 43 73.33 -60.06 13.90
C LEU C 43 74.55 -60.09 13.00
N ILE C 44 74.95 -61.30 12.60
CA ILE C 44 76.10 -61.45 11.71
C ILE C 44 75.81 -60.58 10.51
N ALA C 45 74.63 -60.76 9.94
CA ALA C 45 74.19 -60.03 8.76
C ALA C 45 74.35 -58.52 8.89
N GLY C 46 74.16 -58.00 10.10
CA GLY C 46 74.28 -56.57 10.30
C GLY C 46 72.94 -55.90 10.08
N ILE C 47 71.91 -56.65 10.42
CA ILE C 47 70.54 -56.20 10.27
C ILE C 47 70.01 -56.03 11.65
N VAL C 48 70.92 -56.07 12.61
CA VAL C 48 70.59 -55.89 14.01
C VAL C 48 71.89 -55.58 14.70
N LYS C 49 71.99 -54.41 15.31
CA LYS C 49 73.21 -54.07 16.03
C LYS C 49 73.06 -54.70 17.40
N PRO C 50 74.15 -55.21 17.96
CA PRO C 50 74.05 -55.84 19.28
C PRO C 50 74.07 -54.79 20.37
N ASP C 51 73.52 -55.12 21.53
CA ASP C 51 73.55 -54.18 22.63
C ASP C 51 75.01 -54.05 23.03
N ARG C 52 75.65 -55.19 23.26
CA ARG C 52 77.05 -55.21 23.64
C ARG C 52 77.81 -56.26 22.84
N GLY C 53 79.12 -56.05 22.68
CA GLY C 53 79.94 -57.00 21.95
C GLY C 53 80.21 -56.63 20.51
N GLU C 54 80.88 -57.52 19.79
CA GLU C 54 81.18 -57.25 18.38
C GLU C 54 81.18 -58.50 17.51
N VAL C 55 81.22 -58.26 16.21
CA VAL C 55 81.20 -59.30 15.20
C VAL C 55 82.42 -59.16 14.31
N ARG C 56 83.41 -60.04 14.53
CA ARG C 56 84.63 -60.02 13.74
C ARG C 56 84.56 -60.99 12.56
N LEU C 57 84.93 -60.49 11.40
CA LEU C 57 84.95 -61.29 10.20
C LEU C 57 86.29 -61.08 9.54
N ASN C 58 87.11 -62.13 9.58
CA ASN C 58 88.45 -62.12 9.01
C ASN C 58 89.40 -61.36 9.93
N GLY C 59 89.12 -61.42 11.22
CA GLY C 59 89.95 -60.73 12.19
C GLY C 59 89.56 -59.26 12.33
N ALA C 60 88.91 -58.75 11.28
CA ALA C 60 88.49 -57.36 11.25
C ALA C 60 87.13 -57.15 11.93
N ASP C 61 87.03 -56.11 12.75
CA ASP C 61 85.77 -55.79 13.42
C ASP C 61 84.76 -55.30 12.39
N ILE C 62 83.61 -55.96 12.32
CA ILE C 62 82.59 -55.61 11.35
C ILE C 62 81.38 -54.89 11.94
N THR C 63 81.17 -55.04 13.24
CA THR C 63 80.03 -54.43 13.91
C THR C 63 79.60 -53.04 13.42
N PRO C 64 80.51 -52.05 13.40
CA PRO C 64 80.11 -50.73 12.94
C PRO C 64 79.64 -50.69 11.48
N LEU C 65 79.97 -51.72 10.72
CA LEU C 65 79.57 -51.76 9.33
C LEU C 65 78.09 -52.09 9.10
N PRO C 66 77.55 -51.66 7.96
CA PRO C 66 76.16 -51.86 7.53
C PRO C 66 76.04 -53.16 6.78
N PRO C 67 74.85 -53.76 6.78
CA PRO C 67 74.65 -55.03 6.07
C PRO C 67 75.08 -54.90 4.63
N GLU C 68 75.03 -53.67 4.14
CA GLU C 68 75.40 -53.38 2.76
C GLU C 68 76.91 -53.37 2.50
N ARG C 69 77.69 -52.93 3.49
CA ARG C 69 79.13 -52.89 3.30
C ARG C 69 79.82 -54.16 3.78
N ARG C 70 79.06 -55.08 4.38
CA ARG C 70 79.60 -56.35 4.81
C ARG C 70 79.48 -57.17 3.53
N GLY C 71 80.29 -58.20 3.38
CA GLY C 71 80.21 -58.97 2.14
C GLY C 71 79.22 -60.13 2.15
N ILE C 72 78.74 -60.47 3.35
CA ILE C 72 77.82 -61.58 3.56
C ILE C 72 76.63 -61.77 2.64
N GLY C 73 76.35 -63.02 2.32
CA GLY C 73 75.22 -63.36 1.47
C GLY C 73 74.18 -63.89 2.44
N PHE C 74 73.06 -63.19 2.49
CA PHE C 74 71.98 -63.56 3.39
C PHE C 74 70.79 -64.22 2.69
N VAL C 75 70.24 -65.22 3.37
CA VAL C 75 69.04 -65.89 2.88
C VAL C 75 68.15 -66.31 4.07
N PRO C 76 66.98 -65.65 4.18
CA PRO C 76 65.94 -65.83 5.22
C PRO C 76 64.88 -66.92 4.85
N GLN C 77 64.48 -67.64 5.91
CA GLN C 77 63.50 -68.75 5.92
C GLN C 77 62.49 -68.55 4.85
N ASP C 78 62.35 -69.52 3.93
CA ASP C 78 61.39 -69.29 2.87
C ASP C 78 61.90 -68.04 2.23
N TYR C 79 62.91 -68.21 1.38
CA TYR C 79 63.62 -67.12 0.71
C TYR C 79 62.89 -65.85 0.32
N ALA C 80 63.65 -64.76 0.44
CA ALA C 80 63.12 -63.45 0.16
C ALA C 80 63.29 -63.07 -1.30
N LEU C 81 62.68 -63.84 -2.19
CA LEU C 81 62.80 -63.51 -3.59
C LEU C 81 61.93 -62.32 -3.89
N PHE C 82 62.51 -61.30 -4.53
CA PHE C 82 61.76 -60.10 -4.91
C PHE C 82 60.67 -60.53 -5.88
N PRO C 83 59.41 -60.61 -5.42
CA PRO C 83 58.23 -61.02 -6.21
C PRO C 83 57.90 -60.15 -7.41
N HIS C 84 58.37 -58.91 -7.38
CA HIS C 84 58.11 -57.97 -8.46
C HIS C 84 59.25 -57.99 -9.46
N LEU C 85 60.14 -58.97 -9.34
CA LEU C 85 61.28 -59.05 -10.25
C LEU C 85 61.51 -60.41 -10.86
N SER C 86 61.91 -60.40 -12.12
CA SER C 86 62.18 -61.64 -12.85
C SER C 86 63.43 -62.29 -12.27
N VAL C 87 63.52 -63.61 -12.45
CA VAL C 87 64.67 -64.35 -11.96
C VAL C 87 65.92 -63.56 -12.28
N TYR C 88 66.06 -63.16 -13.54
CA TYR C 88 67.22 -62.38 -13.96
C TYR C 88 67.44 -61.16 -13.07
N ARG C 89 66.46 -60.24 -13.05
CA ARG C 89 66.57 -59.01 -12.26
C ARG C 89 66.79 -59.28 -10.80
N ASN C 90 66.31 -60.44 -10.35
CA ASN C 90 66.49 -60.83 -8.97
C ASN C 90 67.98 -61.08 -8.77
N ILE C 91 68.55 -61.95 -9.59
CA ILE C 91 69.96 -62.29 -9.51
C ILE C 91 70.81 -61.03 -9.69
N ALA C 92 70.41 -60.20 -10.64
CA ALA C 92 71.13 -58.97 -10.95
C ALA C 92 71.18 -57.98 -9.78
N TYR C 93 70.11 -57.96 -8.98
CA TYR C 93 70.07 -57.06 -7.84
C TYR C 93 71.29 -57.42 -6.99
N GLY C 94 72.06 -56.41 -6.59
CA GLY C 94 73.24 -56.70 -5.80
C GLY C 94 74.48 -56.45 -6.62
N LEU C 95 74.28 -56.00 -7.85
CA LEU C 95 75.35 -55.68 -8.78
C LEU C 95 75.21 -54.25 -9.30
N ARG C 96 74.52 -53.38 -8.57
CA ARG C 96 74.36 -51.99 -9.01
C ARG C 96 75.71 -51.29 -8.97
N ASN C 97 76.68 -51.94 -8.31
CA ASN C 97 78.03 -51.40 -8.20
C ASN C 97 78.76 -51.68 -9.50
N VAL C 98 78.09 -52.35 -10.42
CA VAL C 98 78.67 -52.74 -11.71
C VAL C 98 78.27 -51.85 -12.89
N GLU C 99 78.38 -52.40 -14.10
CA GLU C 99 78.06 -51.72 -15.35
C GLU C 99 77.38 -52.74 -16.26
N ARG C 100 76.43 -52.29 -17.07
CA ARG C 100 75.69 -53.19 -17.97
C ARG C 100 76.46 -54.43 -18.41
N VAL C 101 77.27 -54.27 -19.44
CA VAL C 101 78.07 -55.36 -19.97
C VAL C 101 78.45 -56.40 -18.92
N GLU C 102 79.07 -55.93 -17.84
CA GLU C 102 79.52 -56.77 -16.74
C GLU C 102 78.38 -57.60 -16.12
N ARG C 103 77.34 -56.91 -15.65
CA ARG C 103 76.16 -57.53 -15.00
C ARG C 103 75.49 -58.62 -15.80
N ASP C 104 75.15 -58.30 -17.05
CA ASP C 104 74.47 -59.25 -17.91
C ASP C 104 75.27 -60.53 -17.97
N ARG C 105 76.58 -60.37 -18.06
CA ARG C 105 77.50 -61.49 -18.12
C ARG C 105 77.52 -62.26 -16.79
N ARG C 106 78.05 -61.60 -15.76
CA ARG C 106 78.13 -62.16 -14.40
C ARG C 106 76.92 -62.96 -13.97
N VAL C 107 75.75 -62.50 -14.39
CA VAL C 107 74.49 -63.13 -14.06
C VAL C 107 74.25 -64.44 -14.79
N ARG C 108 74.37 -64.41 -16.12
CA ARG C 108 74.14 -65.60 -16.92
C ARG C 108 75.15 -66.70 -16.62
N GLU C 109 76.32 -66.31 -16.13
CA GLU C 109 77.34 -67.29 -15.79
C GLU C 109 76.82 -68.12 -14.61
N MET C 110 76.27 -67.43 -13.59
CA MET C 110 75.72 -68.07 -12.40
C MET C 110 74.39 -68.76 -12.66
N ALA C 111 73.62 -68.20 -13.60
CA ALA C 111 72.34 -68.77 -13.96
C ALA C 111 72.57 -70.14 -14.57
N GLU C 112 73.71 -70.28 -15.22
CA GLU C 112 74.07 -71.55 -15.85
C GLU C 112 74.71 -72.46 -14.81
N LYS C 113 75.57 -71.91 -13.97
CA LYS C 113 76.22 -72.68 -12.93
C LYS C 113 75.22 -73.29 -11.98
N LEU C 114 73.95 -72.92 -12.12
CA LEU C 114 72.90 -73.46 -11.24
C LEU C 114 71.71 -74.04 -11.98
N GLY C 115 71.85 -74.15 -13.31
CA GLY C 115 70.80 -74.71 -14.14
C GLY C 115 69.46 -74.02 -14.04
N ILE C 116 69.45 -72.71 -14.25
CA ILE C 116 68.22 -71.93 -14.19
C ILE C 116 68.23 -70.89 -15.30
N ALA C 117 69.33 -70.84 -16.05
CA ALA C 117 69.50 -69.89 -17.14
C ALA C 117 68.32 -69.84 -18.12
N HIS C 118 67.38 -70.76 -17.98
CA HIS C 118 66.21 -70.82 -18.84
C HIS C 118 65.02 -70.13 -18.19
N LEU C 119 65.09 -69.97 -16.87
CA LEU C 119 64.03 -69.34 -16.11
C LEU C 119 64.28 -67.85 -15.98
N LEU C 120 65.40 -67.40 -16.55
CA LEU C 120 65.80 -66.01 -16.50
C LEU C 120 64.67 -64.99 -16.66
N ASP C 121 63.61 -65.35 -17.37
CA ASP C 121 62.51 -64.42 -17.59
C ASP C 121 61.30 -64.57 -16.68
N ARG C 122 61.12 -65.75 -16.09
CA ARG C 122 59.97 -65.95 -15.21
C ARG C 122 60.12 -65.15 -13.92
N LYS C 123 59.05 -65.09 -13.15
CA LYS C 123 59.04 -64.38 -11.88
C LYS C 123 58.73 -65.40 -10.78
N PRO C 124 59.30 -65.18 -9.58
CA PRO C 124 59.10 -66.08 -8.43
C PRO C 124 57.93 -67.07 -8.38
N ALA C 125 56.71 -66.62 -8.64
CA ALA C 125 55.55 -67.53 -8.57
C ALA C 125 55.64 -68.74 -9.51
N ARG C 126 56.05 -68.50 -10.75
CA ARG C 126 56.17 -69.56 -11.74
C ARG C 126 57.20 -70.60 -11.34
N LEU C 127 57.97 -70.30 -10.29
CA LEU C 127 59.03 -71.18 -9.83
C LEU C 127 58.57 -72.25 -8.86
N SER C 128 59.21 -73.42 -8.98
CA SER C 128 58.94 -74.56 -8.13
C SER C 128 59.76 -74.34 -6.88
N GLY C 129 59.42 -75.05 -5.81
CA GLY C 129 60.17 -74.90 -4.59
C GLY C 129 61.64 -74.90 -4.94
N GLY C 130 62.07 -75.95 -5.63
CA GLY C 130 63.47 -76.08 -6.04
C GLY C 130 64.02 -74.93 -6.86
N GLU C 131 63.20 -74.43 -7.80
CA GLU C 131 63.62 -73.33 -8.65
C GLU C 131 63.93 -72.08 -7.82
N ARG C 132 63.13 -71.86 -6.79
CA ARG C 132 63.32 -70.72 -5.89
C ARG C 132 64.69 -70.85 -5.25
N GLN C 133 64.87 -71.97 -4.56
CA GLN C 133 66.10 -72.30 -3.87
C GLN C 133 67.30 -71.94 -4.73
N ARG C 134 67.24 -72.29 -6.01
CA ARG C 134 68.33 -72.01 -6.92
C ARG C 134 68.49 -70.53 -7.16
N VAL C 135 67.42 -69.87 -7.57
CA VAL C 135 67.44 -68.44 -7.83
C VAL C 135 68.00 -67.76 -6.58
N ALA C 136 67.48 -68.19 -5.44
CA ALA C 136 67.89 -67.66 -4.15
C ALA C 136 69.40 -67.70 -4.06
N LEU C 137 69.95 -68.92 -4.16
CA LEU C 137 71.39 -69.16 -4.12
C LEU C 137 72.09 -68.34 -5.18
N ALA C 138 71.60 -68.43 -6.41
CA ALA C 138 72.17 -67.69 -7.51
C ALA C 138 72.44 -66.25 -7.08
N ARG C 139 71.37 -65.55 -6.71
CA ARG C 139 71.46 -64.16 -6.31
C ARG C 139 72.39 -63.94 -5.12
N ALA C 140 72.47 -64.91 -4.24
CA ALA C 140 73.33 -64.78 -3.06
C ALA C 140 74.82 -64.93 -3.37
N LEU C 141 75.13 -65.71 -4.39
CA LEU C 141 76.50 -66.00 -4.78
C LEU C 141 77.19 -65.04 -5.73
N VAL C 142 76.46 -64.53 -6.72
CA VAL C 142 77.04 -63.61 -7.71
C VAL C 142 77.76 -62.43 -7.07
N ILE C 143 77.52 -62.21 -5.78
CA ILE C 143 78.15 -61.13 -5.06
C ILE C 143 79.52 -61.54 -4.54
N GLN C 144 79.88 -62.81 -4.75
CA GLN C 144 81.16 -63.32 -4.27
C GLN C 144 81.17 -63.01 -2.78
N PRO C 145 80.22 -63.58 -2.05
CA PRO C 145 80.03 -63.43 -0.60
C PRO C 145 81.20 -63.87 0.29
N ARG C 146 81.53 -63.04 1.27
CA ARG C 146 82.59 -63.37 2.20
C ARG C 146 82.16 -64.59 3.02
N LEU C 147 80.86 -64.65 3.28
CA LEU C 147 80.24 -65.69 4.07
C LEU C 147 78.91 -66.01 3.40
N LEU C 148 78.18 -66.96 3.96
CA LEU C 148 76.87 -67.32 3.39
C LEU C 148 75.98 -67.80 4.51
N LEU C 149 74.99 -66.97 4.85
CA LEU C 149 74.04 -67.29 5.92
C LEU C 149 72.77 -67.90 5.31
N LEU C 150 72.24 -68.92 5.99
CA LEU C 150 71.01 -69.58 5.55
C LEU C 150 70.22 -70.03 6.77
N ASP C 151 68.89 -70.06 6.69
CA ASP C 151 68.19 -70.63 7.85
C ASP C 151 66.93 -71.34 7.39
N GLU C 152 66.79 -72.56 7.87
CA GLU C 152 65.68 -73.40 7.52
C GLU C 152 65.59 -73.35 5.98
N PRO C 153 66.75 -73.28 5.27
CA PRO C 153 66.61 -73.23 3.82
C PRO C 153 66.05 -74.55 3.27
N LEU C 154 65.93 -75.53 4.17
CA LEU C 154 65.43 -76.86 3.81
C LEU C 154 64.15 -77.25 4.50
N SER C 155 63.55 -76.34 5.27
CA SER C 155 62.30 -76.65 5.97
C SER C 155 61.19 -76.72 4.94
N ALA C 156 60.08 -77.36 5.29
CA ALA C 156 58.97 -77.47 4.35
C ALA C 156 59.43 -78.16 3.08
N VAL C 157 60.12 -79.28 3.25
CA VAL C 157 60.61 -80.06 2.12
C VAL C 157 60.64 -81.54 2.47
N ASP C 158 60.03 -82.35 1.62
CA ASP C 158 59.97 -83.78 1.81
C ASP C 158 61.36 -84.42 1.94
N LEU C 159 61.49 -85.36 2.89
CA LEU C 159 62.76 -86.05 3.13
C LEU C 159 63.43 -86.39 1.82
N LYS C 160 62.72 -87.11 0.95
CA LYS C 160 63.25 -87.50 -0.35
C LYS C 160 63.99 -86.35 -1.00
N THR C 161 63.31 -85.24 -1.18
CA THR C 161 63.90 -84.07 -1.82
C THR C 161 65.08 -83.50 -1.02
N LYS C 162 64.91 -83.43 0.29
CA LYS C 162 65.95 -82.91 1.17
C LYS C 162 67.32 -83.45 0.79
N GLY C 163 67.48 -84.77 0.91
CA GLY C 163 68.73 -85.40 0.58
C GLY C 163 69.38 -84.87 -0.67
N VAL C 164 68.66 -84.93 -1.78
CA VAL C 164 69.22 -84.46 -3.03
C VAL C 164 69.70 -83.02 -2.86
N LEU C 165 68.87 -82.20 -2.22
CA LEU C 165 69.22 -80.81 -2.00
C LEU C 165 70.48 -80.62 -1.16
N MET C 166 70.58 -81.39 -0.08
CA MET C 166 71.74 -81.29 0.80
C MET C 166 73.00 -81.53 -0.01
N GLU C 167 72.98 -82.59 -0.82
CA GLU C 167 74.13 -82.92 -1.63
C GLU C 167 74.50 -81.71 -2.51
N GLU C 168 73.48 -80.98 -2.95
CA GLU C 168 73.69 -79.81 -3.78
C GLU C 168 74.37 -78.69 -2.97
N LEU C 169 74.03 -78.61 -1.69
CA LEU C 169 74.66 -77.60 -0.83
C LEU C 169 76.13 -77.93 -0.67
N ARG C 170 76.41 -79.18 -0.33
CA ARG C 170 77.78 -79.64 -0.14
C ARG C 170 78.53 -79.18 -1.36
N PHE C 171 78.04 -79.62 -2.51
CA PHE C 171 78.64 -79.27 -3.79
C PHE C 171 78.87 -77.77 -3.93
N VAL C 172 77.81 -76.99 -3.81
CA VAL C 172 77.91 -75.55 -3.94
C VAL C 172 79.01 -75.00 -3.04
N GLN C 173 79.15 -75.56 -1.85
CA GLN C 173 80.18 -75.04 -0.97
C GLN C 173 81.58 -75.42 -1.44
N ARG C 174 81.75 -76.67 -1.86
CA ARG C 174 83.04 -77.15 -2.33
C ARG C 174 83.37 -76.44 -3.65
N GLU C 175 82.33 -76.17 -4.43
CA GLU C 175 82.46 -75.53 -5.73
C GLU C 175 82.83 -74.05 -5.68
N PHE C 176 82.27 -73.31 -4.73
CA PHE C 176 82.53 -71.88 -4.64
C PHE C 176 83.40 -71.52 -3.44
N ASP C 177 83.85 -72.55 -2.74
CA ASP C 177 84.66 -72.35 -1.54
C ASP C 177 84.08 -71.17 -0.79
N VAL C 178 82.78 -71.26 -0.48
CA VAL C 178 82.16 -70.21 0.30
C VAL C 178 81.74 -70.75 1.62
N PRO C 179 82.37 -70.26 2.69
CA PRO C 179 81.95 -70.78 4.00
C PRO C 179 80.41 -70.60 4.15
N ILE C 180 79.78 -71.50 4.88
CA ILE C 180 78.36 -71.41 5.05
C ILE C 180 77.92 -71.60 6.50
N LEU C 181 77.05 -70.70 6.97
CA LEU C 181 76.51 -70.83 8.30
C LEU C 181 75.05 -71.15 8.04
N HIS C 182 74.73 -72.41 8.23
CA HIS C 182 73.42 -73.00 7.98
C HIS C 182 72.70 -73.20 9.31
N VAL C 183 71.48 -72.66 9.41
CA VAL C 183 70.74 -72.78 10.66
C VAL C 183 69.48 -73.62 10.58
N THR C 184 69.38 -74.63 11.45
CA THR C 184 68.21 -75.55 11.48
C THR C 184 67.94 -76.14 12.85
N HIS C 185 66.89 -76.95 12.91
CA HIS C 185 66.49 -77.62 14.13
C HIS C 185 66.50 -79.11 13.82
N ASP C 186 66.94 -79.45 12.61
CA ASP C 186 66.96 -80.84 12.18
C ASP C 186 68.35 -81.49 12.17
N LEU C 187 68.49 -82.54 12.99
CA LEU C 187 69.74 -83.28 13.09
C LEU C 187 70.18 -83.77 11.71
N ILE C 188 69.27 -84.47 11.03
CA ILE C 188 69.55 -85.00 9.71
C ILE C 188 70.35 -84.05 8.85
N GLU C 189 70.09 -82.75 8.97
CA GLU C 189 70.80 -81.76 8.18
C GLU C 189 72.18 -81.50 8.74
N ALA C 190 72.26 -81.44 10.06
CA ALA C 190 73.53 -81.21 10.71
C ALA C 190 74.43 -82.37 10.32
N ALA C 191 73.94 -83.57 10.60
CA ALA C 191 74.66 -84.80 10.32
C ALA C 191 75.09 -84.96 8.86
N MET C 192 74.28 -84.47 7.94
CA MET C 192 74.60 -84.59 6.52
C MET C 192 75.50 -83.52 5.91
N LEU C 193 75.61 -82.36 6.53
CA LEU C 193 76.39 -81.29 5.91
C LEU C 193 77.53 -80.67 6.70
N ALA C 194 77.30 -80.49 8.00
CA ALA C 194 78.26 -79.82 8.86
C ALA C 194 79.66 -80.39 8.97
N ASP C 195 80.63 -79.49 9.04
CA ASP C 195 82.03 -79.86 9.23
C ASP C 195 82.21 -79.57 10.71
N GLU C 196 81.35 -78.68 11.20
CA GLU C 196 81.32 -78.31 12.60
C GLU C 196 79.85 -78.11 12.92
N VAL C 197 79.49 -78.27 14.19
CA VAL C 197 78.11 -78.10 14.59
C VAL C 197 78.00 -77.32 15.88
N ALA C 198 77.18 -76.28 15.86
CA ALA C 198 76.97 -75.49 17.05
C ALA C 198 75.60 -75.92 17.55
N VAL C 199 75.25 -75.53 18.76
CA VAL C 199 73.96 -75.89 19.31
C VAL C 199 73.45 -74.74 20.16
N MET C 200 72.41 -74.07 19.68
CA MET C 200 71.82 -72.94 20.39
C MET C 200 70.62 -73.35 21.22
N LEU C 201 70.51 -72.77 22.40
CA LEU C 201 69.41 -73.05 23.31
C LEU C 201 69.14 -71.82 24.14
N ASN C 202 68.06 -71.11 23.82
CA ASN C 202 67.69 -69.90 24.56
C ASN C 202 68.64 -68.75 24.34
N GLY C 203 68.96 -68.47 23.09
CA GLY C 203 69.84 -67.36 22.79
C GLY C 203 71.31 -67.62 23.06
N ARG C 204 71.61 -68.67 23.81
CA ARG C 204 73.01 -68.97 24.08
C ARG C 204 73.46 -70.16 23.25
N ILE C 205 74.67 -70.06 22.69
CA ILE C 205 75.23 -71.14 21.90
C ILE C 205 76.01 -72.04 22.85
N VAL C 206 75.30 -72.98 23.46
CA VAL C 206 75.85 -73.91 24.43
C VAL C 206 77.18 -74.56 24.05
N GLU C 207 77.21 -75.29 22.94
CA GLU C 207 78.43 -75.94 22.52
C GLU C 207 78.60 -76.15 21.03
N LYS C 208 79.84 -76.10 20.59
CA LYS C 208 80.16 -76.28 19.19
C LYS C 208 81.25 -77.34 19.07
N GLY C 209 81.33 -77.97 17.91
CA GLY C 209 82.32 -79.00 17.67
C GLY C 209 81.85 -79.91 16.55
N LYS C 210 82.00 -81.21 16.75
CA LYS C 210 81.57 -82.19 15.76
C LYS C 210 80.53 -83.06 16.40
N LEU C 211 79.52 -83.45 15.63
CA LEU C 211 78.45 -84.26 16.19
C LEU C 211 78.91 -85.37 17.11
N LYS C 212 79.72 -86.30 16.59
CA LYS C 212 80.18 -87.40 17.42
C LYS C 212 80.62 -86.89 18.80
N GLU C 213 81.50 -85.90 18.81
CA GLU C 213 81.98 -85.34 20.06
C GLU C 213 80.82 -84.84 20.92
N LEU C 214 79.89 -84.13 20.29
CA LEU C 214 78.74 -83.57 20.99
C LEU C 214 77.87 -84.60 21.71
N PHE C 215 77.79 -85.81 21.18
CA PHE C 215 76.98 -86.84 21.81
C PHE C 215 77.69 -87.33 23.07
N SER C 216 78.75 -88.12 22.88
CA SER C 216 79.53 -88.67 23.99
C SER C 216 79.64 -87.71 25.17
N ALA C 217 80.15 -86.50 24.91
CA ALA C 217 80.30 -85.49 25.95
C ALA C 217 78.92 -84.95 26.33
N LYS C 218 78.08 -85.86 26.86
CA LYS C 218 76.72 -85.52 27.29
C LYS C 218 76.66 -84.61 28.54
N ASN C 219 76.14 -83.40 28.36
CA ASN C 219 76.01 -82.43 29.45
C ASN C 219 74.54 -82.24 29.85
N GLY C 220 73.70 -83.24 29.52
CA GLY C 220 72.28 -83.19 29.87
C GLY C 220 71.42 -82.10 29.26
N GLU C 221 71.99 -81.25 28.42
CA GLU C 221 71.18 -80.22 27.78
C GLU C 221 71.29 -80.44 26.29
N VAL C 222 72.53 -80.39 25.80
CA VAL C 222 72.81 -80.63 24.39
C VAL C 222 72.62 -82.13 24.20
N ALA C 223 72.86 -82.86 25.27
CA ALA C 223 72.73 -84.31 25.27
C ALA C 223 71.26 -84.60 25.02
N GLU C 224 70.39 -83.94 25.78
CA GLU C 224 68.96 -84.15 25.63
C GLU C 224 68.55 -83.86 24.19
N PHE C 225 68.91 -82.69 23.69
CA PHE C 225 68.56 -82.30 22.32
C PHE C 225 69.04 -83.28 21.26
N LEU C 226 70.32 -83.64 21.31
CA LEU C 226 70.89 -84.56 20.33
C LEU C 226 70.47 -86.01 20.57
N SER C 227 69.62 -86.23 21.57
CA SER C 227 69.16 -87.59 21.87
C SER C 227 68.21 -88.11 20.79
N ALA C 228 67.81 -87.23 19.89
CA ALA C 228 66.91 -87.63 18.83
C ALA C 228 67.52 -88.69 17.92
N ARG C 229 68.82 -88.95 18.10
CA ARG C 229 69.49 -89.95 17.29
C ARG C 229 68.78 -91.29 17.42
N ASN C 230 68.26 -91.57 18.61
CA ASN C 230 67.56 -92.83 18.86
C ASN C 230 66.40 -93.02 17.90
N LEU C 231 65.56 -92.00 17.77
CA LEU C 231 64.41 -92.06 16.88
C LEU C 231 64.89 -92.27 15.45
N LEU C 232 66.00 -91.62 15.10
CA LEU C 232 66.54 -91.78 13.77
C LEU C 232 67.05 -93.20 13.60
N LEU C 233 67.59 -93.74 14.69
CA LEU C 233 68.11 -95.09 14.66
C LEU C 233 66.97 -96.12 14.66
N LYS C 234 65.97 -95.91 15.50
CA LYS C 234 64.82 -96.83 15.55
C LYS C 234 64.14 -96.88 14.21
N VAL C 235 64.04 -95.72 13.55
CA VAL C 235 63.40 -95.63 12.24
C VAL C 235 64.18 -96.40 11.18
N SER C 236 65.50 -96.26 11.20
CA SER C 236 66.34 -96.94 10.24
C SER C 236 66.17 -98.43 10.41
N LYS C 237 65.94 -98.85 11.65
CA LYS C 237 65.76 -100.26 11.92
C LYS C 237 64.45 -100.71 11.30
N ILE C 238 63.36 -100.02 11.65
CA ILE C 238 62.06 -100.39 11.13
C ILE C 238 61.93 -100.35 9.60
N LEU C 239 62.85 -99.68 8.92
CA LEU C 239 62.84 -99.60 7.48
C LEU C 239 64.03 -100.23 6.85
N ASP C 240 63.81 -100.90 5.74
CA ASP C 240 64.90 -101.49 4.98
C ASP C 240 66.10 -101.83 5.84
N MET D 1 36.52 -103.38 4.94
CA MET D 1 37.02 -101.99 4.75
C MET D 1 36.08 -100.97 5.36
N PHE D 2 36.47 -100.45 6.52
CA PHE D 2 35.71 -99.45 7.26
C PHE D 2 35.38 -98.20 6.44
N LEU D 3 36.38 -97.66 5.77
CA LEU D 3 36.20 -96.47 4.95
C LEU D 3 36.62 -96.71 3.52
N LYS D 4 35.69 -96.51 2.60
CA LYS D 4 35.99 -96.67 1.18
C LYS D 4 35.76 -95.33 0.52
N VAL D 5 36.66 -94.94 -0.37
CA VAL D 5 36.54 -93.66 -1.04
C VAL D 5 36.98 -93.75 -2.49
N ARG D 6 36.01 -93.61 -3.39
CA ARG D 6 36.26 -93.63 -4.81
C ARG D 6 35.59 -92.36 -5.28
N ALA D 7 36.38 -91.37 -5.69
CA ALA D 7 35.80 -90.12 -6.14
C ALA D 7 36.78 -89.23 -6.89
N GLU D 8 36.22 -88.37 -7.73
CA GLU D 8 36.99 -87.43 -8.52
C GLU D 8 36.62 -85.99 -8.11
N LYS D 9 37.59 -85.10 -8.18
CA LYS D 9 37.36 -83.72 -7.82
C LYS D 9 38.29 -82.85 -8.65
N ARG D 10 37.74 -81.81 -9.24
CA ARG D 10 38.50 -80.89 -10.05
C ARG D 10 38.60 -79.57 -9.32
N LEU D 11 39.80 -79.01 -9.27
CA LEU D 11 40.05 -77.75 -8.61
C LEU D 11 41.21 -77.07 -9.33
N GLY D 12 40.87 -76.25 -10.32
CA GLY D 12 41.89 -75.56 -11.09
C GLY D 12 42.55 -76.57 -12.02
N ASN D 13 43.88 -76.55 -12.06
CA ASN D 13 44.62 -77.48 -12.89
C ASN D 13 44.86 -78.74 -12.07
N PHE D 14 44.17 -78.85 -10.94
CA PHE D 14 44.31 -79.99 -10.06
C PHE D 14 43.15 -80.96 -10.14
N ARG D 15 43.48 -82.24 -10.24
CA ARG D 15 42.48 -83.29 -10.32
C ARG D 15 42.73 -84.34 -9.26
N LEU D 16 41.69 -84.61 -8.47
CA LEU D 16 41.77 -85.58 -7.38
C LEU D 16 40.87 -86.76 -7.70
N ASN D 17 41.43 -87.85 -8.20
CA ASN D 17 40.64 -89.05 -8.47
C ASN D 17 41.24 -90.17 -7.64
N VAL D 18 40.54 -90.55 -6.57
CA VAL D 18 41.05 -91.57 -5.69
C VAL D 18 40.22 -92.85 -5.59
N ASP D 19 40.91 -93.92 -5.23
CA ASP D 19 40.33 -95.24 -5.00
C ASP D 19 41.07 -95.61 -3.73
N PHE D 20 40.39 -95.49 -2.60
CA PHE D 20 41.02 -95.75 -1.32
C PHE D 20 40.16 -96.57 -0.37
N GLU D 21 40.73 -97.70 0.06
CA GLU D 21 40.05 -98.55 1.02
C GLU D 21 40.86 -98.31 2.28
N MET D 22 40.22 -98.45 3.44
CA MET D 22 40.92 -98.21 4.68
C MET D 22 40.45 -99.12 5.80
N GLY D 23 41.38 -99.53 6.66
CA GLY D 23 41.04 -100.39 7.76
C GLY D 23 40.29 -99.68 8.87
N ARG D 24 40.38 -100.24 10.07
CA ARG D 24 39.72 -99.73 11.26
C ARG D 24 40.86 -99.46 12.24
N ASP D 25 42.05 -99.29 11.68
CA ASP D 25 43.27 -99.06 12.42
C ASP D 25 43.91 -97.71 12.11
N TYR D 26 45.25 -97.67 12.17
CA TYR D 26 46.02 -96.45 11.90
C TYR D 26 46.59 -96.38 10.50
N CYS D 27 45.86 -95.74 9.60
CA CYS D 27 46.32 -95.58 8.24
C CYS D 27 47.14 -94.31 8.22
N VAL D 28 48.00 -94.19 7.21
CA VAL D 28 48.85 -93.02 7.08
C VAL D 28 49.19 -92.86 5.62
N LEU D 29 48.75 -91.78 5.00
CA LEU D 29 49.10 -91.62 3.60
C LEU D 29 50.19 -90.58 3.43
N LEU D 30 51.25 -91.05 2.77
CA LEU D 30 52.43 -90.26 2.46
C LEU D 30 52.18 -89.55 1.15
N GLY D 31 52.77 -88.37 1.03
CA GLY D 31 52.63 -87.60 -0.20
C GLY D 31 53.36 -86.29 -0.08
N PRO D 32 54.03 -85.85 -1.15
CA PRO D 32 54.76 -84.59 -1.10
C PRO D 32 53.76 -83.47 -0.83
N THR D 33 54.28 -82.27 -0.62
CA THR D 33 53.40 -81.14 -0.39
C THR D 33 52.72 -80.87 -1.73
N GLY D 34 51.41 -80.73 -1.70
CA GLY D 34 50.67 -80.45 -2.93
C GLY D 34 50.27 -81.70 -3.67
N ALA D 35 50.07 -82.79 -2.93
CA ALA D 35 49.67 -84.03 -3.55
C ALA D 35 48.16 -84.19 -3.50
N GLY D 36 47.51 -83.35 -2.71
CA GLY D 36 46.06 -83.41 -2.61
C GLY D 36 45.57 -84.01 -1.30
N LYS D 37 46.50 -84.24 -0.38
CA LYS D 37 46.20 -84.81 0.92
C LYS D 37 45.15 -84.05 1.71
N SER D 38 45.31 -82.74 1.78
CA SER D 38 44.37 -81.93 2.54
C SER D 38 42.95 -81.90 1.97
N VAL D 39 42.81 -81.84 0.65
CA VAL D 39 41.47 -81.86 0.06
C VAL D 39 40.88 -83.24 0.26
N PHE D 40 41.72 -84.26 0.09
CA PHE D 40 41.30 -85.64 0.27
C PHE D 40 40.58 -85.74 1.60
N LEU D 41 41.21 -85.22 2.65
CA LEU D 41 40.61 -85.25 3.99
C LEU D 41 39.34 -84.42 4.09
N GLU D 42 39.31 -83.27 3.42
CA GLU D 42 38.12 -82.41 3.45
C GLU D 42 36.98 -83.13 2.75
N LEU D 43 37.36 -84.03 1.84
CA LEU D 43 36.41 -84.84 1.09
C LEU D 43 35.76 -85.81 2.07
N ILE D 44 36.59 -86.61 2.73
CA ILE D 44 36.11 -87.57 3.71
C ILE D 44 35.28 -86.76 4.69
N ALA D 45 35.89 -85.69 5.20
CA ALA D 45 35.28 -84.79 6.17
C ALA D 45 33.88 -84.32 5.77
N GLY D 46 33.67 -84.12 4.47
CA GLY D 46 32.38 -83.66 4.00
C GLY D 46 32.35 -82.14 3.98
N ILE D 47 33.51 -81.55 3.69
CA ILE D 47 33.64 -80.11 3.62
C ILE D 47 33.82 -79.65 2.18
N VAL D 48 33.81 -80.61 1.27
CA VAL D 48 33.90 -80.31 -0.14
C VAL D 48 33.28 -81.49 -0.83
N LYS D 49 32.22 -81.22 -1.58
CA LYS D 49 31.54 -82.30 -2.26
C LYS D 49 32.20 -82.78 -3.53
N PRO D 50 32.50 -84.08 -3.59
CA PRO D 50 33.13 -84.66 -4.76
C PRO D 50 32.22 -84.37 -5.93
N ASP D 51 32.78 -84.36 -7.12
CA ASP D 51 32.01 -84.07 -8.31
C ASP D 51 31.64 -85.31 -9.13
N ARG D 52 32.29 -86.42 -8.82
CA ARG D 52 32.04 -87.69 -9.50
C ARG D 52 32.40 -88.77 -8.47
N GLY D 53 31.42 -89.57 -8.09
CA GLY D 53 31.65 -90.64 -7.13
C GLY D 53 31.18 -90.29 -5.73
N GLU D 54 31.40 -91.22 -4.80
CA GLU D 54 30.99 -91.03 -3.43
C GLU D 54 32.00 -91.49 -2.40
N VAL D 55 31.51 -91.69 -1.19
CA VAL D 55 32.35 -92.14 -0.09
C VAL D 55 31.47 -92.98 0.83
N ARG D 56 32.01 -94.09 1.32
CA ARG D 56 31.25 -94.99 2.17
C ARG D 56 31.92 -95.45 3.46
N LEU D 57 31.26 -95.18 4.58
CA LEU D 57 31.71 -95.57 5.91
C LEU D 57 30.63 -96.52 6.44
N ASN D 58 31.02 -97.77 6.74
CA ASN D 58 30.09 -98.80 7.24
C ASN D 58 29.21 -99.39 6.16
N GLY D 59 29.66 -99.27 4.91
CA GLY D 59 28.91 -99.80 3.79
C GLY D 59 27.68 -98.97 3.46
N ALA D 60 27.59 -97.78 4.04
CA ALA D 60 26.47 -96.89 3.79
C ALA D 60 26.98 -95.55 3.28
N ASP D 61 26.49 -95.13 2.12
CA ASP D 61 26.87 -93.86 1.49
C ASP D 61 26.89 -92.73 2.52
N ILE D 62 27.69 -91.70 2.27
CA ILE D 62 27.78 -90.55 3.18
C ILE D 62 27.81 -89.23 2.42
N THR D 63 28.37 -89.28 1.21
CA THR D 63 28.49 -88.11 0.34
C THR D 63 27.47 -86.98 0.53
N PRO D 64 26.15 -87.32 0.54
CA PRO D 64 25.13 -86.28 0.72
C PRO D 64 25.31 -85.50 2.01
N LEU D 65 25.31 -86.22 3.13
CA LEU D 65 25.46 -85.64 4.46
C LEU D 65 26.34 -84.40 4.56
N PRO D 66 26.15 -83.61 5.62
CA PRO D 66 26.91 -82.38 5.89
C PRO D 66 28.00 -82.73 6.89
N PRO D 67 29.12 -81.98 6.88
CA PRO D 67 30.22 -82.24 7.80
C PRO D 67 29.77 -82.32 9.25
N GLU D 68 28.48 -82.05 9.48
CA GLU D 68 27.88 -82.07 10.81
C GLU D 68 27.17 -83.38 11.14
N ARG D 69 26.56 -84.01 10.13
CA ARG D 69 25.86 -85.26 10.39
C ARG D 69 26.74 -86.49 10.19
N ARG D 70 27.96 -86.27 9.72
CA ARG D 70 28.91 -87.37 9.57
C ARG D 70 29.52 -87.45 10.96
N GLY D 71 30.03 -88.60 11.35
CA GLY D 71 30.59 -88.70 12.69
C GLY D 71 32.05 -88.33 12.84
N ILE D 72 32.73 -88.19 11.70
CA ILE D 72 34.15 -87.88 11.63
C ILE D 72 34.72 -86.77 12.54
N GLY D 73 35.92 -87.03 13.06
CA GLY D 73 36.61 -86.07 13.89
C GLY D 73 37.67 -85.47 12.99
N PHE D 74 37.55 -84.17 12.75
CA PHE D 74 38.50 -83.49 11.86
C PHE D 74 39.51 -82.63 12.59
N VAL D 75 40.72 -82.64 12.09
CA VAL D 75 41.79 -81.80 12.61
C VAL D 75 42.73 -81.35 11.48
N PRO D 76 42.68 -80.04 11.18
CA PRO D 76 43.44 -79.32 10.15
C PRO D 76 44.82 -78.78 10.66
N GLN D 77 45.81 -78.88 9.73
CA GLN D 77 47.22 -78.49 9.86
C GLN D 77 47.35 -77.37 10.83
N ASP D 78 48.15 -77.54 11.88
CA ASP D 78 48.23 -76.45 12.84
C ASP D 78 46.79 -76.28 13.28
N TYR D 79 46.37 -77.16 14.19
CA TYR D 79 45.00 -77.23 14.68
C TYR D 79 44.15 -75.97 14.79
N ALA D 80 42.87 -76.20 14.52
CA ALA D 80 41.91 -75.12 14.53
C ALA D 80 41.30 -74.91 15.90
N LEU D 81 42.11 -74.59 16.89
CA LEU D 81 41.57 -74.38 18.21
C LEU D 81 40.87 -73.04 18.25
N PHE D 82 39.64 -73.03 18.72
CA PHE D 82 38.85 -71.81 18.83
C PHE D 82 39.58 -70.89 19.81
N PRO D 83 40.27 -69.86 19.30
CA PRO D 83 41.05 -68.89 20.09
C PRO D 83 40.25 -68.05 21.09
N HIS D 84 38.96 -67.94 20.85
CA HIS D 84 38.10 -67.17 21.72
C HIS D 84 37.46 -68.07 22.77
N LEU D 85 37.95 -69.30 22.88
CA LEU D 85 37.38 -70.23 23.85
C LEU D 85 38.41 -70.94 24.72
N SER D 86 38.05 -71.14 25.98
CA SER D 86 38.91 -71.82 26.92
C SER D 86 39.01 -73.28 26.55
N VAL D 87 40.10 -73.92 26.97
CA VAL D 87 40.32 -75.32 26.68
C VAL D 87 39.01 -76.06 26.92
N TYR D 88 38.42 -75.84 28.09
CA TYR D 88 37.17 -76.49 28.42
C TYR D 88 36.10 -76.28 27.34
N ARG D 89 35.73 -75.02 27.11
CA ARG D 89 34.71 -74.68 26.12
C ARG D 89 35.05 -75.19 24.74
N ASN D 90 36.34 -75.32 24.47
CA ASN D 90 36.81 -75.82 23.20
C ASN D 90 36.39 -77.29 23.13
N ILE D 91 36.80 -78.06 24.14
CA ILE D 91 36.47 -79.47 24.19
C ILE D 91 34.97 -79.67 24.18
N ALA D 92 34.26 -78.84 24.94
CA ALA D 92 32.81 -78.92 25.05
C ALA D 92 32.08 -78.67 23.73
N TYR D 93 32.64 -77.81 22.89
CA TYR D 93 32.03 -77.53 21.60
C TYR D 93 31.92 -78.89 20.90
N GLY D 94 30.74 -79.19 20.36
CA GLY D 94 30.58 -80.46 19.69
C GLY D 94 29.72 -81.39 20.53
N LEU D 95 29.36 -80.91 21.70
CA LEU D 95 28.54 -81.72 22.59
C LEU D 95 27.24 -81.00 22.94
N ARG D 96 26.97 -79.88 22.26
CA ARG D 96 25.76 -79.12 22.49
C ARG D 96 24.53 -80.01 22.37
N ASN D 97 24.72 -81.20 21.83
CA ASN D 97 23.66 -82.17 21.62
C ASN D 97 23.54 -83.13 22.81
N VAL D 98 24.32 -82.88 23.85
CA VAL D 98 24.33 -83.73 25.04
C VAL D 98 23.83 -83.01 26.29
N GLU D 99 23.25 -83.76 27.22
CA GLU D 99 22.75 -83.21 28.48
C GLU D 99 23.91 -82.45 29.13
N ARG D 100 23.58 -81.40 29.88
CA ARG D 100 24.59 -80.57 30.54
C ARG D 100 25.61 -81.28 31.43
N VAL D 101 25.16 -81.78 32.57
CA VAL D 101 26.05 -82.47 33.51
C VAL D 101 26.79 -83.61 32.83
N GLU D 102 26.12 -84.29 31.91
CA GLU D 102 26.73 -85.39 31.17
C GLU D 102 27.87 -84.83 30.33
N ARG D 103 27.62 -83.69 29.70
CA ARG D 103 28.63 -83.02 28.89
C ARG D 103 29.86 -82.71 29.73
N ASP D 104 29.63 -82.06 30.87
CA ASP D 104 30.70 -81.69 31.77
C ASP D 104 31.47 -82.93 32.19
N ARG D 105 30.75 -84.04 32.38
CA ARG D 105 31.38 -85.27 32.76
C ARG D 105 32.35 -85.63 31.63
N ARG D 106 31.79 -85.96 30.46
CA ARG D 106 32.56 -86.33 29.28
C ARG D 106 33.76 -85.42 29.03
N VAL D 107 33.55 -84.12 29.21
CA VAL D 107 34.62 -83.15 29.01
C VAL D 107 35.77 -83.40 29.98
N ARG D 108 35.50 -83.27 31.27
CA ARG D 108 36.53 -83.47 32.26
C ARG D 108 37.11 -84.88 32.19
N GLU D 109 36.28 -85.83 31.82
CA GLU D 109 36.70 -87.22 31.69
C GLU D 109 37.84 -87.26 30.67
N MET D 110 37.63 -86.62 29.54
CA MET D 110 38.63 -86.59 28.48
C MET D 110 39.78 -85.65 28.80
N ALA D 111 39.48 -84.59 29.55
CA ALA D 111 40.50 -83.63 29.93
C ALA D 111 41.54 -84.33 30.79
N GLU D 112 41.06 -85.32 31.54
CA GLU D 112 41.93 -86.07 32.42
C GLU D 112 42.62 -87.18 31.63
N LYS D 113 41.87 -87.84 30.75
CA LYS D 113 42.42 -88.90 29.93
C LYS D 113 43.54 -88.39 29.05
N LEU D 114 43.75 -87.07 29.03
CA LEU D 114 44.80 -86.50 28.20
C LEU D 114 45.73 -85.56 28.97
N GLY D 115 45.58 -85.54 30.29
CA GLY D 115 46.41 -84.72 31.15
C GLY D 115 46.41 -83.24 30.84
N ILE D 116 45.22 -82.66 30.79
CA ILE D 116 45.08 -81.24 30.50
C ILE D 116 43.99 -80.65 31.38
N ALA D 117 43.36 -81.50 32.18
CA ALA D 117 42.29 -81.10 33.08
C ALA D 117 42.61 -79.89 33.95
N HIS D 118 43.86 -79.46 33.92
CA HIS D 118 44.31 -78.30 34.70
C HIS D 118 44.31 -77.04 33.85
N LEU D 119 44.34 -77.22 32.54
CA LEU D 119 44.35 -76.11 31.60
C LEU D 119 42.93 -75.74 31.20
N LEU D 120 41.96 -76.46 31.75
CA LEU D 120 40.56 -76.24 31.45
C LEU D 120 40.11 -74.78 31.35
N ASP D 121 40.81 -73.89 32.03
CA ASP D 121 40.44 -72.47 31.99
C ASP D 121 41.24 -71.59 31.06
N ARG D 122 42.45 -72.00 30.70
CA ARG D 122 43.26 -71.19 29.80
C ARG D 122 42.66 -71.17 28.39
N LYS D 123 43.20 -70.28 27.55
CA LYS D 123 42.76 -70.17 26.17
C LYS D 123 43.95 -70.47 25.27
N PRO D 124 43.69 -71.06 24.09
CA PRO D 124 44.74 -71.42 23.13
C PRO D 124 46.14 -70.80 23.19
N ALA D 125 46.24 -69.48 23.27
CA ALA D 125 47.56 -68.84 23.31
C ALA D 125 48.46 -69.28 24.47
N ARG D 126 47.88 -69.38 25.66
CA ARG D 126 48.63 -69.80 26.85
C ARG D 126 49.16 -71.22 26.73
N LEU D 127 48.71 -71.92 25.69
CA LEU D 127 49.09 -73.30 25.48
C LEU D 127 50.39 -73.49 24.71
N SER D 128 51.12 -74.53 25.09
CA SER D 128 52.37 -74.89 24.46
C SER D 128 52.00 -75.72 23.26
N GLY D 129 52.92 -75.86 22.32
CA GLY D 129 52.64 -76.65 21.14
C GLY D 129 51.94 -77.92 21.59
N GLY D 130 52.58 -78.65 22.49
CA GLY D 130 52.03 -79.88 23.00
C GLY D 130 50.65 -79.77 23.62
N GLU D 131 50.43 -78.71 24.38
CA GLU D 131 49.15 -78.49 25.04
C GLU D 131 48.04 -78.36 24.01
N ARG D 132 48.34 -77.69 22.90
CA ARG D 132 47.38 -77.52 21.81
C ARG D 132 46.98 -78.89 21.30
N GLN D 133 47.99 -79.63 20.86
CA GLN D 133 47.84 -80.97 20.32
C GLN D 133 46.88 -81.78 21.18
N ARG D 134 47.03 -81.68 22.49
CA ARG D 134 46.16 -82.40 23.41
C ARG D 134 44.74 -81.89 23.36
N VAL D 135 44.57 -80.59 23.57
CA VAL D 135 43.26 -79.98 23.54
C VAL D 135 42.59 -80.37 22.23
N ALA D 136 43.37 -80.25 21.16
CA ALA D 136 42.90 -80.58 19.81
C ALA D 136 42.29 -81.98 19.83
N LEU D 137 43.12 -82.95 20.21
CA LEU D 137 42.70 -84.34 20.30
C LEU D 137 41.51 -84.48 21.24
N ALA D 138 41.63 -83.90 22.42
CA ALA D 138 40.55 -83.95 23.40
C ALA D 138 39.22 -83.64 22.72
N ARG D 139 39.13 -82.44 22.16
CA ARG D 139 37.91 -82.00 21.48
C ARG D 139 37.49 -82.91 20.34
N ALA D 140 38.45 -83.53 19.67
CA ALA D 140 38.13 -84.39 18.55
C ALA D 140 37.55 -85.75 18.98
N LEU D 141 37.97 -86.21 20.16
CA LEU D 141 37.56 -87.51 20.68
C LEU D 141 36.26 -87.58 21.47
N VAL D 142 35.99 -86.57 22.30
CA VAL D 142 34.77 -86.57 23.11
C VAL D 142 33.50 -86.81 22.32
N ILE D 143 33.61 -86.69 21.00
CA ILE D 143 32.47 -86.90 20.11
C ILE D 143 32.32 -88.38 19.77
N GLN D 144 33.24 -89.19 20.25
CA GLN D 144 33.21 -90.62 19.97
C GLN D 144 33.14 -90.73 18.45
N PRO D 145 34.18 -90.21 17.78
CA PRO D 145 34.32 -90.19 16.32
C PRO D 145 34.34 -91.55 15.61
N ARG D 146 33.61 -91.63 14.51
CA ARG D 146 33.57 -92.86 13.73
C ARG D 146 34.95 -93.10 13.14
N LEU D 147 35.61 -91.99 12.81
CA LEU D 147 36.92 -91.99 12.20
C LEU D 147 37.69 -90.84 12.83
N LEU D 148 38.95 -90.66 12.43
CA LEU D 148 39.76 -89.57 12.95
C LEU D 148 40.74 -89.12 11.90
N LEU D 149 40.47 -87.94 11.33
CA LEU D 149 41.34 -87.39 10.29
C LEU D 149 42.35 -86.41 10.92
N LEU D 150 43.60 -86.47 10.42
CA LEU D 150 44.64 -85.56 10.90
C LEU D 150 45.56 -85.22 9.74
N ASP D 151 46.17 -84.05 9.73
CA ASP D 151 47.15 -83.82 8.66
C ASP D 151 48.27 -82.92 9.16
N GLU D 152 49.48 -83.38 8.91
CA GLU D 152 50.67 -82.69 9.37
C GLU D 152 50.43 -82.36 10.86
N PRO D 153 49.75 -83.27 11.61
CA PRO D 153 49.56 -82.92 13.02
C PRO D 153 50.89 -82.89 13.77
N LEU D 154 51.94 -83.33 13.08
CA LEU D 154 53.29 -83.38 13.65
C LEU D 154 54.31 -82.48 12.96
N SER D 155 53.88 -81.68 11.99
CA SER D 155 54.80 -80.79 11.28
C SER D 155 55.20 -79.69 12.24
N ALA D 156 56.30 -79.01 11.94
CA ALA D 156 56.75 -77.92 12.82
C ALA D 156 56.98 -78.45 14.22
N VAL D 157 57.70 -79.56 14.32
CA VAL D 157 58.01 -80.17 15.61
C VAL D 157 59.35 -80.87 15.54
N ASP D 158 60.22 -80.53 16.50
CA ASP D 158 61.55 -81.11 16.58
C ASP D 158 61.52 -82.64 16.66
N LEU D 159 62.42 -83.29 15.92
CA LEU D 159 62.52 -84.75 15.92
C LEU D 159 62.34 -85.32 17.31
N LYS D 160 63.16 -84.85 18.24
CA LYS D 160 63.09 -85.31 19.63
C LYS D 160 61.64 -85.40 20.09
N THR D 161 60.93 -84.29 20.02
CA THR D 161 59.54 -84.25 20.45
C THR D 161 58.65 -85.18 19.64
N LYS D 162 58.84 -85.19 18.33
CA LYS D 162 58.05 -86.02 17.43
C LYS D 162 57.88 -87.42 17.99
N GLY D 163 58.99 -88.12 18.15
CA GLY D 163 58.96 -89.48 18.66
C GLY D 163 58.02 -89.66 19.83
N VAL D 164 58.23 -88.89 20.89
CA VAL D 164 57.37 -89.00 22.07
C VAL D 164 55.91 -88.84 21.64
N LEU D 165 55.64 -87.84 20.82
CA LEU D 165 54.28 -87.61 20.35
C LEU D 165 53.70 -88.78 19.57
N MET D 166 54.49 -89.35 18.67
CA MET D 166 54.03 -90.47 17.87
C MET D 166 53.57 -91.59 18.78
N GLU D 167 54.38 -91.90 19.78
CA GLU D 167 54.05 -92.95 20.72
C GLU D 167 52.70 -92.65 21.37
N GLU D 168 52.44 -91.36 21.59
CA GLU D 168 51.18 -90.93 22.19
C GLU D 168 50.01 -91.20 21.23
N LEU D 169 50.26 -91.04 19.94
CA LEU D 169 49.23 -91.29 18.94
C LEU D 169 48.89 -92.77 18.93
N ARG D 170 49.93 -93.61 18.84
CA ARG D 170 49.76 -95.06 18.85
C ARG D 170 48.84 -95.36 20.01
N PHE D 171 49.28 -94.94 21.19
CA PHE D 171 48.52 -95.16 22.42
C PHE D 171 47.07 -94.71 22.28
N VAL D 172 46.87 -93.44 21.94
CA VAL D 172 45.53 -92.90 21.80
C VAL D 172 44.69 -93.78 20.88
N GLN D 173 45.29 -94.31 19.84
CA GLN D 173 44.52 -95.15 18.95
C GLN D 173 44.17 -96.50 19.55
N ARG D 174 45.13 -97.12 20.22
CA ARG D 174 44.91 -98.41 20.87
C ARG D 174 43.95 -98.22 22.04
N GLU D 175 44.07 -97.07 22.68
CA GLU D 175 43.25 -96.74 23.84
C GLU D 175 41.78 -96.43 23.54
N PHE D 176 41.51 -95.77 22.43
CA PHE D 176 40.13 -95.41 22.08
C PHE D 176 39.61 -96.21 20.90
N ASP D 177 40.42 -97.16 20.44
CA ASP D 177 40.08 -97.97 19.25
C ASP D 177 39.39 -97.04 18.25
N VAL D 178 40.09 -95.97 17.89
CA VAL D 178 39.53 -95.07 16.90
C VAL D 178 40.40 -95.12 15.67
N PRO D 179 39.84 -95.64 14.58
CA PRO D 179 40.69 -95.66 13.36
C PRO D 179 41.22 -94.23 13.09
N ILE D 180 42.41 -94.15 12.51
CA ILE D 180 42.98 -92.83 12.22
C ILE D 180 43.54 -92.72 10.82
N LEU D 181 43.20 -91.65 10.12
CA LEU D 181 43.74 -91.41 8.80
C LEU D 181 44.62 -90.20 9.04
N HIS D 182 45.93 -90.48 9.07
CA HIS D 182 46.98 -89.52 9.34
C HIS D 182 47.67 -89.14 8.03
N VAL D 183 47.74 -87.84 7.74
CA VAL D 183 48.35 -87.41 6.49
C VAL D 183 49.65 -86.62 6.66
N THR D 184 50.71 -87.07 5.99
CA THR D 184 52.03 -86.41 6.06
C THR D 184 52.86 -86.61 4.81
N HIS D 185 54.05 -86.02 4.84
CA HIS D 185 55.02 -86.12 3.75
C HIS D 185 56.29 -86.73 4.35
N ASP D 186 56.22 -87.08 5.63
CA ASP D 186 57.36 -87.63 6.32
C ASP D 186 57.34 -89.14 6.54
N LEU D 187 58.33 -89.82 5.96
CA LEU D 187 58.45 -91.26 6.09
C LEU D 187 58.49 -91.67 7.55
N ILE D 188 59.41 -91.06 8.30
CA ILE D 188 59.57 -91.34 9.71
C ILE D 188 58.24 -91.53 10.43
N GLU D 189 57.23 -90.77 10.03
CA GLU D 189 55.93 -90.87 10.66
C GLU D 189 55.17 -92.08 10.16
N ALA D 190 55.26 -92.31 8.87
CA ALA D 190 54.61 -93.45 8.26
C ALA D 190 55.18 -94.69 8.92
N ALA D 191 56.51 -94.80 8.85
CA ALA D 191 57.24 -95.92 9.41
C ALA D 191 56.97 -96.16 10.89
N MET D 192 56.75 -95.10 11.65
CA MET D 192 56.52 -95.23 13.08
C MET D 192 55.09 -95.48 13.54
N LEU D 193 54.11 -95.20 12.70
CA LEU D 193 52.71 -95.35 13.15
C LEU D 193 51.77 -96.23 12.34
N ALA D 194 51.90 -96.13 11.02
CA ALA D 194 51.02 -96.85 10.11
C ALA D 194 50.94 -98.36 10.20
N ASP D 195 49.71 -98.86 10.02
CA ASP D 195 49.46 -100.29 10.01
C ASP D 195 49.34 -100.54 8.52
N GLU D 196 49.00 -99.47 7.81
CA GLU D 196 48.89 -99.47 6.36
C GLU D 196 49.41 -98.13 5.92
N VAL D 197 49.88 -98.05 4.68
CA VAL D 197 50.39 -96.80 4.17
C VAL D 197 49.95 -96.57 2.74
N ALA D 198 49.37 -95.40 2.50
CA ALA D 198 48.94 -95.04 1.17
C ALA D 198 49.99 -94.07 0.68
N VAL D 199 49.98 -93.76 -0.61
CA VAL D 199 50.95 -92.83 -1.16
C VAL D 199 50.28 -92.02 -2.25
N MET D 200 50.07 -90.74 -1.97
CA MET D 200 49.43 -89.83 -2.92
C MET D 200 50.45 -89.05 -3.74
N LEU D 201 50.15 -88.87 -5.01
CA LEU D 201 51.02 -88.13 -5.92
C LEU D 201 50.16 -87.50 -7.00
N ASN D 202 49.96 -86.18 -6.89
CA ASN D 202 49.16 -85.46 -7.87
C ASN D 202 47.68 -85.79 -7.82
N GLY D 203 47.12 -85.78 -6.62
CA GLY D 203 45.71 -86.06 -6.48
C GLY D 203 45.34 -87.52 -6.60
N ARG D 204 46.24 -88.34 -7.10
CA ARG D 204 45.94 -89.76 -7.23
C ARG D 204 46.66 -90.55 -6.16
N ILE D 205 45.97 -91.50 -5.55
CA ILE D 205 46.57 -92.35 -4.53
C ILE D 205 47.15 -93.56 -5.24
N VAL D 206 48.38 -93.40 -5.70
CA VAL D 206 49.11 -94.43 -6.44
C VAL D 206 49.04 -95.83 -5.85
N GLU D 207 49.52 -96.00 -4.62
CA GLU D 207 49.50 -97.31 -4.00
C GLU D 207 49.39 -97.34 -2.49
N LYS D 208 48.74 -98.37 -1.99
CA LYS D 208 48.56 -98.54 -0.56
C LYS D 208 49.00 -99.94 -0.17
N GLY D 209 49.35 -100.10 1.10
CA GLY D 209 49.80 -101.39 1.60
C GLY D 209 50.65 -101.20 2.83
N LYS D 210 51.76 -101.91 2.90
CA LYS D 210 52.67 -101.79 4.04
C LYS D 210 53.99 -101.31 3.51
N LEU D 211 54.68 -100.47 4.27
CA LEU D 211 55.94 -99.93 3.82
C LEU D 211 56.86 -100.94 3.16
N LYS D 212 57.26 -101.98 3.89
CA LYS D 212 58.14 -102.98 3.32
C LYS D 212 57.71 -103.36 1.91
N GLU D 213 56.44 -103.73 1.76
CA GLU D 213 55.92 -104.09 0.45
C GLU D 213 56.11 -102.97 -0.56
N LEU D 214 55.80 -101.75 -0.14
CA LEU D 214 55.91 -100.59 -1.02
C LEU D 214 57.31 -100.33 -1.56
N PHE D 215 58.34 -100.71 -0.81
CA PHE D 215 59.70 -100.51 -1.29
C PHE D 215 60.00 -101.52 -2.38
N SER D 216 60.21 -102.78 -1.97
CA SER D 216 60.51 -103.87 -2.90
C SER D 216 59.79 -103.72 -4.23
N ALA D 217 58.46 -103.65 -4.18
CA ALA D 217 57.65 -103.50 -5.38
C ALA D 217 57.84 -102.10 -5.95
N LYS D 218 59.07 -101.80 -6.35
CA LYS D 218 59.44 -100.49 -6.93
C LYS D 218 58.84 -100.25 -8.33
N ASN D 219 57.98 -99.23 -8.42
CA ASN D 219 57.33 -98.87 -9.68
C ASN D 219 57.87 -97.52 -10.22
N GLY D 220 59.06 -97.15 -9.76
CA GLY D 220 59.71 -95.92 -10.20
C GLY D 220 59.03 -94.60 -9.86
N GLU D 221 57.89 -94.61 -9.17
CA GLU D 221 57.24 -93.37 -8.80
C GLU D 221 57.16 -93.36 -7.28
N VAL D 222 56.51 -94.38 -6.74
CA VAL D 222 56.40 -94.52 -5.29
C VAL D 222 57.77 -94.95 -4.82
N ALA D 223 58.48 -95.64 -5.72
CA ALA D 223 59.82 -96.13 -5.45
C ALA D 223 60.69 -94.90 -5.24
N GLU D 224 60.60 -93.95 -6.18
CA GLU D 224 61.39 -92.73 -6.08
C GLU D 224 61.11 -92.03 -4.75
N PHE D 225 59.83 -91.79 -4.45
CA PHE D 225 59.44 -91.12 -3.22
C PHE D 225 59.95 -91.81 -1.95
N LEU D 226 59.71 -93.11 -1.85
CA LEU D 226 60.13 -93.87 -0.68
C LEU D 226 61.64 -94.14 -0.66
N SER D 227 62.36 -93.62 -1.64
CA SER D 227 63.80 -93.82 -1.71
C SER D 227 64.52 -93.03 -0.62
N ALA D 228 63.77 -92.19 0.08
CA ALA D 228 64.38 -91.38 1.13
C ALA D 228 64.92 -92.25 2.26
N ARG D 229 64.60 -93.55 2.22
CA ARG D 229 65.09 -94.45 3.25
C ARG D 229 66.60 -94.39 3.34
N ASN D 230 67.25 -94.22 2.19
CA ASN D 230 68.71 -94.16 2.14
C ASN D 230 69.25 -93.06 3.04
N LEU D 231 68.68 -91.86 2.91
CA LEU D 231 69.11 -90.73 3.73
C LEU D 231 68.89 -91.04 5.20
N LEU D 232 67.79 -91.71 5.49
CA LEU D 232 67.48 -92.07 6.86
C LEU D 232 68.49 -93.11 7.31
N LEU D 233 68.91 -93.97 6.40
CA LEU D 233 69.87 -95.01 6.73
C LEU D 233 71.28 -94.42 6.85
N LYS D 234 71.66 -93.55 5.92
CA LYS D 234 72.98 -92.92 5.97
C LYS D 234 73.12 -92.13 7.26
N VAL D 235 72.05 -91.47 7.67
CA VAL D 235 72.06 -90.67 8.89
C VAL D 235 72.24 -91.53 10.13
N SER D 236 71.54 -92.66 10.16
CA SER D 236 71.63 -93.56 11.30
C SER D 236 73.06 -94.06 11.39
N LYS D 237 73.71 -94.21 10.25
CA LYS D 237 75.08 -94.67 10.24
C LYS D 237 75.96 -93.59 10.84
N ILE D 238 75.87 -92.39 10.29
CA ILE D 238 76.71 -91.29 10.80
C ILE D 238 76.50 -90.95 12.29
N LEU D 239 75.41 -91.39 12.89
CA LEU D 239 75.13 -91.14 14.29
C LEU D 239 75.06 -92.39 15.09
N ASP D 240 75.61 -92.31 16.30
CA ASP D 240 75.53 -93.42 17.22
C ASP D 240 75.43 -94.78 16.54
N MET E 24 -62.92 27.98 -31.06
CA MET E 24 -61.66 28.57 -31.61
C MET E 24 -60.94 29.46 -30.60
N ARG E 25 -61.69 30.20 -29.80
CA ARG E 25 -61.11 31.09 -28.81
C ARG E 25 -60.61 30.35 -27.59
N LEU E 26 -61.11 29.14 -27.38
CA LEU E 26 -60.66 28.36 -26.24
C LEU E 26 -59.19 28.04 -26.46
N LEU E 27 -58.75 28.05 -27.72
CA LEU E 27 -57.36 27.76 -28.03
C LEU E 27 -56.45 28.87 -27.50
N PHE E 28 -56.89 30.12 -27.62
CA PHE E 28 -56.11 31.23 -27.10
C PHE E 28 -56.35 31.35 -25.60
N SER E 29 -57.60 31.11 -25.19
CA SER E 29 -57.96 31.19 -23.79
C SER E 29 -57.29 30.08 -22.99
N ALA E 30 -56.94 28.99 -23.68
CA ALA E 30 -56.28 27.86 -23.03
C ALA E 30 -54.78 28.01 -23.21
N LEU E 31 -54.37 28.50 -24.38
CA LEU E 31 -52.95 28.72 -24.65
C LEU E 31 -52.40 29.53 -23.49
N LEU E 32 -53.11 30.61 -23.16
CA LEU E 32 -52.70 31.48 -22.07
C LEU E 32 -52.79 30.74 -20.74
N ALA E 33 -53.90 30.05 -20.53
CA ALA E 33 -54.11 29.31 -19.30
C ALA E 33 -53.04 28.22 -19.12
N LEU E 34 -52.68 27.57 -20.21
CA LEU E 34 -51.67 26.52 -20.18
C LEU E 34 -50.31 27.10 -19.82
N LEU E 35 -49.83 28.02 -20.64
CA LEU E 35 -48.55 28.66 -20.38
C LEU E 35 -48.44 29.15 -18.95
N SER E 36 -49.49 29.79 -18.45
CA SER E 36 -49.46 30.30 -17.09
C SER E 36 -49.53 29.21 -16.01
N SER E 37 -50.17 28.10 -16.31
CA SER E 37 -50.27 27.01 -15.34
C SER E 37 -48.93 26.29 -15.26
N ILE E 38 -48.05 26.58 -16.19
CA ILE E 38 -46.73 25.95 -16.20
C ILE E 38 -45.87 26.60 -15.11
N ILE E 39 -45.50 27.87 -15.27
CA ILE E 39 -44.66 28.53 -14.27
C ILE E 39 -45.27 28.43 -12.88
N LEU E 40 -46.58 28.21 -12.83
CA LEU E 40 -47.20 28.07 -11.53
C LEU E 40 -46.75 26.76 -10.92
N LEU E 41 -46.66 25.71 -11.75
CA LEU E 41 -46.22 24.43 -11.25
C LEU E 41 -44.73 24.51 -10.97
N PHE E 42 -44.02 25.16 -11.88
CA PHE E 42 -42.59 25.31 -11.73
C PHE E 42 -42.25 25.86 -10.36
N VAL E 43 -42.93 26.94 -9.99
CA VAL E 43 -42.68 27.55 -8.71
C VAL E 43 -43.31 26.75 -7.57
N LEU E 44 -44.29 25.92 -7.91
CA LEU E 44 -44.97 25.16 -6.87
C LEU E 44 -44.29 23.82 -6.58
N LEU E 45 -44.12 23.02 -7.62
CA LEU E 45 -43.52 21.70 -7.50
C LEU E 45 -42.42 21.59 -6.46
N PRO E 46 -41.24 22.21 -6.71
CA PRO E 46 -40.17 22.12 -5.72
C PRO E 46 -40.66 22.36 -4.31
N VAL E 47 -40.93 23.60 -3.97
CA VAL E 47 -41.40 23.93 -2.63
C VAL E 47 -42.35 22.87 -2.12
N ALA E 48 -43.39 22.59 -2.92
CA ALA E 48 -44.40 21.61 -2.56
C ALA E 48 -43.77 20.27 -2.25
N ALA E 49 -43.19 19.66 -3.28
CA ALA E 49 -42.54 18.36 -3.15
C ALA E 49 -41.72 18.20 -1.89
N THR E 50 -40.70 19.02 -1.72
CA THR E 50 -39.87 18.89 -0.53
C THR E 50 -40.66 18.76 0.77
N VAL E 51 -41.73 19.53 0.93
CA VAL E 51 -42.52 19.44 2.16
C VAL E 51 -43.33 18.15 2.17
N THR E 52 -43.73 17.72 0.97
CA THR E 52 -44.49 16.49 0.82
C THR E 52 -43.63 15.37 1.39
N LEU E 53 -42.54 15.08 0.70
CA LEU E 53 -41.61 14.02 1.09
C LEU E 53 -41.25 14.01 2.57
N GLN E 54 -41.51 15.11 3.27
CA GLN E 54 -41.19 15.15 4.69
C GLN E 54 -42.15 14.31 5.51
N LEU E 55 -42.96 13.52 4.82
CA LEU E 55 -43.91 12.61 5.46
C LEU E 55 -43.22 11.27 5.52
N PHE E 56 -42.69 10.88 4.37
CA PHE E 56 -41.98 9.64 4.20
C PHE E 56 -40.85 9.46 5.22
N ASN E 57 -40.46 10.55 5.88
CA ASN E 57 -39.41 10.51 6.89
C ASN E 57 -39.82 11.47 8.01
N PHE E 58 -41.09 11.34 8.43
CA PHE E 58 -41.63 12.21 9.46
C PHE E 58 -40.81 12.18 10.76
N ASP E 59 -40.02 11.12 10.91
CA ASP E 59 -39.19 10.98 12.09
C ASP E 59 -38.13 12.08 12.08
N GLU E 60 -37.35 12.12 11.00
CA GLU E 60 -36.31 13.12 10.86
C GLU E 60 -36.94 14.51 10.92
N PHE E 61 -38.00 14.70 10.13
CA PHE E 61 -38.70 15.99 10.08
C PHE E 61 -39.02 16.48 11.50
N LEU E 62 -39.62 15.59 12.29
CA LEU E 62 -39.96 15.90 13.67
C LEU E 62 -38.73 16.26 14.49
N LYS E 63 -37.69 15.45 14.37
CA LYS E 63 -36.44 15.70 15.09
C LYS E 63 -35.92 17.08 14.72
N ALA E 64 -35.84 17.33 13.41
CA ALA E 64 -35.37 18.61 12.90
C ALA E 64 -36.20 19.68 13.58
N ALA E 65 -37.51 19.51 13.50
CA ALA E 65 -38.45 20.45 14.09
C ALA E 65 -38.15 20.74 15.57
N SER E 66 -37.62 19.74 16.28
CA SER E 66 -37.32 19.86 17.69
C SER E 66 -35.93 20.41 17.95
N ASP E 67 -35.04 20.16 16.99
CA ASP E 67 -33.66 20.61 17.08
C ASP E 67 -33.56 22.09 17.46
N PRO E 68 -33.28 22.38 18.74
CA PRO E 68 -33.16 23.76 19.24
C PRO E 68 -32.02 24.53 18.59
N ALA E 69 -31.18 23.84 17.82
CA ALA E 69 -30.09 24.50 17.14
C ALA E 69 -30.75 25.34 16.07
N VAL E 70 -31.72 24.71 15.39
CA VAL E 70 -32.48 25.33 14.32
C VAL E 70 -33.19 26.58 14.82
N TRP E 71 -33.97 26.41 15.89
CA TRP E 71 -34.71 27.52 16.45
C TRP E 71 -33.80 28.65 16.87
N LYS E 72 -32.58 28.34 17.28
CA LYS E 72 -31.64 29.40 17.67
C LYS E 72 -31.35 30.25 16.43
N VAL E 73 -31.13 29.57 15.31
CA VAL E 73 -30.83 30.25 14.05
C VAL E 73 -32.06 31.01 13.56
N VAL E 74 -33.17 30.30 13.43
CA VAL E 74 -34.41 30.91 12.97
C VAL E 74 -34.65 32.25 13.65
N LEU E 75 -34.49 32.27 14.97
CA LEU E 75 -34.70 33.51 15.69
C LEU E 75 -33.67 34.53 15.30
N THR E 76 -32.41 34.14 15.25
CA THR E 76 -31.35 35.09 14.89
C THR E 76 -31.71 35.71 13.55
N THR E 77 -32.17 34.86 12.64
CA THR E 77 -32.56 35.29 11.32
C THR E 77 -33.64 36.37 11.43
N TYR E 78 -34.86 35.92 11.76
CA TYR E 78 -36.02 36.78 11.92
C TYR E 78 -35.72 38.06 12.67
N TYR E 79 -35.04 37.94 13.79
CA TYR E 79 -34.72 39.12 14.58
C TYR E 79 -33.72 40.07 13.90
N ALA E 80 -32.73 39.51 13.22
CA ALA E 80 -31.75 40.35 12.56
C ALA E 80 -32.41 41.08 11.42
N ALA E 81 -33.24 40.36 10.66
CA ALA E 81 -33.94 40.94 9.53
C ALA E 81 -34.95 41.99 9.98
N LEU E 82 -35.47 41.81 11.18
CA LEU E 82 -36.44 42.74 11.71
C LEU E 82 -35.77 44.07 12.01
N ILE E 83 -34.49 44.04 12.34
CA ILE E 83 -33.79 45.27 12.62
C ILE E 83 -33.47 46.03 11.34
N SER E 84 -33.09 45.30 10.29
CA SER E 84 -32.78 45.96 9.03
C SER E 84 -34.02 46.72 8.58
N THR E 85 -35.17 46.07 8.70
CA THR E 85 -36.44 46.67 8.30
C THR E 85 -36.71 47.97 9.06
N LEU E 86 -36.66 47.91 10.38
CA LEU E 86 -36.89 49.12 11.15
C LEU E 86 -35.96 50.22 10.66
N ILE E 87 -34.69 49.88 10.50
CA ILE E 87 -33.73 50.87 10.03
C ILE E 87 -34.22 51.42 8.70
N ALA E 88 -34.74 50.53 7.85
CA ALA E 88 -35.24 50.93 6.54
C ALA E 88 -36.37 51.92 6.70
N VAL E 89 -37.45 51.49 7.33
CA VAL E 89 -38.58 52.37 7.55
C VAL E 89 -38.11 53.72 8.07
N ILE E 90 -37.37 53.70 9.17
CA ILE E 90 -36.89 54.92 9.79
C ILE E 90 -36.03 55.84 8.94
N PHE E 91 -35.28 55.31 7.99
CA PHE E 91 -34.45 56.19 7.16
C PHE E 91 -34.96 56.18 5.74
N GLY E 92 -35.53 55.04 5.34
CA GLY E 92 -36.04 54.87 4.00
C GLY E 92 -37.29 55.66 3.70
N THR E 93 -38.23 55.68 4.64
CA THR E 93 -39.46 56.42 4.42
C THR E 93 -39.17 57.85 4.01
N PRO E 94 -38.49 58.63 4.86
CA PRO E 94 -38.23 60.00 4.46
C PRO E 94 -37.79 60.16 3.01
N LEU E 95 -36.91 59.29 2.56
CA LEU E 95 -36.46 59.37 1.18
C LEU E 95 -37.59 59.02 0.20
N ALA E 96 -38.39 58.02 0.55
CA ALA E 96 -39.48 57.61 -0.32
C ALA E 96 -40.46 58.74 -0.52
N TYR E 97 -40.67 59.55 0.53
CA TYR E 97 -41.59 60.68 0.43
C TYR E 97 -40.97 61.65 -0.55
N ILE E 98 -39.76 62.10 -0.21
CA ILE E 98 -39.01 63.01 -1.07
C ILE E 98 -38.95 62.57 -2.52
N LEU E 99 -39.01 61.28 -2.79
CA LEU E 99 -38.94 60.86 -4.18
C LEU E 99 -40.29 60.96 -4.87
N ALA E 100 -41.36 60.68 -4.13
CA ALA E 100 -42.70 60.72 -4.70
C ALA E 100 -43.20 62.15 -4.89
N ARG E 101 -42.74 63.06 -4.05
CA ARG E 101 -43.17 64.43 -4.12
C ARG E 101 -42.25 65.33 -4.93
N LYS E 102 -41.27 65.93 -4.25
CA LYS E 102 -40.31 66.83 -4.88
C LYS E 102 -39.62 66.22 -6.09
N SER E 103 -39.15 67.09 -6.98
CA SER E 103 -38.44 66.68 -8.17
C SER E 103 -37.38 67.75 -8.39
N PHE E 104 -36.14 67.37 -8.14
CA PHE E 104 -34.99 68.26 -8.27
C PHE E 104 -34.09 67.77 -9.38
N PRO E 105 -32.94 68.43 -9.59
CA PRO E 105 -32.02 68.03 -10.66
C PRO E 105 -31.34 66.68 -10.42
N GLY E 106 -30.93 66.43 -9.18
CA GLY E 106 -30.25 65.20 -8.83
C GLY E 106 -31.04 63.90 -9.00
N LYS E 107 -32.29 63.89 -8.55
CA LYS E 107 -33.16 62.72 -8.62
C LYS E 107 -32.62 61.53 -9.41
N SER E 108 -32.48 61.68 -10.72
CA SER E 108 -31.97 60.61 -11.58
C SER E 108 -30.88 59.79 -10.88
N VAL E 109 -29.95 60.49 -10.25
CA VAL E 109 -28.88 59.85 -9.52
C VAL E 109 -29.43 59.25 -8.24
N VAL E 110 -30.01 60.08 -7.38
CA VAL E 110 -30.58 59.60 -6.13
C VAL E 110 -31.40 58.34 -6.33
N GLU E 111 -32.18 58.32 -7.41
CA GLU E 111 -33.01 57.17 -7.69
C GLU E 111 -32.18 55.95 -8.04
N GLY E 112 -31.09 56.18 -8.76
CA GLY E 112 -30.20 55.09 -9.16
C GLY E 112 -29.49 54.50 -7.97
N ILE E 113 -28.93 55.34 -7.12
CA ILE E 113 -28.23 54.88 -5.93
C ILE E 113 -29.16 53.94 -5.15
N VAL E 114 -30.43 54.31 -5.06
CA VAL E 114 -31.40 53.50 -4.34
C VAL E 114 -31.53 52.11 -4.94
N ASP E 115 -31.34 52.01 -6.25
CA ASP E 115 -31.45 50.71 -6.90
C ASP E 115 -30.13 49.97 -7.06
N LEU E 116 -29.02 50.56 -6.60
CA LEU E 116 -27.72 49.90 -6.74
C LEU E 116 -27.80 48.43 -6.38
N PRO E 117 -28.13 48.13 -5.11
CA PRO E 117 -28.23 46.76 -4.61
C PRO E 117 -28.94 45.75 -5.48
N VAL E 118 -29.81 46.21 -6.36
CA VAL E 118 -30.54 45.29 -7.22
C VAL E 118 -29.69 44.76 -8.36
N VAL E 119 -28.58 45.45 -8.62
CA VAL E 119 -27.71 45.07 -9.70
C VAL E 119 -26.43 44.37 -9.26
N ILE E 120 -26.07 44.60 -8.00
CA ILE E 120 -24.89 44.02 -7.43
C ILE E 120 -25.17 42.64 -6.87
N PRO E 121 -24.55 41.59 -7.46
CA PRO E 121 -24.77 40.22 -6.96
C PRO E 121 -24.45 40.11 -5.47
N HIS E 122 -25.23 39.29 -4.78
CA HIS E 122 -25.14 39.10 -3.33
C HIS E 122 -23.73 39.13 -2.78
N THR E 123 -22.92 38.19 -3.25
CA THR E 123 -21.53 38.06 -2.85
C THR E 123 -20.80 39.41 -2.84
N VAL E 124 -20.80 40.08 -3.99
CA VAL E 124 -20.15 41.37 -4.10
C VAL E 124 -20.65 42.31 -3.02
N ALA E 125 -21.96 42.35 -2.85
CA ALA E 125 -22.53 43.20 -1.83
C ALA E 125 -21.82 42.94 -0.49
N GLY E 126 -21.76 41.67 -0.10
CA GLY E 126 -21.11 41.32 1.13
C GLY E 126 -19.69 41.84 1.16
N ILE E 127 -18.95 41.49 0.12
CA ILE E 127 -17.55 41.92 0.02
C ILE E 127 -17.41 43.42 0.17
N ALA E 128 -18.22 44.14 -0.60
CA ALA E 128 -18.21 45.59 -0.56
C ALA E 128 -18.55 46.07 0.86
N LEU E 129 -19.55 45.45 1.47
CA LEU E 129 -19.93 45.84 2.83
C LEU E 129 -18.75 45.60 3.77
N LEU E 130 -18.09 44.45 3.58
CA LEU E 130 -16.95 44.06 4.39
C LEU E 130 -15.85 45.12 4.29
N VAL E 131 -15.62 45.59 3.07
CA VAL E 131 -14.62 46.62 2.82
C VAL E 131 -14.91 47.89 3.61
N VAL E 132 -16.08 47.99 4.23
CA VAL E 132 -16.37 49.19 5.00
C VAL E 132 -16.70 48.96 6.47
N PHE E 133 -17.22 47.79 6.80
CA PHE E 133 -17.56 47.54 8.19
C PHE E 133 -16.58 46.63 8.94
N GLY E 134 -15.59 46.12 8.23
CA GLY E 134 -14.60 45.28 8.88
C GLY E 134 -13.73 46.23 9.68
N SER E 135 -12.92 45.74 10.60
CA SER E 135 -12.08 46.62 11.40
C SER E 135 -11.07 47.43 10.59
N SER E 136 -11.06 47.24 9.28
CA SER E 136 -10.16 47.99 8.43
C SER E 136 -10.99 49.01 7.65
N GLY E 137 -12.29 48.73 7.57
CA GLY E 137 -13.21 49.60 6.84
C GLY E 137 -13.25 51.04 7.28
N LEU E 138 -13.58 51.92 6.33
CA LEU E 138 -13.66 53.35 6.60
C LEU E 138 -14.50 53.56 7.84
N ILE E 139 -15.60 52.82 7.92
CA ILE E 139 -16.49 52.94 9.06
C ILE E 139 -16.12 52.04 10.24
N GLY E 140 -15.84 50.76 9.94
CA GLY E 140 -15.49 49.80 10.97
C GLY E 140 -14.37 50.21 11.90
N SER E 141 -13.31 50.75 11.31
CA SER E 141 -12.14 51.18 12.05
C SER E 141 -12.46 52.24 13.09
N PHE E 142 -13.73 52.62 13.15
CA PHE E 142 -14.17 53.63 14.11
C PHE E 142 -15.29 53.09 14.96
N SER E 143 -16.24 52.42 14.33
CA SER E 143 -17.36 51.86 15.06
C SER E 143 -16.94 50.94 16.19
N PRO E 144 -16.99 51.44 17.45
CA PRO E 144 -16.62 50.59 18.57
C PRO E 144 -17.56 49.41 18.67
N LEU E 145 -18.50 49.35 17.73
CA LEU E 145 -19.44 48.25 17.65
C LEU E 145 -18.88 47.32 16.59
N LYS E 146 -18.64 46.07 16.95
CA LYS E 146 -18.09 45.12 16.00
C LYS E 146 -19.14 44.58 15.03
N PHE E 147 -18.81 44.56 13.74
CA PHE E 147 -19.71 44.09 12.71
C PHE E 147 -19.57 42.65 12.28
N VAL E 148 -18.34 42.25 11.96
CA VAL E 148 -18.02 40.92 11.49
C VAL E 148 -18.38 39.79 12.46
N ASP E 149 -19.09 38.79 11.94
CA ASP E 149 -19.51 37.67 12.77
C ASP E 149 -20.37 38.22 13.89
N ALA E 150 -21.10 39.29 13.59
CA ALA E 150 -21.98 39.95 14.56
C ALA E 150 -23.30 40.42 13.93
N LEU E 151 -24.35 40.53 14.74
CA LEU E 151 -25.65 40.98 14.23
C LEU E 151 -25.45 42.15 13.30
N PRO E 152 -24.77 43.18 13.78
CA PRO E 152 -24.52 44.37 12.97
C PRO E 152 -24.18 43.94 11.56
N GLY E 153 -23.21 43.04 11.44
CA GLY E 153 -22.83 42.56 10.13
C GLY E 153 -24.04 42.00 9.41
N ILE E 154 -24.69 41.06 10.06
CA ILE E 154 -25.86 40.46 9.45
C ILE E 154 -26.85 41.55 9.05
N VAL E 155 -27.08 42.45 9.98
CA VAL E 155 -28.01 43.56 9.72
C VAL E 155 -27.53 44.28 8.48
N VAL E 156 -26.38 44.95 8.59
CA VAL E 156 -25.81 45.65 7.46
C VAL E 156 -25.96 44.82 6.18
N ALA E 157 -25.81 43.50 6.28
CA ALA E 157 -25.94 42.66 5.10
C ALA E 157 -27.36 42.74 4.60
N MET E 158 -28.29 42.30 5.43
CA MET E 158 -29.69 42.29 5.06
C MET E 158 -30.19 43.67 4.65
N LEU E 159 -29.86 44.68 5.45
CA LEU E 159 -30.28 46.04 5.14
C LEU E 159 -29.98 46.34 3.68
N PHE E 160 -28.71 46.51 3.37
CA PHE E 160 -28.24 46.79 2.02
C PHE E 160 -29.02 46.08 0.91
N VAL E 161 -29.41 44.85 1.14
CA VAL E 161 -30.09 44.11 0.11
C VAL E 161 -31.58 44.37 0.04
N SER E 162 -32.17 44.80 1.15
CA SER E 162 -33.61 45.05 1.17
C SER E 162 -34.04 46.51 1.17
N VAL E 163 -33.12 47.41 1.53
CA VAL E 163 -33.42 48.84 1.57
C VAL E 163 -34.22 49.30 0.35
N PRO E 164 -33.70 49.04 -0.85
CA PRO E 164 -34.42 49.46 -2.05
C PRO E 164 -35.82 48.89 -2.04
N ILE E 165 -35.95 47.59 -1.81
CA ILE E 165 -37.26 46.97 -1.76
C ILE E 165 -38.30 47.72 -0.92
N TYR E 166 -37.89 48.26 0.23
CA TYR E 166 -38.81 49.00 1.08
C TYR E 166 -39.08 50.35 0.46
N ILE E 167 -38.03 51.16 0.35
CA ILE E 167 -38.14 52.48 -0.23
C ILE E 167 -39.12 52.53 -1.39
N ASN E 168 -38.89 51.70 -2.40
CA ASN E 168 -39.77 51.69 -3.56
C ASN E 168 -41.23 51.49 -3.19
N GLN E 169 -41.52 50.56 -2.31
CA GLN E 169 -42.91 50.33 -1.90
C GLN E 169 -43.41 51.54 -1.13
N ALA E 170 -42.58 52.09 -0.25
CA ALA E 170 -42.97 53.25 0.52
C ALA E 170 -43.24 54.41 -0.43
N LYS E 171 -42.49 54.48 -1.52
CA LYS E 171 -42.68 55.55 -2.47
C LYS E 171 -44.07 55.43 -3.06
N GLU E 172 -44.38 54.28 -3.66
CA GLU E 172 -45.71 54.07 -4.25
C GLU E 172 -46.80 54.47 -3.24
N GLY E 173 -46.49 54.32 -1.96
CA GLY E 173 -47.44 54.67 -0.93
C GLY E 173 -47.75 56.14 -1.04
N PHE E 174 -46.75 56.96 -0.72
CA PHE E 174 -46.92 58.41 -0.79
C PHE E 174 -47.42 58.83 -2.17
N ALA E 175 -46.95 58.14 -3.20
CA ALA E 175 -47.38 58.49 -4.54
C ALA E 175 -48.88 58.32 -4.70
N SER E 176 -49.47 57.39 -3.96
CA SER E 176 -50.90 57.14 -4.04
C SER E 176 -51.77 58.22 -3.39
N VAL E 177 -51.22 58.97 -2.45
CA VAL E 177 -51.98 60.01 -1.76
C VAL E 177 -52.18 61.28 -2.60
N ASP E 178 -53.45 61.67 -2.78
CA ASP E 178 -53.78 62.86 -3.56
C ASP E 178 -53.14 64.12 -2.97
N VAL E 179 -52.19 64.69 -3.69
CA VAL E 179 -51.49 65.89 -3.24
C VAL E 179 -52.42 66.97 -2.65
N ARG E 180 -53.58 67.15 -3.27
CA ARG E 180 -54.54 68.15 -2.79
C ARG E 180 -54.79 67.92 -1.31
N LEU E 181 -54.96 66.65 -0.93
CA LEU E 181 -55.20 66.32 0.46
C LEU E 181 -54.18 67.03 1.33
N GLU E 182 -52.94 67.02 0.89
CA GLU E 182 -51.87 67.68 1.63
C GLU E 182 -52.01 69.18 1.53
N HIS E 183 -52.37 69.66 0.34
CA HIS E 183 -52.56 71.09 0.14
C HIS E 183 -53.61 71.59 1.13
N VAL E 184 -54.76 70.94 1.12
CA VAL E 184 -55.85 71.31 2.00
C VAL E 184 -55.38 71.32 3.43
N ALA E 185 -54.69 70.25 3.82
CA ALA E 185 -54.22 70.13 5.18
C ALA E 185 -53.38 71.33 5.60
N ARG E 186 -52.59 71.88 4.69
CA ARG E 186 -51.80 73.05 5.05
C ARG E 186 -52.75 74.24 5.09
N THR E 187 -53.72 74.23 4.16
CA THR E 187 -54.74 75.25 4.07
C THR E 187 -55.45 75.40 5.41
N LEU E 188 -55.78 74.26 6.01
CA LEU E 188 -56.45 74.24 7.30
C LEU E 188 -55.45 74.54 8.40
N GLY E 189 -54.38 75.26 8.01
CA GLY E 189 -53.34 75.65 8.94
C GLY E 189 -52.58 74.50 9.58
N SER E 190 -51.86 73.73 8.78
CA SER E 190 -51.11 72.61 9.32
C SER E 190 -49.71 72.62 8.72
N SER E 191 -48.70 72.65 9.59
CA SER E 191 -47.32 72.68 9.13
C SER E 191 -47.00 71.45 8.30
N PRO E 192 -45.94 71.54 7.48
CA PRO E 192 -45.52 70.43 6.62
C PRO E 192 -45.38 69.18 7.49
N LEU E 193 -44.80 69.40 8.67
CA LEU E 193 -44.61 68.32 9.62
C LEU E 193 -45.94 67.72 10.04
N ARG E 194 -46.93 68.60 10.34
CA ARG E 194 -48.27 68.15 10.74
C ARG E 194 -48.82 67.29 9.63
N VAL E 195 -48.97 67.89 8.46
CA VAL E 195 -49.48 67.21 7.29
C VAL E 195 -48.92 65.80 7.16
N PHE E 196 -47.60 65.72 7.19
CA PHE E 196 -46.88 64.45 7.05
C PHE E 196 -47.42 63.30 7.92
N PHE E 197 -47.51 63.55 9.23
CA PHE E 197 -47.99 62.54 10.15
C PHE E 197 -49.51 62.38 10.19
N THR E 198 -50.25 63.38 9.73
CA THR E 198 -51.70 63.31 9.77
C THR E 198 -52.40 63.01 8.48
N VAL E 199 -51.77 63.38 7.38
CA VAL E 199 -52.37 63.11 6.08
C VAL E 199 -51.55 62.09 5.31
N SER E 200 -50.34 62.48 4.95
CA SER E 200 -49.42 61.62 4.19
C SER E 200 -49.27 60.23 4.77
N LEU E 201 -48.54 60.13 5.86
CA LEU E 201 -48.30 58.84 6.51
C LEU E 201 -49.51 57.94 6.71
N PRO E 202 -50.47 58.33 7.58
CA PRO E 202 -51.66 57.49 7.83
C PRO E 202 -52.31 56.96 6.57
N LEU E 203 -52.22 57.72 5.49
CA LEU E 203 -52.83 57.34 4.22
C LEU E 203 -52.02 56.32 3.44
N SER E 204 -50.70 56.34 3.59
CA SER E 204 -49.87 55.38 2.87
C SER E 204 -49.45 54.23 3.79
N VAL E 205 -50.03 54.19 4.98
CA VAL E 205 -49.67 53.12 5.91
C VAL E 205 -49.76 51.74 5.26
N ARG E 206 -50.86 51.40 4.59
CA ARG E 206 -50.90 50.07 3.98
C ARG E 206 -49.82 49.81 2.94
N HIS E 207 -48.95 50.79 2.69
CA HIS E 207 -47.86 50.59 1.72
C HIS E 207 -46.59 50.47 2.51
N ILE E 208 -46.49 51.30 3.55
CA ILE E 208 -45.34 51.27 4.42
C ILE E 208 -45.32 49.89 5.06
N VAL E 209 -46.48 49.43 5.48
CA VAL E 209 -46.58 48.12 6.09
C VAL E 209 -46.17 47.04 5.11
N ALA E 210 -46.77 47.07 3.92
CA ALA E 210 -46.41 46.06 2.92
C ALA E 210 -44.92 46.14 2.64
N GLY E 211 -44.44 47.35 2.37
CA GLY E 211 -43.04 47.54 2.09
C GLY E 211 -42.17 46.93 3.18
N ALA E 212 -42.52 47.16 4.43
CA ALA E 212 -41.73 46.61 5.52
C ALA E 212 -41.78 45.10 5.43
N ILE E 213 -42.97 44.54 5.41
CA ILE E 213 -43.07 43.09 5.32
C ILE E 213 -42.22 42.52 4.20
N MET E 214 -42.22 43.20 3.07
CA MET E 214 -41.44 42.73 1.93
C MET E 214 -39.93 42.78 2.18
N SER E 215 -39.47 43.83 2.84
CA SER E 215 -38.07 43.98 3.10
C SER E 215 -37.63 42.95 4.14
N TRP E 216 -38.57 42.56 4.99
CA TRP E 216 -38.27 41.56 6.01
C TRP E 216 -38.10 40.22 5.29
N ALA E 217 -39.00 39.91 4.38
CA ALA E 217 -38.90 38.67 3.63
C ALA E 217 -37.57 38.61 2.88
N ARG E 218 -37.07 39.77 2.47
CA ARG E 218 -35.81 39.83 1.75
C ARG E 218 -34.65 39.48 2.67
N GLY E 219 -34.58 40.15 3.81
CA GLY E 219 -33.50 39.89 4.75
C GLY E 219 -33.46 38.42 5.10
N ILE E 220 -34.62 37.90 5.49
CA ILE E 220 -34.76 36.51 5.85
C ILE E 220 -34.16 35.58 4.79
N SER E 221 -34.49 35.85 3.53
CA SER E 221 -34.01 35.03 2.42
C SER E 221 -32.55 35.18 1.98
N GLU E 222 -31.88 36.21 2.46
CA GLU E 222 -30.50 36.45 2.08
C GLU E 222 -29.51 35.42 2.53
N PHE E 223 -28.54 35.12 1.68
CA PHE E 223 -27.48 34.17 1.99
C PHE E 223 -26.12 34.82 1.68
N GLY E 224 -25.82 34.92 0.39
CA GLY E 224 -24.57 35.51 -0.08
C GLY E 224 -24.06 36.74 0.67
N ALA E 225 -24.72 37.86 0.53
CA ALA E 225 -24.26 39.05 1.21
C ALA E 225 -23.92 38.76 2.67
N VAL E 226 -24.75 38.00 3.34
CA VAL E 226 -24.50 37.73 4.74
C VAL E 226 -23.30 36.86 5.01
N VAL E 227 -23.35 35.60 4.59
CA VAL E 227 -22.24 34.68 4.84
C VAL E 227 -20.88 35.34 4.83
N VAL E 228 -20.59 36.15 3.82
CA VAL E 228 -19.28 36.77 3.77
C VAL E 228 -18.97 37.83 4.83
N ILE E 229 -19.95 38.27 5.61
CA ILE E 229 -19.61 39.29 6.62
C ILE E 229 -19.52 38.69 8.00
N ALA E 230 -20.57 37.96 8.34
CA ALA E 230 -20.67 37.28 9.62
C ALA E 230 -21.21 35.91 9.29
N TYR E 231 -20.36 34.90 9.44
CA TYR E 231 -20.74 33.53 9.18
C TYR E 231 -21.38 32.94 10.42
N TYR E 232 -20.65 33.01 11.53
CA TYR E 232 -21.08 32.39 12.77
C TYR E 232 -22.33 32.76 13.50
N PRO E 233 -22.63 34.05 13.69
CA PRO E 233 -23.93 34.07 14.39
C PRO E 233 -24.82 33.64 13.23
N MET E 234 -24.86 32.31 13.06
CA MET E 234 -25.51 31.62 11.95
C MET E 234 -26.96 31.91 11.67
N ILE E 235 -27.25 31.96 10.38
CA ILE E 235 -28.57 32.27 9.84
C ILE E 235 -29.21 31.05 9.18
N ALA E 236 -30.53 30.97 9.25
CA ALA E 236 -31.23 29.84 8.68
C ALA E 236 -30.65 29.40 7.36
N PRO E 237 -30.47 30.32 6.41
CA PRO E 237 -29.93 29.97 5.10
C PRO E 237 -28.61 29.23 5.14
N THR E 238 -27.73 29.64 6.06
CA THR E 238 -26.43 29.03 6.24
C THR E 238 -26.57 27.62 6.84
N LEU E 239 -27.23 27.50 7.98
CA LEU E 239 -27.44 26.20 8.62
C LEU E 239 -27.88 25.18 7.59
N ILE E 240 -28.67 25.59 6.62
CA ILE E 240 -29.09 24.64 5.63
C ILE E 240 -27.93 24.29 4.72
N TYR E 241 -27.23 25.32 4.26
CA TYR E 241 -26.09 25.11 3.36
C TYR E 241 -25.07 24.20 4.03
N GLU E 242 -24.77 24.48 5.29
CA GLU E 242 -23.81 23.67 6.02
C GLU E 242 -24.23 22.22 6.02
N ARG E 243 -25.44 21.92 6.50
CA ARG E 243 -25.88 20.54 6.52
C ARG E 243 -25.91 19.95 5.15
N TYR E 244 -26.23 20.75 4.14
CA TYR E 244 -26.25 20.20 2.80
C TYR E 244 -24.87 19.67 2.44
N LEU E 245 -23.83 20.47 2.73
CA LEU E 245 -22.46 20.09 2.44
C LEU E 245 -21.93 19.04 3.39
N SER E 246 -22.21 19.22 4.67
CA SER E 246 -21.74 18.31 5.71
C SER E 246 -22.35 16.91 5.66
N GLU E 247 -23.66 16.83 5.54
CA GLU E 247 -24.31 15.53 5.56
C GLU E 247 -25.06 15.13 4.32
N GLY E 248 -25.07 16.00 3.32
CA GLY E 248 -25.77 15.67 2.08
C GLY E 248 -27.18 16.23 1.98
N LEU E 249 -27.83 15.94 0.86
CA LEU E 249 -29.19 16.40 0.60
C LEU E 249 -30.21 15.93 1.62
N SER E 250 -30.42 14.62 1.67
CA SER E 250 -31.39 14.04 2.58
C SER E 250 -31.26 14.51 4.02
N ALA E 251 -30.15 15.15 4.35
CA ALA E 251 -29.94 15.62 5.71
C ALA E 251 -30.35 17.08 5.88
N ALA E 252 -30.65 17.72 4.76
CA ALA E 252 -31.05 19.13 4.76
C ALA E 252 -32.51 19.32 4.49
N MET E 253 -33.08 18.44 3.66
CA MET E 253 -34.48 18.52 3.32
C MET E 253 -35.36 18.85 4.51
N PRO E 254 -35.25 18.09 5.59
CA PRO E 254 -36.08 18.39 6.75
C PRO E 254 -36.04 19.87 7.14
N VAL E 255 -34.84 20.38 7.39
CA VAL E 255 -34.69 21.78 7.78
C VAL E 255 -35.25 22.70 6.73
N ALA E 256 -35.09 22.33 5.46
CA ALA E 256 -35.62 23.14 4.39
C ALA E 256 -37.13 23.25 4.59
N ALA E 257 -37.81 22.11 4.50
CA ALA E 257 -39.27 22.03 4.67
C ALA E 257 -39.71 22.78 5.92
N ILE E 258 -38.97 22.65 7.01
CA ILE E 258 -39.32 23.37 8.21
C ILE E 258 -39.31 24.85 7.90
N LEU E 259 -38.22 25.31 7.27
CA LEU E 259 -38.11 26.73 6.93
C LEU E 259 -39.18 27.16 5.95
N ILE E 260 -39.49 26.31 4.97
CA ILE E 260 -40.56 26.63 4.04
C ILE E 260 -41.84 26.85 4.86
N LEU E 261 -42.37 25.78 5.46
CA LEU E 261 -43.57 25.88 6.27
C LEU E 261 -43.47 27.06 7.24
N LEU E 262 -42.34 27.13 7.93
CA LEU E 262 -42.14 28.20 8.90
C LEU E 262 -42.44 29.55 8.25
N SER E 263 -42.17 29.68 6.96
CA SER E 263 -42.43 30.92 6.29
C SER E 263 -43.88 31.05 5.85
N LEU E 264 -44.41 30.03 5.18
CA LEU E 264 -45.81 30.08 4.74
C LEU E 264 -46.67 30.60 5.88
N ALA E 265 -46.45 30.06 7.08
CA ALA E 265 -47.21 30.48 8.25
C ALA E 265 -47.02 31.96 8.52
N VAL E 266 -45.80 32.35 8.84
CA VAL E 266 -45.50 33.75 9.15
C VAL E 266 -46.06 34.73 8.14
N PHE E 267 -46.05 34.37 6.86
CA PHE E 267 -46.54 35.32 5.88
C PHE E 267 -48.03 35.26 5.63
N VAL E 268 -48.57 34.07 5.44
CA VAL E 268 -50.02 33.98 5.26
C VAL E 268 -50.66 34.60 6.50
N ALA E 269 -50.01 34.43 7.65
CA ALA E 269 -50.51 35.01 8.89
C ALA E 269 -50.58 36.52 8.71
N LEU E 270 -49.45 37.12 8.35
CA LEU E 270 -49.39 38.55 8.15
C LEU E 270 -50.40 39.05 7.13
N ARG E 271 -50.64 38.28 6.06
CA ARG E 271 -51.60 38.69 5.05
C ARG E 271 -53.02 38.69 5.61
N ILE E 272 -53.32 37.68 6.40
CA ILE E 272 -54.64 37.58 7.01
C ILE E 272 -54.80 38.66 8.08
N ILE E 273 -53.72 39.34 8.44
CA ILE E 273 -53.78 40.41 9.42
C ILE E 273 -53.60 41.75 8.71
N VAL E 274 -53.98 41.80 7.44
CA VAL E 274 -53.87 43.02 6.65
C VAL E 274 -54.83 43.02 5.46
N GLY E 275 -55.39 41.86 5.14
CA GLY E 275 -56.33 41.79 4.02
C GLY E 275 -57.58 40.98 4.31
N MET F 24 -37.74 77.50 11.19
CA MET F 24 -38.32 76.38 11.97
C MET F 24 -38.64 75.17 11.10
N ARG F 25 -39.09 75.41 9.88
CA ARG F 25 -39.44 74.33 8.96
C ARG F 25 -38.22 73.68 8.34
N LEU F 26 -37.10 74.39 8.33
CA LEU F 26 -35.89 73.83 7.79
C LEU F 26 -35.50 72.65 8.66
N LEU F 27 -35.94 72.64 9.91
CA LEU F 27 -35.63 71.56 10.81
C LEU F 27 -36.30 70.27 10.36
N PHE F 28 -37.55 70.37 9.90
CA PHE F 28 -38.25 69.20 9.40
C PHE F 28 -37.80 68.91 7.97
N SER F 29 -37.58 69.97 7.20
CA SER F 29 -37.14 69.84 5.82
C SER F 29 -35.73 69.27 5.75
N ALA F 30 -34.96 69.47 6.82
CA ALA F 30 -33.61 68.96 6.88
C ALA F 30 -33.62 67.61 7.58
N LEU F 31 -34.47 67.48 8.59
CA LEU F 31 -34.58 66.22 9.31
C LEU F 31 -34.81 65.14 8.27
N LEU F 32 -35.74 65.40 7.35
CA LEU F 32 -36.05 64.45 6.30
C LEU F 32 -34.87 64.30 5.36
N ALA F 33 -34.31 65.43 4.96
CA ALA F 33 -33.17 65.44 4.05
C ALA F 33 -31.98 64.69 4.65
N LEU F 34 -31.76 64.87 5.96
CA LEU F 34 -30.66 64.22 6.65
C LEU F 34 -30.88 62.72 6.69
N LEU F 35 -31.98 62.30 7.30
CA LEU F 35 -32.29 60.88 7.37
C LEU F 35 -32.15 60.20 6.01
N SER F 36 -32.68 60.83 4.97
CA SER F 36 -32.61 60.23 3.65
C SER F 36 -31.19 60.23 3.05
N SER F 37 -30.38 61.22 3.40
CA SER F 37 -29.03 61.28 2.86
C SER F 37 -28.16 60.24 3.54
N ILE F 38 -28.68 59.64 4.60
CA ILE F 38 -27.94 58.62 5.32
C ILE F 38 -27.99 57.32 4.51
N ILE F 39 -29.16 56.69 4.39
CA ILE F 39 -29.27 55.44 3.64
C ILE F 39 -28.70 55.59 2.25
N LEU F 40 -28.65 56.82 1.76
CA LEU F 40 -28.10 57.01 0.44
C LEU F 40 -26.61 56.76 0.50
N LEU F 41 -25.97 57.22 1.58
CA LEU F 41 -24.54 56.99 1.73
C LEU F 41 -24.31 55.53 2.04
N PHE F 42 -25.16 55.00 2.90
CA PHE F 42 -25.07 53.60 3.30
C PHE F 42 -24.98 52.73 2.06
N VAL F 43 -25.91 52.93 1.14
CA VAL F 43 -25.92 52.14 -0.06
C VAL F 43 -24.84 52.58 -1.04
N LEU F 44 -24.34 53.79 -0.87
CA LEU F 44 -23.31 54.29 -1.79
C LEU F 44 -21.90 53.94 -1.36
N LEU F 45 -21.55 54.33 -0.13
CA LEU F 45 -20.23 54.09 0.42
C LEU F 45 -19.59 52.78 -0.01
N PRO F 46 -20.09 51.63 0.47
CA PRO F 46 -19.47 50.36 0.07
C PRO F 46 -19.20 50.29 -1.43
N VAL F 47 -20.24 50.11 -2.24
CA VAL F 47 -20.08 50.03 -3.67
C VAL F 47 -19.04 51.02 -4.15
N ALA F 48 -19.24 52.28 -3.77
CA ALA F 48 -18.33 53.36 -4.16
C ALA F 48 -16.89 53.05 -3.76
N ALA F 49 -16.67 52.99 -2.46
CA ALA F 49 -15.36 52.72 -1.89
C ALA F 49 -14.59 51.62 -2.61
N THR F 50 -15.14 50.40 -2.62
CA THR F 50 -14.45 49.30 -3.27
C THR F 50 -13.93 49.66 -4.67
N VAL F 51 -14.71 50.38 -5.48
CA VAL F 51 -14.24 50.73 -6.82
C VAL F 51 -13.17 51.81 -6.73
N THR F 52 -13.30 52.66 -5.72
CA THR F 52 -12.34 53.73 -5.49
C THR F 52 -11.00 53.07 -5.30
N LEU F 53 -10.85 52.36 -4.18
CA LEU F 53 -9.60 51.68 -3.82
C LEU F 53 -8.96 50.88 -4.96
N GLN F 54 -9.72 50.60 -6.00
CA GLN F 54 -9.17 49.86 -7.12
C GLN F 54 -8.21 50.71 -7.93
N LEU F 55 -7.86 51.87 -7.40
CA LEU F 55 -6.92 52.78 -8.05
C LEU F 55 -5.60 52.49 -7.40
N PHE F 56 -5.63 52.46 -6.08
CA PHE F 56 -4.45 52.20 -5.24
C PHE F 56 -3.73 50.91 -5.64
N ASN F 57 -4.42 50.05 -6.40
CA ASN F 57 -3.85 48.77 -6.86
C ASN F 57 -4.34 48.56 -8.29
N PHE F 58 -4.21 49.59 -9.10
CA PHE F 58 -4.67 49.54 -10.49
C PHE F 58 -4.04 48.41 -11.27
N ASP F 59 -2.91 47.91 -10.76
CA ASP F 59 -2.21 46.82 -11.41
C ASP F 59 -3.07 45.57 -11.33
N GLU F 60 -3.43 45.19 -10.11
CA GLU F 60 -4.27 44.02 -9.89
C GLU F 60 -5.58 44.21 -10.64
N PHE F 61 -6.21 45.37 -10.44
CA PHE F 61 -7.48 45.68 -11.08
C PHE F 61 -7.40 45.39 -12.57
N LEU F 62 -6.36 45.92 -13.20
CA LEU F 62 -6.16 45.72 -14.63
C LEU F 62 -6.01 44.24 -14.97
N LYS F 63 -5.18 43.55 -14.20
CA LYS F 63 -4.96 42.13 -14.42
C LYS F 63 -6.29 41.40 -14.33
N ALA F 64 -7.02 41.67 -13.26
CA ALA F 64 -8.33 41.07 -13.04
C ALA F 64 -9.15 41.32 -14.28
N ALA F 65 -9.19 42.58 -14.69
CA ALA F 65 -9.93 43.00 -15.86
C ALA F 65 -9.58 42.20 -17.11
N SER F 66 -8.34 41.75 -17.19
CA SER F 66 -7.85 40.99 -18.34
C SER F 66 -8.07 39.50 -18.18
N ASP F 67 -8.09 39.06 -16.94
CA ASP F 67 -8.29 37.66 -16.62
C ASP F 67 -9.48 37.06 -17.38
N PRO F 68 -9.20 36.33 -18.46
CA PRO F 68 -10.25 35.70 -19.29
C PRO F 68 -11.07 34.65 -18.53
N ALA F 69 -10.63 34.32 -17.33
CA ALA F 69 -11.36 33.34 -16.52
C ALA F 69 -12.62 34.07 -16.10
N VAL F 70 -12.44 35.32 -15.71
CA VAL F 70 -13.53 36.19 -15.28
C VAL F 70 -14.56 36.35 -16.38
N TRP F 71 -14.09 36.78 -17.54
CA TRP F 71 -14.97 36.98 -18.67
C TRP F 71 -15.71 35.71 -19.03
N LYS F 72 -15.11 34.55 -18.82
CA LYS F 72 -15.80 33.29 -19.12
C LYS F 72 -17.02 33.20 -18.21
N VAL F 73 -16.82 33.54 -16.95
CA VAL F 73 -17.88 33.48 -15.96
C VAL F 73 -18.94 34.55 -16.25
N VAL F 74 -18.49 35.80 -16.34
CA VAL F 74 -19.39 36.90 -16.62
C VAL F 74 -20.37 36.55 -17.74
N LEU F 75 -19.86 36.00 -18.83
CA LEU F 75 -20.73 35.64 -19.92
C LEU F 75 -21.67 34.52 -19.51
N THR F 76 -21.17 33.49 -18.84
CA THR F 76 -22.04 32.39 -18.43
C THR F 76 -23.18 32.98 -17.61
N THR F 77 -22.82 33.91 -16.73
CA THR F 77 -23.78 34.57 -15.87
C THR F 77 -24.86 35.22 -16.74
N TYR F 78 -24.48 36.35 -17.34
CA TYR F 78 -25.35 37.14 -18.21
C TYR F 78 -26.17 36.28 -19.15
N TYR F 79 -25.55 35.33 -19.82
CA TYR F 79 -26.27 34.49 -20.74
C TYR F 79 -27.27 33.53 -20.08
N ALA F 80 -26.91 33.00 -18.92
CA ALA F 80 -27.79 32.08 -18.22
C ALA F 80 -29.00 32.85 -17.73
N ALA F 81 -28.74 34.02 -17.16
CA ALA F 81 -29.80 34.88 -16.65
C ALA F 81 -30.70 35.37 -17.77
N LEU F 82 -30.14 35.53 -18.95
CA LEU F 82 -30.91 35.98 -20.11
C LEU F 82 -31.92 34.94 -20.52
N ILE F 83 -31.60 33.67 -20.28
CA ILE F 83 -32.51 32.61 -20.64
C ILE F 83 -33.66 32.53 -19.65
N SER F 84 -33.37 32.69 -18.37
CA SER F 84 -34.42 32.63 -17.36
C SER F 84 -35.46 33.71 -17.70
N THR F 85 -34.97 34.90 -18.05
CA THR F 85 -35.83 36.02 -18.39
C THR F 85 -36.74 35.67 -19.55
N LEU F 86 -36.17 35.24 -20.67
CA LEU F 86 -37.00 34.89 -21.81
C LEU F 86 -38.06 33.90 -21.38
N ILE F 87 -37.67 32.89 -20.63
CA ILE F 87 -38.62 31.90 -20.17
C ILE F 87 -39.71 32.61 -19.36
N ALA F 88 -39.30 33.58 -18.56
CA ALA F 88 -40.24 34.34 -17.75
C ALA F 88 -41.22 35.05 -18.66
N VAL F 89 -40.72 35.96 -19.48
CA VAL F 89 -41.58 36.70 -20.40
C VAL F 89 -42.55 35.74 -21.09
N ILE F 90 -42.01 34.73 -21.74
CA ILE F 90 -42.81 33.75 -22.48
C ILE F 90 -43.88 33.00 -21.69
N PHE F 91 -43.67 32.76 -20.41
CA PHE F 91 -44.69 32.04 -19.66
C PHE F 91 -45.29 32.95 -18.61
N GLY F 92 -44.49 33.90 -18.15
CA GLY F 92 -44.93 34.83 -17.13
C GLY F 92 -45.93 35.86 -17.61
N THR F 93 -45.69 36.41 -18.81
CA THR F 93 -46.61 37.40 -19.33
C THR F 93 -48.04 36.90 -19.32
N PRO F 94 -48.34 35.81 -20.04
CA PRO F 94 -49.72 35.32 -20.03
C PRO F 94 -50.36 35.32 -18.64
N LEU F 95 -49.64 34.90 -17.63
CA LEU F 95 -50.18 34.90 -16.27
C LEU F 95 -50.39 36.32 -15.76
N ALA F 96 -49.46 37.21 -16.06
CA ALA F 96 -49.56 38.59 -15.61
C ALA F 96 -50.81 39.25 -16.18
N TYR F 97 -51.15 38.91 -17.43
CA TYR F 97 -52.34 39.47 -18.06
C TYR F 97 -53.54 38.95 -17.27
N ILE F 98 -53.65 37.63 -17.23
CA ILE F 98 -54.72 36.97 -16.50
C ILE F 98 -54.88 37.48 -15.08
N LEU F 99 -53.82 37.97 -14.47
CA LEU F 99 -53.98 38.45 -13.11
C LEU F 99 -54.52 39.87 -13.06
N ALA F 100 -54.12 40.68 -14.03
CA ALA F 100 -54.55 42.08 -14.08
C ALA F 100 -55.97 42.22 -14.56
N ARG F 101 -56.41 41.30 -15.40
CA ARG F 101 -57.76 41.34 -15.94
C ARG F 101 -58.77 40.51 -15.17
N LYS F 102 -58.91 39.26 -15.56
CA LYS F 102 -59.86 38.34 -14.93
C LYS F 102 -59.70 38.26 -13.42
N SER F 103 -60.77 37.87 -12.75
CA SER F 103 -60.78 37.70 -11.30
C SER F 103 -61.70 36.53 -11.04
N PHE F 104 -61.10 35.41 -10.64
CA PHE F 104 -61.80 34.18 -10.38
C PHE F 104 -61.69 33.84 -8.89
N PRO F 105 -62.22 32.68 -8.48
CA PRO F 105 -62.14 32.28 -7.06
C PRO F 105 -60.73 31.95 -6.58
N GLY F 106 -59.97 31.25 -7.43
CA GLY F 106 -58.62 30.86 -7.06
C GLY F 106 -57.61 31.97 -6.82
N LYS F 107 -57.59 32.97 -7.69
CA LYS F 107 -56.66 34.10 -7.60
C LYS F 107 -55.83 34.16 -6.33
N SER F 108 -56.47 34.41 -5.18
CA SER F 108 -55.76 34.50 -3.90
C SER F 108 -54.59 33.51 -3.83
N VAL F 109 -54.86 32.27 -4.23
CA VAL F 109 -53.86 31.22 -4.23
C VAL F 109 -52.87 31.49 -5.36
N VAL F 110 -53.37 31.53 -6.59
CA VAL F 110 -52.52 31.77 -7.74
C VAL F 110 -51.56 32.94 -7.49
N GLU F 111 -52.05 33.99 -6.86
CA GLU F 111 -51.23 35.16 -6.57
C GLU F 111 -50.15 34.83 -5.55
N GLY F 112 -50.51 33.98 -4.58
CA GLY F 112 -49.56 33.59 -3.56
C GLY F 112 -48.45 32.72 -4.11
N ILE F 113 -48.82 31.72 -4.90
CA ILE F 113 -47.84 30.85 -5.50
C ILE F 113 -46.80 31.68 -6.24
N VAL F 114 -47.26 32.71 -6.94
CA VAL F 114 -46.37 33.59 -7.67
C VAL F 114 -45.36 34.26 -6.76
N ASP F 115 -45.75 34.54 -5.53
CA ASP F 115 -44.84 35.18 -4.61
C ASP F 115 -44.05 34.23 -3.72
N LEU F 116 -44.27 32.93 -3.85
CA LEU F 116 -43.54 31.95 -3.02
C LEU F 116 -42.07 32.30 -2.89
N PRO F 117 -41.34 32.28 -4.02
CA PRO F 117 -39.92 32.58 -4.04
C PRO F 117 -39.45 33.77 -3.24
N VAL F 118 -40.32 34.71 -2.97
CA VAL F 118 -39.91 35.90 -2.24
C VAL F 118 -39.77 35.62 -0.77
N VAL F 119 -40.34 34.51 -0.33
CA VAL F 119 -40.32 34.15 1.07
C VAL F 119 -39.34 33.04 1.41
N ILE F 120 -39.00 32.25 0.40
CA ILE F 120 -38.09 31.15 0.56
C ILE F 120 -36.66 31.59 0.40
N PRO F 121 -35.86 31.50 1.48
CA PRO F 121 -34.45 31.90 1.40
C PRO F 121 -33.72 31.18 0.27
N HIS F 122 -32.81 31.90 -0.37
CA HIS F 122 -32.05 31.40 -1.53
C HIS F 122 -31.65 29.92 -1.46
N THR F 123 -30.88 29.58 -0.44
CA THR F 123 -30.43 28.23 -0.21
C THR F 123 -31.56 27.21 -0.34
N VAL F 124 -32.63 27.41 0.42
CA VAL F 124 -33.76 26.49 0.37
C VAL F 124 -34.27 26.36 -1.05
N ALA F 125 -34.39 27.49 -1.72
CA ALA F 125 -34.85 27.45 -3.11
C ALA F 125 -33.99 26.46 -3.88
N GLY F 126 -32.67 26.62 -3.80
CA GLY F 126 -31.78 25.73 -4.50
C GLY F 126 -32.06 24.29 -4.13
N ILE F 127 -32.05 24.02 -2.83
CA ILE F 127 -32.30 22.68 -2.34
C ILE F 127 -33.60 22.10 -2.89
N ALA F 128 -34.66 22.88 -2.78
CA ALA F 128 -35.96 22.48 -3.27
C ALA F 128 -35.86 22.22 -4.77
N LEU F 129 -35.20 23.09 -5.50
CA LEU F 129 -35.06 22.92 -6.93
C LEU F 129 -34.33 21.62 -7.21
N LEU F 130 -33.29 21.38 -6.41
CA LEU F 130 -32.47 20.19 -6.56
C LEU F 130 -33.33 18.94 -6.39
N VAL F 131 -34.20 18.99 -5.39
CA VAL F 131 -35.12 17.88 -5.11
C VAL F 131 -36.00 17.56 -6.30
N VAL F 132 -35.93 18.36 -7.36
CA VAL F 132 -36.79 18.11 -8.49
C VAL F 132 -36.02 17.86 -9.78
N PHE F 133 -34.82 18.43 -9.88
CA PHE F 133 -34.01 18.25 -11.08
C PHE F 133 -32.70 17.54 -10.76
N GLY F 134 -32.50 17.30 -9.47
CA GLY F 134 -31.31 16.60 -9.05
C GLY F 134 -31.55 15.15 -9.27
N SER F 135 -30.52 14.45 -9.74
CA SER F 135 -30.60 13.03 -10.01
C SER F 135 -31.60 12.27 -9.14
N SER F 136 -31.62 12.57 -7.86
CA SER F 136 -32.53 11.89 -6.91
C SER F 136 -34.02 12.15 -7.16
N GLY F 137 -34.40 13.41 -7.09
CA GLY F 137 -35.79 13.81 -7.26
C GLY F 137 -36.48 13.43 -8.55
N LEU F 138 -37.80 13.59 -8.52
CA LEU F 138 -38.66 13.29 -9.64
C LEU F 138 -38.08 13.55 -10.99
N ILE F 139 -38.35 14.73 -11.53
CA ILE F 139 -37.83 15.08 -12.85
C ILE F 139 -36.33 14.80 -13.06
N GLY F 140 -35.53 15.05 -12.03
CA GLY F 140 -34.08 14.85 -12.12
C GLY F 140 -33.65 13.56 -12.79
N SER F 141 -34.44 12.53 -12.52
CA SER F 141 -34.29 11.17 -13.03
C SER F 141 -35.04 10.99 -14.33
N PHE F 142 -36.29 11.44 -14.32
CA PHE F 142 -37.17 11.34 -15.45
C PHE F 142 -36.77 12.29 -16.56
N SER F 143 -35.62 12.93 -16.41
CA SER F 143 -35.15 13.85 -17.42
C SER F 143 -33.80 13.46 -17.99
N PRO F 144 -33.72 13.39 -19.32
CA PRO F 144 -32.49 13.04 -20.01
C PRO F 144 -31.45 14.15 -19.84
N LEU F 145 -31.93 15.40 -19.87
CA LEU F 145 -31.06 16.57 -19.73
C LEU F 145 -30.56 16.76 -18.29
N LYS F 146 -29.26 16.56 -18.06
CA LYS F 146 -28.70 16.73 -16.72
C LYS F 146 -28.75 18.21 -16.28
N PHE F 147 -29.25 18.45 -15.06
CA PHE F 147 -29.36 19.80 -14.52
C PHE F 147 -28.22 20.13 -13.56
N VAL F 148 -28.00 19.24 -12.64
CA VAL F 148 -26.89 19.35 -11.70
C VAL F 148 -25.60 19.77 -12.39
N ASP F 149 -24.86 20.63 -11.72
CA ASP F 149 -23.59 21.14 -12.26
C ASP F 149 -23.71 21.55 -13.75
N ALA F 150 -24.92 21.81 -14.26
CA ALA F 150 -25.07 22.23 -15.68
C ALA F 150 -25.95 23.46 -15.87
N LEU F 151 -25.81 24.10 -17.02
CA LEU F 151 -26.57 25.30 -17.37
C LEU F 151 -28.03 25.23 -16.94
N PRO F 152 -28.74 24.14 -17.31
CA PRO F 152 -30.14 23.97 -16.94
C PRO F 152 -30.41 24.24 -15.48
N GLY F 153 -29.53 23.73 -14.61
CA GLY F 153 -29.72 23.96 -13.20
C GLY F 153 -29.66 25.43 -12.88
N ILE F 154 -28.80 26.16 -13.61
CA ILE F 154 -28.62 27.59 -13.39
C ILE F 154 -29.88 28.34 -13.76
N VAL F 155 -30.41 28.04 -14.94
CA VAL F 155 -31.62 28.68 -15.40
C VAL F 155 -32.69 28.45 -14.36
N VAL F 156 -33.08 27.20 -14.18
CA VAL F 156 -34.08 26.87 -13.18
C VAL F 156 -33.82 27.60 -11.87
N ALA F 157 -32.56 27.77 -11.51
CA ALA F 157 -32.25 28.48 -10.28
C ALA F 157 -32.68 29.93 -10.43
N MET F 158 -32.08 30.63 -11.38
CA MET F 158 -32.40 32.02 -11.61
C MET F 158 -33.89 32.26 -11.86
N LEU F 159 -34.49 31.44 -12.72
CA LEU F 159 -35.90 31.58 -13.03
C LEU F 159 -36.66 31.71 -11.72
N PHE F 160 -36.77 30.59 -11.01
CA PHE F 160 -37.46 30.52 -9.73
C PHE F 160 -37.33 31.77 -8.86
N VAL F 161 -36.16 32.36 -8.84
CA VAL F 161 -35.96 33.51 -8.00
C VAL F 161 -36.42 34.83 -8.60
N SER F 162 -36.48 34.91 -9.93
CA SER F 162 -36.88 36.15 -10.58
C SER F 162 -38.27 36.16 -11.19
N VAL F 163 -38.84 34.98 -11.42
CA VAL F 163 -40.19 34.88 -11.99
C VAL F 163 -41.17 35.88 -11.36
N PRO F 164 -41.33 35.86 -10.03
CA PRO F 164 -42.24 36.80 -9.40
C PRO F 164 -41.89 38.22 -9.79
N ILE F 165 -40.63 38.58 -9.65
CA ILE F 165 -40.19 39.92 -10.02
C ILE F 165 -40.70 40.40 -11.37
N TYR F 166 -40.72 39.52 -12.37
CA TYR F 166 -41.21 39.90 -13.69
C TYR F 166 -42.71 40.01 -13.66
N ILE F 167 -43.36 38.88 -13.40
CA ILE F 167 -44.81 38.82 -13.33
C ILE F 167 -45.42 40.08 -12.72
N ASN F 168 -45.01 40.40 -11.49
CA ASN F 168 -45.53 41.59 -10.83
C ASN F 168 -45.40 42.86 -11.67
N GLN F 169 -44.24 43.09 -12.27
CA GLN F 169 -44.06 44.25 -13.09
C GLN F 169 -44.94 44.17 -14.31
N ALA F 170 -45.01 43.00 -14.91
CA ALA F 170 -45.85 42.81 -16.09
C ALA F 170 -47.30 43.08 -15.73
N LYS F 171 -47.68 42.71 -14.51
CA LYS F 171 -49.05 42.92 -14.07
C LYS F 171 -49.32 44.41 -14.06
N GLU F 172 -48.54 45.18 -13.31
CA GLU F 172 -48.72 46.63 -13.25
C GLU F 172 -48.84 47.19 -14.67
N GLY F 173 -48.19 46.53 -15.62
CA GLY F 173 -48.26 46.99 -17.00
C GLY F 173 -49.69 46.92 -17.46
N PHE F 174 -50.20 45.71 -17.60
CA PHE F 174 -51.58 45.51 -18.03
C PHE F 174 -52.54 46.30 -17.15
N ALA F 175 -52.25 46.38 -15.87
CA ALA F 175 -53.11 47.12 -14.97
C ALA F 175 -53.20 48.58 -15.37
N SER F 176 -52.14 49.11 -15.97
CA SER F 176 -52.12 50.51 -16.37
C SER F 176 -52.99 50.82 -17.59
N VAL F 177 -53.26 49.82 -18.43
CA VAL F 177 -54.06 50.03 -19.63
C VAL F 177 -55.56 50.17 -19.36
N ASP F 178 -56.15 51.27 -19.82
CA ASP F 178 -57.58 51.52 -19.62
C ASP F 178 -58.43 50.44 -20.27
N VAL F 179 -59.11 49.65 -19.43
CA VAL F 179 -59.95 48.57 -19.90
C VAL F 179 -60.84 48.96 -21.09
N ARG F 180 -61.38 50.17 -21.08
CA ARG F 180 -62.24 50.63 -22.17
C ARG F 180 -61.52 50.44 -23.49
N LEU F 181 -60.24 50.80 -23.51
CA LEU F 181 -59.46 50.66 -24.72
C LEU F 181 -59.65 49.28 -25.29
N GLU F 182 -59.65 48.28 -24.41
CA GLU F 182 -59.84 46.91 -24.84
C GLU F 182 -61.28 46.68 -25.24
N HIS F 183 -62.21 47.27 -24.50
CA HIS F 183 -63.62 47.15 -24.82
C HIS F 183 -63.85 47.65 -26.24
N VAL F 184 -63.41 48.88 -26.49
CA VAL F 184 -63.55 49.49 -27.79
C VAL F 184 -62.96 48.59 -28.86
N ALA F 185 -61.75 48.12 -28.62
CA ALA F 185 -61.07 47.27 -29.58
C ALA F 185 -61.91 46.07 -29.98
N ARG F 186 -62.65 45.50 -29.04
CA ARG F 186 -63.50 44.37 -29.38
C ARG F 186 -64.70 44.93 -30.14
N THR F 187 -65.13 46.11 -29.72
CA THR F 187 -66.25 46.81 -30.34
C THR F 187 -65.99 46.99 -31.81
N LEU F 188 -64.76 47.38 -32.13
CA LEU F 188 -64.35 47.58 -33.52
C LEU F 188 -64.09 46.23 -34.18
N GLY F 189 -64.76 45.21 -33.64
CA GLY F 189 -64.64 43.86 -34.15
C GLY F 189 -63.25 43.26 -34.08
N SER F 190 -62.75 43.06 -32.87
CA SER F 190 -61.41 42.48 -32.71
C SER F 190 -61.47 41.39 -31.64
N SER F 191 -61.06 40.19 -32.01
CA SER F 191 -61.07 39.07 -31.10
C SER F 191 -60.22 39.35 -29.88
N PRO F 192 -60.48 38.63 -28.77
CA PRO F 192 -59.71 38.81 -27.53
C PRO F 192 -58.24 38.72 -27.87
N LEU F 193 -57.92 37.77 -28.73
CA LEU F 193 -56.55 37.55 -29.17
C LEU F 193 -56.02 38.80 -29.87
N ARG F 194 -56.83 39.36 -30.76
CA ARG F 194 -56.44 40.57 -31.50
C ARG F 194 -56.12 41.64 -30.50
N VAL F 195 -57.13 42.01 -29.72
CA VAL F 195 -57.00 43.04 -28.70
C VAL F 195 -55.67 42.92 -27.95
N PHE F 196 -55.42 41.72 -27.44
CA PHE F 196 -54.22 41.44 -26.66
C PHE F 196 -52.93 41.94 -27.29
N PHE F 197 -52.67 41.53 -28.53
CA PHE F 197 -51.46 41.94 -29.21
C PHE F 197 -51.48 43.35 -29.80
N THR F 198 -52.67 43.92 -29.97
CA THR F 198 -52.78 45.25 -30.57
C THR F 198 -53.07 46.39 -29.61
N VAL F 199 -53.74 46.06 -28.52
CA VAL F 199 -54.05 47.09 -27.55
C VAL F 199 -53.28 46.85 -26.24
N SER F 200 -53.64 45.76 -25.56
CA SER F 200 -53.01 45.38 -24.30
C SER F 200 -51.49 45.43 -24.34
N LEU F 201 -50.90 44.42 -24.97
CA LEU F 201 -49.45 44.32 -25.06
C LEU F 201 -48.70 45.61 -25.43
N PRO F 202 -48.86 46.09 -26.67
CA PRO F 202 -48.15 47.31 -27.11
C PRO F 202 -48.21 48.46 -26.11
N LEU F 203 -49.31 48.51 -25.37
CA LEU F 203 -49.49 49.57 -24.39
C LEU F 203 -48.73 49.33 -23.09
N SER F 204 -48.53 48.07 -22.71
CA SER F 204 -47.81 47.80 -21.48
C SER F 204 -46.36 47.42 -21.77
N VAL F 205 -45.94 47.56 -23.02
CA VAL F 205 -44.58 47.22 -23.37
C VAL F 205 -43.56 47.87 -22.41
N ARG F 206 -43.63 49.17 -22.17
CA ARG F 206 -42.64 49.74 -21.26
C ARG F 206 -42.65 49.15 -19.86
N HIS F 207 -43.53 48.18 -19.59
CA HIS F 207 -43.58 47.57 -18.27
C HIS F 207 -43.01 46.18 -18.43
N ILE F 208 -43.38 45.54 -19.54
CA ILE F 208 -42.89 44.21 -19.84
C ILE F 208 -41.36 44.35 -19.96
N VAL F 209 -40.93 45.37 -20.66
CA VAL F 209 -39.50 45.61 -20.83
C VAL F 209 -38.84 45.83 -19.49
N ALA F 210 -39.39 46.74 -18.69
CA ALA F 210 -38.79 47.01 -17.38
C ALA F 210 -38.76 45.72 -16.58
N GLY F 211 -39.91 45.06 -16.53
CA GLY F 211 -40.01 43.81 -15.79
C GLY F 211 -38.95 42.82 -16.20
N ALA F 212 -38.74 42.69 -17.50
CA ALA F 212 -37.73 41.77 -17.99
C ALA F 212 -36.38 42.22 -17.48
N ILE F 213 -36.01 43.45 -17.76
CA ILE F 213 -34.73 43.94 -17.29
C ILE F 213 -34.52 43.67 -15.81
N MET F 214 -35.57 43.87 -15.02
CA MET F 214 -35.46 43.64 -13.59
C MET F 214 -35.23 42.18 -13.24
N SER F 215 -35.88 41.28 -13.95
CA SER F 215 -35.74 39.86 -13.67
C SER F 215 -34.34 39.39 -14.09
N TRP F 216 -33.78 40.07 -15.08
CA TRP F 216 -32.46 39.73 -15.56
C TRP F 216 -31.49 40.16 -14.46
N ALA F 217 -31.65 41.36 -13.94
CA ALA F 217 -30.77 41.82 -12.87
C ALA F 217 -30.83 40.86 -11.67
N ARG F 218 -31.97 40.21 -11.49
CA ARG F 218 -32.15 39.29 -10.37
C ARG F 218 -31.34 38.03 -10.61
N GLY F 219 -31.51 37.43 -11.78
CA GLY F 219 -30.78 36.22 -12.10
C GLY F 219 -29.30 36.45 -11.96
N ILE F 220 -28.82 37.49 -12.61
CA ILE F 220 -27.43 37.87 -12.55
C ILE F 220 -26.90 37.90 -11.12
N SER F 221 -27.66 38.52 -10.22
CA SER F 221 -27.23 38.66 -8.83
C SER F 221 -27.36 37.45 -7.93
N GLU F 222 -28.05 36.41 -8.39
CA GLU F 222 -28.25 35.21 -7.58
C GLU F 222 -26.99 34.42 -7.27
N PHE F 223 -26.92 33.88 -6.07
CA PHE F 223 -25.80 33.07 -5.64
C PHE F 223 -26.34 31.77 -5.04
N GLY F 224 -26.83 31.87 -3.80
CA GLY F 224 -27.39 30.72 -3.11
C GLY F 224 -28.21 29.71 -3.92
N ALA F 225 -29.38 30.10 -4.41
CA ALA F 225 -30.16 29.14 -5.17
C ALA F 225 -29.31 28.43 -6.21
N VAL F 226 -28.47 29.18 -6.91
CA VAL F 226 -27.67 28.56 -7.94
C VAL F 226 -26.62 27.60 -7.45
N VAL F 227 -25.63 28.10 -6.71
CA VAL F 227 -24.57 27.24 -6.23
C VAL F 227 -24.98 25.83 -5.89
N VAL F 228 -26.05 25.68 -5.13
CA VAL F 228 -26.46 24.33 -4.75
C VAL F 228 -26.98 23.46 -5.89
N ILE F 229 -27.13 24.03 -7.06
CA ILE F 229 -27.57 23.22 -8.17
C ILE F 229 -26.42 23.04 -9.13
N ALA F 230 -25.61 24.07 -9.29
CA ALA F 230 -24.48 24.01 -10.18
C ALA F 230 -23.38 24.97 -9.75
N TYR F 231 -22.50 24.44 -8.92
CA TYR F 231 -21.38 25.16 -8.45
C TYR F 231 -20.39 25.39 -9.60
N TYR F 232 -20.09 24.41 -10.46
CA TYR F 232 -19.04 24.81 -11.38
C TYR F 232 -19.34 25.63 -12.63
N PRO F 233 -20.33 25.24 -13.45
CA PRO F 233 -20.48 26.17 -14.61
C PRO F 233 -20.94 27.38 -13.83
N MET F 234 -19.91 28.11 -13.40
CA MET F 234 -20.09 29.20 -12.50
C MET F 234 -20.36 30.56 -12.99
N ILE F 235 -21.09 31.21 -12.11
CA ILE F 235 -21.61 32.51 -12.22
C ILE F 235 -20.87 33.46 -11.27
N ALA F 236 -20.71 34.68 -11.78
CA ALA F 236 -19.96 35.75 -11.15
C ALA F 236 -20.07 35.86 -9.66
N PRO F 237 -21.23 35.57 -9.15
CA PRO F 237 -21.35 35.66 -7.70
C PRO F 237 -20.49 34.61 -7.00
N THR F 238 -20.43 33.41 -7.59
CA THR F 238 -19.64 32.30 -7.04
C THR F 238 -18.14 32.59 -7.16
N LEU F 239 -17.68 32.88 -8.39
CA LEU F 239 -16.27 33.17 -8.60
C LEU F 239 -15.75 34.14 -7.56
N ILE F 240 -16.59 35.07 -7.14
CA ILE F 240 -16.14 36.00 -6.14
C ILE F 240 -16.05 35.32 -4.79
N TYR F 241 -17.08 34.56 -4.45
CA TYR F 241 -17.12 33.87 -3.15
C TYR F 241 -15.93 32.94 -3.04
N GLU F 242 -15.66 32.21 -4.12
CA GLU F 242 -14.53 31.29 -4.13
C GLU F 242 -13.24 32.03 -3.83
N ARG F 243 -12.92 33.05 -4.63
CA ARG F 243 -11.71 33.80 -4.37
C ARG F 243 -11.69 34.40 -2.99
N TYR F 244 -12.85 34.82 -2.52
CA TYR F 244 -12.87 35.41 -1.20
C TYR F 244 -12.35 34.37 -0.19
N LEU F 245 -12.86 33.15 -0.29
CA LEU F 245 -12.48 32.08 0.62
C LEU F 245 -11.09 31.54 0.35
N SER F 246 -10.78 31.34 -0.92
CA SER F 246 -9.51 30.80 -1.36
C SER F 246 -8.33 31.71 -1.11
N GLU F 247 -8.43 32.98 -1.50
CA GLU F 247 -7.32 33.89 -1.36
C GLU F 247 -7.50 35.07 -0.44
N GLY F 248 -8.70 35.20 0.13
CA GLY F 248 -8.94 36.31 1.04
C GLY F 248 -9.64 37.50 0.41
N LEU F 249 -9.87 38.52 1.22
CA LEU F 249 -10.54 39.73 0.78
C LEU F 249 -9.84 40.46 -0.34
N SER F 250 -8.64 40.94 -0.06
CA SER F 250 -7.86 41.69 -1.06
C SER F 250 -7.72 40.99 -2.39
N ALA F 251 -8.06 39.71 -2.45
CA ALA F 251 -7.95 38.97 -3.69
C ALA F 251 -9.26 38.95 -4.47
N ALA F 252 -10.33 39.41 -3.81
CA ALA F 252 -11.65 39.42 -4.42
C ALA F 252 -12.09 40.81 -4.81
N MET F 253 -11.67 41.80 -4.03
CA MET F 253 -12.03 43.19 -4.29
C MET F 253 -11.97 43.53 -5.77
N PRO F 254 -10.84 43.26 -6.43
CA PRO F 254 -10.78 43.58 -7.85
C PRO F 254 -11.97 43.05 -8.63
N VAL F 255 -12.21 41.75 -8.53
CA VAL F 255 -13.32 41.14 -9.27
C VAL F 255 -14.62 41.78 -8.88
N ALA F 256 -14.75 42.11 -7.61
CA ALA F 256 -15.95 42.76 -7.13
C ALA F 256 -16.16 44.04 -7.94
N ALA F 257 -15.23 44.97 -7.75
CA ALA F 257 -15.25 46.26 -8.44
C ALA F 257 -15.51 46.09 -9.93
N ILE F 258 -14.90 45.09 -10.53
CA ILE F 258 -15.13 44.87 -11.94
C ILE F 258 -16.61 44.59 -12.13
N LEU F 259 -17.15 43.68 -11.32
CA LEU F 259 -18.55 43.32 -11.42
C LEU F 259 -19.45 44.53 -11.14
N ILE F 260 -19.08 45.33 -10.15
CA ILE F 260 -19.84 46.53 -9.86
C ILE F 260 -19.89 47.38 -11.13
N LEU F 261 -18.74 47.95 -11.51
CA LEU F 261 -18.64 48.77 -12.73
C LEU F 261 -19.32 48.05 -13.89
N LEU F 262 -19.02 46.78 -14.06
CA LEU F 262 -19.59 46.03 -15.15
C LEU F 262 -21.10 46.19 -15.15
N SER F 263 -21.68 46.31 -13.97
CA SER F 263 -23.13 46.47 -13.89
C SER F 263 -23.59 47.89 -14.11
N LEU F 264 -22.96 48.85 -13.41
CA LEU F 264 -23.32 50.26 -13.59
C LEU F 264 -23.46 50.57 -15.08
N ALA F 265 -22.47 50.11 -15.86
CA ALA F 265 -22.49 50.31 -17.30
C ALA F 265 -23.72 49.71 -17.93
N VAL F 266 -23.83 48.38 -17.85
CA VAL F 266 -24.95 47.66 -18.45
C VAL F 266 -26.31 48.24 -18.10
N PHE F 267 -26.47 48.74 -16.89
CA PHE F 267 -27.77 49.28 -16.54
C PHE F 267 -27.97 50.73 -16.88
N VAL F 268 -27.01 51.59 -16.54
CA VAL F 268 -27.16 52.99 -16.91
C VAL F 268 -27.33 53.02 -18.43
N ALA F 269 -26.66 52.10 -19.12
CA ALA F 269 -26.76 52.02 -20.56
C ALA F 269 -28.22 51.77 -20.92
N LEU F 270 -28.78 50.71 -20.36
CA LEU F 270 -30.17 50.35 -20.61
C LEU F 270 -31.14 51.48 -20.28
N ARG F 271 -30.87 52.24 -19.21
CA ARG F 271 -31.73 53.35 -18.83
C ARG F 271 -31.68 54.46 -19.87
N ILE F 272 -30.47 54.73 -20.36
CA ILE F 272 -30.30 55.77 -21.35
C ILE F 272 -30.90 55.32 -22.70
N ILE F 273 -31.26 54.05 -22.79
CA ILE F 273 -31.87 53.51 -24.01
C ILE F 273 -33.35 53.26 -23.75
N VAL F 274 -33.92 54.00 -22.81
CA VAL F 274 -35.34 53.84 -22.45
C VAL F 274 -35.91 55.12 -21.82
N GLY F 275 -35.03 56.01 -21.39
CA GLY F 275 -35.49 57.25 -20.76
C GLY F 275 -34.78 58.50 -21.25
N MET G 24 15.11 -74.89 5.16
CA MET G 24 15.30 -74.19 6.46
C MET G 24 16.47 -73.21 6.45
N ARG G 25 17.54 -73.58 5.75
CA ARG G 25 18.73 -72.74 5.67
C ARG G 25 18.55 -71.58 4.72
N LEU G 26 17.59 -71.70 3.80
CA LEU G 26 17.35 -70.62 2.87
C LEU G 26 16.84 -69.43 3.68
N LEU G 27 16.27 -69.70 4.84
CA LEU G 27 15.77 -68.62 5.69
C LEU G 27 16.92 -67.76 6.21
N PHE G 28 18.04 -68.40 6.58
CA PHE G 28 19.19 -67.66 7.06
C PHE G 28 19.96 -67.13 5.85
N SER G 29 20.03 -67.95 4.80
CA SER G 29 20.73 -67.57 3.59
C SER G 29 20.02 -66.41 2.89
N ALA G 30 18.71 -66.28 3.14
CA ALA G 30 17.93 -65.21 2.54
C ALA G 30 17.87 -64.05 3.52
N LEU G 31 17.77 -64.37 4.80
CA LEU G 31 17.74 -63.34 5.83
C LEU G 31 18.93 -62.43 5.58
N LEU G 32 20.09 -63.04 5.40
CA LEU G 32 21.31 -62.28 5.15
C LEU G 32 21.23 -61.57 3.82
N ALA G 33 20.79 -62.30 2.79
CA ALA G 33 20.66 -61.74 1.45
C ALA G 33 19.68 -60.56 1.44
N LEU G 34 18.59 -60.69 2.18
CA LEU G 34 17.59 -59.65 2.26
C LEU G 34 18.15 -58.40 2.93
N LEU G 35 18.59 -58.55 4.17
CA LEU G 35 19.16 -57.44 4.90
C LEU G 35 20.21 -56.72 4.08
N SER G 36 21.10 -57.47 3.42
CA SER G 36 22.14 -56.84 2.63
C SER G 36 21.64 -56.18 1.34
N SER G 37 20.56 -56.70 0.77
CA SER G 37 20.02 -56.11 -0.45
C SER G 37 19.29 -54.81 -0.12
N ILE G 38 19.07 -54.57 1.17
CA ILE G 38 18.40 -53.36 1.61
C ILE G 38 19.38 -52.19 1.49
N ILE G 39 20.42 -52.16 2.33
CA ILE G 39 21.39 -51.05 2.28
C ILE G 39 21.93 -50.87 0.89
N LEU G 40 21.87 -51.92 0.08
CA LEU G 40 22.35 -51.78 -1.28
C LEU G 40 21.40 -50.87 -2.05
N LEU G 41 20.10 -51.04 -1.80
CA LEU G 41 19.14 -50.20 -2.47
C LEU G 41 19.20 -48.81 -1.88
N PHE G 42 19.33 -48.77 -0.56
CA PHE G 42 19.42 -47.51 0.16
C PHE G 42 20.47 -46.63 -0.48
N VAL G 43 21.66 -47.18 -0.67
CA VAL G 43 22.75 -46.43 -1.26
C VAL G 43 22.57 -46.27 -2.76
N LEU G 44 21.76 -47.13 -3.36
CA LEU G 44 21.57 -47.06 -4.81
C LEU G 44 20.44 -46.13 -5.21
N LEU G 45 19.25 -46.38 -4.67
CA LEU G 45 18.07 -45.59 -4.99
C LEU G 45 18.34 -44.11 -5.23
N PRO G 46 18.69 -43.34 -4.18
CA PRO G 46 18.95 -41.91 -4.41
C PRO G 46 19.81 -41.66 -5.63
N VAL G 47 21.11 -41.92 -5.51
CA VAL G 47 22.03 -41.71 -6.63
C VAL G 47 21.36 -42.10 -7.94
N ALA G 48 20.85 -43.32 -7.99
CA ALA G 48 20.20 -43.85 -9.18
C ALA G 48 19.07 -42.93 -9.65
N ALA G 49 18.04 -42.84 -8.81
CA ALA G 49 16.88 -42.03 -9.09
C ALA G 49 17.21 -40.67 -9.69
N THR G 50 17.92 -39.85 -8.95
CA THR G 50 18.25 -38.52 -9.46
C THR G 50 18.77 -38.53 -10.90
N VAL G 51 19.62 -39.49 -11.27
CA VAL G 51 20.13 -39.52 -12.63
C VAL G 51 19.04 -39.99 -13.58
N THR G 52 18.18 -40.86 -13.07
CA THR G 52 17.07 -41.38 -13.85
C THR G 52 16.24 -40.18 -14.30
N LEU G 53 15.57 -39.55 -13.33
CA LEU G 53 14.73 -38.40 -13.57
C LEU G 53 15.32 -37.34 -14.51
N GLN G 54 16.64 -37.39 -14.71
CA GLN G 54 17.27 -36.42 -15.59
C GLN G 54 16.94 -36.68 -17.05
N LEU G 55 15.99 -37.59 -17.27
CA LEU G 55 15.55 -37.94 -18.61
C LEU G 55 14.31 -37.10 -18.85
N PHE G 56 13.42 -37.15 -17.86
CA PHE G 56 12.16 -36.43 -17.87
C PHE G 56 12.35 -34.94 -18.13
N ASN G 57 13.58 -34.46 -17.97
CA ASN G 57 13.90 -33.05 -18.20
C ASN G 57 15.28 -33.00 -18.87
N PHE G 58 15.45 -33.83 -19.89
CA PHE G 58 16.72 -33.93 -20.60
C PHE G 58 17.18 -32.58 -21.16
N ASP G 59 16.23 -31.65 -21.29
CA ASP G 59 16.56 -30.33 -21.80
C ASP G 59 17.46 -29.62 -20.80
N GLU G 60 16.96 -29.50 -19.57
CA GLU G 60 17.72 -28.86 -18.51
C GLU G 60 19.03 -29.59 -18.32
N PHE G 61 18.95 -30.92 -18.19
CA PHE G 61 20.15 -31.74 -18.00
C PHE G 61 21.22 -31.38 -19.03
N LEU G 62 20.81 -31.35 -20.30
CA LEU G 62 21.71 -31.01 -21.38
C LEU G 62 22.29 -29.62 -21.21
N LYS G 63 21.43 -28.65 -20.91
CA LYS G 63 21.86 -27.27 -20.70
C LYS G 63 22.89 -27.24 -19.58
N ALA G 64 22.55 -27.87 -18.47
CA ALA G 64 23.44 -27.94 -17.32
C ALA G 64 24.77 -28.47 -17.82
N ALA G 65 24.69 -29.60 -18.52
CA ALA G 65 25.86 -30.26 -19.07
C ALA G 65 26.74 -29.31 -19.91
N SER G 66 26.10 -28.35 -20.56
CA SER G 66 26.79 -27.40 -21.41
C SER G 66 27.29 -26.19 -20.65
N ASP G 67 26.57 -25.86 -19.58
CA ASP G 67 26.90 -24.72 -18.75
C ASP G 67 28.40 -24.69 -18.38
N PRO G 68 29.19 -23.86 -19.07
CA PRO G 68 30.63 -23.73 -18.83
C PRO G 68 30.97 -23.22 -17.43
N ALA G 69 29.95 -22.78 -16.70
CA ALA G 69 30.16 -22.29 -15.34
C ALA G 69 30.48 -23.53 -14.54
N VAL G 70 29.71 -24.58 -14.81
CA VAL G 70 29.87 -25.86 -14.14
C VAL G 70 31.26 -26.43 -14.39
N TRP G 71 31.63 -26.54 -15.65
CA TRP G 71 32.92 -27.07 -16.01
C TRP G 71 34.06 -26.27 -15.38
N LYS G 72 33.86 -24.97 -15.18
CA LYS G 72 34.91 -24.15 -14.56
C LYS G 72 35.11 -24.67 -13.13
N VAL G 73 34.01 -24.93 -12.45
CA VAL G 73 34.04 -25.41 -11.08
C VAL G 73 34.61 -26.82 -11.03
N VAL G 74 34.00 -27.73 -11.80
CA VAL G 74 34.44 -29.11 -11.85
C VAL G 74 35.97 -29.19 -11.94
N LEU G 75 36.55 -28.41 -12.85
CA LEU G 75 37.98 -28.43 -12.99
C LEU G 75 38.66 -27.91 -11.74
N THR G 76 38.18 -26.79 -11.21
CA THR G 76 38.79 -26.24 -10.02
C THR G 76 38.80 -27.31 -8.94
N THR G 77 37.68 -28.02 -8.85
CA THR G 77 37.52 -29.09 -7.88
C THR G 77 38.63 -30.12 -8.08
N TYR G 78 38.46 -30.93 -9.13
CA TYR G 78 39.39 -31.98 -9.51
C TYR G 78 40.85 -31.56 -9.40
N TYR G 79 41.18 -30.40 -9.95
CA TYR G 79 42.55 -29.92 -9.88
C TYR G 79 43.03 -29.55 -8.47
N ALA G 80 42.16 -28.97 -7.66
CA ALA G 80 42.54 -28.59 -6.31
C ALA G 80 42.76 -29.85 -5.50
N ALA G 81 41.85 -30.80 -5.65
CA ALA G 81 41.93 -32.07 -4.94
C ALA G 81 43.16 -32.87 -5.37
N LEU G 82 43.55 -32.70 -6.63
CA LEU G 82 44.70 -33.40 -7.16
C LEU G 82 45.98 -32.91 -6.49
N ILE G 83 45.99 -31.65 -6.09
CA ILE G 83 47.17 -31.11 -5.43
C ILE G 83 47.26 -31.61 -3.99
N SER G 84 46.12 -31.69 -3.29
CA SER G 84 46.15 -32.16 -1.91
C SER G 84 46.73 -33.57 -1.91
N THR G 85 46.29 -34.38 -2.87
CA THR G 85 46.76 -35.75 -2.98
C THR G 85 48.27 -35.81 -3.17
N LEU G 86 48.80 -35.10 -4.16
CA LEU G 86 50.23 -35.12 -4.37
C LEU G 86 50.92 -34.75 -3.07
N ILE G 87 50.44 -33.69 -2.42
CA ILE G 87 51.07 -33.28 -1.17
C ILE G 87 51.01 -34.44 -0.20
N ALA G 88 49.90 -35.17 -0.20
CA ALA G 88 49.72 -36.31 0.69
C ALA G 88 50.79 -37.36 0.38
N VAL G 89 50.75 -37.90 -0.83
CA VAL G 89 51.73 -38.89 -1.23
C VAL G 89 53.13 -38.45 -0.82
N ILE G 90 53.54 -37.28 -1.27
CA ILE G 90 54.85 -36.74 -0.98
C ILE G 90 55.24 -36.59 0.49
N PHE G 91 54.29 -36.35 1.37
CA PHE G 91 54.66 -36.20 2.78
C PHE G 91 54.07 -37.35 3.58
N GLY G 92 52.94 -37.84 3.11
CA GLY G 92 52.24 -38.91 3.78
C GLY G 92 52.92 -40.26 3.68
N THR G 93 53.41 -40.59 2.49
CA THR G 93 54.08 -41.87 2.30
C THR G 93 55.18 -42.07 3.36
N PRO G 94 56.20 -41.20 3.38
CA PRO G 94 57.23 -41.39 4.39
C PRO G 94 56.70 -41.76 5.76
N LEU G 95 55.65 -41.10 6.21
CA LEU G 95 55.08 -41.42 7.52
C LEU G 95 54.44 -42.80 7.53
N ALA G 96 53.77 -43.15 6.44
CA ALA G 96 53.11 -44.45 6.35
C ALA G 96 54.12 -45.56 6.45
N TYR G 97 55.31 -45.37 5.88
CA TYR G 97 56.36 -46.38 5.93
C TYR G 97 56.76 -46.50 7.40
N ILE G 98 57.20 -45.38 7.96
CA ILE G 98 57.61 -45.32 9.35
C ILE G 98 56.58 -45.92 10.31
N LEU G 99 55.31 -45.90 9.94
CA LEU G 99 54.33 -46.46 10.85
C LEU G 99 54.23 -47.96 10.72
N ALA G 100 54.39 -48.46 9.49
CA ALA G 100 54.29 -49.89 9.23
C ALA G 100 55.51 -50.65 9.69
N ARG G 101 56.66 -49.98 9.67
CA ARG G 101 57.90 -50.61 10.06
C ARG G 101 58.28 -50.37 11.51
N LYS G 102 59.03 -49.30 11.75
CA LYS G 102 59.49 -48.96 13.09
C LYS G 102 58.37 -48.88 14.12
N SER G 103 58.74 -49.06 15.37
CA SER G 103 57.79 -48.98 16.48
C SER G 103 58.57 -48.37 17.63
N PHE G 104 58.23 -47.13 17.94
CA PHE G 104 58.88 -46.35 18.99
C PHE G 104 57.88 -46.08 20.11
N PRO G 105 58.29 -45.31 21.12
CA PRO G 105 57.40 -45.00 22.24
C PRO G 105 56.23 -44.08 21.86
N GLY G 106 56.52 -43.07 21.04
CA GLY G 106 55.50 -42.12 20.64
C GLY G 106 54.33 -42.65 19.82
N LYS G 107 54.62 -43.50 18.84
CA LYS G 107 53.61 -44.08 17.95
C LYS G 107 52.15 -43.82 18.34
N SER G 108 51.72 -44.38 19.46
CA SER G 108 50.35 -44.20 19.93
C SER G 108 49.82 -42.79 19.63
N VAL G 109 50.64 -41.79 19.94
CA VAL G 109 50.29 -40.40 19.69
C VAL G 109 50.35 -40.14 18.19
N VAL G 110 51.51 -40.34 17.59
CA VAL G 110 51.67 -40.11 16.16
C VAL G 110 50.52 -40.72 15.38
N GLU G 111 50.09 -41.90 15.77
CA GLU G 111 49.01 -42.57 15.07
C GLU G 111 47.69 -41.85 15.28
N GLY G 112 47.52 -41.31 16.48
CA GLY G 112 46.30 -40.58 16.79
C GLY G 112 46.21 -39.28 16.02
N ILE G 113 47.30 -38.51 16.02
CA ILE G 113 47.33 -37.25 15.30
C ILE G 113 46.91 -37.49 13.85
N VAL G 114 47.38 -38.58 13.27
CA VAL G 114 47.04 -38.91 11.90
C VAL G 114 45.54 -39.09 11.73
N ASP G 115 44.87 -39.57 12.76
CA ASP G 115 43.44 -39.78 12.65
C ASP G 115 42.58 -38.61 13.15
N LEU G 116 43.21 -37.55 13.65
CA LEU G 116 42.46 -36.39 14.15
C LEU G 116 41.30 -36.04 13.24
N PRO G 117 41.61 -35.64 12.01
CA PRO G 117 40.60 -35.25 11.02
C PRO G 117 39.37 -36.12 10.90
N VAL G 118 39.48 -37.38 11.29
CA VAL G 118 38.34 -38.29 11.17
C VAL G 118 37.31 -38.05 12.24
N VAL G 119 37.72 -37.35 13.29
CA VAL G 119 36.85 -37.08 14.42
C VAL G 119 36.31 -35.66 14.45
N ILE G 120 37.02 -34.76 13.80
CA ILE G 120 36.66 -33.37 13.74
C ILE G 120 35.67 -33.10 12.62
N PRO G 121 34.43 -32.70 12.95
CA PRO G 121 33.43 -32.42 11.91
C PRO G 121 33.94 -31.39 10.91
N HIS G 122 33.58 -31.58 9.65
CA HIS G 122 34.02 -30.74 8.54
C HIS G 122 34.17 -29.25 8.87
N THR G 123 33.06 -28.64 9.26
CA THR G 123 33.02 -27.24 9.62
C THR G 123 34.17 -26.85 10.55
N VAL G 124 34.28 -27.54 11.67
CA VAL G 124 35.33 -27.24 12.64
C VAL G 124 36.67 -27.28 11.96
N ALA G 125 36.89 -28.31 11.15
CA ALA G 125 38.15 -28.42 10.43
C ALA G 125 38.43 -27.12 9.71
N GLY G 126 37.46 -26.67 8.91
CA GLY G 126 37.62 -25.43 8.18
C GLY G 126 37.97 -24.29 9.12
N ILE G 127 37.16 -24.12 10.16
CA ILE G 127 37.39 -23.06 11.12
C ILE G 127 38.78 -23.12 11.70
N ALA G 128 39.17 -24.30 12.13
CA ALA G 128 40.49 -24.51 12.70
C ALA G 128 41.55 -24.17 11.65
N LEU G 129 41.34 -24.62 10.42
CA LEU G 129 42.30 -24.33 9.36
C LEU G 129 42.40 -22.82 9.16
N LEU G 130 41.25 -22.16 9.20
CA LEU G 130 41.15 -20.71 9.02
C LEU G 130 41.98 -20.02 10.10
N VAL G 131 41.86 -20.52 11.33
CA VAL G 131 42.59 -19.96 12.46
C VAL G 131 44.11 -19.99 12.22
N VAL G 132 44.54 -20.60 11.11
CA VAL G 132 45.98 -20.67 10.87
C VAL G 132 46.44 -20.20 9.50
N PHE G 133 45.58 -20.30 8.49
CA PHE G 133 45.99 -19.85 7.17
C PHE G 133 45.42 -18.51 6.74
N GLY G 134 44.56 -17.91 7.56
CA GLY G 134 44.00 -16.62 7.23
C GLY G 134 45.14 -15.65 7.48
N SER G 135 45.04 -14.41 6.99
CA SER G 135 46.11 -13.43 7.19
C SER G 135 46.40 -13.11 8.64
N SER G 136 45.65 -13.72 9.56
CA SER G 136 45.87 -13.49 10.97
C SER G 136 46.52 -14.74 11.55
N GLY G 137 46.34 -15.85 10.83
CA GLY G 137 46.88 -17.13 11.26
C GLY G 137 48.37 -17.19 11.51
N LEU G 138 48.76 -18.08 12.42
CA LEU G 138 50.16 -18.25 12.77
C LEU G 138 50.97 -18.39 11.49
N ILE G 139 50.44 -19.16 10.56
CA ILE G 139 51.12 -19.38 9.29
C ILE G 139 50.79 -18.33 8.22
N GLY G 140 49.50 -18.04 8.06
CA GLY G 140 49.04 -17.08 7.06
C GLY G 140 49.73 -15.72 7.12
N SER G 141 49.86 -15.20 8.33
CA SER G 141 50.47 -13.90 8.56
C SER G 141 51.91 -13.83 8.04
N PHE G 142 52.39 -14.94 7.50
CA PHE G 142 53.74 -15.01 6.98
C PHE G 142 53.72 -15.45 5.53
N SER G 143 52.92 -16.47 5.25
CA SER G 143 52.82 -16.99 3.89
C SER G 143 52.46 -15.91 2.87
N PRO G 144 53.45 -15.42 2.10
CA PRO G 144 53.16 -14.39 1.11
C PRO G 144 52.21 -14.96 0.06
N LEU G 145 51.83 -16.23 0.26
CA LEU G 145 50.89 -16.90 -0.63
C LEU G 145 49.55 -16.78 0.09
N LYS G 146 48.56 -16.20 -0.58
CA LYS G 146 47.24 -16.05 0.04
C LYS G 146 46.44 -17.34 -0.01
N PHE G 147 45.82 -17.68 1.13
CA PHE G 147 45.03 -18.91 1.23
C PHE G 147 43.54 -18.77 1.05
N VAL G 148 42.96 -17.80 1.75
CA VAL G 148 41.53 -17.55 1.71
C VAL G 148 40.96 -17.20 0.34
N ASP G 149 39.90 -17.89 -0.06
CA ASP G 149 39.28 -17.67 -1.36
C ASP G 149 40.35 -17.94 -2.41
N ALA G 150 41.23 -18.89 -2.11
CA ALA G 150 42.32 -19.26 -3.02
C ALA G 150 42.58 -20.77 -3.02
N LEU G 151 43.11 -21.29 -4.13
CA LEU G 151 43.41 -22.72 -4.24
C LEU G 151 44.03 -23.21 -2.96
N PRO G 152 45.11 -22.55 -2.54
CA PRO G 152 45.81 -22.92 -1.31
C PRO G 152 44.78 -23.25 -0.24
N GLY G 153 43.84 -22.35 -0.03
CA GLY G 153 42.80 -22.61 0.93
C GLY G 153 42.05 -23.90 0.60
N ILE G 154 41.47 -24.01 -0.61
CA ILE G 154 40.75 -25.23 -1.02
C ILE G 154 41.64 -26.43 -0.79
N VAL G 155 42.87 -26.34 -1.26
CA VAL G 155 43.84 -27.42 -1.09
C VAL G 155 43.93 -27.73 0.39
N VAL G 156 44.46 -26.79 1.16
CA VAL G 156 44.57 -26.96 2.59
C VAL G 156 43.30 -27.59 3.16
N ALA G 157 42.13 -27.21 2.63
CA ALA G 157 40.88 -27.77 3.12
C ALA G 157 40.85 -29.24 2.81
N MET G 158 40.88 -29.56 1.53
CA MET G 158 40.84 -30.96 1.09
C MET G 158 41.96 -31.79 1.71
N LEU G 159 43.18 -31.27 1.68
CA LEU G 159 44.30 -32.00 2.25
C LEU G 159 43.92 -32.51 3.63
N PHE G 160 43.84 -31.58 4.58
CA PHE G 160 43.48 -31.88 5.96
C PHE G 160 42.43 -32.98 6.12
N VAL G 161 41.45 -33.01 5.24
CA VAL G 161 40.41 -34.00 5.37
C VAL G 161 40.74 -35.36 4.79
N SER G 162 41.65 -35.38 3.82
CA SER G 162 42.00 -36.66 3.17
C SER G 162 43.37 -37.25 3.54
N VAL G 163 44.25 -36.42 4.10
CA VAL G 163 45.57 -36.87 4.50
C VAL G 163 45.54 -38.23 5.21
N PRO G 164 44.75 -38.33 6.29
CA PRO G 164 44.68 -39.61 7.00
C PRO G 164 44.28 -40.72 6.03
N ILE G 165 43.23 -40.50 5.27
CA ILE G 165 42.79 -41.51 4.32
C ILE G 165 43.89 -42.11 3.47
N TYR G 166 44.84 -41.27 3.03
CA TYR G 166 45.96 -41.76 2.20
C TYR G 166 46.94 -42.51 3.08
N ILE G 167 47.53 -41.78 4.03
CA ILE G 167 48.48 -42.35 4.95
C ILE G 167 48.11 -43.77 5.34
N ASN G 168 46.93 -43.95 5.90
CA ASN G 168 46.49 -45.27 6.33
C ASN G 168 46.59 -46.32 5.23
N GLN G 169 46.14 -45.99 4.02
CA GLN G 169 46.23 -46.94 2.92
C GLN G 169 47.68 -47.18 2.57
N ALA G 170 48.48 -46.12 2.56
CA ALA G 170 49.88 -46.26 2.23
C ALA G 170 50.55 -47.13 3.28
N LYS G 171 50.10 -47.02 4.52
CA LYS G 171 50.67 -47.82 5.59
C LYS G 171 50.42 -49.31 5.29
N GLU G 172 49.16 -49.68 5.12
CA GLU G 172 48.82 -51.07 4.79
C GLU G 172 49.69 -51.57 3.63
N GLY G 173 50.08 -50.64 2.75
CA GLY G 173 50.93 -51.01 1.64
C GLY G 173 52.24 -51.55 2.16
N PHE G 174 53.03 -50.67 2.75
CA PHE G 174 54.31 -51.07 3.31
C PHE G 174 54.14 -52.23 4.26
N ALA G 175 53.05 -52.23 5.02
CA ALA G 175 52.82 -53.31 5.96
C ALA G 175 52.74 -54.65 5.24
N SER G 176 52.26 -54.65 4.00
CA SER G 176 52.12 -55.89 3.25
C SER G 176 53.44 -56.48 2.75
N VAL G 177 54.47 -55.65 2.61
CA VAL G 177 55.76 -56.13 2.14
C VAL G 177 56.56 -56.91 3.18
N ASP G 178 56.94 -58.14 2.83
CA ASP G 178 57.72 -58.98 3.74
C ASP G 178 59.05 -58.34 4.11
N VAL G 179 59.17 -57.97 5.38
CA VAL G 179 60.39 -57.33 5.87
C VAL G 179 61.68 -58.01 5.41
N ARG G 180 61.69 -59.34 5.35
CA ARG G 180 62.86 -60.07 4.90
C ARG G 180 63.31 -59.53 3.56
N LEU G 181 62.35 -59.29 2.67
CA LEU G 181 62.65 -58.76 1.36
C LEU G 181 63.58 -57.58 1.50
N GLU G 182 63.28 -56.72 2.46
CA GLU G 182 64.11 -55.55 2.70
C GLU G 182 65.42 -55.95 3.33
N HIS G 183 65.38 -56.91 4.25
CA HIS G 183 66.60 -57.39 4.88
C HIS G 183 67.57 -57.88 3.80
N VAL G 184 67.09 -58.78 2.96
CA VAL G 184 67.88 -59.34 1.88
C VAL G 184 68.45 -58.23 1.03
N ALA G 185 67.60 -57.29 0.65
CA ALA G 185 68.02 -56.18 -0.19
C ALA G 185 69.20 -55.44 0.40
N ARG G 186 69.25 -55.30 1.71
CA ARG G 186 70.39 -54.62 2.32
C ARG G 186 71.55 -55.61 2.28
N THR G 187 71.23 -56.88 2.49
CA THR G 187 72.20 -57.97 2.46
C THR G 187 72.96 -57.93 1.15
N LEU G 188 72.22 -57.75 0.07
CA LEU G 188 72.81 -57.69 -1.27
C LEU G 188 73.45 -56.33 -1.46
N GLY G 189 73.85 -55.72 -0.35
CA GLY G 189 74.51 -54.43 -0.36
C GLY G 189 73.70 -53.29 -0.94
N SER G 190 72.59 -52.95 -0.27
CA SER G 190 71.75 -51.87 -0.75
C SER G 190 71.39 -50.97 0.42
N SER G 191 71.71 -49.69 0.28
CA SER G 191 71.42 -48.71 1.33
C SER G 191 69.93 -48.65 1.64
N PRO G 192 69.59 -48.17 2.84
CA PRO G 192 68.19 -48.06 3.25
C PRO G 192 67.43 -47.34 2.16
N LEU G 193 68.06 -46.30 1.65
CA LEU G 193 67.49 -45.49 0.58
C LEU G 193 67.24 -46.35 -0.65
N ARG G 194 68.22 -47.17 -1.01
CA ARG G 194 68.11 -48.05 -2.19
C ARG G 194 66.90 -48.93 -1.98
N VAL G 195 66.95 -49.72 -0.91
CA VAL G 195 65.88 -50.64 -0.57
C VAL G 195 64.51 -50.02 -0.77
N PHE G 196 64.34 -48.85 -0.15
CA PHE G 196 63.08 -48.11 -0.19
C PHE G 196 62.48 -47.97 -1.59
N PHE G 197 63.25 -47.44 -2.52
CA PHE G 197 62.76 -47.25 -3.88
C PHE G 197 62.76 -48.50 -4.75
N THR G 198 63.54 -49.52 -4.36
CA THR G 198 63.61 -50.73 -5.16
C THR G 198 62.85 -51.92 -4.66
N VAL G 199 62.66 -51.98 -3.35
CA VAL G 199 61.92 -53.08 -2.77
C VAL G 199 60.59 -52.60 -2.19
N SER G 200 60.69 -51.81 -1.13
CA SER G 200 59.53 -51.25 -0.43
C SER G 200 58.51 -50.63 -1.38
N LEU G 201 58.82 -49.45 -1.87
CA LEU G 201 57.92 -48.74 -2.76
C LEU G 201 57.28 -49.55 -3.90
N PRO G 202 58.10 -49.99 -4.88
CA PRO G 202 57.53 -50.76 -6.00
C PRO G 202 56.57 -51.87 -5.61
N LEU G 203 56.80 -52.42 -4.42
CA LEU G 203 55.97 -53.51 -3.94
C LEU G 203 54.64 -53.05 -3.34
N SER G 204 54.63 -51.84 -2.77
CA SER G 204 53.38 -51.34 -2.19
C SER G 204 52.70 -50.35 -3.15
N VAL G 205 53.20 -50.27 -4.37
CA VAL G 205 52.63 -49.34 -5.33
C VAL G 205 51.11 -49.52 -5.43
N ARG G 206 50.62 -50.75 -5.63
CA ARG G 206 49.16 -50.86 -5.73
C ARG G 206 48.38 -50.40 -4.48
N HIS G 207 49.07 -49.94 -3.45
CA HIS G 207 48.41 -49.45 -2.26
C HIS G 207 48.53 -47.95 -2.25
N ILE G 208 49.71 -47.48 -2.66
CA ILE G 208 49.96 -46.05 -2.75
C ILE G 208 48.98 -45.51 -3.77
N VAL G 209 48.85 -46.22 -4.88
CA VAL G 209 47.94 -45.81 -5.93
C VAL G 209 46.51 -45.79 -5.40
N ALA G 210 46.08 -46.88 -4.79
CA ALA G 210 44.72 -46.93 -4.25
C ALA G 210 44.54 -45.79 -3.25
N GLY G 211 45.48 -45.70 -2.31
CA GLY G 211 45.41 -44.65 -1.31
C GLY G 211 45.26 -43.28 -1.93
N ALA G 212 46.02 -43.00 -2.98
CA ALA G 212 45.93 -41.72 -3.63
C ALA G 212 44.54 -41.57 -4.19
N ILE G 213 44.11 -42.50 -5.02
CA ILE G 213 42.78 -42.43 -5.60
C ILE G 213 41.72 -42.15 -4.53
N MET G 214 41.85 -42.82 -3.39
CA MET G 214 40.88 -42.64 -2.32
C MET G 214 40.91 -41.23 -1.73
N SER G 215 42.11 -40.67 -1.58
CA SER G 215 42.23 -39.34 -1.01
C SER G 215 41.70 -38.30 -1.97
N TRP G 216 41.78 -38.62 -3.26
CA TRP G 216 41.30 -37.73 -4.29
C TRP G 216 39.78 -37.72 -4.20
N ALA G 217 39.18 -38.91 -4.09
CA ALA G 217 37.73 -39.00 -3.97
C ALA G 217 37.24 -38.23 -2.74
N ARG G 218 38.08 -38.16 -1.72
CA ARG G 218 37.71 -37.44 -0.50
C ARG G 218 37.70 -35.95 -0.74
N GLY G 219 38.79 -35.42 -1.31
CA GLY G 219 38.85 -34.00 -1.58
C GLY G 219 37.69 -33.57 -2.43
N ILE G 220 37.48 -34.29 -3.53
CA ILE G 220 36.39 -34.02 -4.43
C ILE G 220 35.06 -33.89 -3.70
N SER G 221 34.79 -34.81 -2.79
CA SER G 221 33.53 -34.83 -2.04
C SER G 221 33.36 -33.82 -0.91
N GLU G 222 34.44 -33.17 -0.51
CA GLU G 222 34.38 -32.22 0.58
C GLU G 222 33.56 -30.98 0.32
N PHE G 223 32.86 -30.51 1.35
CA PHE G 223 32.04 -29.32 1.26
C PHE G 223 32.37 -28.41 2.44
N GLY G 224 31.89 -28.79 3.62
CA GLY G 224 32.12 -28.03 4.83
C GLY G 224 33.50 -27.42 5.04
N ALA G 225 34.51 -28.25 5.24
CA ALA G 225 35.85 -27.70 5.46
C ALA G 225 36.17 -26.64 4.43
N VAL G 226 35.85 -26.91 3.18
CA VAL G 226 36.18 -25.96 2.13
C VAL G 226 35.41 -24.65 2.19
N VAL G 227 34.09 -24.72 1.98
CA VAL G 227 33.28 -23.50 1.97
C VAL G 227 33.76 -22.44 2.94
N VAL G 228 34.06 -22.81 4.16
CA VAL G 228 34.48 -21.81 5.11
C VAL G 228 35.87 -21.20 4.92
N ILE G 229 36.78 -21.81 4.16
CA ILE G 229 38.11 -21.16 4.02
C ILE G 229 38.15 -20.29 2.79
N ALA G 230 37.71 -20.88 1.68
CA ALA G 230 37.65 -20.21 0.40
C ALA G 230 36.31 -20.62 -0.19
N TYR G 231 35.39 -19.65 -0.25
CA TYR G 231 34.07 -19.90 -0.80
C TYR G 231 34.12 -19.71 -2.30
N TYR G 232 34.57 -18.53 -2.71
CA TYR G 232 34.58 -18.16 -4.12
C TYR G 232 35.33 -18.90 -5.18
N PRO G 233 36.60 -19.27 -4.97
CA PRO G 233 37.02 -20.00 -6.18
C PRO G 233 36.21 -21.27 -5.95
N MET G 234 34.95 -21.19 -6.37
CA MET G 234 33.93 -22.19 -6.17
C MET G 234 34.18 -23.61 -6.60
N ILE G 235 33.73 -24.53 -5.75
CA ILE G 235 33.89 -25.96 -5.93
C ILE G 235 32.57 -26.64 -6.27
N ALA G 236 32.64 -27.71 -7.05
CA ALA G 236 31.43 -28.42 -7.43
C ALA G 236 30.42 -28.52 -6.29
N PRO G 237 30.87 -28.90 -5.07
CA PRO G 237 29.96 -29.03 -3.93
C PRO G 237 29.20 -27.76 -3.60
N THR G 238 29.91 -26.63 -3.66
CA THR G 238 29.33 -25.33 -3.38
C THR G 238 28.33 -24.91 -4.46
N LEU G 239 28.78 -24.90 -5.72
CA LEU G 239 27.91 -24.54 -6.83
C LEU G 239 26.57 -25.25 -6.71
N ILE G 240 26.57 -26.47 -6.22
CA ILE G 240 25.32 -27.17 -6.08
C ILE G 240 24.53 -26.58 -4.93
N TYR G 241 25.19 -26.37 -3.79
CA TYR G 241 24.52 -25.81 -2.62
C TYR G 241 23.93 -24.46 -2.96
N GLU G 242 24.70 -23.62 -3.65
CA GLU G 242 24.22 -22.31 -4.02
C GLU G 242 22.94 -22.43 -4.84
N ARG G 243 22.98 -23.16 -5.94
CA ARG G 243 21.78 -23.30 -6.76
C ARG G 243 20.64 -23.91 -5.97
N TYR G 244 20.95 -24.82 -5.06
CA TYR G 244 19.89 -25.42 -4.28
C TYR G 244 19.16 -24.33 -3.51
N LEU G 245 19.92 -23.44 -2.88
CA LEU G 245 19.35 -22.35 -2.09
C LEU G 245 18.77 -21.24 -2.96
N SER G 246 19.51 -20.88 -4.00
CA SER G 246 19.10 -19.82 -4.91
C SER G 246 17.88 -20.12 -5.75
N GLU G 247 17.85 -21.28 -6.38
CA GLU G 247 16.75 -21.61 -7.26
C GLU G 247 15.91 -22.81 -6.88
N GLY G 248 16.26 -23.46 -5.77
CA GLY G 248 15.49 -24.61 -5.35
C GLY G 248 16.05 -25.96 -5.77
N LEU G 249 15.34 -27.01 -5.38
CA LEU G 249 15.75 -28.38 -5.70
C LEU G 249 15.85 -28.67 -7.19
N SER G 250 14.72 -28.59 -7.88
CA SER G 250 14.66 -28.88 -9.30
C SER G 250 15.71 -28.13 -10.12
N ALA G 251 16.34 -27.12 -9.52
CA ALA G 251 17.33 -26.35 -10.26
C ALA G 251 18.75 -26.86 -10.00
N ALA G 252 18.86 -27.77 -9.05
CA ALA G 252 20.15 -28.33 -8.69
C ALA G 252 20.32 -29.76 -9.17
N MET G 253 19.21 -30.50 -9.19
CA MET G 253 19.24 -31.89 -9.64
C MET G 253 20.13 -32.10 -10.85
N PRO G 254 19.90 -31.34 -11.91
CA PRO G 254 20.75 -31.52 -13.09
C PRO G 254 22.23 -31.54 -12.76
N VAL G 255 22.71 -30.47 -12.12
CA VAL G 255 24.12 -30.39 -11.77
C VAL G 255 24.53 -31.55 -10.89
N ALA G 256 23.64 -31.97 -10.01
CA ALA G 256 23.93 -33.10 -9.15
C ALA G 256 24.24 -34.29 -10.03
N ALA G 257 23.23 -34.74 -10.78
CA ALA G 257 23.34 -35.87 -11.69
C ALA G 257 24.60 -35.76 -12.55
N ILE G 258 24.90 -34.58 -13.04
CA ILE G 258 26.10 -34.40 -13.83
C ILE G 258 27.29 -34.78 -12.98
N LEU G 259 27.36 -34.23 -11.77
CA LEU G 259 28.46 -34.54 -10.87
C LEU G 259 28.51 -36.02 -10.52
N ILE G 260 27.34 -36.63 -10.30
CA ILE G 260 27.30 -38.05 -10.02
C ILE G 260 27.96 -38.77 -11.20
N LEU G 261 27.30 -38.74 -12.36
CA LEU G 261 27.84 -39.39 -13.56
C LEU G 261 29.30 -39.01 -13.76
N LEU G 262 29.58 -37.72 -13.67
CA LEU G 262 30.93 -37.24 -13.85
C LEU G 262 31.90 -38.04 -12.97
N SER G 263 31.44 -38.47 -11.81
CA SER G 263 32.29 -39.25 -10.92
C SER G 263 32.33 -40.72 -11.28
N LEU G 264 31.16 -41.33 -11.48
CA LEU G 264 31.13 -42.75 -11.86
C LEU G 264 32.15 -43.00 -12.95
N ALA G 265 32.17 -42.14 -13.95
CA ALA G 265 33.10 -42.26 -15.05
C ALA G 265 34.54 -42.23 -14.56
N VAL G 266 34.94 -41.08 -14.00
CA VAL G 266 36.31 -40.91 -13.52
C VAL G 266 36.79 -42.05 -12.64
N PHE G 267 35.92 -42.62 -11.82
CA PHE G 267 36.38 -43.68 -10.96
C PHE G 267 36.33 -45.06 -11.56
N VAL G 268 35.22 -45.42 -12.19
CA VAL G 268 35.17 -46.73 -12.82
C VAL G 268 36.32 -46.77 -13.84
N ALA G 269 36.61 -45.61 -14.43
CA ALA G 269 37.71 -45.51 -15.38
C ALA G 269 38.99 -45.91 -14.68
N LEU G 270 39.28 -45.22 -13.58
CA LEU G 270 40.48 -45.52 -12.80
C LEU G 270 40.56 -46.97 -12.36
N ARG G 271 39.43 -47.57 -12.01
CA ARG G 271 39.43 -48.96 -11.58
C ARG G 271 39.78 -49.89 -12.72
N ILE G 272 39.24 -49.59 -13.90
CA ILE G 272 39.52 -50.40 -15.07
C ILE G 272 40.97 -50.19 -15.53
N ILE G 273 41.64 -49.20 -14.95
CA ILE G 273 43.04 -48.94 -15.29
C ILE G 273 43.92 -49.36 -14.12
N VAL G 274 43.44 -50.32 -13.34
CA VAL G 274 44.19 -50.82 -12.18
C VAL G 274 43.75 -52.24 -11.78
N GLY G 275 42.61 -52.68 -12.31
CA GLY G 275 42.14 -54.02 -11.98
C GLY G 275 41.63 -54.81 -13.18
N MET H 24 75.72 -40.53 6.80
CA MET H 24 75.09 -40.46 5.45
C MET H 24 73.65 -40.98 5.43
N ARG H 25 73.38 -42.01 6.23
CA ARG H 25 72.04 -42.58 6.29
C ARG H 25 71.09 -41.74 7.11
N LEU H 26 71.64 -40.89 7.98
CA LEU H 26 70.79 -40.03 8.79
C LEU H 26 70.07 -39.07 7.85
N LEU H 27 70.66 -38.85 6.68
CA LEU H 27 70.05 -37.95 5.70
C LEU H 27 68.75 -38.55 5.17
N PHE H 28 68.74 -39.85 4.92
CA PHE H 28 67.53 -40.52 4.44
C PHE H 28 66.61 -40.79 5.64
N SER H 29 67.22 -41.16 6.76
CA SER H 29 66.46 -41.44 7.97
C SER H 29 65.81 -40.18 8.51
N ALA H 30 66.39 -39.03 8.19
CA ALA H 30 65.85 -37.75 8.63
C ALA H 30 64.95 -37.20 7.54
N LEU H 31 65.32 -37.41 6.29
CA LEU H 31 64.52 -36.95 5.17
C LEU H 31 63.12 -37.48 5.39
N LEU H 32 63.02 -38.77 5.70
CA LEU H 32 61.74 -39.40 5.94
C LEU H 32 61.10 -38.84 7.20
N ALA H 33 61.89 -38.73 8.26
CA ALA H 33 61.41 -38.20 9.53
C ALA H 33 60.91 -36.76 9.38
N LEU H 34 61.62 -35.97 8.59
CA LEU H 34 61.25 -34.58 8.35
C LEU H 34 59.94 -34.51 7.59
N LEU H 35 59.91 -35.07 6.39
CA LEU H 35 58.70 -35.07 5.60
C LEU H 35 57.49 -35.53 6.41
N SER H 36 57.65 -36.59 7.18
CA SER H 36 56.53 -37.09 7.97
C SER H 36 56.15 -36.19 9.15
N SER H 37 57.12 -35.48 9.71
CA SER H 37 56.83 -34.59 10.83
C SER H 37 56.11 -33.34 10.34
N ILE H 38 56.09 -33.16 9.02
CA ILE H 38 55.42 -32.02 8.44
C ILE H 38 53.92 -32.24 8.49
N ILE H 39 53.39 -33.20 7.72
CA ILE H 39 51.94 -33.46 7.71
C ILE H 39 51.44 -33.69 9.11
N LEU H 40 52.31 -34.08 10.02
CA LEU H 40 51.88 -34.29 11.37
C LEU H 40 51.56 -32.95 11.98
N LEU H 41 52.38 -31.95 11.70
CA LEU H 41 52.12 -30.62 12.22
C LEU H 41 50.94 -30.03 11.50
N PHE H 42 50.90 -30.25 10.19
CA PHE H 42 49.81 -29.75 9.36
C PHE H 42 48.49 -30.14 9.98
N VAL H 43 48.35 -31.41 10.29
CA VAL H 43 47.11 -31.91 10.87
C VAL H 43 46.98 -31.53 12.33
N LEU H 44 48.10 -31.22 12.96
CA LEU H 44 48.06 -30.88 14.37
C LEU H 44 47.82 -29.39 14.63
N LEU H 45 48.68 -28.56 14.04
CA LEU H 45 48.59 -27.11 14.22
C LEU H 45 47.17 -26.56 14.34
N PRO H 46 46.40 -26.58 13.24
CA PRO H 46 45.04 -26.04 13.33
C PRO H 46 44.32 -26.54 14.57
N VAL H 47 43.86 -27.80 14.55
CA VAL H 47 43.16 -28.36 15.69
C VAL H 47 43.76 -27.86 17.00
N ALA H 48 45.07 -28.04 17.13
CA ALA H 48 45.79 -27.63 18.33
C ALA H 48 45.56 -26.15 18.64
N ALA H 49 46.06 -25.31 17.74
CA ALA H 49 45.95 -23.87 17.88
C ALA H 49 44.59 -23.39 18.36
N THR H 50 43.55 -23.66 17.58
CA THR H 50 42.22 -23.23 17.97
C THR H 50 41.88 -23.52 19.44
N VAL H 51 42.24 -24.71 19.95
CA VAL H 51 41.94 -25.02 21.35
C VAL H 51 42.86 -24.23 22.26
N THR H 52 44.07 -23.99 21.80
CA THR H 52 45.04 -23.24 22.56
C THR H 52 44.43 -21.87 22.84
N LEU H 53 44.27 -21.08 21.78
CA LEU H 53 43.71 -19.74 21.86
C LEU H 53 42.46 -19.62 22.72
N GLN H 54 41.80 -20.74 22.99
CA GLN H 54 40.60 -20.70 23.81
C GLN H 54 40.93 -20.41 25.26
N LEU H 55 42.18 -20.04 25.52
CA LEU H 55 42.63 -19.70 26.87
C LEU H 55 42.55 -18.21 26.94
N PHE H 56 43.11 -17.57 25.92
CA PHE H 56 43.13 -16.12 25.79
C PHE H 56 41.75 -15.49 25.92
N ASN H 57 40.70 -16.31 25.78
CA ASN H 57 39.31 -15.86 25.89
C ASN H 57 38.53 -16.94 26.63
N PHE H 58 39.09 -17.41 27.73
CA PHE H 58 38.49 -18.47 28.52
C PHE H 58 37.07 -18.12 28.96
N ASP H 59 36.75 -16.84 28.96
CA ASP H 59 35.43 -16.38 29.36
C ASP H 59 34.42 -16.88 28.34
N GLU H 60 34.64 -16.52 27.08
CA GLU H 60 33.76 -16.94 26.01
C GLU H 60 33.71 -18.46 25.97
N PHE H 61 34.89 -19.08 25.96
CA PHE H 61 34.99 -20.54 25.93
C PHE H 61 34.07 -21.16 26.98
N LEU H 62 34.20 -20.67 28.21
CA LEU H 62 33.38 -21.17 29.31
C LEU H 62 31.90 -20.97 29.03
N LYS H 63 31.53 -19.77 28.58
CA LYS H 63 30.14 -19.45 28.26
C LYS H 63 29.64 -20.44 27.21
N ALA H 64 30.42 -20.58 26.14
CA ALA H 64 30.08 -21.48 25.06
C ALA H 64 29.82 -22.84 25.68
N ALA H 65 30.78 -23.28 26.49
CA ALA H 65 30.72 -24.57 27.17
C ALA H 65 29.43 -24.76 27.96
N SER H 66 28.88 -23.66 28.48
CA SER H 66 27.65 -23.68 29.28
C SER H 66 26.41 -23.55 28.42
N ASP H 67 26.55 -22.88 27.30
CA ASP H 67 25.44 -22.66 26.37
C ASP H 67 24.69 -23.96 26.09
N PRO H 68 23.53 -24.15 26.74
CA PRO H 68 22.70 -25.34 26.57
C PRO H 68 22.15 -25.49 25.15
N ALA H 69 22.35 -24.48 24.33
CA ALA H 69 21.89 -24.54 22.95
C ALA H 69 22.83 -25.53 22.28
N VAL H 70 24.11 -25.38 22.61
CA VAL H 70 25.16 -26.24 22.07
C VAL H 70 24.90 -27.69 22.44
N TRP H 71 24.75 -27.93 23.73
CA TRP H 71 24.51 -29.28 24.22
C TRP H 71 23.27 -29.90 23.58
N LYS H 72 22.28 -29.09 23.25
CA LYS H 72 21.07 -29.63 22.60
C LYS H 72 21.48 -30.22 21.25
N VAL H 73 22.32 -29.46 20.54
CA VAL H 73 22.79 -29.87 19.23
C VAL H 73 23.70 -31.08 19.35
N VAL H 74 24.74 -30.95 20.17
CA VAL H 74 25.68 -32.03 20.38
C VAL H 74 24.97 -33.36 20.56
N LEU H 75 23.96 -33.38 21.42
CA LEU H 75 23.22 -34.60 21.64
C LEU H 75 22.49 -35.03 20.40
N THR H 76 21.81 -34.10 19.73
CA THR H 76 21.09 -34.46 18.52
C THR H 76 22.06 -35.12 17.56
N THR H 77 23.25 -34.53 17.45
CA THR H 77 24.30 -35.04 16.59
C THR H 77 24.60 -36.49 16.97
N TYR H 78 25.30 -36.65 18.08
CA TYR H 78 25.70 -37.94 18.61
C TYR H 78 24.60 -38.99 18.54
N TYR H 79 23.40 -38.62 18.98
CA TYR H 79 22.29 -39.56 18.96
C TYR H 79 21.82 -39.93 17.54
N ALA H 80 21.82 -38.96 16.64
CA ALA H 80 21.37 -39.23 15.28
C ALA H 80 22.37 -40.14 14.61
N ALA H 81 23.65 -39.83 14.81
CA ALA H 81 24.72 -40.61 14.22
C ALA H 81 24.75 -42.02 14.79
N LEU H 82 24.33 -42.15 16.05
CA LEU H 82 24.32 -43.44 16.71
C LEU H 82 23.26 -44.35 16.08
N ILE H 83 22.22 -43.75 15.53
CA ILE H 83 21.19 -44.54 14.90
C ILE H 83 21.64 -45.03 13.53
N SER H 84 22.32 -44.17 12.78
CA SER H 84 22.79 -44.57 11.46
C SER H 84 23.69 -45.78 11.63
N THR H 85 24.56 -45.73 12.63
CA THR H 85 25.49 -46.82 12.90
C THR H 85 24.74 -48.11 13.17
N LEU H 86 23.82 -48.10 14.12
CA LEU H 86 23.08 -49.32 14.42
C LEU H 86 22.46 -49.84 13.14
N ILE H 87 21.84 -48.97 12.36
CA ILE H 87 21.25 -49.40 11.11
C ILE H 87 22.32 -50.05 10.25
N ALA H 88 23.51 -49.46 10.26
CA ALA H 88 24.62 -50.00 9.48
C ALA H 88 24.96 -51.41 9.96
N VAL H 89 25.37 -51.53 11.20
CA VAL H 89 25.70 -52.83 11.75
C VAL H 89 24.63 -53.84 11.38
N ILE H 90 23.38 -53.55 11.73
CA ILE H 90 22.26 -54.43 11.47
C ILE H 90 22.01 -54.83 10.03
N PHE H 91 22.33 -53.99 9.07
CA PHE H 91 22.10 -54.36 7.68
C PHE H 91 23.43 -54.52 6.96
N GLY H 92 24.41 -53.75 7.41
CA GLY H 92 25.72 -53.78 6.80
C GLY H 92 26.51 -55.03 7.08
N THR H 93 26.48 -55.51 8.32
CA THR H 93 27.21 -56.71 8.67
C THR H 93 26.88 -57.86 7.70
N PRO H 94 25.62 -58.29 7.65
CA PRO H 94 25.29 -59.37 6.73
C PRO H 94 25.95 -59.25 5.36
N LEU H 95 25.96 -58.04 4.79
CA LEU H 95 26.60 -57.85 3.49
C LEU H 95 28.11 -58.02 3.59
N ALA H 96 28.70 -57.50 4.66
CA ALA H 96 30.14 -57.60 4.84
C ALA H 96 30.59 -59.05 4.90
N TYR H 97 29.78 -59.90 5.53
CA TYR H 97 30.09 -61.32 5.63
C TYR H 97 30.07 -61.87 4.20
N ILE H 98 28.91 -61.74 3.57
CA ILE H 98 28.72 -62.19 2.20
C ILE H 98 29.82 -61.71 1.26
N LEU H 99 30.43 -60.57 1.54
CA LEU H 99 31.47 -60.11 0.63
C LEU H 99 32.81 -60.77 0.91
N ALA H 100 33.08 -61.04 2.18
CA ALA H 100 34.35 -61.66 2.57
C ALA H 100 34.39 -63.14 2.26
N ARG H 101 33.22 -63.78 2.28
CA ARG H 101 33.14 -65.20 2.03
C ARG H 101 32.82 -65.55 0.58
N LYS H 102 31.52 -65.67 0.29
CA LYS H 102 31.06 -66.01 -1.05
C LYS H 102 31.63 -65.12 -2.15
N SER H 103 31.67 -65.65 -3.36
CA SER H 103 32.15 -64.91 -4.52
C SER H 103 31.28 -65.38 -5.67
N PHE H 104 30.42 -64.49 -6.12
CA PHE H 104 29.47 -64.76 -7.19
C PHE H 104 29.80 -63.87 -8.39
N PRO H 105 28.99 -63.94 -9.46
CA PRO H 105 29.24 -63.11 -10.64
C PRO H 105 29.04 -61.61 -10.42
N GLY H 106 27.99 -61.26 -9.70
CA GLY H 106 27.68 -59.87 -9.43
C GLY H 106 28.70 -59.06 -8.64
N LYS H 107 29.22 -59.65 -7.56
CA LYS H 107 30.19 -58.98 -6.70
C LYS H 107 30.74 -57.65 -7.18
N SER H 108 31.50 -57.67 -8.27
CA SER H 108 32.08 -56.45 -8.83
C SER H 108 31.13 -55.26 -8.71
N VAL H 109 29.87 -55.48 -9.05
CA VAL H 109 28.84 -54.46 -8.96
C VAL H 109 28.51 -54.22 -7.50
N VAL H 110 28.05 -55.26 -6.82
CA VAL H 110 27.70 -55.13 -5.41
C VAL H 110 28.78 -54.38 -4.63
N GLU H 111 30.03 -54.65 -4.92
CA GLU H 111 31.13 -54.00 -4.24
C GLU H 111 31.20 -52.52 -4.59
N GLY H 112 30.89 -52.21 -5.84
CA GLY H 112 30.91 -50.84 -6.30
C GLY H 112 29.80 -50.03 -5.67
N ILE H 113 28.59 -50.56 -5.68
CA ILE H 113 27.46 -49.88 -5.07
C ILE H 113 27.80 -49.49 -3.65
N VAL H 114 28.46 -50.40 -2.94
CA VAL H 114 28.85 -50.14 -1.56
C VAL H 114 29.76 -48.93 -1.46
N ASP H 115 30.57 -48.69 -2.47
CA ASP H 115 31.49 -47.57 -2.42
C ASP H 115 30.96 -46.30 -3.08
N LEU H 116 29.75 -46.35 -3.64
CA LEU H 116 29.18 -45.16 -4.30
C LEU H 116 29.43 -43.90 -3.49
N PRO H 117 28.85 -43.83 -2.29
CA PRO H 117 28.99 -42.68 -1.41
C PRO H 117 30.36 -42.07 -1.26
N VAL H 118 31.41 -42.84 -1.53
CA VAL H 118 32.76 -42.32 -1.39
C VAL H 118 33.13 -41.41 -2.54
N VAL H 119 32.38 -41.52 -3.63
CA VAL H 119 32.68 -40.75 -4.81
C VAL H 119 31.75 -39.55 -5.02
N ILE H 120 30.58 -39.64 -4.41
CA ILE H 120 29.57 -38.61 -4.52
C ILE H 120 29.78 -37.53 -3.48
N PRO H 121 30.10 -36.30 -3.92
CA PRO H 121 30.32 -35.21 -2.97
C PRO H 121 29.11 -35.02 -2.06
N HIS H 122 29.41 -34.69 -0.80
CA HIS H 122 28.38 -34.52 0.24
C HIS H 122 27.06 -33.91 -0.23
N THR H 123 27.14 -32.69 -0.73
CA THR H 123 25.99 -31.97 -1.22
C THR H 123 25.12 -32.85 -2.12
N VAL H 124 25.71 -33.41 -3.17
CA VAL H 124 24.96 -34.25 -4.09
C VAL H 124 24.26 -35.36 -3.33
N ALA H 125 24.98 -35.98 -2.41
CA ALA H 125 24.39 -37.05 -1.63
C ALA H 125 23.09 -36.55 -1.00
N GLY H 126 23.16 -35.40 -0.33
CA GLY H 126 21.98 -34.85 0.29
C GLY H 126 20.88 -34.66 -0.73
N ILE H 127 21.20 -33.96 -1.81
CA ILE H 127 20.23 -33.72 -2.88
C ILE H 127 19.59 -35.01 -3.36
N ALA H 128 20.43 -35.99 -3.65
CA ALA H 128 19.96 -37.28 -4.11
C ALA H 128 19.06 -37.90 -3.06
N LEU H 129 19.49 -37.83 -1.80
CA LEU H 129 18.68 -38.40 -0.72
C LEU H 129 17.33 -37.70 -0.68
N LEU H 130 17.36 -36.38 -0.83
CA LEU H 130 16.17 -35.55 -0.80
C LEU H 130 15.21 -36.01 -1.89
N VAL H 131 15.76 -36.26 -3.07
CA VAL H 131 14.97 -36.72 -4.21
C VAL H 131 14.22 -38.01 -3.90
N VAL H 132 14.54 -38.61 -2.76
CA VAL H 132 13.92 -39.88 -2.46
C VAL H 132 13.07 -39.84 -1.20
N PHE H 133 13.41 -38.97 -0.27
CA PHE H 133 12.66 -38.84 0.97
C PHE H 133 12.03 -37.47 1.12
N GLY H 134 12.35 -36.62 0.16
CA GLY H 134 11.79 -35.28 0.16
C GLY H 134 10.40 -35.38 -0.39
N SER H 135 9.48 -34.64 0.21
CA SER H 135 8.09 -34.63 -0.21
C SER H 135 7.88 -34.94 -1.70
N SER H 136 8.71 -34.35 -2.56
CA SER H 136 8.58 -34.54 -4.00
C SER H 136 8.85 -35.97 -4.48
N GLY H 137 10.06 -36.45 -4.22
CA GLY H 137 10.48 -37.77 -4.63
C GLY H 137 9.65 -38.95 -4.20
N LEU H 138 9.95 -40.08 -4.84
CA LEU H 138 9.27 -41.34 -4.58
C LEU H 138 8.87 -41.58 -3.14
N ILE H 139 9.73 -42.23 -2.40
CA ILE H 139 9.43 -42.51 -0.99
C ILE H 139 8.94 -41.31 -0.17
N GLY H 140 9.53 -40.13 -0.41
CA GLY H 140 9.18 -38.93 0.32
C GLY H 140 7.68 -38.71 0.51
N SER H 141 6.95 -39.10 -0.53
CA SER H 141 5.50 -39.03 -0.63
C SER H 141 4.86 -40.30 -0.10
N PHE H 142 5.37 -41.41 -0.59
CA PHE H 142 4.90 -42.73 -0.24
C PHE H 142 5.24 -43.10 1.19
N SER H 143 5.76 -42.13 1.93
CA SER H 143 6.12 -42.38 3.31
C SER H 143 5.39 -41.47 4.27
N PRO H 144 4.76 -42.07 5.29
CA PRO H 144 4.01 -41.31 6.30
C PRO H 144 4.98 -40.51 7.18
N LEU H 145 6.13 -41.10 7.46
CA LEU H 145 7.16 -40.48 8.28
C LEU H 145 7.90 -39.37 7.54
N LYS H 146 7.71 -38.12 7.96
CA LYS H 146 8.37 -36.97 7.32
C LYS H 146 9.89 -37.00 7.58
N PHE H 147 10.61 -36.73 6.53
CA PHE H 147 12.06 -36.78 6.62
C PHE H 147 12.68 -35.38 6.63
N VAL H 148 12.27 -34.60 5.68
CA VAL H 148 12.68 -33.21 5.58
C VAL H 148 12.65 -32.51 6.94
N ASP H 149 13.66 -31.68 7.18
CA ASP H 149 13.77 -30.94 8.44
C ASP H 149 13.50 -31.86 9.67
N ALA H 150 13.61 -33.19 9.54
CA ALA H 150 13.38 -34.07 10.71
C ALA H 150 14.47 -35.11 10.90
N LEU H 151 14.56 -35.76 12.09
CA LEU H 151 15.56 -36.77 12.45
C LEU H 151 15.83 -37.78 11.34
N PRO H 152 14.77 -38.40 10.80
CA PRO H 152 14.92 -39.39 9.73
C PRO H 152 15.82 -38.90 8.60
N GLY H 153 15.63 -37.65 8.20
CA GLY H 153 16.46 -37.12 7.13
C GLY H 153 17.94 -37.13 7.52
N ILE H 154 18.20 -36.91 8.80
CA ILE H 154 19.58 -36.87 9.29
C ILE H 154 20.19 -38.27 9.25
N VAL H 155 19.44 -39.24 9.75
CA VAL H 155 19.91 -40.61 9.76
C VAL H 155 20.27 -40.99 8.33
N VAL H 156 19.27 -41.05 7.47
CA VAL H 156 19.50 -41.38 6.08
C VAL H 156 20.72 -40.64 5.54
N ALA H 157 20.92 -39.39 5.97
CA ALA H 157 22.08 -38.63 5.51
C ALA H 157 23.34 -39.30 6.02
N MET H 158 23.49 -39.34 7.33
CA MET H 158 24.66 -39.95 7.94
C MET H 158 24.88 -41.40 7.48
N LEU H 159 23.82 -42.20 7.48
CA LEU H 159 23.94 -43.59 7.06
C LEU H 159 24.70 -43.63 5.73
N PHE H 160 24.04 -43.20 4.67
CA PHE H 160 24.60 -43.18 3.34
C PHE H 160 26.08 -42.83 3.28
N VAL H 161 26.51 -41.90 4.12
CA VAL H 161 27.90 -41.49 4.07
C VAL H 161 28.85 -42.38 4.85
N SER H 162 28.33 -43.10 5.85
CA SER H 162 29.19 -43.95 6.66
C SER H 162 29.05 -45.46 6.42
N VAL H 163 27.96 -45.87 5.79
CA VAL H 163 27.73 -47.28 5.51
C VAL H 163 28.98 -47.99 4.98
N PRO H 164 29.57 -47.47 3.89
CA PRO H 164 30.77 -48.10 3.36
C PRO H 164 31.83 -48.20 4.43
N ILE H 165 32.10 -47.10 5.11
CA ILE H 165 33.09 -47.12 6.17
C ILE H 165 32.97 -48.28 7.14
N TYR H 166 31.75 -48.66 7.51
CA TYR H 166 31.54 -49.77 8.43
C TYR H 166 31.78 -51.08 7.69
N ILE H 167 30.95 -51.32 6.68
CA ILE H 167 31.06 -52.53 5.89
C ILE H 167 32.51 -52.95 5.66
N ASN H 168 33.30 -52.05 5.08
CA ASN H 168 34.70 -52.36 4.83
C ASN H 168 35.45 -52.86 6.05
N GLN H 169 35.28 -52.18 7.18
CA GLN H 169 35.95 -52.61 8.40
C GLN H 169 35.41 -53.95 8.84
N ALA H 170 34.10 -54.12 8.74
CA ALA H 170 33.48 -55.38 9.14
C ALA H 170 34.00 -56.50 8.24
N LYS H 171 34.24 -56.17 6.98
CA LYS H 171 34.76 -57.17 6.05
C LYS H 171 36.13 -57.65 6.53
N GLU H 172 37.06 -56.72 6.70
CA GLU H 172 38.40 -57.07 7.18
C GLU H 172 38.28 -57.95 8.43
N GLY H 173 37.22 -57.75 9.20
CA GLY H 173 37.02 -58.55 10.38
C GLY H 173 36.89 -60.00 10.00
N PHE H 174 35.79 -60.31 9.32
CA PHE H 174 35.54 -61.68 8.88
C PHE H 174 36.72 -62.20 8.06
N ALA H 175 37.33 -61.33 7.28
CA ALA H 175 38.46 -61.75 6.48
C ALA H 175 39.60 -62.26 7.35
N SER H 176 39.71 -61.72 8.56
CA SER H 176 40.78 -62.13 9.47
C SER H 176 40.59 -63.51 10.09
N VAL H 177 39.36 -63.98 10.16
CA VAL H 177 39.08 -65.29 10.75
C VAL H 177 39.45 -66.47 9.84
N ASP H 178 40.28 -67.37 10.37
CA ASP H 178 40.71 -68.54 9.61
C ASP H 178 39.54 -69.43 9.21
N VAL H 179 39.28 -69.48 7.90
CA VAL H 179 38.18 -70.27 7.38
C VAL H 179 38.07 -71.67 7.98
N ARG H 180 39.22 -72.31 8.21
CA ARG H 180 39.22 -73.64 8.80
C ARG H 180 38.40 -73.65 10.08
N LEU H 181 38.60 -72.61 10.89
CA LEU H 181 37.87 -72.50 12.14
C LEU H 181 36.41 -72.74 11.88
N GLU H 182 35.90 -72.15 10.81
CA GLU H 182 34.50 -72.31 10.44
C GLU H 182 34.25 -73.72 9.93
N HIS H 183 35.18 -74.23 9.15
CA HIS H 183 35.06 -75.59 8.63
C HIS H 183 34.90 -76.55 9.79
N VAL H 184 35.84 -76.49 10.73
CA VAL H 184 35.82 -77.34 11.90
C VAL H 184 34.50 -77.22 12.62
N ALA H 185 34.09 -75.97 12.85
CA ALA H 185 32.84 -75.72 13.55
C ALA H 185 31.66 -76.46 12.91
N ARG H 186 31.64 -76.55 11.59
CA ARG H 186 30.54 -77.27 10.95
C ARG H 186 30.81 -78.75 11.15
N THR H 187 32.10 -79.10 11.11
CA THR H 187 32.55 -80.47 11.31
C THR H 187 32.02 -81.00 12.64
N LEU H 188 32.13 -80.16 13.67
CA LEU H 188 31.66 -80.52 14.99
C LEU H 188 30.14 -80.40 15.05
N GLY H 189 29.52 -80.55 13.88
CA GLY H 189 28.07 -80.48 13.76
C GLY H 189 27.45 -79.16 14.14
N SER H 190 27.76 -78.11 13.38
CA SER H 190 27.20 -76.80 13.69
C SER H 190 26.71 -76.16 12.40
N SER H 191 25.43 -75.80 12.37
CA SER H 191 24.84 -75.19 11.19
C SER H 191 25.55 -73.90 10.83
N PRO H 192 25.42 -73.47 9.56
CA PRO H 192 26.07 -72.25 9.09
C PRO H 192 25.71 -71.12 10.04
N LEU H 193 24.45 -71.12 10.45
CA LEU H 193 23.94 -70.12 11.37
C LEU H 193 24.69 -70.20 12.70
N ARG H 194 24.87 -71.43 13.20
CA ARG H 194 25.59 -71.63 14.46
C ARG H 194 26.97 -71.04 14.34
N VAL H 195 27.73 -71.58 13.39
CA VAL H 195 29.08 -71.13 13.13
C VAL H 195 29.19 -69.62 13.18
N PHE H 196 28.33 -68.96 12.41
CA PHE H 196 28.32 -67.50 12.31
C PHE H 196 28.36 -66.78 13.65
N PHE H 197 27.43 -67.11 14.53
CA PHE H 197 27.38 -66.45 15.83
C PHE H 197 28.39 -66.97 16.86
N THR H 198 28.91 -68.17 16.63
CA THR H 198 29.85 -68.76 17.60
C THR H 198 31.31 -68.72 17.22
N VAL H 199 31.58 -68.71 15.92
CA VAL H 199 32.95 -68.67 15.46
C VAL H 199 33.24 -67.34 14.77
N SER H 200 32.60 -67.14 13.61
CA SER H 200 32.76 -65.94 12.81
C SER H 200 32.65 -64.65 13.63
N LEU H 201 31.43 -64.29 13.98
CA LEU H 201 31.17 -63.08 14.73
C LEU H 201 32.08 -62.81 15.93
N PRO H 202 31.99 -63.63 16.98
CA PRO H 202 32.80 -63.41 18.19
C PRO H 202 34.27 -63.15 17.91
N LEU H 203 34.74 -63.72 16.82
CA LEU H 203 36.14 -63.60 16.42
C LEU H 203 36.45 -62.27 15.70
N SER H 204 35.47 -61.74 14.97
CA SER H 204 35.72 -60.47 14.31
C SER H 204 35.10 -59.30 15.10
N VAL H 205 34.66 -59.57 16.33
CA VAL H 205 34.07 -58.52 17.12
C VAL H 205 34.97 -57.27 17.20
N ARG H 206 36.26 -57.43 17.53
CA ARG H 206 37.08 -56.22 17.59
C ARG H 206 37.18 -55.45 16.27
N HIS H 207 36.52 -55.94 15.21
CA HIS H 207 36.54 -55.23 13.93
C HIS H 207 35.19 -54.60 13.75
N ILE H 208 34.16 -55.35 14.13
CA ILE H 208 32.80 -54.86 14.05
C ILE H 208 32.73 -53.64 14.95
N VAL H 209 33.31 -53.77 16.14
CA VAL H 209 33.31 -52.68 17.09
C VAL H 209 34.05 -51.48 16.51
N ALA H 210 35.27 -51.71 16.03
CA ALA H 210 36.03 -50.60 15.45
C ALA H 210 35.23 -50.00 14.29
N GLY H 211 34.76 -50.85 13.40
CA GLY H 211 33.98 -50.38 12.27
C GLY H 211 32.82 -49.51 12.69
N ALA H 212 32.10 -49.94 13.72
CA ALA H 212 30.98 -49.17 14.19
C ALA H 212 31.49 -47.82 14.68
N ILE H 213 32.43 -47.83 15.61
CA ILE H 213 32.97 -46.58 16.11
C ILE H 213 33.37 -45.64 14.99
N MET H 214 33.97 -46.19 13.94
CA MET H 214 34.40 -45.36 12.83
C MET H 214 33.24 -44.77 12.06
N SER H 215 32.18 -45.55 11.88
CA SER H 215 31.02 -45.06 11.15
C SER H 215 30.28 -43.99 11.95
N TRP H 216 30.40 -44.09 13.27
CA TRP H 216 29.77 -43.13 14.16
C TRP H 216 30.54 -41.82 13.99
N ALA H 217 31.87 -41.89 14.02
CA ALA H 217 32.68 -40.69 13.87
C ALA H 217 32.36 -40.01 12.53
N ARG H 218 31.98 -40.81 11.53
CA ARG H 218 31.66 -40.28 10.22
C ARG H 218 30.36 -39.50 10.26
N GLY H 219 29.31 -40.12 10.80
CA GLY H 219 28.03 -39.45 10.89
C GLY H 219 28.16 -38.14 11.63
N ILE H 220 28.77 -38.22 12.81
CA ILE H 220 29.00 -37.05 13.63
C ILE H 220 29.62 -35.90 12.83
N SER H 221 30.63 -36.21 12.03
CA SER H 221 31.35 -35.20 11.25
C SER H 221 30.67 -34.67 10.00
N GLU H 222 29.61 -35.34 9.55
CA GLU H 222 28.90 -34.93 8.33
C GLU H 222 28.22 -33.58 8.41
N PHE H 223 28.26 -32.85 7.30
CA PHE H 223 27.64 -31.54 7.21
C PHE H 223 26.79 -31.51 5.93
N GLY H 224 27.47 -31.36 4.79
CA GLY H 224 26.79 -31.32 3.50
C GLY H 224 25.63 -32.26 3.27
N ALA H 225 25.85 -33.56 3.23
CA ALA H 225 24.74 -34.46 2.98
C ALA H 225 23.57 -34.13 3.89
N VAL H 226 23.84 -33.86 5.15
CA VAL H 226 22.77 -33.57 6.08
C VAL H 226 22.03 -32.28 5.82
N VAL H 227 22.71 -31.14 5.99
CA VAL H 227 22.07 -29.86 5.80
C VAL H 227 21.00 -29.85 4.72
N VAL H 228 21.30 -30.39 3.55
CA VAL H 228 20.30 -30.34 2.50
C VAL H 228 19.05 -31.19 2.73
N ILE H 229 18.98 -31.89 3.86
CA ILE H 229 17.81 -32.70 4.12
C ILE H 229 17.08 -32.17 5.35
N ALA H 230 17.85 -31.74 6.33
CA ALA H 230 17.27 -31.19 7.56
C ALA H 230 18.21 -30.19 8.21
N TYR H 231 18.01 -28.94 7.81
CA TYR H 231 18.74 -27.84 8.34
C TYR H 231 18.35 -27.62 9.80
N TYR H 232 17.05 -27.66 10.18
CA TYR H 232 16.90 -27.29 11.57
C TYR H 232 17.12 -28.30 12.70
N PRO H 233 16.51 -29.50 12.63
CA PRO H 233 16.84 -30.34 13.81
C PRO H 233 18.32 -30.52 13.53
N MET H 234 19.05 -29.53 14.05
CA MET H 234 20.43 -29.40 13.75
C MET H 234 21.45 -30.08 14.57
N ILE H 235 22.49 -30.35 13.81
CA ILE H 235 23.66 -31.03 14.18
C ILE H 235 24.84 -30.08 14.25
N ALA H 236 25.71 -30.39 15.22
CA ALA H 236 26.87 -29.60 15.59
C ALA H 236 27.64 -28.97 14.44
N PRO H 237 27.80 -29.71 13.32
CA PRO H 237 28.52 -29.12 12.19
C PRO H 237 27.82 -27.86 11.66
N THR H 238 26.50 -27.90 11.63
CA THR H 238 25.67 -26.79 11.16
C THR H 238 25.73 -25.63 12.15
N LEU H 239 25.41 -25.88 13.41
CA LEU H 239 25.46 -24.84 14.42
C LEU H 239 26.75 -24.04 14.32
N ILE H 240 27.83 -24.71 13.97
CA ILE H 240 29.07 -23.98 13.85
C ILE H 240 29.06 -23.11 12.61
N TYR H 241 28.63 -23.70 11.49
CA TYR H 241 28.58 -22.97 10.22
C TYR H 241 27.68 -21.75 10.37
N GLU H 242 26.51 -21.93 11.00
CA GLU H 242 25.60 -20.83 11.19
C GLU H 242 26.28 -19.70 11.96
N ARG H 243 26.81 -19.99 13.14
CA ARG H 243 27.47 -18.94 13.90
C ARG H 243 28.62 -18.34 13.13
N TYR H 244 29.33 -19.15 12.35
CA TYR H 244 30.43 -18.61 11.60
C TYR H 244 29.92 -17.50 10.67
N LEU H 245 28.83 -17.80 9.96
CA LEU H 245 28.24 -16.85 9.04
C LEU H 245 27.50 -15.71 9.74
N SER H 246 26.72 -16.05 10.76
CA SER H 246 25.96 -15.09 11.52
C SER H 246 26.77 -14.11 12.34
N GLU H 247 27.73 -14.60 13.09
CA GLU H 247 28.50 -13.71 13.95
C GLU H 247 30.00 -13.61 13.66
N GLY H 248 30.46 -14.36 12.67
CA GLY H 248 31.88 -14.31 12.34
C GLY H 248 32.72 -15.41 12.95
N LEU H 249 34.01 -15.35 12.67
CA LEU H 249 34.95 -16.36 13.15
C LEU H 249 35.05 -16.43 14.67
N SER H 250 35.49 -15.36 15.28
CA SER H 250 35.65 -15.30 16.72
C SER H 250 34.43 -15.74 17.51
N ALA H 251 33.29 -15.85 16.84
CA ALA H 251 32.06 -16.25 17.51
C ALA H 251 31.82 -17.75 17.38
N ALA H 252 32.62 -18.41 16.56
CA ALA H 252 32.48 -19.83 16.32
C ALA H 252 33.59 -20.63 16.97
N MET H 253 34.78 -20.04 17.03
CA MET H 253 35.92 -20.71 17.62
C MET H 253 35.56 -21.46 18.90
N PRO H 254 34.94 -20.78 19.86
CA PRO H 254 34.60 -21.49 21.09
C PRO H 254 33.88 -22.81 20.83
N VAL H 255 32.78 -22.75 20.10
CA VAL H 255 32.02 -23.97 19.82
C VAL H 255 32.88 -24.98 19.12
N ALA H 256 33.76 -24.51 18.24
CA ALA H 256 34.65 -25.41 17.52
C ALA H 256 35.45 -26.18 18.56
N ALA H 257 36.27 -25.44 19.31
CA ALA H 257 37.12 -26.02 20.35
C ALA H 257 36.34 -26.96 21.25
N ILE H 258 35.12 -26.58 21.61
CA ILE H 258 34.31 -27.45 22.43
C ILE H 258 34.10 -28.75 21.69
N LEU H 259 33.70 -28.65 20.43
CA LEU H 259 33.46 -29.84 19.63
C LEU H 259 34.74 -30.66 19.46
N ILE H 260 35.87 -29.98 19.27
CA ILE H 260 37.14 -30.68 19.15
C ILE H 260 37.34 -31.49 20.44
N LEU H 261 37.57 -30.79 21.55
CA LEU H 261 37.75 -31.45 22.84
C LEU H 261 36.67 -32.49 23.05
N LEU H 262 35.42 -32.11 22.82
CA LEU H 262 34.32 -33.02 23.01
C LEU H 262 34.61 -34.34 22.29
N SER H 263 35.29 -34.27 21.15
CA SER H 263 35.59 -35.48 20.42
C SER H 263 36.80 -36.21 20.96
N LEU H 264 37.90 -35.48 21.17
CA LEU H 264 39.12 -36.12 21.70
C LEU H 264 38.74 -37.02 22.86
N ALA H 265 37.91 -36.50 23.76
CA ALA H 265 37.46 -37.26 24.91
C ALA H 265 36.73 -38.52 24.49
N VAL H 266 35.61 -38.36 23.82
CA VAL H 266 34.81 -39.50 23.39
C VAL H 266 35.60 -40.57 22.66
N PHE H 267 36.60 -40.19 21.89
CA PHE H 267 37.34 -41.20 21.18
C PHE H 267 38.51 -41.78 21.94
N VAL H 268 39.33 -40.94 22.55
CA VAL H 268 40.44 -41.49 23.33
C VAL H 268 39.81 -42.38 24.40
N ALA H 269 38.62 -42.00 24.86
CA ALA H 269 37.91 -42.80 25.85
C ALA H 269 37.67 -44.18 25.26
N LEU H 270 37.00 -44.20 24.11
CA LEU H 270 36.71 -45.46 23.43
C LEU H 270 37.96 -46.30 23.16
N ARG H 271 39.07 -45.65 22.82
CA ARG H 271 40.30 -46.40 22.56
C ARG H 271 40.83 -47.03 23.83
N ILE H 272 40.77 -46.30 24.93
CA ILE H 272 41.22 -46.82 26.20
C ILE H 272 40.28 -47.92 26.70
N ILE H 273 39.14 -48.07 26.04
CA ILE H 273 38.17 -49.10 26.42
C ILE H 273 38.19 -50.20 25.35
N VAL H 274 39.32 -50.34 24.66
CA VAL H 274 39.47 -51.34 23.61
C VAL H 274 40.93 -51.71 23.36
N GLY H 275 41.85 -50.91 23.89
CA GLY H 275 43.26 -51.18 23.70
C GLY H 275 44.10 -51.03 24.95
N ASN I 4 -13.86 21.00 -25.70
CA ASN I 4 -13.10 21.69 -24.60
C ASN I 4 -13.35 21.02 -23.26
N VAL I 5 -13.58 19.71 -23.27
CA VAL I 5 -13.84 18.93 -22.07
C VAL I 5 -13.24 19.56 -20.80
N LYS I 6 -14.08 19.65 -19.78
CA LYS I 6 -13.70 20.25 -18.52
C LYS I 6 -13.11 19.22 -17.56
N LEU I 7 -12.04 19.62 -16.86
CA LEU I 7 -11.38 18.75 -15.92
C LEU I 7 -11.70 19.12 -14.48
N LYS I 8 -12.59 18.37 -13.84
CA LYS I 8 -12.96 18.68 -12.47
C LYS I 8 -11.95 18.21 -11.43
N VAL I 9 -11.51 19.17 -10.62
CA VAL I 9 -10.51 18.94 -9.59
C VAL I 9 -10.82 19.63 -8.25
N PHE I 10 -11.37 18.88 -7.30
CA PHE I 10 -11.65 19.46 -5.98
C PHE I 10 -10.41 19.24 -5.14
N HIS I 11 -10.02 20.24 -4.37
CA HIS I 11 -8.79 20.12 -3.60
C HIS I 11 -8.77 20.95 -2.33
N ALA I 12 -7.84 20.66 -1.43
CA ALA I 12 -7.74 21.41 -0.16
C ALA I 12 -7.56 22.88 -0.42
N GLY I 13 -7.86 23.66 0.60
CA GLY I 13 -7.78 25.09 0.45
C GLY I 13 -6.37 25.63 0.35
N SER I 14 -5.41 24.91 0.91
CA SER I 14 -4.03 25.39 0.86
C SER I 14 -3.35 25.09 -0.46
N LEU I 15 -3.84 24.07 -1.14
CA LEU I 15 -3.29 23.73 -2.45
C LEU I 15 -3.80 24.71 -3.49
N THR I 16 -4.28 25.86 -3.05
CA THR I 16 -4.84 26.83 -3.97
C THR I 16 -3.85 27.51 -4.89
N GLU I 17 -2.82 28.14 -4.32
CA GLU I 17 -1.81 28.80 -5.16
C GLU I 17 -1.26 27.71 -6.06
N PRO I 18 -0.70 26.65 -5.45
CA PRO I 18 -0.13 25.53 -6.20
C PRO I 18 -1.02 25.17 -7.38
N MET I 19 -2.28 24.89 -7.10
CA MET I 19 -3.22 24.52 -8.13
C MET I 19 -3.31 25.55 -9.26
N LYS I 20 -3.09 26.82 -8.95
CA LYS I 20 -3.15 27.82 -10.01
C LYS I 20 -2.08 27.46 -11.04
N ALA I 21 -0.88 27.18 -10.52
CA ALA I 21 0.28 26.78 -11.32
C ALA I 21 -0.04 25.49 -12.08
N PHE I 22 -0.42 24.45 -11.33
CA PHE I 22 -0.76 23.19 -11.97
C PHE I 22 -1.72 23.42 -13.12
N LYS I 23 -2.61 24.41 -12.95
CA LYS I 23 -3.61 24.69 -13.97
C LYS I 23 -3.05 25.21 -15.27
N ARG I 24 -2.44 26.38 -15.21
CA ARG I 24 -1.89 26.97 -16.43
C ARG I 24 -1.00 25.93 -17.08
N ALA I 25 -0.07 25.39 -16.31
CA ALA I 25 0.83 24.37 -16.85
C ALA I 25 0.01 23.31 -17.59
N PHE I 26 -0.80 22.54 -16.88
CA PHE I 26 -1.59 21.50 -17.52
C PHE I 26 -2.36 21.92 -18.76
N GLU I 27 -2.92 23.13 -18.75
CA GLU I 27 -3.69 23.63 -19.89
C GLU I 27 -2.74 24.04 -21.00
N GLU I 28 -1.53 24.42 -20.60
CA GLU I 28 -0.50 24.82 -21.54
C GLU I 28 -0.05 23.59 -22.31
N LYS I 29 -0.56 22.44 -21.88
CA LYS I 29 -0.26 21.13 -22.47
C LYS I 29 -1.42 20.63 -23.32
N HIS I 30 -2.64 20.96 -22.89
CA HIS I 30 -3.85 20.57 -23.62
C HIS I 30 -4.70 21.82 -23.77
N PRO I 31 -4.17 22.84 -24.47
CA PRO I 31 -4.80 24.13 -24.74
C PRO I 31 -6.27 24.12 -25.16
N ASN I 32 -6.89 22.96 -25.17
CA ASN I 32 -8.29 22.83 -25.55
C ASN I 32 -9.13 22.31 -24.38
N VAL I 33 -8.49 22.10 -23.23
CA VAL I 33 -9.19 21.60 -22.05
C VAL I 33 -9.12 22.60 -20.90
N GLU I 34 -10.25 22.76 -20.19
CA GLU I 34 -10.30 23.70 -19.07
C GLU I 34 -10.30 22.99 -17.71
N VAL I 35 -9.32 23.30 -16.86
CA VAL I 35 -9.25 22.66 -15.55
C VAL I 35 -10.10 23.39 -14.47
N GLN I 36 -11.12 22.73 -13.90
CA GLN I 36 -11.97 23.37 -12.88
C GLN I 36 -11.57 23.07 -11.45
N THR I 37 -10.93 24.05 -10.84
CA THR I 37 -10.44 23.95 -9.47
C THR I 37 -11.55 24.26 -8.45
N GLU I 38 -11.39 23.82 -7.20
CA GLU I 38 -12.38 24.08 -6.15
C GLU I 38 -11.89 23.98 -4.70
N ALA I 39 -11.52 25.10 -4.09
CA ALA I 39 -11.05 25.09 -2.70
C ALA I 39 -12.08 24.61 -1.68
N ALA I 40 -11.63 23.84 -0.70
CA ALA I 40 -12.53 23.33 0.31
C ALA I 40 -11.80 22.32 1.18
N GLY I 41 -11.78 22.58 2.49
CA GLY I 41 -11.11 21.68 3.43
C GLY I 41 -11.27 20.22 3.05
N SER I 42 -10.14 19.52 2.94
CA SER I 42 -10.10 18.12 2.53
C SER I 42 -11.35 17.31 2.83
N ALA I 43 -11.70 17.18 4.11
CA ALA I 43 -12.89 16.41 4.49
C ALA I 43 -14.08 16.86 3.64
N ALA I 44 -14.37 18.17 3.71
CA ALA I 44 -15.45 18.75 2.92
C ALA I 44 -15.23 18.48 1.42
N THR I 45 -14.06 18.85 0.92
CA THR I 45 -13.75 18.63 -0.48
C THR I 45 -14.08 17.19 -0.88
N ILE I 46 -13.77 16.22 -0.02
CA ILE I 46 -14.07 14.84 -0.36
C ILE I 46 -15.57 14.56 -0.27
N ARG I 47 -16.24 15.26 0.63
CA ARG I 47 -17.68 15.10 0.78
C ARG I 47 -18.43 15.56 -0.46
N LYS I 48 -17.78 16.33 -1.33
CA LYS I 48 -18.46 16.75 -2.54
C LYS I 48 -18.72 15.50 -3.34
N VAL I 49 -17.75 14.59 -3.30
CA VAL I 49 -17.87 13.35 -4.05
C VAL I 49 -18.69 12.28 -3.31
N THR I 50 -18.50 12.22 -2.01
CA THR I 50 -19.16 11.20 -1.21
C THR I 50 -20.52 11.48 -0.61
N GLU I 51 -20.96 12.73 -0.60
CA GLU I 51 -22.25 13.06 -0.01
C GLU I 51 -23.07 13.95 -0.92
N LEU I 52 -22.45 14.98 -1.49
CA LEU I 52 -23.17 15.91 -2.35
C LEU I 52 -23.33 15.34 -3.73
N GLY I 53 -23.17 14.04 -3.81
CA GLY I 53 -23.35 13.35 -5.06
C GLY I 53 -22.76 13.88 -6.33
N ARG I 54 -21.74 14.73 -6.22
CA ARG I 54 -21.10 15.30 -7.41
C ARG I 54 -19.94 14.45 -7.88
N LYS I 55 -19.55 14.64 -9.14
CA LYS I 55 -18.44 13.86 -9.61
C LYS I 55 -17.24 14.76 -9.82
N ALA I 56 -16.04 14.19 -9.68
CA ALA I 56 -14.78 14.92 -9.86
C ALA I 56 -13.79 14.03 -10.57
N ASP I 57 -12.80 14.64 -11.22
CA ASP I 57 -11.79 13.86 -11.93
C ASP I 57 -10.54 13.70 -11.07
N VAL I 58 -10.32 14.66 -10.19
CA VAL I 58 -9.18 14.65 -9.30
C VAL I 58 -9.61 15.15 -7.93
N ILE I 59 -8.99 14.60 -6.89
CA ILE I 59 -9.26 15.00 -5.51
C ILE I 59 -7.88 15.11 -4.85
N ALA I 60 -7.61 16.24 -4.22
CA ALA I 60 -6.32 16.41 -3.57
C ALA I 60 -6.51 16.89 -2.14
N THR I 61 -5.89 16.23 -1.18
CA THR I 61 -6.05 16.65 0.22
C THR I 61 -4.75 17.06 0.90
N ALA I 62 -4.85 17.63 2.08
CA ALA I 62 -3.66 18.03 2.82
C ALA I 62 -3.31 16.88 3.77
N ASP I 63 -4.22 15.92 3.84
CA ASP I 63 -4.04 14.74 4.68
C ASP I 63 -4.47 13.58 3.81
N TYR I 64 -3.48 12.86 3.28
CA TYR I 64 -3.70 11.74 2.38
C TYR I 64 -4.55 10.65 2.96
N THR I 65 -4.55 10.53 4.29
CA THR I 65 -5.32 9.48 4.93
C THR I 65 -6.83 9.67 4.81
N LEU I 66 -7.29 10.93 4.86
CA LEU I 66 -8.72 11.22 4.74
C LEU I 66 -9.30 10.52 3.51
N ILE I 67 -8.54 10.51 2.41
CA ILE I 67 -9.03 9.85 1.21
C ILE I 67 -9.41 8.42 1.56
N GLN I 68 -8.45 7.67 2.09
CA GLN I 68 -8.69 6.28 2.47
C GLN I 68 -9.88 6.18 3.42
N LYS I 69 -9.76 6.80 4.59
CA LYS I 69 -10.81 6.76 5.59
C LYS I 69 -12.18 7.26 5.10
N MET I 70 -12.26 7.81 3.90
CA MET I 70 -13.54 8.34 3.42
C MET I 70 -13.95 7.96 2.02
N MET I 71 -13.08 7.30 1.26
CA MET I 71 -13.46 6.97 -0.10
C MET I 71 -13.30 5.52 -0.52
N TYR I 72 -12.69 4.71 0.33
CA TYR I 72 -12.48 3.29 0.02
C TYR I 72 -13.64 2.39 0.47
N PRO I 73 -14.14 1.53 -0.44
CA PRO I 73 -13.67 1.38 -1.81
C PRO I 73 -14.74 1.86 -2.78
N GLU I 74 -15.78 2.50 -2.23
CA GLU I 74 -16.89 3.00 -3.03
C GLU I 74 -16.56 4.16 -3.96
N PHE I 75 -15.97 5.23 -3.42
CA PHE I 75 -15.67 6.36 -4.30
C PHE I 75 -14.25 6.41 -4.84
N ALA I 76 -13.40 5.47 -4.42
CA ALA I 76 -12.02 5.40 -4.90
C ALA I 76 -11.27 4.21 -4.28
N ASN I 77 -10.00 4.05 -4.65
CA ASN I 77 -9.23 2.94 -4.11
C ASN I 77 -7.72 3.10 -4.19
N TRP I 78 -7.22 4.31 -4.42
CA TRP I 78 -5.78 4.51 -4.46
C TRP I 78 -5.34 5.94 -4.20
N THR I 79 -4.34 6.09 -3.37
CA THR I 79 -3.83 7.41 -3.02
C THR I 79 -2.35 7.57 -3.39
N ILE I 80 -1.95 8.79 -3.72
CA ILE I 80 -0.56 9.05 -4.05
C ILE I 80 -0.05 10.23 -3.27
N MET I 81 0.95 10.01 -2.41
CA MET I 81 1.49 11.12 -1.63
C MET I 81 2.32 11.99 -2.56
N PHE I 82 2.15 13.31 -2.48
CA PHE I 82 2.88 14.20 -3.37
C PHE I 82 3.42 15.48 -2.75
N ALA I 83 3.16 15.71 -1.48
CA ALA I 83 3.68 16.93 -0.83
C ALA I 83 3.59 16.87 0.68
N LYS I 84 4.32 17.77 1.32
CA LYS I 84 4.36 17.83 2.78
C LYS I 84 4.04 19.24 3.20
N ASN I 85 3.85 19.46 4.49
CA ASN I 85 3.60 20.82 4.95
C ASN I 85 3.89 20.99 6.42
N GLN I 86 3.82 22.24 6.88
CA GLN I 86 4.14 22.56 8.26
C GLN I 86 3.10 23.52 8.88
N ILE I 87 2.81 23.35 10.16
CA ILE I 87 1.84 24.20 10.86
C ILE I 87 2.59 25.30 11.58
N VAL I 88 2.23 26.56 11.31
CA VAL I 88 2.86 27.71 11.96
C VAL I 88 1.79 28.66 12.51
N LEU I 89 2.20 29.64 13.30
CA LEU I 89 1.26 30.61 13.86
C LEU I 89 1.51 31.89 13.10
N ALA I 90 0.64 32.25 12.19
CA ALA I 90 0.84 33.45 11.39
C ALA I 90 0.16 34.73 11.91
N TYR I 91 0.58 35.85 11.35
CA TYR I 91 0.03 37.16 11.72
C TYR I 91 0.53 38.28 10.81
N ARG I 92 0.15 39.52 11.16
CA ARG I 92 0.52 40.73 10.41
C ARG I 92 1.43 41.58 11.29
N ASN I 93 2.17 42.48 10.66
CA ASN I 93 3.08 43.37 11.38
C ASN I 93 2.41 44.05 12.57
N ASP I 94 1.19 44.52 12.36
CA ASP I 94 0.44 45.23 13.40
C ASP I 94 -0.18 44.39 14.51
N SER I 95 -0.53 43.13 14.22
CA SER I 95 -1.15 42.26 15.22
C SER I 95 -0.66 42.51 16.64
N ARG I 96 -1.56 42.36 17.60
CA ARG I 96 -1.25 42.58 19.01
C ARG I 96 0.02 41.90 19.49
N TYR I 97 1.06 42.70 19.80
CA TYR I 97 2.33 42.20 20.30
C TYR I 97 3.18 41.47 19.26
N ALA I 98 3.00 41.81 18.00
CA ALA I 98 3.75 41.19 16.92
C ALA I 98 5.25 41.36 17.12
N ASP I 99 5.62 42.17 18.12
CA ASP I 99 7.01 42.44 18.42
C ASP I 99 7.61 41.42 19.38
N GLU I 100 7.07 41.40 20.59
CA GLU I 100 7.55 40.50 21.62
C GLU I 100 7.29 39.01 21.40
N ILE I 101 6.39 38.67 20.47
CA ILE I 101 6.11 37.27 20.25
C ILE I 101 7.27 36.52 19.59
N ASN I 102 7.38 35.23 19.94
CA ASN I 102 8.43 34.39 19.41
C ASN I 102 8.11 32.93 19.70
N SER I 103 9.06 32.07 19.34
CA SER I 103 8.94 30.63 19.50
C SER I 103 8.84 30.10 20.93
N GLN I 104 8.94 30.96 21.95
CA GLN I 104 8.84 30.48 23.33
C GLN I 104 7.66 31.04 24.07
N ASN I 105 7.21 32.22 23.65
CA ASN I 105 6.09 32.89 24.31
C ASN I 105 4.78 32.82 23.56
N TRP I 106 4.83 32.42 22.29
CA TRP I 106 3.60 32.38 21.50
C TRP I 106 2.41 31.90 22.30
N TYR I 107 2.50 30.71 22.87
CA TYR I 107 1.39 30.18 23.64
C TYR I 107 1.00 31.06 24.83
N GLU I 108 1.91 31.91 25.27
CA GLU I 108 1.58 32.80 26.38
C GLU I 108 0.82 34.01 25.81
N ILE I 109 1.35 34.59 24.72
CA ILE I 109 0.71 35.73 24.05
C ILE I 109 -0.74 35.40 23.77
N LEU I 110 -0.96 34.31 23.05
CA LEU I 110 -2.31 33.89 22.73
C LEU I 110 -3.16 33.77 23.98
N LYS I 111 -2.53 33.61 25.15
CA LYS I 111 -3.32 33.49 26.37
C LYS I 111 -3.91 34.84 26.78
N ARG I 112 -3.19 35.92 26.47
CA ARG I 112 -3.66 37.25 26.80
C ARG I 112 -5.12 37.41 26.38
N PRO I 113 -5.98 37.89 27.30
CA PRO I 113 -7.41 38.11 27.12
C PRO I 113 -7.80 39.01 25.96
N ASP I 114 -6.92 39.93 25.62
CA ASP I 114 -7.17 40.89 24.54
C ASP I 114 -6.71 40.41 23.17
N VAL I 115 -6.12 39.23 23.09
CA VAL I 115 -5.63 38.71 21.82
C VAL I 115 -6.60 37.72 21.16
N ARG I 116 -6.76 37.86 19.85
CA ARG I 116 -7.65 37.00 19.09
C ARG I 116 -6.89 36.19 18.08
N PHE I 117 -7.13 34.89 18.06
CA PHE I 117 -6.48 34.00 17.12
C PHE I 117 -7.56 33.07 16.56
N GLY I 118 -7.28 32.46 15.40
CA GLY I 118 -8.25 31.56 14.81
C GLY I 118 -7.65 30.30 14.24
N PHE I 119 -8.51 29.35 13.91
CA PHE I 119 -8.09 28.08 13.32
C PHE I 119 -9.27 27.46 12.63
N SER I 120 -9.04 26.79 11.51
CA SER I 120 -10.13 26.18 10.79
C SER I 120 -10.85 25.12 11.63
N ASN I 121 -11.94 24.64 11.05
CA ASN I 121 -12.81 23.65 11.66
C ASN I 121 -12.32 22.24 11.42
N PRO I 122 -11.98 21.53 12.50
CA PRO I 122 -11.50 20.17 12.38
C PRO I 122 -12.43 19.29 11.54
N ASN I 123 -13.72 19.42 11.74
CA ASN I 123 -14.63 18.56 11.00
C ASN I 123 -14.55 18.73 9.50
N ASP I 124 -14.08 19.88 9.06
CA ASP I 124 -14.02 20.13 7.63
C ASP I 124 -12.64 20.06 7.04
N ASP I 125 -11.70 20.76 7.68
CA ASP I 125 -10.31 20.86 7.20
C ASP I 125 -9.19 20.25 8.09
N PRO I 126 -8.23 19.54 7.46
CA PRO I 126 -7.13 18.93 8.21
C PRO I 126 -6.32 19.97 8.98
N CYS I 127 -6.04 21.11 8.35
CA CYS I 127 -5.28 22.12 9.04
C CYS I 127 -5.99 22.42 10.35
N GLY I 128 -7.30 22.22 10.34
CA GLY I 128 -8.12 22.45 11.52
C GLY I 128 -7.73 21.57 12.68
N TYR I 129 -7.80 20.25 12.47
CA TYR I 129 -7.42 19.38 13.56
C TYR I 129 -5.91 19.36 13.79
N ARG I 130 -5.14 19.70 12.75
CA ARG I 130 -3.70 19.75 12.91
C ARG I 130 -3.33 20.89 13.83
N SER I 131 -4.10 21.97 13.76
CA SER I 131 -3.88 23.13 14.61
C SER I 131 -4.12 22.72 16.06
N LEU I 132 -5.27 22.11 16.30
CA LEU I 132 -5.59 21.67 17.63
C LEU I 132 -4.57 20.65 18.07
N MET I 133 -4.14 19.79 17.16
CA MET I 133 -3.15 18.80 17.53
C MET I 133 -1.91 19.51 18.04
N ALA I 134 -1.39 20.45 17.24
CA ALA I 134 -0.21 21.21 17.64
C ALA I 134 -0.34 21.91 18.99
N ILE I 135 -1.52 22.46 19.30
CA ILE I 135 -1.66 23.16 20.57
C ILE I 135 -1.57 22.19 21.72
N GLN I 136 -2.13 21.00 21.52
CA GLN I 136 -2.12 19.98 22.57
C GLN I 136 -0.74 19.36 22.68
N LEU I 137 -0.12 19.10 21.54
CA LEU I 137 1.22 18.53 21.52
C LEU I 137 2.17 19.47 22.25
N ALA I 138 1.82 20.75 22.31
CA ALA I 138 2.66 21.73 22.98
C ALA I 138 2.62 21.50 24.48
N GLU I 139 1.49 21.02 24.98
CA GLU I 139 1.34 20.74 26.41
C GLU I 139 2.40 19.75 26.87
N LEU I 140 2.71 18.80 25.99
CA LEU I 140 3.68 17.78 26.31
C LEU I 140 5.10 18.24 26.05
N TYR I 141 5.26 19.22 25.19
CA TYR I 141 6.59 19.71 24.86
C TYR I 141 7.13 20.76 25.81
N TYR I 142 6.25 21.55 26.39
CA TYR I 142 6.69 22.59 27.31
C TYR I 142 6.35 22.16 28.72
N ASN I 143 5.85 20.93 28.83
CA ASN I 143 5.48 20.38 30.12
C ASN I 143 4.57 21.35 30.87
N ASP I 144 3.51 21.77 30.19
CA ASP I 144 2.54 22.72 30.74
C ASP I 144 1.15 22.18 30.40
N PRO I 145 0.60 21.29 31.25
CA PRO I 145 -0.72 20.71 31.00
C PRO I 145 -1.90 21.69 30.94
N THR I 146 -1.62 22.96 30.72
CA THR I 146 -2.67 23.97 30.66
C THR I 146 -2.88 24.61 29.30
N ILE I 147 -1.81 24.81 28.54
CA ILE I 147 -1.89 25.45 27.24
C ILE I 147 -3.19 25.19 26.49
N PHE I 148 -3.43 23.93 26.10
CA PHE I 148 -4.65 23.62 25.36
C PHE I 148 -5.89 23.90 26.17
N ASP I 149 -5.75 23.86 27.49
CA ASP I 149 -6.88 24.12 28.38
C ASP I 149 -7.15 25.63 28.41
N GLU I 150 -6.08 26.39 28.62
CA GLU I 150 -6.16 27.85 28.68
C GLU I 150 -6.54 28.49 27.35
N LEU I 151 -6.12 27.89 26.24
CA LEU I 151 -6.40 28.48 24.93
C LEU I 151 -7.58 27.95 24.16
N VAL I 152 -8.09 26.79 24.53
CA VAL I 152 -9.18 26.28 23.75
C VAL I 152 -10.38 25.83 24.55
N ALA I 153 -10.17 24.93 25.51
CA ALA I 153 -11.28 24.43 26.32
C ALA I 153 -12.00 25.57 27.04
N LYS I 154 -11.22 26.52 27.56
CA LYS I 154 -11.79 27.67 28.25
C LYS I 154 -12.32 28.71 27.27
N ASN I 155 -12.50 28.31 26.01
CA ASN I 155 -13.03 29.19 24.96
C ASN I 155 -13.81 28.40 23.94
N SER I 156 -14.22 27.19 24.29
CA SER I 156 -14.97 26.37 23.35
C SER I 156 -15.41 25.10 24.04
N ASN I 157 -16.31 24.36 23.40
CA ASN I 157 -16.77 23.11 23.95
C ASN I 157 -15.86 22.00 23.43
N LEU I 158 -14.70 22.41 22.92
CA LEU I 158 -13.72 21.47 22.40
C LEU I 158 -12.79 21.08 23.54
N ARG I 159 -12.59 19.76 23.73
CA ARG I 159 -11.76 19.28 24.82
C ARG I 159 -10.99 17.99 24.52
N PHE I 160 -9.72 17.98 24.91
CA PHE I 160 -8.81 16.84 24.72
C PHE I 160 -8.71 16.04 26.01
N SER I 161 -8.71 14.72 25.91
CA SER I 161 -8.62 13.91 27.13
C SER I 161 -7.60 12.79 27.08
N GLU I 162 -6.69 12.82 28.06
CA GLU I 162 -5.63 11.83 28.14
C GLU I 162 -6.08 10.45 28.59
N ASP I 163 -5.29 9.44 28.20
CA ASP I 163 -5.49 8.03 28.56
C ASP I 163 -4.17 7.32 28.33
N ASN I 164 -3.47 6.99 29.41
CA ASN I 164 -2.19 6.30 29.33
C ASN I 164 -1.18 7.00 28.40
N GLY I 165 -0.91 8.28 28.70
CA GLY I 165 0.04 9.04 27.90
C GLY I 165 -0.45 9.59 26.58
N SER I 166 -1.64 9.19 26.14
CA SER I 166 -2.15 9.68 24.87
C SER I 166 -3.30 10.65 25.06
N TYR I 167 -3.73 11.26 23.97
CA TYR I 167 -4.81 12.24 24.00
C TYR I 167 -5.76 12.10 22.84
N VAL I 168 -7.02 12.46 23.06
CA VAL I 168 -8.03 12.38 22.03
C VAL I 168 -9.06 13.50 22.18
N LEU I 169 -9.59 13.97 21.06
CA LEU I 169 -10.59 15.01 21.10
C LEU I 169 -11.79 14.56 20.28
N ARG I 170 -12.94 14.50 20.94
CA ARG I 170 -14.17 14.11 20.27
C ARG I 170 -14.77 15.36 19.66
N MET I 171 -14.89 15.39 18.35
CA MET I 171 -15.45 16.56 17.70
C MET I 171 -16.98 16.52 17.65
N PRO I 172 -17.65 17.65 17.96
CA PRO I 172 -19.09 17.91 17.99
C PRO I 172 -19.57 18.04 16.55
N SER I 173 -20.86 18.33 16.32
CA SER I 173 -21.30 18.51 14.94
C SER I 173 -20.82 19.95 14.74
N SER I 174 -20.57 20.35 13.51
CA SER I 174 -20.08 21.71 13.30
C SER I 174 -21.04 22.78 13.83
N GLU I 175 -22.33 22.46 13.89
CA GLU I 175 -23.31 23.42 14.39
C GLU I 175 -23.29 23.49 15.92
N ARG I 176 -22.87 22.40 16.55
CA ARG I 176 -22.81 22.35 18.00
C ARG I 176 -21.53 22.98 18.53
N ILE I 177 -20.56 23.19 17.64
CA ILE I 177 -19.30 23.80 18.07
C ILE I 177 -19.61 25.15 18.70
N GLU I 178 -19.22 25.30 19.96
CA GLU I 178 -19.44 26.52 20.71
C GLU I 178 -18.13 27.24 20.89
N ILE I 179 -18.02 28.48 20.41
CA ILE I 179 -16.77 29.21 20.53
C ILE I 179 -16.91 30.53 21.28
N ASN I 180 -15.97 30.82 22.17
CA ASN I 180 -16.00 32.09 22.86
C ASN I 180 -15.63 33.06 21.73
N LYS I 181 -16.61 33.75 21.19
CA LYS I 181 -16.37 34.66 20.07
C LYS I 181 -15.42 35.81 20.38
N SER I 182 -15.12 36.02 21.65
CA SER I 182 -14.22 37.11 22.05
C SER I 182 -12.75 36.75 21.86
N LYS I 183 -12.48 35.44 21.89
CA LYS I 183 -11.12 34.91 21.77
C LYS I 183 -10.78 34.17 20.48
N ILE I 184 -11.72 33.34 20.02
CA ILE I 184 -11.49 32.53 18.84
C ILE I 184 -12.47 32.64 17.68
N MET I 185 -11.93 32.94 16.50
CA MET I 185 -12.74 33.00 15.29
C MET I 185 -12.33 31.75 14.54
N ILE I 186 -13.30 31.00 14.05
CA ILE I 186 -12.97 29.81 13.30
C ILE I 186 -13.72 29.83 11.97
N ARG I 187 -13.34 28.95 11.05
CA ARG I 187 -13.98 28.89 9.74
C ARG I 187 -13.86 27.49 9.19
N SER I 188 -14.52 27.23 8.07
CA SER I 188 -14.46 25.90 7.54
C SER I 188 -13.06 25.60 7.07
N MET I 189 -12.47 26.50 6.28
CA MET I 189 -11.12 26.22 5.81
C MET I 189 -10.08 27.29 6.08
N GLU I 190 -8.93 26.83 6.52
CA GLU I 190 -7.80 27.69 6.84
C GLU I 190 -7.62 28.93 5.94
N MET I 191 -7.97 28.82 4.66
CA MET I 191 -7.81 29.93 3.75
C MET I 191 -8.80 31.06 4.08
N GLU I 192 -9.90 30.70 4.71
CA GLU I 192 -10.91 31.65 5.09
C GLU I 192 -10.36 32.41 6.27
N LEU I 193 -9.39 31.82 6.96
CA LEU I 193 -8.82 32.51 8.10
C LEU I 193 -8.09 33.74 7.53
N ILE I 194 -7.80 33.74 6.23
CA ILE I 194 -7.07 34.84 5.62
C ILE I 194 -7.79 36.19 5.63
N HIS I 195 -9.01 36.26 5.11
CA HIS I 195 -9.72 37.54 5.12
C HIS I 195 -9.93 38.03 6.55
N LEU I 196 -10.19 37.13 7.49
CA LEU I 196 -10.39 37.55 8.88
C LEU I 196 -9.16 38.29 9.38
N VAL I 197 -8.00 37.93 8.86
CA VAL I 197 -6.77 38.55 9.29
C VAL I 197 -6.66 39.89 8.59
N GLU I 198 -6.91 39.89 7.28
CA GLU I 198 -6.84 41.09 6.48
C GLU I 198 -7.80 42.19 6.95
N SER I 199 -9.06 41.84 7.18
CA SER I 199 -10.03 42.84 7.63
C SER I 199 -9.85 43.18 9.09
N GLY I 200 -8.73 42.74 9.67
CA GLY I 200 -8.41 43.04 11.05
C GLY I 200 -9.08 42.36 12.24
N GLU I 201 -9.92 41.34 12.02
CA GLU I 201 -10.59 40.70 13.15
C GLU I 201 -9.81 39.59 13.83
N LEU I 202 -8.56 39.39 13.44
CA LEU I 202 -7.71 38.38 14.03
C LEU I 202 -6.27 38.82 14.19
N ASP I 203 -5.66 38.42 15.30
CA ASP I 203 -4.27 38.76 15.59
C ASP I 203 -3.37 37.65 15.07
N TYR I 204 -3.78 36.42 15.35
CA TYR I 204 -3.01 35.25 14.96
C TYR I 204 -3.86 34.13 14.40
N PHE I 205 -3.26 33.33 13.52
CA PHE I 205 -3.97 32.19 13.00
C PHE I 205 -3.05 31.03 12.68
N PHE I 206 -3.47 29.84 13.11
CA PHE I 206 -2.74 28.63 12.87
C PHE I 206 -3.01 28.26 11.41
N ILE I 207 -2.00 28.43 10.58
CA ILE I 207 -2.09 28.12 9.16
C ILE I 207 -0.80 27.38 8.70
N TYR I 208 -0.86 26.69 7.57
CA TYR I 208 0.29 25.99 7.03
C TYR I 208 1.35 27.05 6.78
N LYS I 209 2.63 26.65 6.80
CA LYS I 209 3.73 27.58 6.55
C LYS I 209 3.71 27.89 5.05
N SER I 210 3.38 26.85 4.28
CA SER I 210 3.27 26.89 2.83
C SER I 210 2.50 28.13 2.43
N VAL I 211 1.32 28.29 3.03
CA VAL I 211 0.41 29.41 2.77
C VAL I 211 0.91 30.70 3.36
N ALA I 212 1.25 30.67 4.65
CA ALA I 212 1.74 31.87 5.33
C ALA I 212 2.77 32.59 4.48
N LYS I 213 3.55 31.81 3.73
CA LYS I 213 4.57 32.38 2.87
C LYS I 213 3.89 32.89 1.63
N GLN I 214 3.10 32.05 1.01
CA GLN I 214 2.38 32.43 -0.19
C GLN I 214 1.75 33.83 -0.06
N HIS I 215 1.28 34.17 1.14
CA HIS I 215 0.67 35.46 1.37
C HIS I 215 1.54 36.32 2.26
N GLY I 216 2.84 36.10 2.18
CA GLY I 216 3.76 36.89 2.98
C GLY I 216 3.30 37.30 4.36
N PHE I 217 2.77 36.36 5.13
CA PHE I 217 2.33 36.67 6.48
C PHE I 217 3.47 36.56 7.47
N ASN I 218 3.44 37.38 8.50
CA ASN I 218 4.46 37.30 9.52
C ASN I 218 4.13 35.96 10.18
N PHE I 219 5.12 35.21 10.66
CA PHE I 219 4.80 33.94 11.31
C PHE I 219 5.84 33.34 12.25
N VAL I 220 5.36 32.74 13.34
CA VAL I 220 6.21 32.10 14.34
C VAL I 220 6.44 30.64 14.01
N GLU I 221 7.70 30.21 13.93
CA GLU I 221 7.97 28.82 13.62
C GLU I 221 7.89 28.01 14.91
N LEU I 222 7.02 27.00 14.91
CA LEU I 222 6.83 26.17 16.08
C LEU I 222 7.80 24.99 16.20
N PRO I 223 8.01 24.52 17.44
CA PRO I 223 8.91 23.40 17.73
C PRO I 223 8.48 22.18 16.94
N VAL I 224 9.38 21.65 16.12
CA VAL I 224 9.07 20.47 15.31
C VAL I 224 8.47 19.34 16.14
N GLU I 225 8.72 19.36 17.44
CA GLU I 225 8.16 18.33 18.28
C GLU I 225 6.64 18.45 18.29
N ILE I 226 6.10 19.52 17.70
CA ILE I 226 4.64 19.72 17.64
C ILE I 226 4.09 20.22 16.32
N ASP I 227 4.88 20.92 15.51
CA ASP I 227 4.35 21.44 14.27
C ASP I 227 4.00 20.39 13.21
N LEU I 228 3.98 19.13 13.60
CA LEU I 228 3.61 18.05 12.69
C LEU I 228 4.29 18.08 11.32
N SER I 229 5.58 18.38 11.28
CA SER I 229 6.28 18.47 10.01
C SER I 229 7.48 17.58 9.85
N SER I 230 7.59 16.51 10.62
CA SER I 230 8.77 15.67 10.48
C SER I 230 8.63 14.21 10.90
N PRO I 231 9.04 13.29 10.03
CA PRO I 231 8.93 11.85 10.34
C PRO I 231 9.76 11.56 11.59
N ASP I 232 10.87 12.27 11.72
CA ASP I 232 11.76 12.10 12.87
C ASP I 232 11.02 12.29 14.18
N TYR I 233 9.78 12.76 14.13
CA TYR I 233 9.04 12.98 15.36
C TYR I 233 7.64 12.39 15.39
N ALA I 234 7.35 11.57 14.38
CA ALA I 234 6.04 10.93 14.28
C ALA I 234 5.66 10.35 15.63
N GLU I 235 6.67 10.00 16.41
CA GLU I 235 6.42 9.45 17.73
C GLU I 235 5.55 10.40 18.54
N LEU I 236 6.08 11.59 18.80
CA LEU I 236 5.34 12.58 19.57
C LEU I 236 3.99 12.90 18.92
N TYR I 237 4.01 13.13 17.61
CA TYR I 237 2.79 13.45 16.88
C TYR I 237 1.73 12.40 17.07
N SER I 238 2.15 11.15 17.19
CA SER I 238 1.20 10.07 17.35
C SER I 238 0.51 10.06 18.71
N LYS I 239 0.96 10.92 19.62
CA LYS I 239 0.35 10.97 20.93
C LYS I 239 -1.04 11.61 20.94
N VAL I 240 -1.31 12.51 19.99
CA VAL I 240 -2.63 13.15 19.91
C VAL I 240 -3.46 12.59 18.76
N LYS I 241 -4.75 12.44 19.02
CA LYS I 241 -5.66 11.92 18.02
C LYS I 241 -6.99 12.63 18.18
N VAL I 242 -7.59 13.03 17.06
CA VAL I 242 -8.88 13.70 17.08
C VAL I 242 -9.88 12.87 16.31
N VAL I 243 -11.13 12.90 16.75
CA VAL I 243 -12.18 12.16 16.07
C VAL I 243 -13.16 13.17 15.48
N LEU I 244 -13.23 13.17 14.16
CA LEU I 244 -14.11 14.07 13.44
C LEU I 244 -15.54 13.60 13.59
N ALA I 245 -16.46 14.55 13.55
CA ALA I 245 -17.87 14.26 13.68
C ALA I 245 -18.36 13.17 12.73
N ASN I 246 -17.84 13.15 11.51
CA ASN I 246 -18.26 12.14 10.55
C ASN I 246 -17.76 10.77 11.03
N GLY I 247 -17.38 10.72 12.32
CA GLY I 247 -16.92 9.48 12.92
C GLY I 247 -15.61 8.87 12.46
N LYS I 248 -14.67 9.69 12.04
CA LYS I 248 -13.40 9.18 11.59
C LYS I 248 -12.32 9.61 12.57
N GLU I 249 -11.25 8.82 12.64
CA GLU I 249 -10.16 9.12 13.55
C GLU I 249 -8.93 9.58 12.79
N VAL I 250 -8.36 10.69 13.24
CA VAL I 250 -7.14 11.23 12.64
C VAL I 250 -6.08 11.35 13.73
N THR I 251 -4.90 10.82 13.44
CA THR I 251 -3.79 10.85 14.37
C THR I 251 -2.65 11.75 13.93
N GLY I 252 -1.97 12.35 14.90
CA GLY I 252 -0.85 13.22 14.61
C GLY I 252 0.19 12.48 13.79
N LYS I 253 0.48 13.03 12.61
CA LYS I 253 1.45 12.45 11.70
C LYS I 253 2.11 13.56 10.94
N PRO I 254 3.14 13.22 10.17
CA PRO I 254 3.79 14.27 9.40
C PRO I 254 2.79 14.65 8.29
N ILE I 255 2.67 15.93 8.03
CA ILE I 255 1.75 16.42 7.02
C ILE I 255 2.11 15.93 5.64
N VAL I 256 1.26 15.08 5.07
CA VAL I 256 1.51 14.54 3.75
C VAL I 256 0.27 14.66 2.89
N TYR I 257 0.38 15.43 1.82
CA TYR I 257 -0.75 15.63 0.91
C TYR I 257 -0.89 14.43 0.02
N GLY I 258 -2.14 14.04 -0.21
CA GLY I 258 -2.44 12.92 -1.08
C GLY I 258 -3.28 13.41 -2.23
N ILE I 259 -3.34 12.62 -3.29
CA ILE I 259 -4.11 12.99 -4.46
C ILE I 259 -4.72 11.72 -4.99
N THR I 260 -5.71 11.84 -5.85
CA THR I 260 -6.33 10.65 -6.41
C THR I 260 -7.37 10.93 -7.49
N ILE I 261 -7.68 9.89 -8.26
CA ILE I 261 -8.66 9.99 -9.31
C ILE I 261 -9.79 9.07 -8.86
N PRO I 262 -10.94 9.63 -8.45
CA PRO I 262 -12.07 8.82 -7.99
C PRO I 262 -12.60 7.71 -8.92
N LYS I 263 -13.56 6.96 -8.38
CA LYS I 263 -14.20 5.85 -9.08
C LYS I 263 -15.14 6.41 -10.14
N ASN I 264 -15.93 7.40 -9.77
CA ASN I 264 -16.89 8.01 -10.69
C ASN I 264 -16.28 8.99 -11.67
N ALA I 265 -14.98 9.22 -11.56
CA ALA I 265 -14.28 10.16 -12.43
C ALA I 265 -14.71 9.97 -13.87
N GLU I 266 -15.14 11.05 -14.50
CA GLU I 266 -15.61 10.99 -15.88
C GLU I 266 -14.48 10.98 -16.92
N ASN I 267 -13.33 11.61 -16.64
CA ASN I 267 -12.26 11.61 -17.63
C ASN I 267 -10.95 11.07 -17.13
N ARG I 268 -10.96 9.78 -16.82
CA ARG I 268 -9.81 9.05 -16.32
C ARG I 268 -8.48 9.40 -16.97
N GLU I 269 -8.47 9.37 -18.29
CA GLU I 269 -7.27 9.64 -19.05
C GLU I 269 -6.73 11.02 -18.93
N LEU I 270 -7.62 12.00 -18.89
CA LEU I 270 -7.17 13.38 -18.76
C LEU I 270 -6.73 13.50 -17.30
N ALA I 271 -7.43 12.78 -16.44
CA ALA I 271 -7.12 12.75 -15.02
C ALA I 271 -5.68 12.37 -14.89
N VAL I 272 -5.38 11.15 -15.31
CA VAL I 272 -4.03 10.64 -15.26
C VAL I 272 -3.03 11.70 -15.64
N GLU I 273 -3.18 12.27 -16.83
CA GLU I 273 -2.26 13.30 -17.29
C GLU I 273 -2.03 14.39 -16.24
N PHE I 274 -3.12 14.84 -15.61
CA PHE I 274 -3.04 15.88 -14.60
C PHE I 274 -2.20 15.38 -13.42
N VAL I 275 -2.59 14.23 -12.88
CA VAL I 275 -1.88 13.60 -11.77
C VAL I 275 -0.40 13.47 -12.09
N LYS I 276 -0.09 12.98 -13.29
CA LYS I 276 1.30 12.82 -13.73
C LYS I 276 2.05 14.13 -13.56
N LEU I 277 1.45 15.20 -14.07
CA LEU I 277 2.03 16.52 -13.97
C LEU I 277 2.29 16.88 -12.50
N VAL I 278 1.33 16.54 -11.64
CA VAL I 278 1.46 16.88 -10.24
C VAL I 278 2.75 16.30 -9.67
N ILE I 279 3.05 15.06 -10.05
CA ILE I 279 4.25 14.38 -9.54
C ILE I 279 5.54 14.55 -10.35
N SER I 280 5.43 14.98 -11.60
CA SER I 280 6.62 15.20 -12.43
C SER I 280 7.48 16.29 -11.78
N GLU I 281 8.71 16.45 -12.25
CA GLU I 281 9.60 17.48 -11.69
C GLU I 281 8.89 18.82 -11.78
N GLU I 282 8.28 19.09 -12.92
CA GLU I 282 7.58 20.34 -13.14
C GLU I 282 6.71 20.59 -11.92
N GLY I 283 5.85 19.62 -11.62
CA GLY I 283 4.98 19.76 -10.46
C GLY I 283 5.73 20.00 -9.16
N GLN I 284 6.75 19.19 -8.91
CA GLN I 284 7.55 19.28 -7.69
C GLN I 284 8.20 20.64 -7.53
N GLU I 285 8.59 21.26 -8.66
CA GLU I 285 9.22 22.58 -8.63
C GLU I 285 8.15 23.63 -8.41
N ILE I 286 7.02 23.46 -9.08
CA ILE I 286 5.88 24.36 -8.92
C ILE I 286 5.67 24.53 -7.42
N LEU I 287 5.40 23.42 -6.77
CA LEU I 287 5.19 23.38 -5.33
C LEU I 287 6.30 24.05 -4.52
N ARG I 288 7.53 23.61 -4.76
CA ARG I 288 8.68 24.15 -4.05
C ARG I 288 8.84 25.65 -4.31
N GLU I 289 8.43 26.09 -5.49
CA GLU I 289 8.51 27.50 -5.85
C GLU I 289 7.62 28.25 -4.88
N LEU I 290 6.44 27.70 -4.65
CA LEU I 290 5.47 28.28 -3.75
C LEU I 290 5.73 27.97 -2.28
N GLY I 291 6.95 27.59 -1.95
CA GLY I 291 7.27 27.30 -0.56
C GLY I 291 6.65 26.05 0.03
N GLN I 292 6.22 25.11 -0.81
CA GLN I 292 5.66 23.89 -0.27
C GLN I 292 6.58 22.74 -0.67
N GLU I 293 7.15 22.07 0.32
CA GLU I 293 8.06 20.97 0.06
C GLU I 293 7.35 19.81 -0.61
N PRO I 294 7.78 19.45 -1.81
CA PRO I 294 7.07 18.32 -2.43
C PRO I 294 7.64 17.04 -1.83
N LEU I 295 6.93 15.95 -2.00
CA LEU I 295 7.38 14.67 -1.47
C LEU I 295 8.12 13.91 -2.56
N VAL I 296 9.43 13.98 -2.59
CA VAL I 296 10.16 13.25 -3.63
C VAL I 296 10.89 12.06 -3.03
N PRO I 297 10.67 10.87 -3.61
CA PRO I 297 9.77 10.69 -4.75
C PRO I 297 8.36 10.42 -4.24
N PRO I 298 7.38 10.47 -5.14
CA PRO I 298 5.96 10.22 -4.83
C PRO I 298 5.77 8.85 -4.21
N ARG I 299 4.55 8.55 -3.77
CA ARG I 299 4.26 7.26 -3.16
C ARG I 299 2.81 6.88 -3.38
N ALA I 300 2.54 5.59 -3.30
CA ALA I 300 1.20 5.08 -3.47
C ALA I 300 0.97 3.95 -2.47
N ASP I 301 -0.25 3.82 -2.02
CA ASP I 301 -0.62 2.81 -1.04
C ASP I 301 -0.99 1.56 -1.79
N THR I 302 -0.93 1.67 -3.11
CA THR I 302 -1.25 0.56 -4.00
C THR I 302 -0.74 0.81 -5.40
N ALA I 303 -0.42 -0.27 -6.09
CA ALA I 303 0.04 -0.18 -7.46
C ALA I 303 -1.05 0.52 -8.24
N VAL I 304 -0.67 1.52 -9.04
CA VAL I 304 -1.64 2.25 -9.83
C VAL I 304 -1.46 1.91 -11.30
N PRO I 305 -2.56 1.55 -11.98
CA PRO I 305 -2.46 1.20 -13.39
C PRO I 305 -1.61 2.15 -14.22
N SER I 306 -2.19 3.26 -14.65
CA SER I 306 -1.49 4.21 -15.49
C SER I 306 -0.45 5.11 -14.84
N LEU I 307 0.02 4.76 -13.65
CA LEU I 307 1.00 5.59 -12.95
C LEU I 307 2.13 4.85 -12.24
N LYS I 308 2.05 3.52 -12.17
CA LYS I 308 3.07 2.73 -11.49
C LYS I 308 4.47 2.97 -12.01
N ALA I 309 4.56 3.80 -13.04
CA ALA I 309 5.83 4.15 -13.67
C ALA I 309 6.38 5.43 -13.03
N MET I 310 5.46 6.28 -12.56
CA MET I 310 5.85 7.55 -11.96
C MET I 310 5.84 7.48 -10.43
N VAL I 311 5.22 6.44 -9.87
CA VAL I 311 5.14 6.31 -8.40
C VAL I 311 5.53 4.94 -7.86
N GLU I 312 6.46 4.92 -6.89
CA GLU I 312 6.89 3.66 -6.29
C GLU I 312 6.08 3.34 -5.03
N VAL I 313 5.28 2.26 -5.06
CA VAL I 313 4.45 1.89 -3.89
C VAL I 313 5.26 1.76 -2.59
N SER I 314 5.26 2.82 -1.79
CA SER I 314 5.99 2.81 -0.53
C SER I 314 5.03 2.61 0.63
N GLY J 1 3.93 -27.79 29.81
CA GLY J 1 3.64 -27.02 28.56
C GLY J 1 3.59 -27.94 27.35
N HIS J 2 2.48 -28.65 27.20
CA HIS J 2 2.29 -29.61 26.14
C HIS J 2 2.31 -29.05 24.73
N MET J 3 2.96 -27.91 24.56
CA MET J 3 3.03 -27.27 23.26
C MET J 3 4.44 -26.92 22.84
N ASN J 4 5.35 -27.88 22.87
CA ASN J 4 6.72 -27.59 22.48
C ASN J 4 6.82 -27.38 20.99
N VAL J 5 5.93 -26.58 20.44
CA VAL J 5 5.93 -26.30 19.01
C VAL J 5 7.12 -25.42 18.66
N LYS J 6 7.75 -25.72 17.53
CA LYS J 6 8.92 -24.98 17.06
C LYS J 6 8.55 -23.84 16.10
N LEU J 7 8.73 -22.62 16.59
CA LEU J 7 8.43 -21.39 15.85
C LEU J 7 9.48 -21.04 14.82
N LYS J 8 9.16 -21.24 13.54
CA LYS J 8 10.11 -20.95 12.47
C LYS J 8 10.16 -19.47 12.04
N VAL J 9 11.34 -18.88 12.25
CA VAL J 9 11.56 -17.47 11.97
C VAL J 9 12.81 -17.18 11.11
N PHE J 10 12.63 -16.99 9.81
CA PHE J 10 13.77 -16.66 8.95
C PHE J 10 13.88 -15.14 8.94
N HIS J 11 15.10 -14.63 9.04
CA HIS J 11 15.27 -13.20 9.12
C HIS J 11 16.59 -12.70 8.55
N ALA J 12 16.67 -11.39 8.29
CA ALA J 12 17.90 -10.79 7.76
C ALA J 12 19.07 -11.09 8.66
N GLY J 13 20.26 -10.99 8.09
CA GLY J 13 21.45 -11.28 8.87
C GLY J 13 21.77 -10.27 9.93
N SER J 14 21.33 -9.02 9.76
CA SER J 14 21.64 -8.01 10.75
C SER J 14 20.73 -8.07 11.97
N LEU J 15 19.54 -8.62 11.77
CA LEU J 15 18.59 -8.77 12.86
C LEU J 15 19.00 -9.93 13.73
N THR J 16 20.26 -10.35 13.62
CA THR J 16 20.74 -11.49 14.38
C THR J 16 20.87 -11.28 15.88
N GLU J 17 21.61 -10.27 16.32
CA GLU J 17 21.72 -10.02 17.74
C GLU J 17 20.30 -9.79 18.24
N PRO J 18 19.61 -8.79 17.67
CA PRO J 18 18.24 -8.49 18.06
C PRO J 18 17.43 -9.75 18.26
N MET J 19 17.40 -10.59 17.23
CA MET J 19 16.65 -11.84 17.31
C MET J 19 17.06 -12.71 18.48
N LYS J 20 18.30 -12.64 18.92
CA LYS J 20 18.70 -13.43 20.08
C LYS J 20 17.83 -13.00 21.25
N ALA J 21 17.73 -11.68 21.43
CA ALA J 21 16.93 -11.06 22.48
C ALA J 21 15.46 -11.46 22.30
N PHE J 22 14.92 -11.16 21.12
CA PHE J 22 13.53 -11.52 20.86
C PHE J 22 13.26 -12.97 21.23
N LYS J 23 14.28 -13.81 21.05
CA LYS J 23 14.13 -15.24 21.34
C LYS J 23 13.95 -15.55 22.80
N ARG J 24 14.97 -15.25 23.61
CA ARG J 24 14.89 -15.56 25.02
C ARG J 24 13.61 -14.94 25.55
N ALA J 25 13.41 -13.65 25.29
CA ALA J 25 12.20 -12.98 25.74
C ALA J 25 10.97 -13.83 25.37
N PHE J 26 10.68 -13.97 24.09
CA PHE J 26 9.51 -14.74 23.68
C PHE J 26 9.37 -16.12 24.32
N GLU J 27 10.48 -16.83 24.50
CA GLU J 27 10.45 -18.16 25.10
C GLU J 27 10.23 -18.04 26.61
N GLU J 28 10.66 -16.91 27.15
CA GLU J 28 10.53 -16.62 28.56
C GLU J 28 9.05 -16.39 28.85
N LYS J 29 8.26 -16.36 27.77
CA LYS J 29 6.82 -16.15 27.82
C LYS J 29 6.07 -17.45 27.56
N HIS J 30 6.63 -18.30 26.72
CA HIS J 30 6.04 -19.59 26.40
C HIS J 30 7.13 -20.64 26.57
N PRO J 31 7.68 -20.78 27.80
CA PRO J 31 8.74 -21.71 28.19
C PRO J 31 8.64 -23.14 27.68
N ASN J 32 7.64 -23.42 26.83
CA ASN J 32 7.46 -24.74 26.27
C ASN J 32 7.59 -24.72 24.75
N VAL J 33 7.89 -23.56 24.18
CA VAL J 33 8.05 -23.43 22.75
C VAL J 33 9.45 -22.98 22.38
N GLU J 34 10.01 -23.56 21.32
CA GLU J 34 11.36 -23.23 20.87
C GLU J 34 11.36 -22.36 19.60
N VAL J 35 11.96 -21.18 19.66
CA VAL J 35 11.99 -20.29 18.50
C VAL J 35 13.20 -20.60 17.57
N GLN J 36 12.94 -21.00 16.31
CA GLN J 36 14.05 -21.32 15.37
C GLN J 36 14.41 -20.18 14.43
N THR J 37 15.52 -19.53 14.75
CA THR J 37 16.04 -18.39 14.00
C THR J 37 16.87 -18.84 12.79
N GLU J 38 17.03 -17.97 11.80
CA GLU J 38 17.81 -18.30 10.61
C GLU J 38 18.36 -17.10 9.79
N ALA J 39 19.62 -16.72 10.03
CA ALA J 39 20.23 -15.61 9.30
C ALA J 39 20.35 -15.84 7.80
N ALA J 40 20.06 -14.81 7.02
CA ALA J 40 20.15 -14.92 5.56
C ALA J 40 19.62 -13.65 4.94
N GLY J 41 20.44 -13.01 4.10
CA GLY J 41 20.04 -11.78 3.42
C GLY J 41 18.60 -11.80 3.01
N SER J 42 17.85 -10.78 3.43
CA SER J 42 16.42 -10.68 3.15
C SER J 42 15.93 -11.38 1.89
N ALA J 43 16.43 -10.98 0.72
CA ALA J 43 16.01 -11.61 -0.52
C ALA J 43 16.10 -13.12 -0.38
N ALA J 44 17.29 -13.61 -0.04
CA ALA J 44 17.52 -15.03 0.17
C ALA J 44 16.58 -15.57 1.23
N THR J 45 16.60 -14.95 2.40
CA THR J 45 15.73 -15.37 3.49
C THR J 45 14.29 -15.55 2.99
N ILE J 46 13.81 -14.65 2.15
CA ILE J 46 12.45 -14.80 1.65
C ILE J 46 12.37 -15.93 0.63
N ARG J 47 13.45 -16.16 -0.10
CA ARG J 47 13.47 -17.24 -1.07
C ARG J 47 13.34 -18.60 -0.41
N LYS J 48 13.59 -18.67 0.88
CA LYS J 48 13.44 -19.95 1.56
C LYS J 48 11.98 -20.32 1.47
N VAL J 49 11.12 -19.32 1.61
CA VAL J 49 9.70 -19.54 1.54
C VAL J 49 9.23 -19.70 0.10
N THR J 50 10.07 -19.23 -0.84
CA THR J 50 9.72 -19.33 -2.25
C THR J 50 10.32 -20.49 -3.03
N GLU J 51 11.63 -20.50 -3.12
CA GLU J 51 12.38 -21.52 -3.86
C GLU J 51 12.64 -22.79 -3.08
N LEU J 52 12.83 -22.67 -1.78
CA LEU J 52 13.09 -23.82 -0.94
C LEU J 52 11.75 -24.40 -0.44
N GLY J 53 10.68 -23.62 -0.60
CA GLY J 53 9.38 -24.08 -0.16
C GLY J 53 9.16 -24.27 1.33
N ARG J 54 10.22 -24.33 2.14
CA ARG J 54 10.01 -24.53 3.56
C ARG J 54 9.04 -23.46 4.10
N LYS J 55 8.47 -23.72 5.27
CA LYS J 55 7.51 -22.81 5.88
C LYS J 55 8.16 -22.10 7.07
N ALA J 56 7.66 -20.90 7.37
CA ALA J 56 8.17 -20.10 8.47
C ALA J 56 7.00 -19.42 9.16
N ASP J 57 7.20 -19.04 10.42
CA ASP J 57 6.13 -18.37 11.18
C ASP J 57 6.32 -16.85 11.13
N VAL J 58 7.58 -16.45 11.00
CA VAL J 58 7.93 -15.04 10.96
C VAL J 58 9.03 -14.83 9.92
N ILE J 59 8.98 -13.69 9.27
CA ILE J 59 9.98 -13.30 8.27
C ILE J 59 10.32 -11.84 8.56
N ALA J 60 11.59 -11.54 8.71
CA ALA J 60 12.00 -10.16 9.00
C ALA J 60 13.10 -9.73 8.04
N THR J 61 12.93 -8.59 7.38
CA THR J 61 13.93 -8.10 6.44
C THR J 61 14.54 -6.77 6.82
N ALA J 62 15.61 -6.40 6.12
CA ALA J 62 16.25 -5.11 6.37
C ALA J 62 15.64 -4.09 5.40
N ASP J 63 14.86 -4.60 4.46
CA ASP J 63 14.21 -3.79 3.46
C ASP J 63 12.78 -4.35 3.39
N TYR J 64 11.86 -3.63 4.02
CA TYR J 64 10.46 -4.03 4.11
C TYR J 64 9.80 -4.21 2.77
N THR J 65 10.31 -3.54 1.75
CA THR J 65 9.70 -3.65 0.44
C THR J 65 9.90 -5.01 -0.20
N LEU J 66 11.05 -5.63 0.03
CA LEU J 66 11.31 -6.96 -0.54
C LEU J 66 10.16 -7.92 -0.24
N ILE J 67 9.61 -7.83 0.96
CA ILE J 67 8.49 -8.68 1.32
C ILE J 67 7.40 -8.52 0.29
N GLN J 68 6.93 -7.29 0.10
CA GLN J 68 5.90 -7.01 -0.88
C GLN J 68 6.29 -7.52 -2.27
N LYS J 69 7.36 -6.96 -2.80
CA LYS J 69 7.85 -7.35 -4.12
C LYS J 69 8.13 -8.85 -4.30
N MET J 70 8.08 -9.63 -3.22
CA MET J 70 8.38 -11.05 -3.33
C MET J 70 7.42 -12.03 -2.68
N MET J 71 6.44 -11.53 -1.93
CA MET J 71 5.54 -12.44 -1.25
C MET J 71 4.04 -12.21 -1.46
N TYR J 72 3.69 -11.10 -2.09
CA TYR J 72 2.28 -10.77 -2.33
C TYR J 72 1.75 -11.35 -3.66
N PRO J 73 0.58 -12.03 -3.60
CA PRO J 73 -0.20 -12.28 -2.40
C PRO J 73 -0.17 -13.78 -2.07
N GLU J 74 0.71 -14.51 -2.76
CA GLU J 74 0.83 -15.95 -2.57
C GLU J 74 1.42 -16.37 -1.24
N PHE J 75 2.60 -15.87 -0.88
CA PHE J 75 3.18 -16.27 0.38
C PHE J 75 2.90 -15.35 1.58
N ALA J 76 2.22 -14.23 1.34
CA ALA J 76 1.87 -13.27 2.40
C ALA J 76 1.08 -12.09 1.87
N ASN J 77 0.70 -11.18 2.76
CA ASN J 77 -0.08 -10.03 2.33
C ASN J 77 -0.04 -8.82 3.26
N TRP J 78 0.91 -8.78 4.19
CA TRP J 78 0.99 -7.61 5.07
C TRP J 78 2.36 -7.43 5.70
N THR J 79 2.84 -6.18 5.70
CA THR J 79 4.14 -5.87 6.25
C THR J 79 4.05 -4.86 7.37
N ILE J 80 4.97 -4.94 8.33
CA ILE J 80 4.98 -3.99 9.44
C ILE J 80 6.37 -3.41 9.62
N MET J 81 6.51 -2.11 9.44
CA MET J 81 7.82 -1.51 9.61
C MET J 81 8.13 -1.46 11.09
N PHE J 82 9.35 -1.85 11.47
CA PHE J 82 9.70 -1.86 12.89
C PHE J 82 11.10 -1.36 13.25
N ALA J 83 11.91 -1.00 12.25
CA ALA J 83 13.25 -0.50 12.56
C ALA J 83 13.90 0.18 11.37
N LYS J 84 14.95 0.94 11.66
CA LYS J 84 15.68 1.67 10.63
C LYS J 84 17.15 1.31 10.73
N ASN J 85 17.94 1.72 9.76
CA ASN J 85 19.35 1.46 9.84
C ASN J 85 20.17 2.41 9.00
N GLN J 86 21.49 2.32 9.13
CA GLN J 86 22.40 3.20 8.43
C GLN J 86 23.58 2.43 7.79
N ILE J 87 24.03 2.85 6.60
CA ILE J 87 25.16 2.19 5.94
C ILE J 87 26.43 2.94 6.25
N VAL J 88 27.43 2.24 6.78
CA VAL J 88 28.72 2.85 7.10
C VAL J 88 29.88 2.02 6.51
N LEU J 89 31.09 2.55 6.56
CA LEU J 89 32.26 1.82 6.04
C LEU J 89 33.04 1.40 7.25
N ALA J 90 32.98 0.12 7.59
CA ALA J 90 33.67 -0.36 8.79
C ALA J 90 35.05 -0.95 8.55
N TYR J 91 35.77 -1.11 9.66
CA TYR J 91 37.11 -1.67 9.63
C TYR J 91 37.68 -1.94 11.04
N ARG J 92 38.96 -2.36 11.08
CA ARG J 92 39.68 -2.67 12.33
C ARG J 92 40.78 -1.64 12.51
N ASN J 93 41.27 -1.52 13.75
CA ASN J 93 42.35 -0.59 14.06
C ASN J 93 43.53 -0.71 13.10
N ASP J 94 43.90 -1.94 12.79
CA ASP J 94 45.04 -2.20 11.92
C ASP J 94 44.83 -1.99 10.42
N SER J 95 43.61 -2.18 9.94
CA SER J 95 43.30 -2.01 8.51
C SER J 95 44.17 -0.95 7.83
N ARG J 96 44.52 -1.20 6.56
CA ARG J 96 45.34 -0.29 5.79
C ARG J 96 44.90 1.16 5.84
N TYR J 97 45.70 2.01 6.49
CA TYR J 97 45.42 3.44 6.61
C TYR J 97 44.28 3.81 7.53
N ALA J 98 44.00 2.95 8.50
CA ALA J 98 42.92 3.18 9.45
C ALA J 98 43.10 4.51 10.18
N ASP J 99 44.25 5.14 9.97
CA ASP J 99 44.57 6.40 10.61
C ASP J 99 44.09 7.60 9.80
N GLU J 100 44.65 7.75 8.61
CA GLU J 100 44.30 8.86 7.74
C GLU J 100 42.90 8.84 7.15
N ILE J 101 42.21 7.71 7.21
CA ILE J 101 40.85 7.65 6.65
C ILE J 101 39.84 8.45 7.45
N ASN J 102 38.86 8.99 6.73
CA ASN J 102 37.82 9.81 7.33
C ASN J 102 36.67 9.98 6.35
N SER J 103 35.72 10.80 6.78
CA SER J 103 34.51 11.09 6.01
C SER J 103 34.70 11.82 4.67
N GLN J 104 35.93 12.24 4.35
CA GLN J 104 36.15 12.94 3.08
C GLN J 104 37.02 12.18 2.12
N ASN J 105 37.90 11.34 2.67
CA ASN J 105 38.85 10.58 1.86
C ASN J 105 38.50 9.12 1.68
N TRP J 106 37.56 8.61 2.48
CA TRP J 106 37.21 7.22 2.38
C TRP J 106 37.21 6.70 0.95
N TYR J 107 36.42 7.33 0.09
CA TYR J 107 36.35 6.87 -1.29
C TYR J 107 37.70 6.93 -2.01
N GLU J 108 38.62 7.75 -1.50
CA GLU J 108 39.93 7.83 -2.12
C GLU J 108 40.77 6.65 -1.62
N ILE J 109 40.80 6.45 -0.29
CA ILE J 109 41.51 5.32 0.32
C ILE J 109 41.14 4.02 -0.39
N LEU J 110 39.85 3.71 -0.41
CA LEU J 110 39.39 2.51 -1.08
C LEU J 110 39.89 2.45 -2.51
N LYS J 111 40.27 3.58 -3.10
CA LYS J 111 40.76 3.55 -4.47
C LYS J 111 42.17 2.97 -4.54
N ARG J 112 42.96 3.20 -3.50
CA ARG J 112 44.31 2.68 -3.45
C ARG J 112 44.32 1.20 -3.84
N PRO J 113 45.21 0.83 -4.79
CA PRO J 113 45.38 -0.51 -5.33
C PRO J 113 45.67 -1.61 -4.31
N ASP J 114 46.30 -1.23 -3.21
CA ASP J 114 46.66 -2.18 -2.16
C ASP J 114 45.59 -2.38 -1.11
N VAL J 115 44.47 -1.66 -1.22
CA VAL J 115 43.40 -1.77 -0.23
C VAL J 115 42.27 -2.70 -0.66
N ARG J 116 41.80 -3.51 0.28
CA ARG J 116 40.72 -4.46 -0.01
C ARG J 116 39.51 -4.14 0.83
N PHE J 117 38.35 -4.09 0.18
CA PHE J 117 37.10 -3.80 0.86
C PHE J 117 36.07 -4.79 0.32
N GLY J 118 34.99 -5.00 1.07
CA GLY J 118 33.97 -5.91 0.61
C GLY J 118 32.55 -5.42 0.84
N PHE J 119 31.59 -6.11 0.23
CA PHE J 119 30.19 -5.78 0.37
C PHE J 119 29.37 -6.99 -0.01
N SER J 120 28.24 -7.20 0.67
CA SER J 120 27.42 -8.35 0.35
C SER J 120 26.91 -8.32 -1.07
N ASN J 121 26.26 -9.42 -1.44
CA ASN J 121 25.71 -9.63 -2.76
C ASN J 121 24.34 -9.03 -2.90
N PRO J 122 24.19 -8.08 -3.80
CA PRO J 122 22.89 -7.44 -4.02
C PRO J 122 21.77 -8.43 -4.24
N ASN J 123 22.03 -9.46 -5.03
CA ASN J 123 20.98 -10.41 -5.32
C ASN J 123 20.43 -11.12 -4.11
N ASP J 124 21.24 -11.20 -3.07
CA ASP J 124 20.80 -11.90 -1.88
C ASP J 124 20.40 -11.01 -0.71
N ASP J 125 21.27 -10.04 -0.39
CA ASP J 125 21.08 -9.14 0.74
C ASP J 125 20.89 -7.64 0.43
N PRO J 126 19.94 -6.98 1.13
CA PRO J 126 19.69 -5.56 0.92
C PRO J 126 20.91 -4.71 1.20
N CYS J 127 21.62 -5.02 2.28
CA CYS J 127 22.82 -4.27 2.59
C CYS J 127 23.75 -4.30 1.37
N GLY J 128 23.59 -5.35 0.58
CA GLY J 128 24.39 -5.50 -0.62
C GLY J 128 24.09 -4.41 -1.63
N TYR J 129 22.84 -4.29 -2.05
CA TYR J 129 22.54 -3.25 -3.01
C TYR J 129 22.57 -1.86 -2.36
N ARG J 130 22.37 -1.79 -1.06
CA ARG J 130 22.42 -0.53 -0.37
C ARG J 130 23.83 0.02 -0.37
N SER J 131 24.80 -0.89 -0.30
CA SER J 131 26.21 -0.54 -0.35
C SER J 131 26.51 0.06 -1.71
N LEU J 132 26.13 -0.66 -2.77
CA LEU J 132 26.38 -0.17 -4.10
C LEU J 132 25.62 1.12 -4.28
N MET J 133 24.41 1.22 -3.73
CA MET J 133 23.66 2.45 -3.88
C MET J 133 24.47 3.59 -3.30
N ALA J 134 24.91 3.43 -2.06
CA ALA J 134 25.72 4.45 -1.40
C ALA J 134 26.98 4.86 -2.17
N ILE J 135 27.65 3.91 -2.81
CA ILE J 135 28.86 4.28 -3.53
C ILE J 135 28.51 5.13 -4.74
N GLN J 136 27.39 4.82 -5.38
CA GLN J 136 26.97 5.55 -6.56
C GLN J 136 26.41 6.91 -6.16
N LEU J 137 25.63 6.91 -5.09
CA LEU J 137 25.06 8.15 -4.60
C LEU J 137 26.17 9.13 -4.23
N ALA J 138 27.35 8.58 -3.94
CA ALA J 138 28.49 9.42 -3.58
C ALA J 138 28.98 10.18 -4.80
N GLU J 139 28.84 9.57 -5.97
CA GLU J 139 29.26 10.21 -7.21
C GLU J 139 28.54 11.54 -7.39
N LEU J 140 27.28 11.56 -6.97
CA LEU J 140 26.47 12.76 -7.10
C LEU J 140 26.70 13.73 -5.96
N TYR J 141 27.16 13.22 -4.83
CA TYR J 141 27.39 14.08 -3.69
C TYR J 141 28.73 14.78 -3.66
N TYR J 142 29.74 14.16 -4.24
CA TYR J 142 31.07 14.76 -4.25
C TYR J 142 31.34 15.26 -5.65
N ASN J 143 30.33 15.15 -6.51
CA ASN J 143 30.45 15.61 -7.88
C ASN J 143 31.69 15.01 -8.52
N ASP J 144 31.82 13.69 -8.42
CA ASP J 144 32.95 12.94 -8.95
C ASP J 144 32.37 11.72 -9.68
N PRO J 145 32.01 11.87 -10.95
CA PRO J 145 31.44 10.77 -11.73
C PRO J 145 32.33 9.53 -11.91
N THR J 146 33.35 9.39 -11.07
CA THR J 146 34.25 8.25 -11.19
C THR J 146 34.21 7.25 -10.03
N ILE J 147 33.98 7.75 -8.82
CA ILE J 147 33.96 6.89 -7.64
C ILE J 147 33.44 5.49 -7.89
N PHE J 148 32.17 5.37 -8.26
CA PHE J 148 31.60 4.05 -8.49
C PHE J 148 32.27 3.34 -9.64
N ASP J 149 32.85 4.11 -10.55
CA ASP J 149 33.53 3.55 -11.70
C ASP J 149 34.90 3.02 -11.25
N GLU J 150 35.63 3.86 -10.52
CA GLU J 150 36.94 3.50 -10.02
C GLU J 150 36.92 2.39 -8.97
N LEU J 151 35.86 2.31 -8.18
CA LEU J 151 35.78 1.30 -7.12
C LEU J 151 35.02 0.05 -7.41
N VAL J 152 34.19 0.05 -8.43
CA VAL J 152 33.43 -1.14 -8.64
C VAL J 152 33.44 -1.66 -10.05
N ALA J 153 33.09 -0.82 -11.02
CA ALA J 153 33.06 -1.24 -12.42
C ALA J 153 34.43 -1.73 -12.87
N LYS J 154 35.48 -1.03 -12.44
CA LYS J 154 36.84 -1.40 -12.80
C LYS J 154 37.35 -2.57 -11.92
N ASN J 155 36.41 -3.26 -11.26
CA ASN J 155 36.74 -4.40 -10.41
C ASN J 155 35.61 -5.40 -10.40
N SER J 156 34.70 -5.32 -11.37
CA SER J 156 33.59 -6.24 -11.42
C SER J 156 32.80 -6.00 -12.68
N ASN J 157 31.89 -6.92 -12.98
CA ASN J 157 31.06 -6.77 -14.16
C ASN J 157 29.80 -6.01 -13.75
N LEU J 158 29.87 -5.38 -12.59
CA LEU J 158 28.75 -4.61 -12.06
C LEU J 158 28.87 -3.18 -12.57
N ARG J 159 27.79 -2.65 -13.14
CA ARG J 159 27.83 -1.29 -13.68
C ARG J 159 26.50 -0.52 -13.58
N PHE J 160 26.61 0.74 -13.19
CA PHE J 160 25.48 1.65 -13.02
C PHE J 160 25.36 2.55 -14.25
N SER J 161 24.15 2.79 -14.73
CA SER J 161 23.98 3.63 -15.91
C SER J 161 22.94 4.71 -15.77
N GLU J 162 23.35 5.94 -15.99
CA GLU J 162 22.46 7.10 -15.89
C GLU J 162 21.46 7.23 -17.02
N ASP J 163 20.36 7.91 -16.73
CA ASP J 163 19.28 8.22 -17.67
C ASP J 163 18.47 9.38 -17.08
N ASN J 164 18.65 10.57 -17.64
CA ASN J 164 17.95 11.76 -17.17
C ASN J 164 18.11 12.00 -15.66
N GLY J 165 19.35 12.10 -15.21
CA GLY J 165 19.61 12.34 -13.81
C GLY J 165 19.51 11.17 -12.86
N SER J 166 19.02 10.04 -13.34
CA SER J 166 18.90 8.87 -12.48
C SER J 166 19.89 7.79 -12.85
N TYR J 167 19.95 6.75 -12.02
CA TYR J 167 20.89 5.65 -12.25
C TYR J 167 20.26 4.30 -11.94
N VAL J 168 20.76 3.27 -12.64
CA VAL J 168 20.25 1.92 -12.46
C VAL J 168 21.35 0.89 -12.65
N LEU J 169 21.27 -0.20 -11.92
CA LEU J 169 22.28 -1.25 -12.06
C LEU J 169 21.56 -2.57 -12.29
N ARG J 170 21.85 -3.20 -13.42
CA ARG J 170 21.26 -4.48 -13.74
C ARG J 170 22.12 -5.55 -13.10
N MET J 171 21.54 -6.31 -12.20
CA MET J 171 22.30 -7.35 -11.53
C MET J 171 22.31 -8.62 -12.34
N PRO J 172 23.50 -9.20 -12.51
CA PRO J 172 23.66 -10.44 -13.25
C PRO J 172 23.02 -11.53 -12.41
N SER J 173 23.00 -12.74 -12.93
CA SER J 173 22.49 -13.86 -12.16
C SER J 173 23.67 -14.10 -11.20
N SER J 174 23.36 -14.26 -9.92
CA SER J 174 24.37 -14.45 -8.86
C SER J 174 25.60 -15.25 -9.28
N GLU J 175 25.43 -16.15 -10.25
CA GLU J 175 26.54 -16.97 -10.72
C GLU J 175 27.39 -16.21 -11.74
N ARG J 176 26.73 -15.33 -12.48
CA ARG J 176 27.36 -14.53 -13.53
C ARG J 176 28.21 -13.37 -12.97
N ILE J 177 28.19 -13.18 -11.66
CA ILE J 177 28.93 -12.11 -11.01
C ILE J 177 30.44 -12.33 -10.96
N GLU J 178 31.19 -11.42 -11.55
CA GLU J 178 32.66 -11.50 -11.60
C GLU J 178 33.25 -10.39 -10.75
N ILE J 179 34.31 -10.70 -10.01
CA ILE J 179 34.96 -9.73 -9.11
C ILE J 179 36.49 -9.75 -9.18
N ASN J 180 37.10 -8.58 -9.21
CA ASN J 180 38.55 -8.54 -9.21
C ASN J 180 38.86 -8.99 -7.79
N LYS J 181 39.27 -10.25 -7.64
CA LYS J 181 39.56 -10.80 -6.32
C LYS J 181 40.68 -10.09 -5.55
N SER J 182 41.44 -9.24 -6.23
CA SER J 182 42.54 -8.52 -5.59
C SER J 182 42.05 -7.31 -4.82
N LYS J 183 40.90 -6.79 -5.22
CA LYS J 183 40.31 -5.59 -4.61
C LYS J 183 39.04 -5.80 -3.79
N ILE J 184 38.14 -6.63 -4.30
CA ILE J 184 36.86 -6.86 -3.64
C ILE J 184 36.48 -8.28 -3.28
N MET J 185 36.18 -8.48 -2.00
CA MET J 185 35.70 -9.77 -1.51
C MET J 185 34.23 -9.54 -1.26
N ILE J 186 33.38 -10.45 -1.73
CA ILE J 186 31.96 -10.27 -1.49
C ILE J 186 31.41 -11.57 -0.92
N ARG J 187 30.19 -11.53 -0.39
CA ARG J 187 29.57 -12.71 0.19
C ARG J 187 28.08 -12.60 0.09
N SER J 188 27.36 -13.65 0.44
CA SER J 188 25.92 -13.57 0.33
C SER J 188 25.37 -12.57 1.31
N MET J 189 25.78 -12.66 2.57
CA MET J 189 25.27 -11.71 3.52
C MET J 189 26.28 -10.93 4.34
N GLU J 190 26.03 -9.63 4.45
CA GLU J 190 26.87 -8.71 5.18
C GLU J 190 27.54 -9.29 6.43
N MET J 191 26.86 -10.20 7.14
CA MET J 191 27.42 -10.75 8.36
C MET J 191 28.64 -11.65 8.06
N GLU J 192 28.65 -12.20 6.85
CA GLU J 192 29.73 -13.05 6.41
C GLU J 192 30.93 -12.16 6.16
N LEU J 193 30.69 -10.88 5.91
CA LEU J 193 31.78 -9.96 5.70
C LEU J 193 32.57 -9.89 7.00
N ILE J 194 31.95 -10.31 8.10
CA ILE J 194 32.61 -10.24 9.40
C ILE J 194 33.84 -11.13 9.55
N HIS J 195 33.73 -12.44 9.29
CA HIS J 195 34.89 -13.30 9.43
C HIS J 195 36.01 -12.87 8.48
N LEU J 196 35.66 -12.43 7.28
CA LEU J 196 36.67 -11.99 6.33
C LEU J 196 37.49 -10.86 6.92
N VAL J 197 36.88 -10.07 7.78
CA VAL J 197 37.58 -8.97 8.40
C VAL J 197 38.44 -9.50 9.51
N GLU J 198 37.84 -10.35 10.34
CA GLU J 198 38.54 -10.96 11.47
C GLU J 198 39.77 -11.76 11.05
N SER J 199 39.63 -12.64 10.06
CA SER J 199 40.76 -13.44 9.61
C SER J 199 41.73 -12.63 8.77
N GLY J 200 41.56 -11.30 8.78
CA GLY J 200 42.44 -10.40 8.07
C GLY J 200 42.41 -10.23 6.55
N GLU J 201 41.46 -10.83 5.84
CA GLU J 201 41.44 -10.71 4.38
C GLU J 201 40.73 -9.47 3.84
N LEU J 202 40.33 -8.56 4.73
CA LEU J 202 39.64 -7.33 4.34
C LEU J 202 40.04 -6.14 5.18
N ASP J 203 40.17 -4.99 4.53
CA ASP J 203 40.54 -3.76 5.20
C ASP J 203 39.29 -3.02 5.62
N TYR J 204 38.33 -2.96 4.69
CA TYR J 204 37.08 -2.27 4.92
C TYR J 204 35.87 -3.02 4.41
N PHE J 205 34.73 -2.78 5.05
CA PHE J 205 33.51 -3.39 4.57
C PHE J 205 32.29 -2.52 4.84
N PHE J 206 31.47 -2.43 3.81
CA PHE J 206 30.24 -1.67 3.88
C PHE J 206 29.25 -2.53 4.65
N ILE J 207 28.97 -2.13 5.87
CA ILE J 207 28.05 -2.85 6.74
C ILE J 207 27.12 -1.83 7.47
N TYR J 208 25.98 -2.31 7.97
CA TYR J 208 25.06 -1.45 8.72
C TYR J 208 25.82 -0.92 9.91
N LYS J 209 25.42 0.23 10.43
CA LYS J 209 26.08 0.83 11.59
C LYS J 209 25.68 0.00 12.80
N SER J 210 24.42 -0.42 12.76
CA SER J 210 23.79 -1.26 13.77
C SER J 210 24.75 -2.38 14.17
N VAL J 211 25.20 -3.10 13.16
CA VAL J 211 26.12 -4.23 13.32
C VAL J 211 27.53 -3.78 13.68
N ALA J 212 28.07 -2.84 12.91
CA ALA J 212 29.42 -2.35 13.18
C ALA J 212 29.61 -2.06 14.65
N LYS J 213 28.54 -1.62 15.29
CA LYS J 213 28.60 -1.32 16.70
C LYS J 213 28.54 -2.61 17.46
N GLN J 214 27.53 -3.42 17.15
CA GLN J 214 27.33 -4.71 17.79
C GLN J 214 28.67 -5.47 17.94
N HIS J 215 29.53 -5.34 16.94
CA HIS J 215 30.84 -6.01 16.96
C HIS J 215 31.97 -5.02 17.15
N GLY J 216 31.68 -3.92 17.82
CA GLY J 216 32.69 -2.91 18.05
C GLY J 216 33.72 -2.70 16.95
N PHE J 217 33.27 -2.56 15.72
CA PHE J 217 34.20 -2.33 14.61
C PHE J 217 34.48 -0.85 14.46
N ASN J 218 35.69 -0.53 14.02
CA ASN J 218 36.04 0.86 13.79
C ASN J 218 35.17 1.20 12.58
N PHE J 219 34.67 2.43 12.47
CA PHE J 219 33.86 2.76 11.29
C PHE J 219 33.72 4.22 10.91
N VAL J 220 33.70 4.48 9.60
CA VAL J 220 33.56 5.84 9.07
C VAL J 220 32.10 6.19 8.83
N GLU J 221 31.63 7.29 9.40
CA GLU J 221 30.25 7.67 9.21
C GLU J 221 30.11 8.41 7.89
N LEU J 222 29.27 7.90 7.00
CA LEU J 222 29.08 8.51 5.69
C LEU J 222 28.05 9.63 5.65
N PRO J 223 28.19 10.53 4.66
CA PRO J 223 27.29 11.66 4.48
C PRO J 223 25.86 11.16 4.33
N VAL J 224 24.97 11.63 5.20
CA VAL J 224 23.57 11.23 5.13
C VAL J 224 22.98 11.38 3.73
N GLU J 225 23.58 12.22 2.93
CA GLU J 225 23.09 12.39 1.58
C GLU J 225 23.26 11.10 0.81
N ILE J 226 23.98 10.14 1.39
CA ILE J 226 24.19 8.84 0.72
C ILE J 226 24.05 7.60 1.60
N ASP J 227 24.26 7.72 2.90
CA ASP J 227 24.17 6.54 3.74
C ASP J 227 22.78 5.94 3.90
N LEU J 228 21.84 6.39 3.08
CA LEU J 228 20.48 5.86 3.12
C LEU J 228 19.85 5.74 4.49
N SER J 229 20.04 6.74 5.35
CA SER J 229 19.49 6.66 6.69
C SER J 229 18.57 7.79 7.09
N SER J 230 17.98 8.49 6.14
CA SER J 230 17.09 9.60 6.54
C SER J 230 16.02 9.99 5.55
N PRO J 231 14.77 10.10 6.04
CA PRO J 231 13.64 10.48 5.17
C PRO J 231 13.93 11.85 4.58
N ASP J 232 14.56 12.71 5.38
CA ASP J 232 14.91 14.06 4.95
C ASP J 232 15.71 14.04 3.66
N TYR J 233 16.17 12.88 3.23
CA TYR J 233 16.96 12.82 2.02
C TYR J 233 16.52 11.79 1.00
N ALA J 234 15.35 11.21 1.23
CA ALA J 234 14.80 10.21 0.33
C ALA J 234 14.92 10.69 -1.10
N GLU J 235 14.92 12.00 -1.27
CA GLU J 235 15.04 12.58 -2.61
C GLU J 235 16.30 12.04 -3.28
N LEU J 236 17.45 12.35 -2.70
CA LEU J 236 18.72 11.91 -3.25
C LEU J 236 18.76 10.40 -3.36
N TYR J 237 18.37 9.70 -2.29
CA TYR J 237 18.37 8.24 -2.30
C TYR J 237 17.59 7.69 -3.45
N SER J 238 16.51 8.37 -3.82
CA SER J 238 15.67 7.89 -4.90
C SER J 238 16.31 7.98 -6.27
N LYS J 239 17.48 8.61 -6.34
CA LYS J 239 18.16 8.75 -7.62
C LYS J 239 18.80 7.45 -8.11
N VAL J 240 19.17 6.56 -7.19
CA VAL J 240 19.76 5.28 -7.58
C VAL J 240 18.78 4.12 -7.42
N LYS J 241 18.83 3.20 -8.37
CA LYS J 241 17.95 2.05 -8.35
C LYS J 241 18.71 0.86 -8.88
N VAL J 242 18.58 -0.29 -8.22
CA VAL J 242 19.25 -1.51 -8.66
C VAL J 242 18.21 -2.55 -8.97
N VAL J 243 18.49 -3.39 -9.97
CA VAL J 243 17.57 -4.45 -10.34
C VAL J 243 18.23 -5.78 -10.03
N LEU J 244 17.63 -6.50 -9.09
CA LEU J 244 18.14 -7.79 -8.67
C LEU J 244 17.87 -8.81 -9.74
N ALA J 245 18.73 -9.82 -9.81
CA ALA J 245 18.61 -10.89 -10.80
C ALA J 245 17.21 -11.52 -10.83
N ASN J 246 16.61 -11.70 -9.65
CA ASN J 246 15.30 -12.30 -9.60
C ASN J 246 14.30 -11.34 -10.24
N GLY J 247 14.82 -10.38 -10.99
CA GLY J 247 13.98 -9.43 -11.69
C GLY J 247 13.16 -8.44 -10.90
N LYS J 248 13.65 -8.04 -9.73
CA LYS J 248 12.93 -7.07 -8.93
C LYS J 248 13.70 -5.76 -8.90
N GLU J 249 12.98 -4.67 -8.69
CA GLU J 249 13.63 -3.36 -8.64
C GLU J 249 13.63 -2.81 -7.23
N VAL J 250 14.79 -2.35 -6.80
CA VAL J 250 14.93 -1.74 -5.48
C VAL J 250 15.48 -0.33 -5.66
N THR J 251 14.82 0.63 -5.03
CA THR J 251 15.22 2.03 -5.09
C THR J 251 15.77 2.57 -3.78
N GLY J 252 16.71 3.51 -3.88
CA GLY J 252 17.29 4.10 -2.69
C GLY J 252 16.21 4.72 -1.83
N LYS J 253 16.15 4.26 -0.59
CA LYS J 253 15.17 4.73 0.37
C LYS J 253 15.77 4.68 1.74
N PRO J 254 15.06 5.24 2.72
CA PRO J 254 15.61 5.17 4.06
C PRO J 254 15.48 3.70 4.49
N ILE J 255 16.51 3.19 5.15
CA ILE J 255 16.53 1.80 5.59
C ILE J 255 15.43 1.53 6.60
N VAL J 256 14.46 0.71 6.20
CA VAL J 256 13.36 0.37 7.10
C VAL J 256 13.12 -1.11 7.09
N TYR J 257 13.30 -1.72 8.26
CA TYR J 257 13.12 -3.16 8.41
C TYR J 257 11.64 -3.48 8.50
N GLY J 258 11.25 -4.55 7.81
CA GLY J 258 9.87 -5.00 7.83
C GLY J 258 9.82 -6.39 8.42
N ILE J 259 8.63 -6.79 8.85
CA ILE J 259 8.45 -8.10 9.45
C ILE J 259 7.11 -8.61 8.99
N THR J 260 6.88 -9.90 9.12
CA THR J 260 5.60 -10.45 8.70
C THR J 260 5.40 -11.92 9.05
N ILE J 261 4.15 -12.35 9.01
CA ILE J 261 3.78 -13.71 9.28
C ILE J 261 3.22 -14.24 7.97
N PRO J 262 3.97 -15.11 7.27
CA PRO J 262 3.52 -15.66 6.00
C PRO J 262 2.12 -16.31 5.92
N LYS J 263 1.75 -16.70 4.70
CA LYS J 263 0.48 -17.36 4.40
C LYS J 263 0.53 -18.80 4.91
N ASN J 264 1.63 -19.49 4.62
CA ASN J 264 1.79 -20.88 5.03
C ASN J 264 2.18 -21.08 6.48
N ALA J 265 2.37 -19.97 7.19
CA ALA J 265 2.77 -20.03 8.59
C ALA J 265 1.95 -21.06 9.35
N GLU J 266 2.65 -21.98 10.01
CA GLU J 266 1.97 -23.04 10.75
C GLU J 266 1.42 -22.60 12.12
N ASN J 267 2.05 -21.64 12.79
CA ASN J 267 1.55 -21.24 14.10
C ASN J 267 1.24 -19.78 14.22
N ARG J 268 0.25 -19.35 13.45
CA ARG J 268 -0.22 -17.97 13.42
C ARG J 268 -0.28 -17.25 14.75
N GLU J 269 -0.91 -17.91 15.72
CA GLU J 269 -1.09 -17.33 17.04
C GLU J 269 0.18 -17.11 17.82
N LEU J 270 1.10 -18.06 17.71
CA LEU J 270 2.36 -17.91 18.42
C LEU J 270 3.11 -16.83 17.64
N ALA J 271 2.90 -16.85 16.32
CA ALA J 271 3.52 -15.87 15.43
C ALA J 271 3.18 -14.51 15.98
N VAL J 272 1.89 -14.20 15.95
CA VAL J 272 1.39 -12.94 16.42
C VAL J 272 2.12 -12.52 17.69
N GLU J 273 2.09 -13.36 18.71
CA GLU J 273 2.75 -13.04 19.97
C GLU J 273 4.17 -12.56 19.77
N PHE J 274 4.91 -13.25 18.89
CA PHE J 274 6.30 -12.90 18.62
C PHE J 274 6.36 -11.49 18.01
N VAL J 275 5.62 -11.32 16.93
CA VAL J 275 5.53 -10.03 16.24
C VAL J 275 5.20 -8.91 17.23
N LYS J 276 4.19 -9.14 18.07
CA LYS J 276 3.77 -8.17 19.08
C LYS J 276 4.99 -7.73 19.90
N LEU J 277 5.73 -8.72 20.38
CA LEU J 277 6.92 -8.46 21.17
C LEU J 277 7.92 -7.60 20.40
N VAL J 278 8.05 -7.89 19.11
CA VAL J 278 8.98 -7.15 18.29
C VAL J 278 8.66 -5.67 18.32
N ILE J 279 7.38 -5.34 18.25
CA ILE J 279 6.95 -3.94 18.25
C ILE J 279 6.67 -3.29 19.61
N SER J 280 6.49 -4.09 20.65
CA SER J 280 6.24 -3.56 22.00
C SER J 280 7.46 -2.76 22.44
N GLU J 281 7.33 -2.00 23.52
CA GLU J 281 8.45 -1.20 24.00
C GLU J 281 9.63 -2.10 24.23
N GLU J 282 9.37 -3.25 24.86
CA GLU J 282 10.41 -4.21 25.14
C GLU J 282 11.23 -4.40 23.87
N GLY J 283 10.56 -4.76 22.79
CA GLY J 283 11.25 -4.94 21.52
C GLY J 283 12.03 -3.72 21.09
N GLN J 284 11.38 -2.56 21.12
CA GLN J 284 11.99 -1.30 20.71
C GLN J 284 13.24 -0.96 21.50
N GLU J 285 13.25 -1.32 22.79
CA GLU J 285 14.39 -1.06 23.65
C GLU J 285 15.49 -2.07 23.33
N ILE J 286 15.09 -3.32 23.14
CA ILE J 286 16.00 -4.39 22.78
C ILE J 286 16.86 -3.85 21.64
N LEU J 287 16.18 -3.50 20.55
CA LEU J 287 16.82 -2.97 19.36
C LEU J 287 17.73 -1.78 19.66
N ARG J 288 17.17 -0.77 20.31
CA ARG J 288 17.93 0.44 20.63
C ARG J 288 19.14 0.12 21.52
N GLU J 289 18.99 -0.91 22.35
CA GLU J 289 20.08 -1.32 23.23
C GLU J 289 21.24 -1.73 22.35
N LEU J 290 20.90 -2.49 21.31
CA LEU J 290 21.88 -2.99 20.37
C LEU J 290 22.26 -1.98 19.31
N GLY J 291 22.02 -0.71 19.58
CA GLY J 291 22.39 0.32 18.61
C GLY J 291 21.59 0.36 17.33
N GLN J 292 20.40 -0.22 17.32
CA GLN J 292 19.58 -0.15 16.12
C GLN J 292 18.35 0.66 16.45
N GLU J 293 18.17 1.79 15.75
CA GLU J 293 17.03 2.66 15.99
C GLU J 293 15.74 1.97 15.61
N PRO J 294 14.83 1.82 16.58
CA PRO J 294 13.58 1.16 16.19
C PRO J 294 12.70 2.20 15.53
N LEU J 295 11.68 1.75 14.83
CA LEU J 295 10.78 2.68 14.16
C LEU J 295 9.56 2.90 15.04
N VAL J 296 9.55 3.98 15.80
CA VAL J 296 8.39 4.23 16.65
C VAL J 296 7.57 5.39 16.13
N PRO J 297 6.27 5.17 15.94
CA PRO J 297 5.63 3.89 16.22
C PRO J 297 5.68 3.01 14.97
N PRO J 298 5.36 1.73 15.12
CA PRO J 298 5.35 0.76 14.02
C PRO J 298 4.44 1.20 12.90
N ARG J 299 4.42 0.46 11.80
CA ARG J 299 3.58 0.80 10.65
C ARG J 299 3.22 -0.46 9.87
N ALA J 300 2.12 -0.36 9.13
CA ALA J 300 1.66 -1.47 8.31
C ALA J 300 1.12 -0.90 7.00
N ASP J 301 1.28 -1.61 5.89
CA ASP J 301 0.73 -1.09 4.64
C ASP J 301 -0.78 -1.14 4.75
N THR J 302 -1.28 -2.29 5.18
CA THR J 302 -2.71 -2.50 5.38
C THR J 302 -2.95 -2.95 6.81
N ALA J 303 -4.05 -2.50 7.42
CA ALA J 303 -4.35 -2.89 8.80
C ALA J 303 -4.36 -4.39 8.98
N VAL J 304 -3.53 -4.86 9.91
CA VAL J 304 -3.43 -6.28 10.22
C VAL J 304 -4.32 -6.50 11.44
N PRO J 305 -5.37 -7.32 11.29
CA PRO J 305 -6.34 -7.62 12.35
C PRO J 305 -5.81 -7.87 13.77
N SER J 306 -5.11 -8.97 13.99
CA SER J 306 -4.58 -9.30 15.30
C SER J 306 -3.69 -8.20 15.90
N LEU J 307 -2.75 -7.75 15.08
CA LEU J 307 -1.79 -6.74 15.47
C LEU J 307 -2.30 -5.33 15.32
N LYS J 308 -3.48 -5.17 14.72
CA LYS J 308 -4.05 -3.84 14.56
C LYS J 308 -4.12 -3.27 15.96
N ALA J 309 -4.14 -4.17 16.93
CA ALA J 309 -4.16 -3.78 18.33
C ALA J 309 -3.00 -2.83 18.58
N MET J 310 -1.86 -3.12 17.96
CA MET J 310 -0.65 -2.33 18.09
C MET J 310 0.18 -2.34 16.81
P PO4 K . -58.28 75.39 -14.98
O1 PO4 K . -57.10 76.20 -14.25
O2 PO4 K . -59.10 74.56 -13.87
O3 PO4 K . -59.24 76.40 -15.74
O4 PO4 K . -57.72 74.45 -15.93
MG MG L . -59.29 73.14 -12.13
P PO4 M . -73.92 56.36 -14.47
O1 PO4 M . -74.25 54.86 -14.91
O2 PO4 M . -72.90 57.01 -15.53
O3 PO4 M . -75.25 57.24 -14.42
O4 PO4 M . -73.29 56.35 -13.16
MG MG N . -70.96 57.00 -16.76
P PO4 O . 64.70 -69.26 15.93
O1 PO4 O . 65.64 -68.00 16.23
O2 PO4 O . 64.49 -69.40 14.35
O3 PO4 O . 65.35 -70.59 16.53
O4 PO4 O . 63.40 -69.05 16.55
MG MG P . 63.95 -68.61 12.28
P PO4 Q . 48.65 -81.26 0.27
O1 PO4 Q . 47.16 -81.62 -0.21
O2 PO4 Q . 48.63 -80.90 1.83
O3 PO4 Q . 49.63 -82.50 -0.02
O4 PO4 Q . 49.12 -80.09 -0.48
MG MG R . 47.86 -79.80 3.64
W WO4 S . -6.93 22.26 4.16
O1 WO4 S . -5.82 21.60 5.69
O2 WO4 S . -7.79 20.62 3.34
O3 WO4 S . -5.45 22.75 2.76
O4 WO4 S . -8.45 23.39 3.23
MG MG T . -4.63 19.45 28.75
W WO4 U . 20.75 -8.13 5.36
O1 WO4 U . 20.83 -6.30 4.58
O2 WO4 U . 18.95 -8.89 4.83
O3 WO4 U . 20.48 -7.71 7.40
O4 WO4 U . 21.38 -10.13 5.68
MG MG V . 29.82 7.08 -13.11
#